data_6JUW
#
_entry.id   6JUW
#
_cell.length_a   182.217
_cell.length_b   204.650
_cell.length_c   177.397
_cell.angle_alpha   90.00
_cell.angle_beta   90.00
_cell.angle_gamma   90.00
#
_symmetry.space_group_name_H-M   'P 21 21 21'
#
loop_
_entity.id
_entity.type
_entity.pdbx_description
1 polymer 'Cytochrome c oxidase subunit 1'
2 polymer 'Cytochrome c oxidase subunit 2'
3 polymer 'Cytochrome c oxidase subunit 3'
4 polymer 'Cytochrome c oxidase subunit 4 isoform 1, mitochondrial'
5 polymer 'Cytochrome c oxidase subunit 5A, mitochondrial'
6 polymer 'Cytochrome c oxidase subunit 5B'
7 polymer 'Cytochrome c oxidase subunit 6A2, mitochondrial'
8 polymer 'Cytochrome c oxidase subunit 6B1'
9 polymer 'Cytochrome c oxidase subunit 6C'
10 polymer 'Cytochrome c oxidase subunit 7A1, mitochondrial'
11 polymer 'Cytochrome c oxidase subunit 7B, mitochondrial'
12 polymer 'Cytochrome c oxidase subunit 7C, mitochondrial'
13 polymer 'Cytochrome c oxidase subunit 8B, mitochondrial'
14 non-polymer HEME-A
15 non-polymer 'COPPER (II) ION'
16 non-polymer 'MAGNESIUM ION'
17 non-polymer 'SODIUM ION'
18 non-polymer DECYL-BETA-D-MALTOPYRANOSIDE
19 non-polymer '(1R)-2-{[{[(2S)-2,3-DIHYDROXYPROPYL]OXY}(HYDROXY)PHOSPHORYL]OXY}-1-[(PALMITOYLOXY)METHYL]ETHYL (11E)-OCTADEC-11-ENOATE'
20 non-polymer '(7R,17E,20E)-4-HYDROXY-N,N,N-TRIMETHYL-9-OXO-7-[(PALMITOYLOXY)METHYL]-3,5,8-TRIOXA-4-PHOSPHAHEXACOSA-17,20-DIEN-1-AMINIUM 4-OXIDE'
21 non-polymer TRISTEAROYLGLYCEROL
22 non-polymer 1,2-ETHANEDIOL
23 non-polymer 'DINUCLEAR COPPER ION'
24 non-polymer 'CHOLIC ACID'
25 non-polymer CARDIOLIPIN
26 non-polymer '(1S)-2-{[(2-AMINOETHOXY)(HYDROXY)PHOSPHORYL]OXY}-1-[(STEAROYLOXY)METHYL]ETHYL (5E,8E,11E,14E)-ICOSA-5,8,11,14-TETRAENOATE'
27 non-polymer 'ZINC ION'
28 non-polymer 'PHOSPHATE ION'
29 water water
#
loop_
_entity_poly.entity_id
_entity_poly.type
_entity_poly.pdbx_seq_one_letter_code
_entity_poly.pdbx_strand_id
1 'polypeptide(L)'
;(FME)FINRWLFSTNHKDIGTLYLLFGAWAGMVGTALSLLIRAELGQPGTLLGDDQIYNVVVTAHAFVMIFFMVMPIMIG
GFGNWLVPLMIGAPDMAFPRMNNMSFWLLPPSFLLLLASSMVEAGAGTGWTVYPPLAGNLAHAGASVDLTIFSLHLAGVS
SILGAINFITTIINMKPPAMSQYQTPLFVWSVMITAVLLLLSLPVLAAGITMLLTDRNLNTTFFDPAGGGDPILYQHLFW
FFGHPEVYILILPGFGMISHIVTYYSGKKEPFGYMGMVWAMMSIGFLGFIVWAHHMFTVGMDVDTRAYFTSATMIIAIPT
GVKVFSWLATLHGGNIKWSPAMMWALGFIFLFTVGGLTGIVLANSSLDIVLHDTYYVVAHFHYVLSMGAVFAIMGGFVHW
FPLFSGYTLNDTWAKIHFAIMFVGVNMTFFPQHFLGLSGMPRRYSDYPDAYTMWNTISSMGSFISLTAVMLMVFIIWEAF
ASKREVLTVDLTTTNLEWLNGCPPPYHTFEEPTYVNLK
;
A,N
2 'polypeptide(L)'
;(FME)AYPMQLGFQDATSPIMEELLHFHDHTLMIVFLISSLVLYIISLMLTTKLTHTSTMDAQEVETIWTILPAIILILI
ALPSLRILYMMDEINNPSLTVKTMGHQWYWSYEYTDYEDLSFDSYMIPTSELKPGELRLLEVDNRVVLPMEMTIRMLVSS
EDVLHSWAVPSLGLKTDAIPGRLNQTTLMSSRPGLYYGQCSEICGSNHSFMPIVLELVPLKYFEKWSASML
;
B,O
3 'polypeptide(L)'
;HQTHAYHMVNPSPWPLTGALSALLMTSGLTMWFHFNSMTLLMIGLTTNMLTMYQWWRDVIRESTFQGHHTPAVQKGLRYG
MILFIISEVLFFTGFFWAFYHSSLAPTPELGGCWPPTGIHPLNPLEVPLLNTSVLLASGVSITWAHHSLMEGDRKHMLQA
LFITITLGVYFTLLQASEYYEAPFTISDGVYGSTFFVATGFHGLHVIIGSTFLIVCFFRQLKFHFTSNHHFGFEAAAWYW
HFVDVVWLFLYVSIYWWGS
;
C,P
4 'polypeptide(L)'
;SVVKSEDYALPSYVDRRDYPLPDVAHVKNLSASQKALKEKEKASWSSLSIDEKVELYRLKFKESFAEMNRSTNEWKTVVG
AAMFFIGFTALLLIWEKHYVYGPIPHTFEEEWVAKQTKRMLDMKVAPIQGFSAKWDYDKNEWKK
;
D,Q
5 'polypeptide(L)'
;HETDEEFDARWVTYFNKPDIDAWELRKGMNTLVGYDLVPEPKIIDAALRACRRLNDFASAVRILEVVKDKAGPHKEIYPY
VIQELRPTLNELGISTPEELGLDKV
;
E,R
6 'polypeptide(L)'
;ASGGGVPTDEEQATGLEREVMLAARKGQDPYNILAPKATSGTKEDPNLVPSITNKRIVGCICEEDNSTVIWFWLHKGEAQ
RCPSCGTHYKLVPHQLAH
;
F,S
7 'polypeptide(L)'
;ASAAKGDHGG(TPO)GARTWRFLTFGLALPSVALCTLNSWLHSGHRERPAFIPYHHLRIRTKPFSWGDGNHTFFHNPRVN
PLPTGYEK
;
G,T
8 'polypeptide(L)' KIKNYQTAPFDSRFPNQNQTRNCWQNYLDFHRCEKAMTAKGGDVSVCEWYRRVYKSLCPISWVSTWDDRRAEGTFPGKI H,U
9 'polypeptide(L)' (SAC)TALAKPQMRGLLARRLRFHIVGAFMVSLGFATFYKFAVAEKRKKAYADFYRNYDSMKDFEEMRKAGIFQSAK I,V
10 'polypeptide(L)' FENRVAEKQKLFQEDNGLPVHLKGGATDNILYRVTMTLCLGGTLYSLYCLGWASFPHK J,W
11 'polypeptide(L)' APDFHDKYGNAVLASGATFCVAVWVYMATQIGIEWNPSPVGRVTPKEWR K,X
12 'polypeptide(L)' HYEEGPGKNIPFSVENKWRLLAMMTLFFGSGFAAPFFIVRHQLLKK L,Y
13 'polypeptide(L)' ITAKPAKTPTSPKEQAIGLSVTFLSFLLPAGWVLYHLDNYKKS M,Z
#
loop_
_chem_comp.id
_chem_comp.type
_chem_comp.name
_chem_comp.formula
CDL non-polymer CARDIOLIPIN 'C81 H156 O17 P2 -2'
CHD non-polymer 'CHOLIC ACID' 'C24 H40 O5'
CU non-polymer 'COPPER (II) ION' 'Cu 2'
CUA non-polymer 'DINUCLEAR COPPER ION' Cu2
DMU D-saccharide DECYL-BETA-D-MALTOPYRANOSIDE 'C22 H42 O11'
EDO non-polymer 1,2-ETHANEDIOL 'C2 H6 O2'
HEA non-polymer HEME-A 'C49 H56 Fe N4 O6'
MG non-polymer 'MAGNESIUM ION' 'Mg 2'
NA non-polymer 'SODIUM ION' 'Na 1'
PEK non-polymer '(1S)-2-{[(2-AMINOETHOXY)(HYDROXY)PHOSPHORYL]OXY}-1-[(STEAROYLOXY)METHYL]ETHYL (5E,8E,11E,14E)-ICOSA-5,8,11,14-TETRAENOATE' 'C43 H78 N O8 P'
PGV non-polymer '(1R)-2-{[{[(2S)-2,3-DIHYDROXYPROPYL]OXY}(HYDROXY)PHOSPHORYL]OXY}-1-[(PALMITOYLOXY)METHYL]ETHYL (11E)-OCTADEC-11-ENOATE' 'C40 H77 O10 P'
PO4 non-polymer 'PHOSPHATE ION' 'O4 P -3'
PSC non-polymer '(7R,17E,20E)-4-HYDROXY-N,N,N-TRIMETHYL-9-OXO-7-[(PALMITOYLOXY)METHYL]-3,5,8-TRIOXA-4-PHOSPHAHEXACOSA-17,20-DIEN-1-AMINIUM 4-OXIDE' 'C42 H81 N O8 P 1'
TGL non-polymer TRISTEAROYLGLYCEROL 'C57 H110 O6'
ZN non-polymer 'ZINC ION' 'Zn 2'
#
# COMPACT_ATOMS: atom_id res chain seq x y z
N FME A 1 27.91 -45.67 5.71
CN FME A 1 27.55 -45.27 4.51
O1 FME A 1 27.44 -44.07 4.26
CA FME A 1 27.32 -45.08 6.89
CB FME A 1 27.43 -46.02 8.08
CG FME A 1 26.07 -46.16 8.77
SD FME A 1 24.94 -47.04 7.75
CE FME A 1 23.98 -45.92 6.78
C FME A 1 27.94 -43.72 7.19
O FME A 1 27.24 -42.78 7.57
N PHE A 2 29.23 -43.63 6.98
CA PHE A 2 29.95 -42.39 7.24
C PHE A 2 29.49 -41.25 6.31
N ILE A 3 29.40 -41.53 5.02
CA ILE A 3 28.89 -40.54 4.08
C ILE A 3 27.44 -40.17 4.35
N ASN A 4 26.58 -41.17 4.60
CA ASN A 4 25.19 -40.88 4.94
C ASN A 4 25.08 -39.95 6.12
N ARG A 5 25.89 -40.21 7.16
CA ARG A 5 25.78 -39.46 8.40
C ARG A 5 26.33 -38.03 8.26
N TRP A 6 27.50 -37.91 7.67
CA TRP A 6 28.24 -36.65 7.70
C TRP A 6 28.22 -35.83 6.42
N LEU A 7 27.89 -36.40 5.28
CA LEU A 7 27.69 -35.61 4.08
C LEU A 7 26.21 -35.44 3.70
N PHE A 8 25.34 -36.35 4.15
CA PHE A 8 23.91 -36.30 3.79
C PHE A 8 23.07 -36.01 5.04
N SER A 9 23.67 -35.38 6.06
CA SER A 9 22.99 -35.22 7.33
C SER A 9 21.65 -34.50 7.18
N THR A 10 20.68 -34.91 8.03
CA THR A 10 19.45 -34.15 8.26
C THR A 10 19.26 -33.99 9.77
N ASN A 11 20.36 -33.90 10.50
CA ASN A 11 20.28 -33.95 11.95
C ASN A 11 20.87 -32.67 12.52
N HIS A 12 20.14 -32.00 13.44
CA HIS A 12 20.61 -30.66 13.83
C HIS A 12 21.91 -30.73 14.66
N LYS A 13 22.10 -31.79 15.46
CA LYS A 13 23.33 -31.86 16.24
C LYS A 13 24.52 -32.11 15.33
N ASP A 14 24.44 -33.09 14.45
CA ASP A 14 25.62 -33.36 13.63
C ASP A 14 25.92 -32.15 12.74
N ILE A 15 24.91 -31.51 12.19
CA ILE A 15 25.21 -30.32 11.38
C ILE A 15 25.83 -29.25 12.27
N GLY A 16 25.30 -29.09 13.47
CA GLY A 16 25.95 -28.18 14.43
C GLY A 16 27.43 -28.50 14.64
N THR A 17 27.75 -29.79 14.75
CA THR A 17 29.14 -30.22 14.91
C THR A 17 29.97 -29.86 13.68
N LEU A 18 29.41 -30.15 12.49
CA LEU A 18 30.10 -29.76 11.26
C LEU A 18 30.43 -28.27 11.26
N TYR A 19 29.47 -27.41 11.63
CA TYR A 19 29.74 -25.97 11.68
C TYR A 19 30.83 -25.63 12.69
N LEU A 20 30.84 -26.32 13.84
CA LEU A 20 31.85 -25.99 14.86
C LEU A 20 33.24 -26.34 14.35
N LEU A 21 33.38 -27.48 13.67
CA LEU A 21 34.68 -27.86 13.10
C LEU A 21 35.10 -26.89 11.98
N PHE A 22 34.14 -26.54 11.12
CA PHE A 22 34.44 -25.58 10.06
C PHE A 22 34.89 -24.26 10.65
N GLY A 23 34.14 -23.76 11.64
CA GLY A 23 34.53 -22.45 12.18
C GLY A 23 35.85 -22.52 12.94
N ALA A 24 36.13 -23.67 13.61
CA ALA A 24 37.43 -23.76 14.27
C ALA A 24 38.58 -23.71 13.25
N TRP A 25 38.41 -24.39 12.11
CA TRP A 25 39.47 -24.36 11.11
C TRP A 25 39.60 -22.95 10.56
N ALA A 26 38.47 -22.30 10.29
CA ALA A 26 38.52 -20.91 9.83
C ALA A 26 39.22 -20.02 10.85
N GLY A 27 38.91 -20.24 12.12
CA GLY A 27 39.58 -19.46 13.14
C GLY A 27 41.10 -19.58 13.03
N MET A 28 41.63 -20.78 12.71
CA MET A 28 43.10 -20.85 12.53
C MET A 28 43.56 -19.95 11.37
N VAL A 29 42.88 -20.07 10.23
CA VAL A 29 43.24 -19.25 9.07
C VAL A 29 43.19 -17.79 9.46
N GLY A 30 42.14 -17.37 10.17
CA GLY A 30 42.02 -15.95 10.43
C GLY A 30 43.05 -15.46 11.44
N THR A 31 43.43 -16.33 12.34
CA THR A 31 44.50 -16.04 13.30
C THR A 31 45.84 -15.87 12.59
N ALA A 32 46.14 -16.78 11.65
CA ALA A 32 47.40 -16.67 10.92
C ALA A 32 47.42 -15.35 10.14
N LEU A 33 46.29 -15.00 9.51
CA LEU A 33 46.25 -13.74 8.78
C LEU A 33 46.50 -12.59 9.72
N SER A 34 45.88 -12.64 10.92
CA SER A 34 46.12 -11.57 11.91
C SER A 34 47.59 -11.51 12.34
N LEU A 35 48.28 -12.64 12.43
CA LEU A 35 49.70 -12.54 12.81
C LEU A 35 50.52 -11.99 11.66
N LEU A 36 50.13 -12.25 10.41
CA LEU A 36 50.85 -11.63 9.30
C LEU A 36 50.63 -10.14 9.34
N ILE A 37 49.44 -9.67 9.69
CA ILE A 37 49.28 -8.20 9.76
C ILE A 37 50.24 -7.63 10.80
N ARG A 38 50.20 -8.20 12.00
CA ARG A 38 50.98 -7.65 13.08
C ARG A 38 52.49 -7.88 12.90
N ALA A 39 52.89 -8.90 12.12
CA ALA A 39 54.32 -9.04 11.81
C ALA A 39 54.76 -7.89 10.93
N GLU A 40 53.93 -7.56 9.95
CA GLU A 40 54.26 -6.46 9.05
C GLU A 40 54.43 -5.17 9.84
N LEU A 41 53.59 -4.97 10.85
CA LEU A 41 53.58 -3.69 11.61
C LEU A 41 54.42 -3.74 12.88
N GLY A 42 55.07 -4.85 13.17
CA GLY A 42 55.76 -5.04 14.44
C GLY A 42 57.08 -4.34 14.52
N GLN A 43 57.56 -3.87 13.39
CA GLN A 43 58.69 -2.94 13.40
C GLN A 43 58.59 -2.03 12.18
N PRO A 44 59.11 -0.83 12.28
CA PRO A 44 59.00 0.09 11.14
C PRO A 44 59.74 -0.44 9.91
N GLY A 45 59.27 -0.06 8.72
CA GLY A 45 59.80 -0.56 7.45
C GLY A 45 58.83 -1.53 6.82
N THR A 46 59.30 -2.24 5.80
CA THR A 46 58.43 -3.15 5.06
C THR A 46 58.93 -4.58 5.30
N LEU A 47 58.00 -5.47 5.71
CA LEU A 47 58.34 -6.86 5.87
C LEU A 47 58.02 -7.64 4.59
N LEU A 48 56.75 -7.65 4.18
N LEU A 48 56.77 -7.56 4.13
CA LEU A 48 56.26 -8.57 3.14
CA LEU A 48 56.30 -8.37 3.01
C LEU A 48 56.42 -7.91 1.78
C LEU A 48 56.77 -7.87 1.67
N GLY A 49 55.63 -6.88 1.54
N GLY A 49 57.39 -6.69 1.62
CA GLY A 49 55.75 -6.11 0.33
CA GLY A 49 57.96 -6.08 0.43
C GLY A 49 54.96 -4.86 0.61
C GLY A 49 56.99 -5.78 -0.67
N ASP A 50 54.46 -4.30 -0.48
N ASP A 50 55.70 -5.77 -0.37
CA ASP A 50 53.79 -2.99 -0.46
CA ASP A 50 54.66 -5.90 -1.37
C ASP A 50 52.34 -3.21 0.01
C ASP A 50 53.34 -5.53 -0.71
N ASP A 51 51.48 -2.21 -0.14
N ASP A 51 52.98 -4.24 -0.80
CA ASP A 51 50.14 -2.26 0.47
CA ASP A 51 51.82 -3.76 -0.08
C ASP A 51 49.23 -3.29 -0.19
C ASP A 51 50.49 -4.20 -0.69
N GLN A 52 49.54 -3.72 -1.42
N GLN A 52 50.49 -4.59 -1.97
CA GLN A 52 48.69 -4.71 -2.07
CA GLN A 52 49.32 -5.23 -2.52
C GLN A 52 48.72 -6.05 -1.32
C GLN A 52 49.03 -6.52 -1.75
N ILE A 53 49.90 -6.70 -1.21
N ILE A 53 50.07 -7.25 -1.35
CA ILE A 53 49.88 -7.99 -0.51
CA ILE A 53 49.86 -8.44 -0.52
C ILE A 53 49.44 -7.80 0.94
C ILE A 53 49.31 -8.06 0.84
N TYR A 54 49.87 -6.70 1.55
N TYR A 54 49.87 -7.02 1.48
CA TYR A 54 49.41 -6.38 2.89
CA TYR A 54 49.43 -6.65 2.83
C TYR A 54 47.88 -6.36 2.95
C TYR A 54 47.93 -6.38 2.84
N ASN A 55 47.24 -5.59 2.05
N ASN A 55 47.44 -5.60 1.87
CA ASN A 55 45.80 -5.50 2.22
CA ASN A 55 46.01 -5.32 1.78
C ASN A 55 45.04 -6.66 1.59
C ASN A 55 45.21 -6.62 1.65
N VAL A 56 45.67 -7.52 0.78
CA VAL A 56 45.01 -8.81 0.58
C VAL A 56 44.91 -9.55 1.92
N VAL A 57 45.97 -9.50 2.74
CA VAL A 57 45.96 -10.21 4.02
C VAL A 57 44.90 -9.62 4.95
N VAL A 58 44.86 -8.28 5.01
CA VAL A 58 43.89 -7.60 5.87
C VAL A 58 42.47 -7.96 5.43
N THR A 59 42.23 -7.88 4.13
CA THR A 59 40.90 -8.16 3.58
C THR A 59 40.46 -9.58 3.90
N ALA A 60 41.33 -10.53 3.64
CA ALA A 60 41.00 -11.93 3.96
C ALA A 60 40.83 -12.14 5.46
N HIS A 61 41.66 -11.50 6.27
CA HIS A 61 41.56 -11.66 7.72
C HIS A 61 40.12 -11.37 8.17
N ALA A 62 39.58 -10.27 7.69
CA ALA A 62 38.24 -9.83 8.09
C ALA A 62 37.17 -10.77 7.55
N PHE A 63 37.22 -11.14 6.26
CA PHE A 63 36.17 -12.00 5.73
C PHE A 63 36.20 -13.36 6.43
N VAL A 64 37.41 -13.88 6.63
CA VAL A 64 37.52 -15.17 7.35
C VAL A 64 36.98 -15.04 8.76
N MET A 65 37.38 -14.02 9.50
CA MET A 65 36.92 -14.01 10.89
C MET A 65 35.41 -13.85 11.00
N ILE A 66 34.83 -13.03 10.12
CA ILE A 66 33.39 -12.71 10.17
C ILE A 66 32.55 -13.83 9.60
N PHE A 67 32.79 -14.17 8.34
CA PHE A 67 31.88 -15.05 7.63
C PHE A 67 32.22 -16.51 7.82
N PHE A 68 33.48 -16.85 8.14
CA PHE A 68 33.79 -18.28 8.28
C PHE A 68 34.11 -18.71 9.69
N MET A 69 34.36 -17.78 10.61
CA MET A 69 34.59 -18.16 12.01
C MET A 69 33.40 -17.76 12.89
N VAL A 70 33.08 -16.47 13.04
CA VAL A 70 32.06 -16.09 14.03
C VAL A 70 30.70 -16.62 13.63
N MET A 71 30.25 -16.26 12.42
CA MET A 71 28.84 -16.60 12.13
C MET A 71 28.61 -18.13 12.04
N PRO A 72 29.48 -18.91 11.42
CA PRO A 72 29.24 -20.37 11.47
C PRO A 72 29.28 -20.90 12.87
N ILE A 73 30.16 -20.40 13.74
CA ILE A 73 30.23 -20.94 15.11
C ILE A 73 29.01 -20.55 15.91
N MET A 74 28.68 -19.24 15.96
CA MET A 74 27.52 -18.85 16.77
C MET A 74 26.22 -19.40 16.24
N ILE A 75 25.93 -19.17 14.97
CA ILE A 75 24.59 -19.49 14.45
C ILE A 75 24.52 -20.92 13.93
N GLY A 76 25.47 -21.27 13.05
CA GLY A 76 25.43 -22.62 12.54
C GLY A 76 25.74 -23.68 13.62
N GLY A 77 26.66 -23.35 14.54
CA GLY A 77 27.16 -24.33 15.52
C GLY A 77 26.35 -24.33 16.78
N PHE A 78 26.49 -23.30 17.60
CA PHE A 78 25.65 -23.25 18.80
C PHE A 78 24.19 -23.18 18.46
N GLY A 79 23.81 -22.42 17.43
CA GLY A 79 22.39 -22.36 17.06
C GLY A 79 21.81 -23.73 16.77
N ASN A 80 22.42 -24.45 15.84
CA ASN A 80 21.87 -25.76 15.49
C ASN A 80 21.90 -26.74 16.65
N TRP A 81 22.96 -26.73 17.45
CA TRP A 81 23.02 -27.69 18.58
C TRP A 81 21.98 -27.35 19.62
N LEU A 82 21.89 -26.07 19.99
CA LEU A 82 21.14 -25.70 21.19
C LEU A 82 19.69 -25.34 20.93
N VAL A 83 19.38 -24.61 19.84
CA VAL A 83 18.01 -24.10 19.70
C VAL A 83 16.98 -25.22 19.72
N PRO A 84 17.06 -26.29 18.93
CA PRO A 84 15.99 -27.33 19.02
C PRO A 84 15.92 -27.91 20.42
N LEU A 85 17.07 -28.12 21.07
CA LEU A 85 17.02 -28.78 22.40
C LEU A 85 16.38 -27.82 23.39
N MET A 86 16.66 -26.51 23.25
CA MET A 86 16.12 -25.56 24.25
C MET A 86 14.61 -25.35 24.13
N ILE A 87 14.02 -25.69 22.99
CA ILE A 87 12.56 -25.66 22.87
C ILE A 87 11.94 -27.03 22.77
N GLY A 88 12.72 -28.10 22.99
CA GLY A 88 12.08 -29.44 22.99
C GLY A 88 11.67 -29.93 21.63
N ALA A 89 12.21 -29.35 20.56
CA ALA A 89 11.85 -29.72 19.21
C ALA A 89 12.69 -30.89 18.71
N PRO A 90 12.16 -31.70 17.79
CA PRO A 90 12.89 -32.90 17.39
C PRO A 90 13.97 -32.62 16.37
N ASP A 91 13.96 -31.43 15.73
CA ASP A 91 15.06 -31.04 14.86
C ASP A 91 14.67 -29.65 14.40
N MET A 92 15.37 -29.12 13.41
CA MET A 92 14.99 -27.88 12.75
C MET A 92 13.80 -28.10 11.80
N ALA A 93 13.14 -26.98 11.40
CA ALA A 93 11.97 -27.06 10.51
C ALA A 93 12.33 -27.69 9.17
N PHE A 94 13.49 -27.32 8.62
CA PHE A 94 13.88 -27.77 7.29
C PHE A 94 15.22 -28.47 7.44
N PRO A 95 15.19 -29.75 7.82
CA PRO A 95 16.45 -30.37 8.28
C PRO A 95 17.38 -30.63 7.13
N ARG A 96 16.82 -30.83 5.92
CA ARG A 96 17.65 -31.06 4.75
C ARG A 96 18.18 -29.73 4.15
N MET A 97 17.34 -28.68 4.07
CA MET A 97 17.87 -27.38 3.71
C MET A 97 18.97 -26.91 4.68
N ASN A 98 18.81 -27.20 5.96
CA ASN A 98 19.84 -26.91 6.96
C ASN A 98 21.20 -27.42 6.52
N ASN A 99 21.23 -28.64 5.96
CA ASN A 99 22.48 -29.20 5.54
C ASN A 99 23.06 -28.43 4.38
N MET A 100 22.23 -27.85 3.52
CA MET A 100 22.84 -27.10 2.42
C MET A 100 23.43 -25.79 2.90
N SER A 101 22.81 -25.17 3.91
CA SER A 101 23.49 -24.01 4.51
C SER A 101 24.88 -24.37 4.99
N PHE A 102 25.08 -25.55 5.55
CA PHE A 102 26.45 -25.88 5.95
C PHE A 102 27.32 -26.08 4.71
N TRP A 103 26.87 -26.90 3.78
CA TRP A 103 27.75 -27.33 2.70
C TRP A 103 28.03 -26.20 1.72
N LEU A 104 27.24 -25.12 1.73
CA LEU A 104 27.67 -23.95 0.93
C LEU A 104 28.93 -23.29 1.48
N LEU A 105 29.29 -23.53 2.72
CA LEU A 105 30.40 -22.73 3.27
C LEU A 105 31.76 -23.24 2.80
N PRO A 106 32.03 -24.53 2.72
CA PRO A 106 33.38 -24.88 2.17
C PRO A 106 33.61 -24.35 0.78
N PRO A 107 32.64 -24.44 -0.14
CA PRO A 107 32.87 -23.76 -1.44
C PRO A 107 33.03 -22.23 -1.32
N SER A 108 32.23 -21.57 -0.47
CA SER A 108 32.45 -20.13 -0.27
C SER A 108 33.89 -19.85 0.16
N PHE A 109 34.43 -20.66 1.10
CA PHE A 109 35.80 -20.46 1.59
C PHE A 109 36.80 -20.76 0.47
N LEU A 110 36.53 -21.80 -0.30
CA LEU A 110 37.41 -22.08 -1.44
C LEU A 110 37.47 -20.90 -2.39
N LEU A 111 36.33 -20.28 -2.66
CA LEU A 111 36.38 -19.13 -3.57
C LEU A 111 37.19 -18.00 -2.98
N LEU A 112 37.09 -17.77 -1.68
CA LEU A 112 37.91 -16.69 -1.10
C LEU A 112 39.38 -17.09 -1.19
N LEU A 113 39.71 -18.35 -0.88
CA LEU A 113 41.13 -18.70 -1.02
C LEU A 113 41.57 -18.53 -2.48
N ALA A 114 40.70 -18.86 -3.43
CA ALA A 114 41.11 -18.76 -4.82
C ALA A 114 41.37 -17.31 -5.19
N SER A 115 40.54 -16.43 -4.66
CA SER A 115 40.73 -15.00 -4.94
C SER A 115 42.14 -14.54 -4.55
N SER A 116 42.67 -15.06 -3.43
CA SER A 116 44.01 -14.65 -2.98
C SER A 116 45.15 -15.35 -3.71
N MET A 117 44.88 -16.41 -4.44
CA MET A 117 45.90 -17.16 -5.18
C MET A 117 45.98 -16.69 -6.62
N VAL A 118 44.91 -16.17 -7.19
CA VAL A 118 44.98 -15.72 -8.57
C VAL A 118 45.38 -14.26 -8.63
N GLU A 119 45.97 -13.86 -9.74
CA GLU A 119 46.40 -12.46 -9.99
C GLU A 119 47.14 -11.98 -8.73
N ALA A 120 46.80 -10.79 -8.24
CA ALA A 120 47.48 -10.22 -7.11
C ALA A 120 46.53 -10.18 -5.92
N GLY A 121 45.44 -10.97 -5.95
CA GLY A 121 44.52 -11.02 -4.82
C GLY A 121 43.60 -9.80 -4.78
N ALA A 122 42.59 -9.83 -3.87
CA ALA A 122 41.68 -8.70 -3.75
C ALA A 122 42.15 -7.83 -2.57
N GLY A 123 42.86 -6.77 -2.86
CA GLY A 123 43.40 -5.97 -1.79
C GLY A 123 42.56 -4.73 -1.56
N THR A 124 41.30 -4.96 -1.17
CA THR A 124 40.26 -3.92 -1.28
C THR A 124 39.80 -3.40 0.08
N GLY A 125 40.11 -4.12 1.15
CA GLY A 125 39.38 -4.03 2.41
C GLY A 125 38.12 -4.87 2.32
N TRP A 126 37.63 -5.34 3.47
CA TRP A 126 36.46 -6.24 3.44
C TRP A 126 35.18 -5.53 3.02
N THR A 127 35.24 -4.21 2.87
CA THR A 127 34.14 -3.39 2.34
C THR A 127 34.09 -3.36 0.79
N VAL A 128 35.21 -3.67 0.10
CA VAL A 128 35.23 -3.91 -1.33
C VAL A 128 34.70 -2.70 -2.08
N TYR A 129 35.10 -1.49 -1.60
CA TYR A 129 34.64 -0.24 -2.28
C TYR A 129 35.18 -0.12 -3.70
N PRO A 130 34.34 0.27 -4.63
CA PRO A 130 34.87 0.79 -5.90
C PRO A 130 35.24 2.26 -5.75
N PRO A 131 36.01 2.79 -6.65
CA PRO A 131 36.57 2.14 -7.82
C PRO A 131 37.81 1.25 -7.54
N LEU A 132 38.43 1.30 -6.36
CA LEU A 132 39.59 0.39 -6.17
C LEU A 132 39.22 -1.06 -6.49
N ALA A 133 38.00 -1.50 -6.11
CA ALA A 133 37.58 -2.91 -6.35
C ALA A 133 37.05 -3.10 -7.79
N GLY A 134 37.03 -2.04 -8.61
CA GLY A 134 36.52 -2.16 -9.97
C GLY A 134 37.54 -2.76 -10.96
N ASN A 135 37.14 -2.87 -12.22
CA ASN A 135 37.89 -3.70 -13.17
C ASN A 135 39.09 -2.99 -13.78
N LEU A 136 39.34 -1.74 -13.41
CA LEU A 136 40.53 -1.01 -13.86
C LEU A 136 41.61 -1.02 -12.79
N ALA A 137 41.23 -0.74 -11.54
CA ALA A 137 42.19 -0.77 -10.43
C ALA A 137 42.35 -2.17 -9.83
N HIS A 138 41.43 -3.10 -10.08
CA HIS A 138 41.55 -4.49 -9.62
C HIS A 138 41.12 -5.38 -10.79
N ALA A 139 41.83 -5.23 -11.93
CA ALA A 139 41.55 -6.04 -13.11
C ALA A 139 41.78 -7.51 -12.79
N GLY A 140 40.99 -8.41 -13.42
CA GLY A 140 41.25 -9.85 -13.25
C GLY A 140 40.26 -10.50 -12.27
N ALA A 141 40.47 -11.77 -11.96
CA ALA A 141 39.42 -12.54 -11.31
C ALA A 141 39.30 -12.31 -9.81
N SER A 142 40.30 -11.76 -9.12
CA SER A 142 40.31 -11.85 -7.66
C SER A 142 39.06 -11.25 -7.02
N VAL A 143 38.70 -10.03 -7.41
CA VAL A 143 37.49 -9.43 -6.78
C VAL A 143 36.20 -10.18 -7.14
N ASP A 144 36.11 -10.73 -8.36
CA ASP A 144 34.92 -11.48 -8.72
C ASP A 144 34.82 -12.77 -7.91
N LEU A 145 35.96 -13.43 -7.67
CA LEU A 145 35.93 -14.61 -6.77
C LEU A 145 35.47 -14.20 -5.37
N THR A 146 35.91 -13.03 -4.90
CA THR A 146 35.45 -12.51 -3.60
C THR A 146 33.94 -12.28 -3.60
N ILE A 147 33.43 -11.61 -4.62
CA ILE A 147 31.99 -11.37 -4.73
C ILE A 147 31.25 -12.71 -4.68
N PHE A 148 31.72 -13.69 -5.46
CA PHE A 148 31.01 -14.97 -5.46
C PHE A 148 31.12 -15.68 -4.12
N SER A 149 32.25 -15.56 -3.43
CA SER A 149 32.35 -16.13 -2.11
C SER A 149 31.28 -15.54 -1.21
N LEU A 150 31.13 -14.21 -1.26
CA LEU A 150 30.06 -13.57 -0.50
C LEU A 150 28.68 -14.03 -0.94
N HIS A 151 28.46 -14.19 -2.26
CA HIS A 151 27.15 -14.71 -2.66
C HIS A 151 26.85 -16.03 -1.96
N LEU A 152 27.78 -16.97 -2.01
CA LEU A 152 27.43 -18.27 -1.43
C LEU A 152 27.23 -18.20 0.09
N ALA A 153 28.11 -17.46 0.77
CA ALA A 153 27.92 -17.29 2.21
C ALA A 153 26.60 -16.60 2.48
N GLY A 154 26.26 -15.61 1.67
CA GLY A 154 24.95 -14.96 1.81
C GLY A 154 23.78 -15.93 1.65
N VAL A 155 23.81 -16.78 0.62
CA VAL A 155 22.71 -17.72 0.43
C VAL A 155 22.66 -18.67 1.63
N SER A 156 23.83 -19.13 2.09
CA SER A 156 23.86 -20.05 3.24
C SER A 156 23.13 -19.43 4.42
N SER A 157 23.43 -18.16 4.72
CA SER A 157 22.85 -17.57 5.91
C SER A 157 21.42 -17.14 5.72
N ILE A 158 21.02 -16.72 4.53
CA ILE A 158 19.61 -16.40 4.29
C ILE A 158 18.77 -17.65 4.47
N LEU A 159 19.17 -18.77 3.86
CA LEU A 159 18.38 -19.99 4.11
C LEU A 159 18.44 -20.45 5.58
N GLY A 160 19.58 -20.25 6.24
CA GLY A 160 19.63 -20.61 7.66
C GLY A 160 18.70 -19.72 8.46
N ALA A 161 18.71 -18.41 8.15
CA ALA A 161 17.77 -17.51 8.81
C ALA A 161 16.33 -17.98 8.66
N ILE A 162 15.91 -18.28 7.42
CA ILE A 162 14.55 -18.82 7.23
C ILE A 162 14.33 -20.03 8.13
N ASN A 163 15.30 -20.93 8.16
CA ASN A 163 15.19 -22.13 9.00
C ASN A 163 15.00 -21.77 10.48
N PHE A 164 15.87 -20.91 10.99
CA PHE A 164 15.80 -20.58 12.40
C PHE A 164 14.53 -19.85 12.77
N ILE A 165 14.13 -18.84 12.00
CA ILE A 165 12.87 -18.17 12.32
C ILE A 165 11.73 -19.18 12.32
N THR A 166 11.63 -20.00 11.27
CA THR A 166 10.51 -20.92 11.18
C THR A 166 10.50 -21.86 12.38
N THR A 167 11.68 -22.39 12.69
CA THR A 167 11.79 -23.39 13.75
C THR A 167 11.35 -22.79 15.09
N ILE A 168 11.83 -21.59 15.37
CA ILE A 168 11.58 -20.94 16.65
C ILE A 168 10.14 -20.48 16.78
N ILE A 169 9.54 -20.02 15.67
CA ILE A 169 8.12 -19.64 15.73
C ILE A 169 7.20 -20.85 15.77
N ASN A 170 7.56 -21.89 15.04
CA ASN A 170 6.57 -22.95 14.75
C ASN A 170 6.73 -24.19 15.62
N MET A 171 7.90 -24.42 16.26
CA MET A 171 8.17 -25.76 16.81
C MET A 171 8.42 -25.79 18.31
N LYS A 172 7.94 -24.82 19.04
CA LYS A 172 7.93 -24.89 20.49
C LYS A 172 6.79 -25.76 20.94
N PRO A 173 6.79 -26.18 22.20
CA PRO A 173 5.63 -26.91 22.72
C PRO A 173 4.41 -26.02 22.61
N PRO A 174 3.22 -26.60 22.40
CA PRO A 174 2.04 -25.74 22.14
C PRO A 174 1.70 -24.85 23.30
N ALA A 175 2.07 -25.24 24.52
CA ALA A 175 1.82 -24.36 25.66
C ALA A 175 2.86 -23.26 25.85
N MET A 176 4.02 -23.35 25.23
CA MET A 176 5.10 -22.41 25.52
C MET A 176 4.92 -21.13 24.69
N SER A 177 4.82 -19.97 25.33
CA SER A 177 4.75 -18.80 24.48
C SER A 177 6.16 -18.32 24.11
N GLN A 178 6.19 -17.33 23.23
CA GLN A 178 7.51 -16.80 22.88
C GLN A 178 8.20 -16.22 24.11
N TYR A 179 7.41 -15.79 25.12
CA TYR A 179 8.01 -15.21 26.33
C TYR A 179 8.35 -16.25 27.37
N GLN A 180 8.32 -17.52 26.99
CA GLN A 180 8.82 -18.61 27.84
C GLN A 180 9.96 -19.35 27.17
N THR A 181 10.58 -18.70 26.14
CA THR A 181 11.69 -19.39 25.52
C THR A 181 12.99 -18.73 26.01
N PRO A 182 14.07 -19.49 26.09
CA PRO A 182 15.28 -18.99 26.70
C PRO A 182 15.85 -17.83 25.89
N LEU A 183 16.63 -16.99 26.57
CA LEU A 183 17.22 -15.84 25.86
C LEU A 183 18.11 -16.23 24.70
N PHE A 184 18.86 -17.33 24.77
CA PHE A 184 19.69 -17.63 23.58
C PHE A 184 18.82 -17.89 22.36
N VAL A 185 17.64 -18.50 22.59
CA VAL A 185 16.75 -18.71 21.46
C VAL A 185 16.27 -17.38 20.90
N TRP A 186 15.87 -16.44 21.77
CA TRP A 186 15.51 -15.10 21.30
C TRP A 186 16.65 -14.50 20.51
N SER A 187 17.89 -14.63 21.01
CA SER A 187 18.99 -13.96 20.35
C SER A 187 19.22 -14.52 18.94
N VAL A 188 18.98 -15.80 18.73
CA VAL A 188 19.13 -16.41 17.40
C VAL A 188 17.99 -15.95 16.48
N MET A 189 16.76 -15.91 16.98
CA MET A 189 15.62 -15.46 16.17
C MET A 189 15.86 -14.03 15.69
N ILE A 190 16.30 -13.15 16.60
CA ILE A 190 16.50 -11.77 16.20
C ILE A 190 17.65 -11.64 15.22
N THR A 191 18.74 -12.37 15.45
CA THR A 191 19.87 -12.34 14.49
C THR A 191 19.38 -12.82 13.13
N ALA A 192 18.53 -13.87 13.14
CA ALA A 192 18.07 -14.41 11.83
C ALA A 192 17.19 -13.40 11.11
N VAL A 193 16.37 -12.65 11.86
CA VAL A 193 15.62 -11.56 11.18
C VAL A 193 16.57 -10.55 10.55
N LEU A 194 17.59 -10.16 11.31
CA LEU A 194 18.54 -9.21 10.75
C LEU A 194 19.24 -9.76 9.49
N LEU A 195 19.62 -11.03 9.49
CA LEU A 195 20.26 -11.66 8.31
C LEU A 195 19.32 -11.65 7.11
N LEU A 196 18.05 -11.98 7.36
CA LEU A 196 17.04 -12.09 6.31
C LEU A 196 16.86 -10.77 5.58
N LEU A 197 16.86 -9.68 6.34
CA LEU A 197 16.59 -8.36 5.76
C LEU A 197 17.86 -7.74 5.18
N SER A 198 19.02 -7.96 5.78
CA SER A 198 20.23 -7.23 5.40
C SER A 198 21.02 -7.90 4.27
N LEU A 199 21.17 -9.23 4.34
CA LEU A 199 21.98 -9.89 3.30
C LEU A 199 21.45 -9.70 1.88
N PRO A 200 20.13 -9.66 1.59
CA PRO A 200 19.71 -9.43 0.20
C PRO A 200 20.19 -8.09 -0.30
N VAL A 201 20.29 -7.10 0.59
CA VAL A 201 20.75 -5.79 0.13
C VAL A 201 22.23 -5.85 -0.20
N LEU A 202 23.03 -6.43 0.69
CA LEU A 202 24.44 -6.69 0.29
C LEU A 202 24.49 -7.42 -1.06
N ALA A 203 23.66 -8.49 -1.21
CA ALA A 203 23.72 -9.24 -2.48
C ALA A 203 23.44 -8.33 -3.67
N ALA A 204 22.46 -7.44 -3.52
CA ALA A 204 22.17 -6.50 -4.61
C ALA A 204 23.39 -5.64 -4.90
N GLY A 205 23.99 -5.07 -3.86
CA GLY A 205 25.13 -4.19 -4.10
C GLY A 205 26.33 -4.88 -4.72
N ILE A 206 26.71 -6.05 -4.21
CA ILE A 206 27.86 -6.74 -4.79
C ILE A 206 27.55 -7.28 -6.17
N THR A 207 26.28 -7.58 -6.46
CA THR A 207 25.93 -7.99 -7.82
C THR A 207 26.08 -6.80 -8.78
N MET A 208 25.71 -5.62 -8.29
CA MET A 208 25.95 -4.40 -9.11
C MET A 208 27.44 -4.19 -9.34
N LEU A 209 28.27 -4.44 -8.33
CA LEU A 209 29.71 -4.35 -8.54
C LEU A 209 30.19 -5.38 -9.56
N LEU A 210 29.65 -6.59 -9.48
CA LEU A 210 29.99 -7.63 -10.46
C LEU A 210 29.63 -7.20 -11.88
N THR A 211 28.45 -6.61 -12.06
CA THR A 211 28.07 -6.22 -13.42
C THR A 211 28.86 -5.00 -13.85
N ASP A 212 29.21 -4.08 -12.92
CA ASP A 212 30.08 -2.95 -13.33
C ASP A 212 31.44 -3.49 -13.80
N ARG A 213 31.93 -4.56 -13.14
CA ARG A 213 33.22 -5.17 -13.50
C ARG A 213 33.14 -5.95 -14.81
N ASN A 214 31.98 -6.54 -15.15
CA ASN A 214 31.97 -7.52 -16.25
C ASN A 214 30.94 -7.28 -17.33
N LEU A 215 29.88 -6.50 -17.07
CA LEU A 215 28.81 -6.36 -18.06
C LEU A 215 28.71 -4.92 -18.54
N ASN A 216 29.70 -4.08 -18.18
CA ASN A 216 29.71 -2.66 -18.58
C ASN A 216 28.52 -1.85 -18.04
N THR A 217 27.98 -2.23 -16.88
CA THR A 217 27.11 -1.29 -16.21
C THR A 217 27.94 -0.20 -15.56
N THR A 218 27.25 0.78 -15.02
CA THR A 218 27.97 1.88 -14.41
C THR A 218 27.24 2.36 -13.17
N PHE A 219 26.76 1.41 -12.32
CA PHE A 219 26.09 1.84 -11.09
C PHE A 219 26.99 2.73 -10.26
N PHE A 220 28.28 2.41 -10.20
CA PHE A 220 29.19 3.10 -9.29
C PHE A 220 30.25 3.93 -10.03
N ASP A 221 30.10 4.12 -11.32
CA ASP A 221 31.10 4.73 -12.19
C ASP A 221 30.57 6.08 -12.67
N PRO A 222 31.11 7.18 -12.19
CA PRO A 222 30.65 8.53 -12.61
C PRO A 222 30.62 8.74 -14.11
N ALA A 223 31.46 8.03 -14.87
CA ALA A 223 31.45 8.23 -16.31
C ALA A 223 30.09 7.88 -16.91
N GLY A 224 29.38 6.89 -16.32
CA GLY A 224 28.06 6.55 -16.81
C GLY A 224 26.96 7.22 -16.03
N GLY A 225 27.33 8.10 -15.09
CA GLY A 225 26.33 8.70 -14.22
C GLY A 225 26.13 7.97 -12.89
N GLY A 226 27.02 7.03 -12.59
CA GLY A 226 26.96 6.20 -11.34
C GLY A 226 27.67 6.99 -10.24
N ASP A 227 27.79 6.40 -9.08
CA ASP A 227 28.27 7.06 -7.87
C ASP A 227 28.91 6.01 -6.96
N PRO A 228 30.20 6.11 -6.67
CA PRO A 228 30.84 5.19 -5.71
C PRO A 228 30.15 5.21 -4.38
N ILE A 229 29.53 6.34 -4.03
CA ILE A 229 28.96 6.43 -2.68
C ILE A 229 27.67 5.61 -2.60
N LEU A 230 26.99 5.37 -3.75
CA LEU A 230 25.83 4.44 -3.67
C LEU A 230 26.27 3.05 -3.19
N TYR A 231 27.41 2.55 -3.71
CA TYR A 231 27.90 1.27 -3.22
C TYR A 231 28.02 1.27 -1.69
N GLN A 232 28.61 2.34 -1.13
CA GLN A 232 28.81 2.41 0.33
C GLN A 232 27.48 2.35 1.05
N HIS A 233 26.46 3.08 0.58
CA HIS A 233 25.14 2.98 1.24
C HIS A 233 24.62 1.54 1.25
N LEU A 234 24.66 0.86 0.11
CA LEU A 234 24.15 -0.50 0.04
C LEU A 234 24.96 -1.42 0.91
N PHE A 235 26.28 -1.29 0.86
CA PHE A 235 27.14 -2.15 1.70
C PHE A 235 26.85 -1.94 3.18
N TRP A 236 26.85 -0.68 3.62
CA TRP A 236 26.67 -0.46 5.07
C TRP A 236 25.24 -0.65 5.53
N PHE A 237 24.24 -0.55 4.63
CA PHE A 237 22.89 -0.94 5.05
C PHE A 237 22.89 -2.37 5.54
N PHE A 238 23.75 -3.21 4.93
CA PHE A 238 24.00 -4.54 5.48
C PHE A 238 25.01 -4.50 6.64
N GLY A 239 26.06 -3.75 6.44
CA GLY A 239 27.25 -3.84 7.31
C GLY A 239 27.01 -3.43 8.75
N HIS A 240 26.11 -2.45 9.03
CA HIS A 240 25.87 -2.24 10.46
C HIS A 240 25.00 -3.36 11.04
N PRO A 241 23.86 -3.73 10.45
CA PRO A 241 23.17 -4.93 11.02
C PRO A 241 24.11 -6.10 11.20
N GLU A 242 25.05 -6.30 10.27
CA GLU A 242 25.98 -7.40 10.40
C GLU A 242 26.74 -7.39 11.74
N VAL A 243 27.13 -6.21 12.26
CA VAL A 243 27.87 -6.34 13.51
C VAL A 243 26.94 -6.67 14.62
N TYR A 244 25.66 -6.28 14.56
CA TYR A 244 24.74 -6.80 15.59
C TYR A 244 24.45 -8.29 15.38
N ILE A 245 24.44 -8.75 14.13
CA ILE A 245 24.37 -10.20 13.87
C ILE A 245 25.54 -10.93 14.55
N LEU A 246 26.71 -10.30 14.53
CA LEU A 246 27.90 -10.93 15.10
C LEU A 246 27.85 -10.96 16.61
N ILE A 247 27.19 -10.00 17.23
CA ILE A 247 27.22 -9.94 18.71
C ILE A 247 25.96 -10.54 19.36
N LEU A 248 24.78 -10.48 18.72
CA LEU A 248 23.55 -10.90 19.42
C LEU A 248 23.58 -12.35 19.92
N PRO A 249 23.94 -13.37 19.13
CA PRO A 249 24.02 -14.71 19.71
C PRO A 249 25.01 -14.78 20.86
N GLY A 250 26.06 -13.99 20.79
CA GLY A 250 26.96 -13.84 21.91
C GLY A 250 26.25 -13.32 23.15
N PHE A 251 25.47 -12.24 22.98
CA PHE A 251 24.67 -11.76 24.11
C PHE A 251 23.81 -12.91 24.67
N GLY A 252 23.18 -13.68 23.76
CA GLY A 252 22.35 -14.81 24.24
C GLY A 252 23.16 -15.80 25.07
N MET A 253 24.33 -16.20 24.57
CA MET A 253 25.11 -17.20 25.34
C MET A 253 25.58 -16.60 26.66
N ILE A 254 26.01 -15.31 26.65
CA ILE A 254 26.40 -14.65 27.88
C ILE A 254 25.28 -14.69 28.93
N SER A 255 24.05 -14.39 28.52
CA SER A 255 22.95 -14.49 29.48
C SER A 255 22.86 -15.88 30.09
N HIS A 256 23.00 -16.94 29.30
CA HIS A 256 22.87 -18.29 29.86
C HIS A 256 24.05 -18.60 30.79
N ILE A 257 25.26 -18.21 30.38
CA ILE A 257 26.46 -18.55 31.17
C ILE A 257 26.41 -17.83 32.50
N VAL A 258 26.18 -16.50 32.46
CA VAL A 258 26.15 -15.73 33.72
C VAL A 258 25.06 -16.30 34.64
N THR A 259 23.88 -16.59 34.08
CA THR A 259 22.83 -17.17 34.91
C THR A 259 23.28 -18.48 35.55
N TYR A 260 23.80 -19.39 34.73
CA TYR A 260 24.19 -20.71 35.19
C TYR A 260 25.25 -20.63 36.31
N TYR A 261 26.34 -19.90 36.05
CA TYR A 261 27.43 -19.90 37.04
C TYR A 261 27.19 -18.92 38.17
N SER A 262 26.09 -18.19 38.15
CA SER A 262 25.63 -17.51 39.36
C SER A 262 24.71 -18.40 40.18
N GLY A 263 24.44 -19.59 39.70
CA GLY A 263 23.53 -20.47 40.46
C GLY A 263 22.10 -19.97 40.48
N LYS A 264 21.69 -19.28 39.44
CA LYS A 264 20.37 -18.68 39.37
C LYS A 264 19.50 -19.53 38.47
N LYS A 265 18.23 -19.55 38.75
CA LYS A 265 17.35 -20.29 37.81
C LYS A 265 16.95 -19.46 36.60
N GLU A 266 17.17 -18.15 36.61
CA GLU A 266 16.72 -17.31 35.51
C GLU A 266 17.59 -16.07 35.48
N PRO A 267 17.76 -15.45 34.31
CA PRO A 267 18.42 -14.16 34.26
C PRO A 267 17.58 -13.08 34.90
N PHE A 268 18.27 -12.06 35.36
CA PHE A 268 17.54 -10.90 35.88
C PHE A 268 16.81 -10.21 34.74
N GLY A 269 15.57 -9.78 34.98
CA GLY A 269 14.94 -8.92 33.97
C GLY A 269 14.70 -9.57 32.61
N TYR A 270 14.09 -10.74 32.55
CA TYR A 270 13.99 -11.47 31.26
C TYR A 270 13.31 -10.63 30.17
N MET A 271 12.18 -9.97 30.48
CA MET A 271 11.48 -9.24 29.41
C MET A 271 12.27 -8.02 28.98
N GLY A 272 13.03 -7.40 29.92
CA GLY A 272 13.90 -6.30 29.54
C GLY A 272 15.02 -6.78 28.60
N MET A 273 15.44 -8.04 28.78
CA MET A 273 16.50 -8.56 27.92
C MET A 273 15.97 -8.79 26.52
N VAL A 274 14.74 -9.30 26.44
CA VAL A 274 14.04 -9.46 25.16
C VAL A 274 13.83 -8.12 24.51
N TRP A 275 13.32 -7.15 25.30
CA TRP A 275 13.13 -5.82 24.76
C TRP A 275 14.44 -5.25 24.23
N ALA A 276 15.51 -5.41 25.00
CA ALA A 276 16.79 -4.81 24.58
C ALA A 276 17.30 -5.42 23.26
N MET A 277 17.20 -6.76 23.15
CA MET A 277 17.67 -7.36 21.89
C MET A 277 16.79 -6.93 20.73
N MET A 278 15.47 -6.82 20.93
CA MET A 278 14.63 -6.40 19.81
C MET A 278 14.93 -4.96 19.44
N SER A 279 15.16 -4.15 20.47
CA SER A 279 15.43 -2.72 20.21
C SER A 279 16.74 -2.57 19.47
N ILE A 280 17.75 -3.30 19.90
CA ILE A 280 19.05 -3.31 19.20
C ILE A 280 18.88 -3.75 17.75
N GLY A 281 18.13 -4.80 17.53
CA GLY A 281 17.91 -5.28 16.16
C GLY A 281 17.28 -4.20 15.31
N PHE A 282 16.27 -3.52 15.83
CA PHE A 282 15.56 -2.50 15.05
C PHE A 282 16.45 -1.28 14.80
N LEU A 283 17.01 -0.68 15.87
CA LEU A 283 17.89 0.47 15.74
C LEU A 283 19.10 0.18 14.84
N GLY A 284 19.53 -1.05 14.82
CA GLY A 284 20.67 -1.45 14.00
C GLY A 284 20.43 -1.28 12.51
N PHE A 285 19.16 -1.07 12.07
CA PHE A 285 18.88 -0.80 10.64
C PHE A 285 18.81 0.66 10.27
N ILE A 286 18.90 1.59 11.23
CA ILE A 286 18.64 2.99 10.89
C ILE A 286 19.86 3.87 11.18
N VAL A 287 21.07 3.29 11.20
CA VAL A 287 22.27 3.99 11.66
C VAL A 287 23.44 3.89 10.70
N TRP A 288 23.28 3.26 9.53
CA TRP A 288 24.42 2.74 8.76
C TRP A 288 25.38 3.82 8.32
N ALA A 289 24.86 5.05 8.16
CA ALA A 289 25.76 6.02 7.58
C ALA A 289 26.73 6.60 8.59
N HIS A 290 26.77 6.11 9.86
CA HIS A 290 27.91 6.47 10.70
C HIS A 290 29.20 5.85 10.19
N HIS A 291 29.12 5.02 9.15
CA HIS A 291 30.36 4.55 8.47
C HIS A 291 30.76 5.49 7.36
N MET A 292 30.08 6.63 7.25
CA MET A 292 30.25 7.49 6.06
C MET A 292 30.33 8.97 6.46
N PHE A 293 30.76 9.27 7.69
CA PHE A 293 30.73 10.67 8.10
C PHE A 293 31.73 11.54 7.35
N THR A 294 32.72 10.96 6.67
CA THR A 294 33.69 11.78 5.95
C THR A 294 33.48 11.79 4.45
N VAL A 295 32.37 11.25 3.95
CA VAL A 295 32.21 11.16 2.49
C VAL A 295 31.64 12.41 1.88
N GLY A 296 31.23 13.39 2.69
CA GLY A 296 30.64 14.60 2.14
C GLY A 296 29.11 14.66 2.32
N MET A 297 28.56 14.16 3.40
CA MET A 297 27.09 14.16 3.54
C MET A 297 26.63 15.50 4.14
N ASP A 298 25.37 15.89 3.87
CA ASP A 298 24.85 17.14 4.44
C ASP A 298 24.90 17.07 5.97
N VAL A 299 25.00 18.24 6.61
CA VAL A 299 25.16 18.33 8.06
C VAL A 299 23.93 17.76 8.80
N ASP A 300 22.73 18.03 8.30
CA ASP A 300 21.57 17.51 9.03
C ASP A 300 21.57 15.99 9.01
N THR A 301 21.98 15.40 7.89
CA THR A 301 22.13 13.93 7.86
C THR A 301 23.12 13.44 8.89
N ARG A 302 24.24 14.15 9.05
CA ARG A 302 25.24 13.73 10.04
C ARG A 302 24.69 13.85 11.44
N ALA A 303 23.89 14.91 11.68
CA ALA A 303 23.29 15.10 12.99
C ALA A 303 22.35 13.94 13.30
N TYR A 304 21.55 13.53 12.32
CA TYR A 304 20.62 12.42 12.54
C TYR A 304 21.39 11.14 12.85
N PHE A 305 22.38 10.82 12.01
CA PHE A 305 23.06 9.51 12.22
C PHE A 305 23.88 9.51 13.52
N THR A 306 24.43 10.65 13.90
CA THR A 306 25.03 10.76 15.24
C THR A 306 24.01 10.40 16.32
N SER A 307 22.81 10.98 16.27
CA SER A 307 21.84 10.85 17.37
C SER A 307 21.26 9.45 17.39
N ALA A 308 20.86 8.95 16.22
CA ALA A 308 20.26 7.60 16.18
C ALA A 308 21.27 6.56 16.63
N THR A 309 22.53 6.71 16.24
CA THR A 309 23.52 5.70 16.67
C THR A 309 23.65 5.66 18.18
N MET A 310 23.68 6.82 18.83
CA MET A 310 23.90 6.78 20.28
C MET A 310 22.75 6.14 21.03
N ILE A 311 21.50 6.20 20.51
CA ILE A 311 20.31 5.60 21.18
C ILE A 311 20.59 4.17 21.54
N ILE A 312 21.33 3.44 20.70
CA ILE A 312 21.51 2.00 20.95
C ILE A 312 22.18 1.74 22.30
N ALA A 313 22.89 2.73 22.85
CA ALA A 313 23.51 2.53 24.17
C ALA A 313 22.47 2.24 25.23
N ILE A 314 21.24 2.74 25.06
CA ILE A 314 20.23 2.56 26.13
C ILE A 314 19.86 1.08 26.24
N PRO A 315 19.34 0.40 25.20
CA PRO A 315 19.03 -1.04 25.42
C PRO A 315 20.27 -1.84 25.71
N THR A 316 21.41 -1.48 25.14
CA THR A 316 22.59 -2.30 25.43
C THR A 316 22.98 -2.14 26.89
N GLY A 317 22.85 -0.93 27.42
CA GLY A 317 23.14 -0.73 28.84
C GLY A 317 22.19 -1.51 29.74
N VAL A 318 20.91 -1.61 29.37
CA VAL A 318 20.02 -2.52 30.13
C VAL A 318 20.59 -3.92 30.17
N LYS A 319 21.12 -4.40 29.05
CA LYS A 319 21.64 -5.77 29.11
C LYS A 319 22.83 -5.86 30.05
N VAL A 320 23.76 -4.90 29.94
CA VAL A 320 24.92 -4.99 30.83
C VAL A 320 24.49 -4.98 32.28
N PHE A 321 23.69 -3.99 32.67
CA PHE A 321 23.24 -3.92 34.04
C PHE A 321 22.47 -5.18 34.43
N SER A 322 21.67 -5.75 33.51
CA SER A 322 20.93 -6.99 33.87
C SER A 322 21.87 -8.17 34.09
N TRP A 323 22.99 -8.27 33.35
CA TRP A 323 23.99 -9.29 33.66
C TRP A 323 24.58 -9.07 35.05
N LEU A 324 24.91 -7.81 35.37
CA LEU A 324 25.45 -7.53 36.70
C LEU A 324 24.43 -7.91 37.77
N ALA A 325 23.15 -7.57 37.55
CA ALA A 325 22.09 -7.95 38.50
C ALA A 325 21.84 -9.47 38.57
N THR A 326 22.22 -10.25 37.52
CA THR A 326 22.13 -11.69 37.58
C THR A 326 23.23 -12.25 38.48
N LEU A 327 24.43 -11.65 38.42
CA LEU A 327 25.55 -12.04 39.31
C LEU A 327 25.20 -11.75 40.76
N HIS A 328 24.51 -10.64 40.99
CA HIS A 328 24.17 -10.16 42.31
C HIS A 328 23.45 -11.21 43.15
N GLY A 329 24.04 -11.56 44.30
CA GLY A 329 23.48 -12.60 45.17
C GLY A 329 23.73 -14.00 44.70
N GLY A 330 24.48 -14.19 43.62
CA GLY A 330 24.70 -15.51 43.12
C GLY A 330 25.60 -16.30 44.05
N ASN A 331 25.48 -17.61 43.97
CA ASN A 331 26.48 -18.54 44.46
C ASN A 331 27.46 -18.73 43.30
N ILE A 332 28.49 -17.90 43.28
CA ILE A 332 29.31 -17.75 42.06
C ILE A 332 30.23 -18.97 41.92
N LYS A 333 30.08 -19.70 40.83
CA LYS A 333 31.03 -20.75 40.46
C LYS A 333 32.05 -20.16 39.48
N TRP A 334 33.31 -20.10 39.92
CA TRP A 334 34.37 -19.43 39.11
C TRP A 334 34.95 -20.42 38.09
N SER A 335 34.06 -20.94 37.25
CA SER A 335 34.43 -21.88 36.18
C SER A 335 35.13 -21.08 35.08
N PRO A 336 35.81 -21.77 34.18
CA PRO A 336 36.42 -21.04 33.06
C PRO A 336 35.37 -20.36 32.23
N ALA A 337 34.20 -20.96 32.03
CA ALA A 337 33.22 -20.25 31.17
C ALA A 337 32.76 -18.95 31.82
N MET A 338 32.63 -18.96 33.15
CA MET A 338 32.31 -17.73 33.86
C MET A 338 33.37 -16.66 33.67
N MET A 339 34.66 -17.05 33.71
CA MET A 339 35.70 -16.06 33.48
C MET A 339 35.56 -15.45 32.09
N TRP A 340 35.37 -16.30 31.06
CA TRP A 340 35.12 -15.71 29.72
C TRP A 340 33.96 -14.71 29.76
N ALA A 341 32.87 -15.06 30.45
CA ALA A 341 31.69 -14.16 30.40
C ALA A 341 32.00 -12.87 31.15
N LEU A 342 32.72 -12.97 32.27
CA LEU A 342 33.02 -11.75 33.03
C LEU A 342 33.95 -10.84 32.23
N GLY A 343 34.93 -11.45 31.58
CA GLY A 343 35.78 -10.68 30.68
C GLY A 343 34.96 -10.06 29.56
N PHE A 344 33.99 -10.81 29.03
CA PHE A 344 33.07 -10.22 28.04
C PHE A 344 32.41 -8.96 28.57
N ILE A 345 31.79 -9.05 29.75
CA ILE A 345 30.96 -7.94 30.21
C ILE A 345 31.79 -6.67 30.23
N PHE A 346 32.99 -6.77 30.73
CA PHE A 346 33.78 -5.57 30.90
C PHE A 346 34.37 -5.08 29.58
N LEU A 347 34.97 -5.96 28.79
CA LEU A 347 35.66 -5.53 27.58
C LEU A 347 34.65 -5.14 26.51
N PHE A 348 33.54 -5.82 26.46
CA PHE A 348 32.48 -5.38 25.54
C PHE A 348 32.03 -3.98 25.90
N THR A 349 31.89 -3.70 27.21
CA THR A 349 31.46 -2.35 27.58
C THR A 349 32.47 -1.31 27.11
N VAL A 350 33.76 -1.58 27.31
CA VAL A 350 34.78 -0.61 26.81
C VAL A 350 34.64 -0.37 25.31
N GLY A 351 34.51 -1.44 24.53
CA GLY A 351 34.40 -1.28 23.09
C GLY A 351 33.09 -0.60 22.68
N GLY A 352 32.02 -0.86 23.41
CA GLY A 352 30.80 -0.13 23.09
C GLY A 352 30.96 1.35 23.34
N LEU A 353 31.65 1.69 24.44
CA LEU A 353 31.80 3.11 24.78
C LEU A 353 32.66 3.81 23.77
N THR A 354 33.70 3.13 23.26
CA THR A 354 34.48 3.81 22.21
C THR A 354 33.67 3.90 20.91
N GLY A 355 32.77 2.99 20.71
CA GLY A 355 31.82 3.17 19.58
C GLY A 355 30.94 4.37 19.75
N ILE A 356 30.59 4.70 21.00
CA ILE A 356 29.80 5.92 21.21
C ILE A 356 30.67 7.15 20.98
N VAL A 357 31.96 7.07 21.30
CA VAL A 357 32.82 8.21 20.93
C VAL A 357 32.74 8.45 19.42
N LEU A 358 32.85 7.38 18.64
CA LEU A 358 32.89 7.44 17.17
C LEU A 358 31.55 7.87 16.58
N ALA A 359 30.47 7.68 17.32
CA ALA A 359 29.15 8.03 16.82
C ALA A 359 29.06 9.53 16.66
N ASN A 360 29.90 10.28 17.35
CA ASN A 360 29.87 11.74 17.24
C ASN A 360 30.57 12.16 15.96
N SER A 361 29.78 12.56 14.96
CA SER A 361 30.36 12.71 13.64
C SER A 361 31.45 13.77 13.64
N SER A 362 31.35 14.78 14.51
CA SER A 362 32.40 15.83 14.54
C SER A 362 33.75 15.24 14.94
N LEU A 363 33.76 14.45 16.04
CA LEU A 363 34.99 13.77 16.41
C LEU A 363 35.38 12.69 15.40
N ASP A 364 34.37 11.97 14.87
CA ASP A 364 34.69 10.94 13.89
C ASP A 364 35.44 11.48 12.68
N ILE A 365 35.34 12.79 12.35
CA ILE A 365 36.17 13.31 11.28
C ILE A 365 37.62 12.96 11.54
N VAL A 366 38.06 13.15 12.77
CA VAL A 366 39.47 12.93 13.03
C VAL A 366 39.74 11.44 13.29
N LEU A 367 38.75 10.69 13.80
CA LEU A 367 39.05 9.30 14.15
C LEU A 367 38.79 8.32 13.01
N HIS A 368 38.00 8.73 12.04
CA HIS A 368 37.61 7.82 10.97
C HIS A 368 38.84 7.32 10.22
N ASP A 369 38.78 6.07 9.74
CA ASP A 369 39.92 5.54 8.96
C ASP A 369 41.24 5.67 9.74
N THR A 370 41.18 5.57 11.08
CA THR A 370 42.37 5.48 11.93
C THR A 370 42.22 4.24 12.81
N TYR A 371 43.31 3.91 13.49
CA TYR A 371 43.29 2.79 14.40
C TYR A 371 42.34 2.98 15.58
N TYR A 372 41.76 4.15 15.80
CA TYR A 372 40.80 4.21 16.89
C TYR A 372 39.60 3.35 16.57
N VAL A 373 39.21 3.34 15.29
CA VAL A 373 38.11 2.46 14.86
C VAL A 373 38.48 1.00 15.05
N VAL A 374 39.71 0.66 14.64
CA VAL A 374 40.21 -0.72 14.79
C VAL A 374 40.17 -1.16 16.25
N ALA A 375 40.50 -0.23 17.15
CA ALA A 375 40.46 -0.55 18.58
C ALA A 375 39.02 -0.75 19.04
N HIS A 376 38.11 0.13 18.63
CA HIS A 376 36.68 -0.09 18.98
C HIS A 376 36.24 -1.47 18.55
N PHE A 377 36.43 -1.82 17.27
CA PHE A 377 35.74 -3.03 16.88
C PHE A 377 36.49 -4.28 17.31
N HIS A 378 37.80 -4.22 17.64
CA HIS A 378 38.35 -5.46 18.17
C HIS A 378 38.02 -5.64 19.65
N TYR A 379 37.74 -4.57 20.39
CA TYR A 379 37.19 -4.77 21.74
C TYR A 379 35.83 -5.48 21.65
N VAL A 380 34.95 -5.09 20.71
N VAL A 380 34.97 -4.97 20.77
CA VAL A 380 33.66 -5.85 20.72
CA VAL A 380 33.52 -5.11 20.84
C VAL A 380 33.77 -7.20 19.99
C VAL A 380 33.07 -6.23 19.93
N LEU A 381 34.73 -7.38 19.09
N LEU A 381 33.84 -6.47 18.87
CA LEU A 381 34.81 -8.64 18.36
CA LEU A 381 33.62 -7.59 17.96
C LEU A 381 35.81 -9.61 18.96
C LEU A 381 34.65 -8.69 18.18
N SER A 382 37.05 -9.17 19.17
N SER A 382 35.92 -8.35 18.06
CA SER A 382 38.01 -10.10 19.75
CA SER A 382 36.97 -9.36 18.07
C SER A 382 37.83 -10.27 21.22
C SER A 382 37.27 -9.87 19.47
N MET A 383 37.31 -9.27 21.91
N MET A 383 36.91 -9.11 20.51
CA MET A 383 37.07 -9.47 23.36
CA MET A 383 36.99 -9.63 21.86
C MET A 383 35.59 -9.58 23.68
C MET A 383 35.63 -10.08 22.34
N GLY A 384 34.72 -9.48 22.68
N GLY A 384 34.61 -9.23 22.20
CA GLY A 384 33.28 -9.65 22.87
CA GLY A 384 33.27 -9.59 22.61
C GLY A 384 32.82 -10.92 22.17
C GLY A 384 32.75 -10.89 22.02
N ALA A 385 32.61 -10.89 20.83
N ALA A 385 32.59 -10.96 20.69
CA ALA A 385 32.11 -12.08 20.17
CA ALA A 385 32.07 -12.18 20.08
C ALA A 385 32.99 -13.29 20.50
C ALA A 385 33.00 -13.36 20.33
N VAL A 386 34.31 -13.13 20.43
CA VAL A 386 35.21 -14.26 20.67
C VAL A 386 35.13 -14.73 22.11
N PHE A 387 35.02 -13.79 23.05
CA PHE A 387 34.92 -14.26 24.45
C PHE A 387 33.63 -15.01 24.66
N ALA A 388 32.53 -14.55 24.04
CA ALA A 388 31.28 -15.31 24.19
C ALA A 388 31.40 -16.69 23.54
N ILE A 389 32.07 -16.75 22.40
CA ILE A 389 32.31 -18.05 21.76
C ILE A 389 33.11 -18.96 22.67
N MET A 390 34.22 -18.46 23.21
CA MET A 390 35.04 -19.33 24.05
C MET A 390 34.25 -19.73 25.29
N GLY A 391 33.52 -18.79 25.91
CA GLY A 391 32.66 -19.12 27.06
C GLY A 391 31.65 -20.21 26.74
N GLY A 392 30.93 -20.04 25.62
CA GLY A 392 29.96 -21.04 25.21
C GLY A 392 30.65 -22.36 24.91
N PHE A 393 31.82 -22.31 24.25
CA PHE A 393 32.51 -23.54 23.90
C PHE A 393 32.91 -24.31 25.18
N VAL A 394 33.51 -23.64 26.15
CA VAL A 394 33.93 -24.40 27.33
C VAL A 394 32.71 -24.86 28.13
N HIS A 395 31.66 -24.05 28.22
CA HIS A 395 30.44 -24.42 28.95
C HIS A 395 29.74 -25.63 28.33
N TRP A 396 29.58 -25.64 26.99
CA TRP A 396 28.76 -26.68 26.38
C TRP A 396 29.58 -27.81 25.75
N PHE A 397 30.91 -27.70 25.70
CA PHE A 397 31.71 -28.83 25.24
C PHE A 397 31.33 -30.17 25.91
N PRO A 398 31.07 -30.22 27.21
CA PRO A 398 30.68 -31.54 27.80
C PRO A 398 29.34 -32.01 27.31
N LEU A 399 28.44 -31.10 26.98
CA LEU A 399 27.15 -31.53 26.43
C LEU A 399 27.36 -32.11 25.04
N PHE A 400 28.12 -31.42 24.21
CA PHE A 400 28.26 -31.87 22.83
C PHE A 400 29.07 -33.14 22.75
N SER A 401 30.07 -33.28 23.61
CA SER A 401 31.03 -34.37 23.43
C SER A 401 30.78 -35.51 24.41
N GLY A 402 30.19 -35.24 25.57
CA GLY A 402 30.15 -36.27 26.66
C GLY A 402 31.41 -36.30 27.52
N TYR A 403 32.42 -35.44 27.24
CA TYR A 403 33.70 -35.44 27.95
C TYR A 403 33.97 -34.09 28.62
N THR A 404 34.76 -34.09 29.70
CA THR A 404 35.08 -32.82 30.36
C THR A 404 36.45 -32.31 29.92
N LEU A 405 36.55 -30.96 29.83
CA LEU A 405 37.83 -30.32 29.70
C LEU A 405 38.56 -30.34 31.04
N ASN A 406 39.87 -30.11 30.99
CA ASN A 406 40.61 -29.85 32.21
C ASN A 406 40.42 -28.39 32.59
N ASP A 407 39.73 -28.13 33.70
CA ASP A 407 39.39 -26.73 34.02
C ASP A 407 40.63 -25.90 34.33
N THR A 408 41.66 -26.54 34.94
CA THR A 408 42.84 -25.73 35.21
C THR A 408 43.48 -25.26 33.91
N TRP A 409 43.59 -26.16 32.94
CA TRP A 409 44.15 -25.69 31.66
C TRP A 409 43.24 -24.62 31.04
N ALA A 410 41.92 -24.80 31.12
CA ALA A 410 41.03 -23.81 30.47
C ALA A 410 41.18 -22.45 31.14
N LYS A 411 41.45 -22.41 32.47
CA LYS A 411 41.70 -21.13 33.15
C LYS A 411 43.02 -20.50 32.73
N ILE A 412 44.03 -21.33 32.53
CA ILE A 412 45.32 -20.85 32.00
C ILE A 412 45.11 -20.23 30.62
N HIS A 413 44.32 -20.93 29.79
CA HIS A 413 44.06 -20.45 28.44
C HIS A 413 43.39 -19.08 28.48
N PHE A 414 42.32 -18.95 29.29
CA PHE A 414 41.67 -17.63 29.45
C PHE A 414 42.69 -16.54 29.85
N ALA A 415 43.52 -16.85 30.86
CA ALA A 415 44.46 -15.85 31.37
C ALA A 415 45.41 -15.37 30.26
N ILE A 416 45.97 -16.33 29.50
CA ILE A 416 46.88 -15.96 28.41
C ILE A 416 46.14 -15.11 27.40
N MET A 417 44.95 -15.55 26.96
CA MET A 417 44.23 -14.79 25.93
C MET A 417 43.88 -13.39 26.42
N PHE A 418 43.45 -13.29 27.69
CA PHE A 418 43.08 -11.97 28.22
C PHE A 418 44.26 -11.00 28.14
N VAL A 419 45.45 -11.42 28.60
CA VAL A 419 46.63 -10.56 28.45
C VAL A 419 46.88 -10.25 26.98
N GLY A 420 46.88 -11.28 26.14
CA GLY A 420 47.26 -11.04 24.73
C GLY A 420 46.33 -10.05 24.04
N VAL A 421 45.02 -10.21 24.18
CA VAL A 421 44.14 -9.30 23.41
C VAL A 421 44.21 -7.89 23.95
N ASN A 422 44.33 -7.75 25.27
CA ASN A 422 44.40 -6.36 25.75
C ASN A 422 45.72 -5.69 25.34
N MET A 423 46.82 -6.46 25.37
CA MET A 423 48.11 -5.94 24.92
C MET A 423 48.07 -5.60 23.44
N THR A 424 47.30 -6.37 22.64
CA THR A 424 47.21 -6.07 21.21
C THR A 424 46.44 -4.79 20.95
N PHE A 425 45.24 -4.68 21.56
CA PHE A 425 44.35 -3.62 21.09
C PHE A 425 44.32 -2.37 21.95
N PHE A 426 44.61 -2.44 23.25
CA PHE A 426 44.54 -1.19 24.00
C PHE A 426 45.45 -0.09 23.43
N PRO A 427 46.71 -0.37 23.07
CA PRO A 427 47.55 0.72 22.53
C PRO A 427 47.03 1.31 21.22
N GLN A 428 46.20 0.55 20.48
CA GLN A 428 45.66 1.03 19.24
C GLN A 428 44.79 2.27 19.47
N HIS A 429 44.20 2.46 20.67
CA HIS A 429 43.49 3.73 20.91
C HIS A 429 44.46 4.91 20.72
N PHE A 430 45.66 4.81 21.27
CA PHE A 430 46.61 5.92 21.22
C PHE A 430 47.06 6.16 19.79
N LEU A 431 47.28 5.05 19.05
CA LEU A 431 47.67 5.21 17.65
C LEU A 431 46.56 5.92 16.89
N GLY A 432 45.29 5.61 17.20
CA GLY A 432 44.20 6.26 16.45
C GLY A 432 44.04 7.74 16.80
N LEU A 433 44.03 8.05 18.10
CA LEU A 433 43.92 9.46 18.52
C LEU A 433 45.06 10.29 17.89
N SER A 434 46.24 9.70 17.80
CA SER A 434 47.38 10.47 17.32
C SER A 434 47.48 10.40 15.79
N GLY A 435 46.55 9.71 15.13
CA GLY A 435 46.37 9.84 13.70
C GLY A 435 46.93 8.74 12.78
N MET A 436 47.29 7.55 13.32
CA MET A 436 47.76 6.48 12.42
C MET A 436 46.59 5.99 11.56
N PRO A 437 46.71 5.98 10.24
CA PRO A 437 45.60 5.52 9.40
C PRO A 437 45.45 4.00 9.44
N ARG A 438 44.24 3.58 9.06
CA ARG A 438 43.91 2.18 8.77
C ARG A 438 44.51 1.73 7.45
N ARG A 439 44.75 0.44 7.36
CA ARG A 439 45.11 -0.25 6.14
C ARG A 439 46.49 0.20 5.65
N TYR A 440 47.36 0.55 6.59
CA TYR A 440 48.74 0.94 6.26
C TYR A 440 49.69 -0.24 6.52
N SER A 441 50.63 -0.47 5.61
CA SER A 441 51.67 -1.49 5.82
C SER A 441 52.88 -0.96 6.57
N ASP A 442 52.96 0.34 6.81
CA ASP A 442 54.06 0.93 7.52
C ASP A 442 53.62 2.33 7.94
N TYR A 443 54.33 2.92 8.90
CA TYR A 443 53.85 4.11 9.60
C TYR A 443 55.01 5.07 9.90
N PRO A 444 54.70 6.35 9.99
CA PRO A 444 55.73 7.30 10.46
C PRO A 444 56.32 6.82 11.78
N ASP A 445 57.60 7.22 12.00
CA ASP A 445 58.42 6.64 13.05
C ASP A 445 57.83 6.83 14.44
N ALA A 446 57.19 7.97 14.69
CA ALA A 446 56.57 8.29 15.97
C ALA A 446 55.66 7.18 16.44
N TYR A 447 55.03 6.47 15.53
CA TYR A 447 54.03 5.43 15.92
C TYR A 447 54.66 4.09 16.28
N THR A 448 55.98 4.01 16.36
CA THR A 448 56.66 2.71 16.53
C THR A 448 56.36 2.05 17.85
N MET A 449 56.45 2.80 18.96
CA MET A 449 56.36 2.15 20.25
C MET A 449 55.02 1.38 20.38
N TRP A 450 53.89 2.04 20.11
CA TRP A 450 52.63 1.32 20.30
C TRP A 450 52.45 0.19 19.30
N ASN A 451 52.91 0.37 18.05
CA ASN A 451 52.83 -0.75 17.10
C ASN A 451 53.65 -1.95 17.58
N THR A 452 54.84 -1.69 18.13
CA THR A 452 55.69 -2.77 18.64
C THR A 452 54.96 -3.54 19.74
N ILE A 453 54.42 -2.81 20.72
CA ILE A 453 53.67 -3.47 21.79
C ILE A 453 52.48 -4.26 21.24
N SER A 454 51.76 -3.68 20.28
CA SER A 454 50.53 -4.32 19.77
C SER A 454 50.88 -5.63 19.14
N SER A 455 51.93 -5.64 18.32
CA SER A 455 52.38 -6.89 17.71
C SER A 455 52.84 -7.91 18.73
N MET A 456 53.57 -7.49 19.76
CA MET A 456 53.91 -8.49 20.82
C MET A 456 52.66 -9.09 21.45
N GLY A 457 51.63 -8.25 21.69
CA GLY A 457 50.33 -8.77 22.18
C GLY A 457 49.77 -9.84 21.27
N SER A 458 49.93 -9.68 19.95
CA SER A 458 49.29 -10.62 19.03
C SER A 458 49.95 -11.99 19.13
N PHE A 459 51.27 -12.03 19.41
CA PHE A 459 51.94 -13.32 19.63
C PHE A 459 51.46 -14.00 20.91
N ILE A 460 51.14 -13.23 21.99
CA ILE A 460 50.57 -13.85 23.20
C ILE A 460 49.26 -14.54 22.86
N SER A 461 48.45 -13.88 22.01
CA SER A 461 47.18 -14.49 21.64
C SER A 461 47.39 -15.72 20.79
N LEU A 462 48.39 -15.71 19.90
CA LEU A 462 48.77 -16.93 19.18
C LEU A 462 49.05 -18.08 20.18
N THR A 463 49.86 -17.80 21.20
CA THR A 463 50.14 -18.87 22.18
C THR A 463 48.87 -19.41 22.81
N ALA A 464 47.91 -18.53 23.15
CA ALA A 464 46.62 -19.01 23.67
C ALA A 464 45.87 -19.89 22.66
N VAL A 465 45.88 -19.53 21.38
CA VAL A 465 45.18 -20.33 20.38
C VAL A 465 45.84 -21.71 20.27
N MET A 466 47.17 -21.76 20.22
CA MET A 466 47.82 -23.07 20.24
C MET A 466 47.45 -23.86 21.49
N LEU A 467 47.44 -23.22 22.64
CA LEU A 467 47.10 -23.95 23.83
C LEU A 467 45.67 -24.49 23.76
N MET A 468 44.74 -23.72 23.16
CA MET A 468 43.36 -24.16 23.03
C MET A 468 43.28 -25.47 22.27
N VAL A 469 44.04 -25.58 21.18
CA VAL A 469 44.00 -26.83 20.44
C VAL A 469 44.47 -27.98 21.31
N PHE A 470 45.56 -27.77 22.07
CA PHE A 470 46.06 -28.84 22.95
C PHE A 470 44.98 -29.24 23.98
N ILE A 471 44.25 -28.25 24.50
CA ILE A 471 43.28 -28.53 25.55
C ILE A 471 42.16 -29.41 25.03
N ILE A 472 41.73 -29.15 23.79
CA ILE A 472 40.67 -29.96 23.20
C ILE A 472 41.20 -31.36 22.97
N TRP A 473 42.45 -31.44 22.48
CA TRP A 473 43.09 -32.75 22.33
C TRP A 473 43.13 -33.50 23.66
N GLU A 474 43.48 -32.80 24.74
CA GLU A 474 43.66 -33.48 26.02
C GLU A 474 42.33 -34.01 26.52
N ALA A 475 41.26 -33.32 26.20
CA ALA A 475 39.96 -33.77 26.70
C ALA A 475 39.56 -35.06 25.97
N PHE A 476 39.71 -35.05 24.63
CA PHE A 476 39.38 -36.25 23.87
C PHE A 476 40.39 -37.36 24.10
N ALA A 477 41.61 -37.00 24.47
CA ALA A 477 42.62 -38.04 24.75
C ALA A 477 42.35 -38.75 26.07
N SER A 478 41.89 -38.03 27.10
CA SER A 478 41.74 -38.59 28.42
C SER A 478 40.38 -39.25 28.66
N LYS A 479 39.32 -38.76 27.99
CA LYS A 479 37.98 -39.38 28.02
C LYS A 479 37.42 -39.49 29.45
N ARG A 480 37.34 -38.33 30.10
CA ARG A 480 36.57 -38.19 31.35
C ARG A 480 35.07 -38.03 31.04
N GLU A 481 34.26 -39.07 31.29
CA GLU A 481 32.87 -39.01 30.83
C GLU A 481 32.02 -38.27 31.84
N VAL A 482 31.14 -37.38 31.37
CA VAL A 482 30.27 -36.60 32.25
C VAL A 482 29.36 -37.52 33.03
N LEU A 483 29.11 -37.18 34.30
CA LEU A 483 28.12 -37.87 35.10
C LEU A 483 26.94 -36.90 35.31
N THR A 484 27.05 -35.99 36.27
CA THR A 484 25.87 -35.19 36.63
C THR A 484 26.14 -33.71 36.31
N VAL A 485 25.11 -33.03 35.85
CA VAL A 485 25.14 -31.60 35.57
C VAL A 485 24.10 -30.94 36.47
N ASP A 486 24.49 -29.89 37.15
CA ASP A 486 23.61 -29.10 38.01
C ASP A 486 22.60 -28.30 37.18
N LEU A 487 21.51 -27.87 37.82
CA LEU A 487 20.55 -26.91 37.25
C LEU A 487 19.88 -27.38 35.96
N THR A 488 19.65 -28.69 35.77
CA THR A 488 18.95 -29.10 34.57
C THR A 488 17.52 -28.61 34.58
N THR A 489 16.96 -28.26 35.76
CA THR A 489 15.55 -27.89 35.74
C THR A 489 15.38 -26.59 34.98
N THR A 490 16.43 -25.81 34.81
CA THR A 490 16.26 -24.56 34.03
C THR A 490 17.23 -24.49 32.86
N ASN A 491 17.67 -25.66 32.37
CA ASN A 491 18.63 -25.72 31.27
C ASN A 491 18.31 -27.01 30.52
N LEU A 492 17.19 -26.97 29.80
CA LEU A 492 16.62 -28.15 29.15
C LEU A 492 17.60 -28.85 28.22
N GLU A 493 18.53 -28.07 27.64
CA GLU A 493 19.40 -28.70 26.65
C GLU A 493 20.29 -29.78 27.27
N TRP A 494 20.49 -29.77 28.60
CA TRP A 494 21.27 -30.83 29.29
C TRP A 494 20.44 -32.06 29.66
N LEU A 495 19.14 -31.99 29.58
CA LEU A 495 18.32 -32.97 30.28
C LEU A 495 18.31 -34.33 29.55
N ASN A 496 18.78 -34.39 28.32
CA ASN A 496 18.89 -35.66 27.62
C ASN A 496 20.27 -36.27 27.73
N GLY A 497 21.07 -35.80 28.68
CA GLY A 497 22.36 -36.46 28.93
C GLY A 497 23.44 -35.96 27.99
N CYS A 498 24.66 -36.49 28.15
CA CYS A 498 25.85 -35.92 27.45
C CYS A 498 26.68 -37.01 26.80
N PRO A 499 26.77 -37.09 25.45
CA PRO A 499 25.99 -36.26 24.50
C PRO A 499 24.55 -36.77 24.43
N PRO A 500 23.59 -35.95 24.03
CA PRO A 500 22.23 -36.45 23.88
C PRO A 500 22.16 -37.43 22.73
N PRO A 501 21.19 -38.33 22.75
CA PRO A 501 21.05 -39.30 21.65
C PRO A 501 20.87 -38.57 20.33
N TYR A 502 21.25 -39.25 19.25
CA TYR A 502 21.01 -38.70 17.92
C TYR A 502 19.60 -38.10 17.74
N HIS A 503 18.54 -38.86 18.10
CA HIS A 503 17.20 -38.29 18.09
C HIS A 503 16.83 -37.95 19.52
N THR A 504 16.46 -36.72 19.75
CA THR A 504 15.90 -36.32 21.04
C THR A 504 14.48 -35.82 20.80
N PHE A 505 13.68 -35.82 21.88
CA PHE A 505 12.29 -35.32 21.84
C PHE A 505 11.50 -36.01 20.74
N GLU A 506 11.79 -37.30 20.50
CA GLU A 506 10.88 -38.11 19.67
C GLU A 506 9.51 -38.15 20.27
N GLU A 507 9.45 -38.22 21.61
CA GLU A 507 8.25 -37.92 22.32
C GLU A 507 8.43 -36.53 22.86
N PRO A 508 7.58 -35.58 22.50
CA PRO A 508 7.82 -34.19 22.90
C PRO A 508 7.62 -34.06 24.40
N THR A 509 8.06 -32.92 24.93
CA THR A 509 7.82 -32.60 26.33
C THR A 509 6.32 -32.42 26.56
N TYR A 510 5.92 -32.60 27.82
CA TYR A 510 4.56 -32.35 28.26
C TYR A 510 4.56 -31.01 28.99
N VAL A 511 3.79 -30.04 28.50
CA VAL A 511 3.64 -28.76 29.16
C VAL A 511 2.17 -28.39 29.12
N ASN A 512 1.56 -28.16 30.28
CA ASN A 512 0.13 -27.86 30.20
C ASN A 512 -0.10 -26.37 30.15
N LEU A 513 -1.36 -26.03 29.91
CA LEU A 513 -1.77 -24.63 29.84
C LEU A 513 -2.53 -24.12 31.05
N LYS A 514 -3.34 -24.96 31.71
CA LYS A 514 -3.95 -24.56 32.99
C LYS A 514 -5.11 -23.63 32.76
N FME B 1 52.49 17.16 13.70
CN FME B 1 51.88 18.02 12.81
O1 FME B 1 51.66 17.71 11.64
CA FME B 1 52.66 15.72 13.51
CB FME B 1 54.04 15.46 12.89
CG FME B 1 55.01 16.21 13.87
SD FME B 1 56.55 15.84 13.23
CE FME B 1 56.35 14.13 12.90
C FME B 1 52.55 14.95 14.78
O FME B 1 52.70 15.55 15.84
N ALA B 2 52.35 13.64 14.73
CA ALA B 2 52.51 12.85 15.95
C ALA B 2 53.97 12.75 16.41
N TYR B 3 54.17 12.56 17.71
CA TYR B 3 55.50 12.41 18.31
C TYR B 3 55.56 11.08 19.08
N PRO B 4 56.74 10.60 19.41
CA PRO B 4 56.86 9.26 19.98
C PRO B 4 56.12 9.13 21.30
N MET B 5 55.49 7.95 21.49
CA MET B 5 54.74 7.59 22.67
C MET B 5 53.51 8.45 22.88
N GLN B 6 53.03 9.11 21.84
CA GLN B 6 51.91 10.01 22.02
C GLN B 6 50.67 9.23 22.42
N LEU B 7 49.90 9.74 23.38
CA LEU B 7 48.67 9.10 23.86
C LEU B 7 47.40 9.68 23.27
N GLY B 8 47.32 11.00 23.13
CA GLY B 8 46.08 11.57 22.63
C GLY B 8 46.19 12.32 21.32
N PHE B 9 45.30 13.30 21.10
CA PHE B 9 45.27 14.01 19.83
C PHE B 9 46.53 14.88 19.67
N GLN B 10 46.90 15.08 18.41
CA GLN B 10 47.90 16.11 18.11
C GLN B 10 47.39 17.48 18.59
N ASP B 11 48.32 18.37 18.96
CA ASP B 11 47.90 19.68 19.48
C ASP B 11 47.07 20.41 18.44
N ALA B 12 46.05 21.14 18.88
CA ALA B 12 45.12 21.77 17.96
C ALA B 12 45.83 22.90 17.22
N THR B 13 45.66 22.94 15.92
CA THR B 13 46.15 24.09 15.14
C THR B 13 45.07 25.07 14.72
N SER B 14 43.80 24.67 14.76
CA SER B 14 42.69 25.50 14.35
C SER B 14 41.69 25.58 15.50
N PRO B 15 40.85 26.63 15.53
CA PRO B 15 39.84 26.71 16.62
C PRO B 15 38.90 25.54 16.62
N ILE B 16 38.55 24.98 15.45
CA ILE B 16 37.69 23.81 15.44
C ILE B 16 38.38 22.63 16.11
N MET B 17 39.64 22.35 15.75
CA MET B 17 40.35 21.28 16.41
C MET B 17 40.43 21.53 17.92
N GLU B 18 40.57 22.81 18.37
CA GLU B 18 40.58 23.00 19.83
C GLU B 18 39.25 22.61 20.42
N GLU B 19 38.17 22.96 19.72
CA GLU B 19 36.81 22.56 20.19
C GLU B 19 36.71 21.06 20.33
N LEU B 20 37.21 20.33 19.33
CA LEU B 20 37.18 18.87 19.42
C LEU B 20 37.94 18.36 20.61
N LEU B 21 39.12 18.94 20.92
CA LEU B 21 39.83 18.46 22.09
C LEU B 21 39.00 18.58 23.35
N HIS B 22 38.34 19.72 23.55
CA HIS B 22 37.58 19.87 24.80
C HIS B 22 36.38 18.92 24.82
N PHE B 23 35.76 18.72 23.66
CA PHE B 23 34.63 17.79 23.61
C PHE B 23 35.10 16.36 23.84
N HIS B 24 36.27 16.01 23.28
CA HIS B 24 36.78 14.67 23.54
C HIS B 24 37.10 14.51 25.02
N ASP B 25 37.69 15.54 25.66
CA ASP B 25 37.96 15.40 27.09
C ASP B 25 36.65 15.11 27.84
N HIS B 26 35.59 15.84 27.49
CA HIS B 26 34.28 15.68 28.12
C HIS B 26 33.79 14.26 27.94
N THR B 27 33.85 13.78 26.69
CA THR B 27 33.33 12.44 26.42
C THR B 27 34.20 11.37 27.07
N LEU B 28 35.52 11.52 27.02
CA LEU B 28 36.40 10.52 27.61
C LEU B 28 36.17 10.42 29.11
N MET B 29 35.86 11.54 29.78
CA MET B 29 35.60 11.43 31.21
C MET B 29 34.44 10.49 31.46
N ILE B 30 33.39 10.64 30.67
CA ILE B 30 32.19 9.77 30.79
C ILE B 30 32.56 8.32 30.52
N VAL B 31 33.32 8.10 29.45
CA VAL B 31 33.75 6.73 29.12
C VAL B 31 34.52 6.09 30.27
N PHE B 32 35.51 6.83 30.80
CA PHE B 32 36.26 6.32 31.96
C PHE B 32 35.32 6.03 33.14
N LEU B 33 34.40 6.93 33.44
CA LEU B 33 33.50 6.75 34.59
C LEU B 33 32.63 5.53 34.42
N ILE B 34 32.00 5.39 33.26
CA ILE B 34 31.09 4.26 33.05
C ILE B 34 31.90 2.97 33.05
N SER B 35 33.06 2.96 32.37
CA SER B 35 33.78 1.70 32.32
C SER B 35 34.31 1.34 33.71
N SER B 36 34.73 2.34 34.48
CA SER B 36 35.19 2.08 35.86
C SER B 36 34.05 1.56 36.72
N LEU B 37 32.90 2.23 36.61
CA LEU B 37 31.71 1.84 37.37
C LEU B 37 31.34 0.39 37.09
N VAL B 38 31.35 -0.03 35.82
CA VAL B 38 31.04 -1.42 35.49
C VAL B 38 32.07 -2.38 36.08
N LEU B 39 33.38 -2.06 35.93
CA LEU B 39 34.43 -2.93 36.46
C LEU B 39 34.28 -3.07 37.95
N TYR B 40 33.98 -1.95 38.60
CA TYR B 40 33.85 -1.93 40.04
C TYR B 40 32.63 -2.74 40.49
N ILE B 41 31.51 -2.51 39.84
CA ILE B 41 30.29 -3.32 40.18
C ILE B 41 30.52 -4.79 39.94
N ILE B 42 31.13 -5.17 38.81
CA ILE B 42 31.56 -6.56 38.66
C ILE B 42 32.28 -7.05 39.91
N SER B 43 33.34 -6.35 40.32
CA SER B 43 34.11 -6.84 41.45
C SER B 43 33.24 -6.94 42.69
N LEU B 44 32.34 -6.00 42.88
CA LEU B 44 31.49 -6.02 44.06
C LEU B 44 30.53 -7.21 44.05
N MET B 45 29.94 -7.52 42.89
CA MET B 45 29.04 -8.68 42.79
C MET B 45 29.75 -9.97 43.07
N LEU B 46 31.07 -10.00 42.85
CA LEU B 46 31.87 -11.23 42.90
C LEU B 46 32.63 -11.44 44.22
N THR B 47 32.52 -10.51 45.18
CA THR B 47 33.37 -10.56 46.36
C THR B 47 32.58 -10.84 47.65
N THR B 48 31.42 -11.53 47.57
CA THR B 48 30.75 -11.86 48.82
C THR B 48 30.22 -13.27 48.80
N LYS B 49 30.27 -13.90 49.96
CA LYS B 49 29.66 -15.23 50.12
C LYS B 49 28.16 -15.15 50.44
N LEU B 50 27.63 -13.94 50.65
CA LEU B 50 26.21 -13.79 50.89
C LEU B 50 25.44 -14.07 49.61
N THR B 51 24.25 -14.64 49.72
CA THR B 51 23.51 -15.01 48.53
C THR B 51 22.07 -14.56 48.64
N HIS B 52 21.47 -14.43 47.46
CA HIS B 52 20.04 -14.09 47.30
C HIS B 52 19.69 -14.55 45.89
N THR B 53 19.15 -15.76 45.80
CA THR B 53 18.96 -16.47 44.54
C THR B 53 17.51 -16.63 44.18
N SER B 54 16.59 -16.17 45.02
CA SER B 54 15.18 -16.19 44.69
C SER B 54 14.93 -15.14 43.61
N THR B 55 13.69 -15.09 43.11
CA THR B 55 13.40 -14.19 41.99
C THR B 55 13.41 -12.72 42.42
N MET B 56 14.06 -11.89 41.61
CA MET B 56 14.29 -10.47 41.88
C MET B 56 13.42 -9.63 40.93
N ASP B 57 12.63 -8.70 41.49
CA ASP B 57 11.81 -7.80 40.67
C ASP B 57 12.68 -6.75 39.98
N ALA B 58 12.38 -6.50 38.69
CA ALA B 58 13.23 -5.68 37.85
C ALA B 58 12.69 -4.27 37.53
N GLN B 59 11.40 -4.01 37.75
CA GLN B 59 10.78 -2.81 37.19
C GLN B 59 11.45 -1.53 37.67
N GLU B 60 11.57 -1.38 38.99
CA GLU B 60 12.06 -0.12 39.57
C GLU B 60 13.47 0.18 39.10
N VAL B 61 14.34 -0.83 39.08
CA VAL B 61 15.75 -0.59 38.81
C VAL B 61 15.97 -0.25 37.33
N GLU B 62 15.11 -0.78 36.44
CA GLU B 62 15.33 -0.49 35.02
C GLU B 62 14.97 0.94 34.65
N THR B 63 14.14 1.64 35.45
CA THR B 63 14.00 3.08 35.24
C THR B 63 15.35 3.80 35.35
N ILE B 64 16.02 3.60 36.49
CA ILE B 64 17.35 4.12 36.76
C ILE B 64 18.22 3.89 35.54
N TRP B 65 18.40 2.65 35.14
CA TRP B 65 19.46 2.43 34.18
C TRP B 65 18.99 2.50 32.71
N THR B 66 17.82 3.05 32.47
CA THR B 66 17.45 3.63 31.18
C THR B 66 17.54 5.13 31.19
N ILE B 67 17.00 5.74 32.25
CA ILE B 67 16.95 7.20 32.34
C ILE B 67 18.34 7.80 32.54
N LEU B 68 19.19 7.19 33.38
CA LEU B 68 20.52 7.76 33.52
C LEU B 68 21.31 7.69 32.22
N PRO B 69 21.38 6.57 31.52
CA PRO B 69 22.05 6.58 30.22
C PRO B 69 21.41 7.55 29.25
N ALA B 70 20.06 7.64 29.19
CA ALA B 70 19.50 8.65 28.28
C ALA B 70 20.01 10.04 28.60
N ILE B 71 20.06 10.37 29.87
CA ILE B 71 20.57 11.71 30.24
C ILE B 71 22.02 11.88 29.80
N ILE B 72 22.86 10.87 30.08
CA ILE B 72 24.28 10.95 29.69
C ILE B 72 24.40 11.14 28.19
N LEU B 73 23.65 10.35 27.40
CA LEU B 73 23.69 10.54 25.94
C LEU B 73 23.37 11.97 25.57
N ILE B 74 22.36 12.54 26.22
CA ILE B 74 22.00 13.91 25.84
C ILE B 74 23.13 14.87 26.20
N LEU B 75 23.81 14.65 27.34
CA LEU B 75 24.99 15.47 27.68
C LEU B 75 26.14 15.31 26.72
N ILE B 76 26.21 14.18 25.99
CA ILE B 76 27.22 14.05 24.92
C ILE B 76 26.72 14.72 23.64
N ALA B 77 25.50 14.41 23.27
CA ALA B 77 24.93 14.87 21.99
C ALA B 77 24.87 16.39 21.86
N LEU B 78 24.55 17.09 22.93
CA LEU B 78 24.42 18.55 22.83
C LEU B 78 25.72 19.25 22.41
N PRO B 79 26.86 19.06 23.11
CA PRO B 79 28.10 19.70 22.60
C PRO B 79 28.58 19.06 21.32
N SER B 80 28.25 17.80 21.06
CA SER B 80 28.67 17.16 19.83
C SER B 80 28.05 17.86 18.63
N LEU B 81 26.77 18.12 18.72
CA LEU B 81 26.06 18.66 17.58
C LEU B 81 26.34 20.14 17.44
N ARG B 82 26.53 20.81 18.55
CA ARG B 82 27.00 22.22 18.49
C ARG B 82 28.27 22.33 17.65
N ILE B 83 29.26 21.48 17.93
CA ILE B 83 30.48 21.56 17.12
C ILE B 83 30.17 21.20 15.68
N LEU B 84 29.37 20.15 15.46
CA LEU B 84 28.97 19.79 14.10
C LEU B 84 28.49 21.01 13.34
N TYR B 85 27.53 21.74 13.91
CA TYR B 85 26.92 22.82 13.12
C TYR B 85 27.86 24.01 13.00
N MET B 86 28.70 24.19 14.00
CA MET B 86 29.66 25.30 13.92
C MET B 86 30.68 25.04 12.80
N MET B 87 31.14 23.79 12.66
CA MET B 87 31.93 23.39 11.50
C MET B 87 31.19 23.66 10.19
N ASP B 88 29.85 23.59 10.18
CA ASP B 88 29.11 23.89 8.95
C ASP B 88 28.86 25.38 8.73
N GLU B 89 29.06 26.23 9.74
CA GLU B 89 28.71 27.66 9.64
C GLU B 89 29.37 28.30 8.42
N ILE B 90 28.66 29.30 7.83
CA ILE B 90 29.18 30.10 6.72
C ILE B 90 30.33 30.97 7.22
N ASN B 91 31.38 31.10 6.43
CA ASN B 91 32.56 31.82 6.91
C ASN B 91 33.21 32.73 5.88
N ASN B 92 32.83 32.65 4.61
CA ASN B 92 33.39 33.47 3.53
C ASN B 92 34.90 33.32 3.39
N PRO B 93 35.34 32.34 2.62
CA PRO B 93 36.79 32.14 2.44
C PRO B 93 37.39 33.26 1.61
N SER B 94 38.68 33.44 1.78
CA SER B 94 39.32 34.40 0.89
C SER B 94 40.19 33.75 -0.18
N LEU B 95 40.23 32.42 -0.22
CA LEU B 95 41.04 31.70 -1.18
C LEU B 95 40.34 30.35 -1.33
N THR B 96 40.30 29.80 -2.54
CA THR B 96 39.94 28.39 -2.77
C THR B 96 41.14 27.66 -3.36
N VAL B 97 41.39 26.47 -2.83
CA VAL B 97 42.40 25.55 -3.32
C VAL B 97 41.69 24.21 -3.56
N LYS B 98 41.99 23.53 -4.66
CA LYS B 98 41.55 22.17 -4.96
C LYS B 98 42.69 21.18 -4.76
N THR B 99 42.35 19.96 -4.31
CA THR B 99 43.35 18.92 -4.34
C THR B 99 42.71 17.72 -5.02
N MET B 100 43.44 17.06 -5.91
CA MET B 100 42.99 15.85 -6.56
C MET B 100 43.85 14.69 -6.07
N GLY B 101 43.20 13.64 -5.54
CA GLY B 101 43.92 12.45 -5.24
C GLY B 101 44.25 11.66 -6.50
N HIS B 102 45.36 10.94 -6.41
CA HIS B 102 45.81 10.04 -7.46
C HIS B 102 46.56 8.86 -6.83
N GLN B 103 46.66 7.78 -7.58
CA GLN B 103 47.55 6.69 -7.23
C GLN B 103 48.98 7.06 -7.69
N TRP B 104 49.90 7.40 -6.79
CA TRP B 104 49.75 7.55 -5.33
C TRP B 104 50.46 8.90 -4.97
N TYR B 105 49.69 9.99 -5.08
CA TYR B 105 50.24 11.30 -4.77
C TYR B 105 49.06 12.24 -4.85
N TRP B 106 49.25 13.47 -4.40
CA TRP B 106 48.20 14.49 -4.46
C TRP B 106 48.64 15.57 -5.46
N SER B 107 47.68 16.08 -6.25
CA SER B 107 47.99 17.32 -6.99
C SER B 107 47.16 18.44 -6.38
N TYR B 108 47.62 19.70 -6.58
CA TYR B 108 47.00 20.87 -5.98
C TYR B 108 46.79 21.92 -7.06
N GLU B 109 45.66 22.62 -6.99
CA GLU B 109 45.34 23.64 -8.00
C GLU B 109 44.90 24.89 -7.30
N TYR B 110 45.51 26.03 -7.63
CA TYR B 110 45.14 27.28 -6.97
C TYR B 110 44.72 28.17 -8.14
N THR B 111 43.45 28.18 -8.49
CA THR B 111 43.04 28.81 -9.78
C THR B 111 42.08 29.98 -9.60
N ASP B 112 42.16 30.67 -8.47
CA ASP B 112 41.34 31.85 -8.28
C ASP B 112 41.75 32.96 -9.22
N TYR B 113 43.03 33.00 -9.58
CA TYR B 113 43.60 34.12 -10.36
C TYR B 113 44.46 33.65 -11.53
N GLU B 114 45.48 32.84 -11.28
CA GLU B 114 46.33 32.29 -12.34
C GLU B 114 46.16 30.78 -12.41
N ASP B 115 46.72 30.14 -13.45
CA ASP B 115 46.62 28.67 -13.50
C ASP B 115 47.86 28.05 -12.83
N LEU B 116 47.78 27.93 -11.51
CA LEU B 116 48.86 27.36 -10.71
C LEU B 116 48.46 25.94 -10.34
N SER B 117 49.27 24.95 -10.71
CA SER B 117 48.98 23.58 -10.17
C SER B 117 50.28 22.79 -10.16
N PHE B 118 50.38 21.78 -9.29
CA PHE B 118 51.59 20.97 -9.19
C PHE B 118 51.24 19.67 -8.49
N ASP B 119 52.16 18.72 -8.62
CA ASP B 119 52.02 17.39 -7.94
C ASP B 119 52.81 17.44 -6.68
N SER B 120 52.45 16.54 -5.74
CA SER B 120 53.06 16.54 -4.42
C SER B 120 53.28 15.09 -4.05
N TYR B 121 54.55 14.65 -4.00
CA TYR B 121 54.90 13.25 -3.83
C TYR B 121 55.68 13.09 -2.55
N MET B 122 55.52 11.93 -1.92
CA MET B 122 56.35 11.54 -0.79
C MET B 122 57.84 11.66 -1.14
N ILE B 123 58.63 12.15 -0.19
CA ILE B 123 60.10 12.02 -0.33
C ILE B 123 60.54 10.59 -0.01
N PRO B 124 61.20 9.90 -0.94
CA PRO B 124 61.69 8.55 -0.63
C PRO B 124 62.62 8.55 0.57
N THR B 125 62.54 7.48 1.34
CA THR B 125 63.35 7.42 2.55
C THR B 125 64.82 7.57 2.23
N SER B 126 65.25 7.01 1.11
CA SER B 126 66.68 7.11 0.70
C SER B 126 67.07 8.54 0.31
N GLU B 127 66.12 9.45 0.16
CA GLU B 127 66.43 10.81 -0.24
C GLU B 127 66.11 11.86 0.82
N LEU B 128 65.63 11.44 1.99
CA LEU B 128 65.40 12.38 3.07
C LEU B 128 66.68 13.14 3.38
N LYS B 129 66.53 14.36 3.67
CA LYS B 129 67.63 15.12 4.22
C LYS B 129 67.62 14.99 5.74
N PRO B 130 68.81 15.04 6.33
CA PRO B 130 68.96 14.78 7.77
C PRO B 130 67.99 15.62 8.56
N GLY B 131 67.22 14.96 9.42
CA GLY B 131 66.25 15.63 10.22
C GLY B 131 64.85 15.58 9.65
N GLU B 132 64.69 15.21 8.40
CA GLU B 132 63.37 15.12 7.81
C GLU B 132 62.69 13.79 8.25
N LEU B 133 61.37 13.77 8.09
CA LEU B 133 60.56 12.68 8.65
C LEU B 133 60.20 11.59 7.62
N ARG B 134 60.53 10.35 7.97
CA ARG B 134 60.19 9.22 7.12
C ARG B 134 58.68 9.14 6.91
N LEU B 135 58.32 8.94 5.66
CA LEU B 135 56.99 8.69 5.08
C LEU B 135 56.10 9.91 5.13
N LEU B 136 56.60 11.07 5.64
CA LEU B 136 55.73 12.26 5.82
C LEU B 136 56.11 13.46 4.91
N GLU B 137 57.38 13.62 4.60
CA GLU B 137 57.76 14.79 3.77
C GLU B 137 57.29 14.61 2.33
N VAL B 138 57.05 15.74 1.68
CA VAL B 138 56.75 15.79 0.26
C VAL B 138 57.74 16.69 -0.45
N ASP B 139 57.81 16.53 -1.76
CA ASP B 139 58.69 17.40 -2.54
C ASP B 139 58.12 18.83 -2.66
N ASN B 140 56.81 18.98 -2.86
CA ASN B 140 56.15 20.26 -3.06
C ASN B 140 55.08 20.40 -2.02
N ARG B 141 55.29 21.29 -1.06
CA ARG B 141 54.33 21.46 0.02
C ARG B 141 53.14 22.31 -0.42
N VAL B 142 52.02 22.12 0.27
CA VAL B 142 50.85 22.97 0.05
C VAL B 142 51.02 24.26 0.80
N VAL B 143 51.61 25.31 0.17
CA VAL B 143 51.80 26.55 0.90
C VAL B 143 50.48 27.28 0.99
N LEU B 144 50.21 27.85 2.14
CA LEU B 144 48.93 28.52 2.35
C LEU B 144 49.15 29.72 3.26
N PRO B 145 48.27 30.70 3.20
CA PRO B 145 48.35 31.85 4.11
C PRO B 145 47.72 31.52 5.46
N MET B 146 48.48 31.80 6.51
CA MET B 146 48.04 31.67 7.89
C MET B 146 47.00 32.74 8.26
N GLU B 147 46.19 32.39 9.28
CA GLU B 147 45.20 33.30 9.85
C GLU B 147 44.17 33.74 8.81
N MET B 148 43.87 32.88 7.83
CA MET B 148 42.81 33.19 6.86
C MET B 148 41.94 31.96 6.60
N THR B 149 40.69 32.27 6.22
CA THR B 149 39.71 31.22 5.95
C THR B 149 39.89 30.72 4.53
N ILE B 150 40.23 29.42 4.41
CA ILE B 150 40.52 28.83 3.11
C ILE B 150 39.49 27.78 2.79
N ARG B 151 38.93 27.84 1.60
CA ARG B 151 38.06 26.75 1.10
C ARG B 151 38.93 25.68 0.43
N MET B 152 38.91 24.45 0.94
CA MET B 152 39.61 23.36 0.26
C MET B 152 38.55 22.56 -0.46
N LEU B 153 38.77 22.25 -1.72
CA LEU B 153 37.86 21.35 -2.45
C LEU B 153 38.65 20.08 -2.79
N VAL B 154 38.03 18.90 -2.59
CA VAL B 154 38.73 17.63 -2.68
C VAL B 154 38.04 16.75 -3.70
N SER B 155 38.82 16.16 -4.59
CA SER B 155 38.28 15.13 -5.48
C SER B 155 39.39 14.16 -5.81
N SER B 156 39.12 13.28 -6.78
CA SER B 156 40.06 12.22 -7.16
C SER B 156 39.97 12.02 -8.64
N GLU B 157 41.10 11.70 -9.30
CA GLU B 157 41.01 11.33 -10.71
C GLU B 157 41.16 9.83 -10.92
N ASP B 158 41.10 9.03 -9.85
CA ASP B 158 41.09 7.58 -10.09
C ASP B 158 40.25 6.87 -9.03
N VAL B 159 40.86 6.32 -7.97
CA VAL B 159 40.10 5.57 -6.97
C VAL B 159 39.78 6.47 -5.78
N LEU B 160 39.18 5.92 -4.72
CA LEU B 160 38.89 6.76 -3.57
C LEU B 160 40.23 7.10 -2.94
N HIS B 161 40.37 8.32 -2.41
CA HIS B 161 41.42 8.63 -1.42
C HIS B 161 40.73 9.41 -0.32
N SER B 162 41.50 9.92 0.64
CA SER B 162 40.88 10.83 1.60
C SER B 162 41.96 11.74 2.09
N TRP B 163 41.65 13.06 2.13
CA TRP B 163 42.63 14.12 2.38
C TRP B 163 42.50 14.54 3.85
N ALA B 164 43.53 14.27 4.66
CA ALA B 164 43.40 14.44 6.10
C ALA B 164 44.55 15.28 6.63
N VAL B 165 44.27 16.12 7.61
CA VAL B 165 45.34 16.80 8.35
C VAL B 165 44.88 16.79 9.82
N PRO B 166 45.31 15.83 10.63
CA PRO B 166 44.76 15.72 11.98
C PRO B 166 44.91 16.97 12.83
N SER B 167 46.00 17.75 12.72
CA SER B 167 46.07 18.83 13.69
C SER B 167 45.16 20.00 13.32
N LEU B 168 44.60 20.03 12.11
CA LEU B 168 43.55 21.00 11.81
C LEU B 168 42.14 20.40 11.90
N GLY B 169 42.03 19.12 12.25
CA GLY B 169 40.75 18.43 12.40
C GLY B 169 40.11 18.17 11.06
N LEU B 170 40.90 17.88 10.02
CA LEU B 170 40.39 17.77 8.68
C LEU B 170 40.48 16.35 8.19
N LYS B 171 39.40 15.88 7.59
CA LYS B 171 39.45 14.64 6.80
C LYS B 171 38.26 14.68 5.87
N THR B 172 38.55 14.78 4.58
CA THR B 172 37.51 14.87 3.55
C THR B 172 37.78 13.85 2.46
N ASP B 173 36.84 12.91 2.24
CA ASP B 173 37.10 11.91 1.21
C ASP B 173 37.24 12.52 -0.18
N ALA B 174 38.08 11.87 -1.01
CA ALA B 174 38.42 12.26 -2.37
C ALA B 174 37.78 11.23 -3.31
N ILE B 175 36.68 11.65 -3.95
CA ILE B 175 35.77 10.74 -4.66
C ILE B 175 35.76 11.22 -6.11
N PRO B 176 36.07 10.38 -7.09
CA PRO B 176 36.00 10.82 -8.47
C PRO B 176 34.59 11.20 -8.90
N GLY B 177 34.48 12.27 -9.69
CA GLY B 177 33.18 12.79 -10.08
C GLY B 177 32.50 13.65 -9.04
N ARG B 178 33.14 13.86 -7.91
CA ARG B 178 32.51 14.61 -6.80
C ARG B 178 33.48 15.66 -6.29
N LEU B 179 33.00 16.83 -5.87
CA LEU B 179 33.86 17.94 -5.44
C LEU B 179 33.46 18.20 -3.99
N ASN B 180 34.15 17.60 -3.02
CA ASN B 180 33.80 17.80 -1.62
C ASN B 180 34.49 19.06 -1.07
N GLN B 181 33.79 19.78 -0.21
CA GLN B 181 34.29 21.01 0.34
C GLN B 181 34.59 20.89 1.83
N THR B 182 35.69 21.50 2.27
CA THR B 182 35.92 21.70 3.69
C THR B 182 36.56 23.10 3.86
N THR B 183 36.65 23.57 5.09
CA THR B 183 37.20 24.87 5.44
C THR B 183 38.40 24.67 6.36
N LEU B 184 39.44 25.50 6.17
CA LEU B 184 40.73 25.30 6.81
C LEU B 184 41.07 26.68 7.36
N MET B 185 41.52 26.77 8.62
CA MET B 185 42.04 28.06 9.13
C MET B 185 43.14 27.78 10.16
N SER B 186 44.39 28.12 9.86
CA SER B 186 45.46 27.88 10.83
C SER B 186 45.70 29.10 11.69
N SER B 187 45.67 28.90 13.01
CA SER B 187 45.99 29.96 13.92
C SER B 187 47.48 30.26 13.91
N ARG B 188 48.29 29.37 13.37
CA ARG B 188 49.77 29.53 13.49
C ARG B 188 50.49 29.26 12.18
N PRO B 189 51.63 29.90 11.96
CA PRO B 189 52.50 29.40 10.89
C PRO B 189 53.01 28.01 11.24
N GLY B 190 53.61 27.34 10.26
CA GLY B 190 54.36 26.10 10.49
C GLY B 190 54.06 25.06 9.42
N LEU B 191 54.34 23.79 9.77
CA LEU B 191 54.22 22.64 8.88
C LEU B 191 53.24 21.68 9.54
N TYR B 192 52.17 21.35 8.82
CA TYR B 192 51.12 20.44 9.37
C TYR B 192 50.97 19.27 8.42
N TYR B 193 51.01 18.04 8.97
CA TYR B 193 51.18 16.83 8.18
C TYR B 193 49.88 16.02 8.25
N GLY B 194 49.59 15.33 7.16
CA GLY B 194 48.51 14.31 7.16
C GLY B 194 48.85 13.23 6.17
N GLN B 195 47.99 12.20 6.12
CA GLN B 195 48.25 11.02 5.30
C GLN B 195 46.98 10.57 4.58
N CYS B 196 47.13 9.97 3.39
CA CYS B 196 45.92 9.46 2.69
C CYS B 196 45.12 8.51 3.57
N SER B 197 43.79 8.78 3.69
CA SER B 197 42.93 8.11 4.69
C SER B 197 41.78 7.33 4.06
N GLU B 198 41.98 6.80 2.85
CA GLU B 198 41.08 5.80 2.29
C GLU B 198 41.91 4.83 1.45
N ILE B 199 41.81 3.54 1.76
CA ILE B 199 42.63 2.54 1.07
C ILE B 199 42.51 2.72 -0.45
N CYS B 200 43.68 2.81 -1.10
CA CYS B 200 43.68 3.18 -2.52
C CYS B 200 44.70 2.36 -3.32
N GLY B 201 45.17 1.23 -2.81
CA GLY B 201 46.06 0.37 -3.55
C GLY B 201 47.47 0.28 -2.96
N SER B 202 48.40 -0.07 -3.83
CA SER B 202 49.79 -0.47 -3.48
C SER B 202 50.57 0.53 -2.66
N ASN B 203 50.35 1.86 -2.84
CA ASN B 203 51.13 2.87 -2.11
C ASN B 203 50.23 3.81 -1.30
N HIS B 204 49.13 3.27 -0.76
CA HIS B 204 48.24 4.03 0.12
C HIS B 204 48.97 4.60 1.34
N SER B 205 49.94 3.86 1.89
CA SER B 205 50.71 4.27 3.06
C SER B 205 51.67 5.40 2.74
N PHE B 206 51.81 5.75 1.48
CA PHE B 206 53.00 6.53 1.00
C PHE B 206 52.58 7.72 0.12
N MET B 207 51.50 8.43 0.47
CA MET B 207 51.05 9.61 -0.30
C MET B 207 50.57 10.65 0.69
N PRO B 208 51.54 11.30 1.40
CA PRO B 208 51.20 12.19 2.50
C PRO B 208 50.90 13.61 2.02
N ILE B 209 50.53 14.43 2.99
CA ILE B 209 50.03 15.78 2.80
C ILE B 209 50.85 16.65 3.73
N VAL B 210 51.46 17.73 3.19
CA VAL B 210 52.17 18.64 4.08
C VAL B 210 51.66 20.05 3.78
N LEU B 211 51.09 20.72 4.79
CA LEU B 211 50.70 22.11 4.59
C LEU B 211 51.79 22.99 5.17
N GLU B 212 52.05 24.13 4.50
CA GLU B 212 53.08 25.06 4.96
C GLU B 212 52.40 26.42 5.12
N LEU B 213 52.22 26.87 6.36
CA LEU B 213 51.37 28.02 6.65
C LEU B 213 52.32 29.18 6.88
N VAL B 214 52.15 30.25 6.10
CA VAL B 214 53.07 31.40 6.12
C VAL B 214 52.25 32.68 5.99
N PRO B 215 52.85 33.86 6.22
CA PRO B 215 52.08 35.10 6.03
C PRO B 215 51.66 35.31 4.58
N LEU B 216 50.55 36.05 4.44
CA LEU B 216 49.93 36.23 3.14
C LEU B 216 50.96 36.71 2.09
N LYS B 217 51.80 37.73 2.44
CA LYS B 217 52.76 38.21 1.45
C LYS B 217 53.71 37.13 0.97
N TYR B 218 54.13 36.25 1.87
CA TYR B 218 54.97 35.13 1.43
C TYR B 218 54.20 34.17 0.57
N PHE B 219 52.95 33.84 0.94
CA PHE B 219 52.18 33.01 0.05
C PHE B 219 52.04 33.61 -1.35
N GLU B 220 51.81 34.93 -1.44
CA GLU B 220 51.61 35.52 -2.76
C GLU B 220 52.85 35.40 -3.63
N LYS B 221 54.03 35.68 -3.05
CA LYS B 221 55.27 35.58 -3.82
C LYS B 221 55.59 34.14 -4.18
N TRP B 222 55.31 33.20 -3.25
CA TRP B 222 55.48 31.81 -3.60
C TRP B 222 54.57 31.44 -4.77
N SER B 223 53.30 31.85 -4.69
CA SER B 223 52.34 31.54 -5.75
C SER B 223 52.84 32.07 -7.08
N ALA B 224 53.27 33.32 -7.11
CA ALA B 224 53.84 33.86 -8.34
C ALA B 224 54.99 33.00 -8.86
N SER B 225 55.86 32.55 -7.96
CA SER B 225 57.07 31.82 -8.35
C SER B 225 56.71 30.41 -8.83
N MET B 226 55.51 29.92 -8.51
CA MET B 226 55.13 28.55 -8.91
C MET B 226 54.41 28.48 -10.25
N LEU B 227 54.27 29.59 -10.95
CA LEU B 227 53.58 29.60 -12.27
C LEU B 227 54.37 28.99 -13.40
N HIS C 1 9.78 -44.62 17.70
CA HIS C 1 8.61 -44.02 17.04
C HIS C 1 8.24 -42.65 17.64
N GLN C 2 7.89 -41.70 16.79
CA GLN C 2 7.65 -40.35 17.29
C GLN C 2 6.19 -40.16 17.69
N THR C 3 5.97 -39.27 18.65
CA THR C 3 4.63 -38.79 18.96
C THR C 3 4.56 -37.26 18.85
N HIS C 4 5.45 -36.64 18.09
CA HIS C 4 5.15 -35.29 17.63
C HIS C 4 4.69 -35.36 16.16
N ALA C 5 4.31 -34.21 15.56
CA ALA C 5 3.78 -34.19 14.21
C ALA C 5 4.80 -33.75 13.13
N TYR C 6 6.06 -33.60 13.50
CA TYR C 6 7.02 -33.00 12.57
C TYR C 6 7.74 -34.05 11.73
N HIS C 7 8.45 -33.57 10.68
CA HIS C 7 8.97 -34.49 9.68
C HIS C 7 10.48 -34.68 9.88
N MET C 8 10.89 -35.90 10.24
CA MET C 8 12.31 -36.27 10.22
C MET C 8 12.65 -36.73 8.80
N VAL C 9 13.51 -35.99 8.12
CA VAL C 9 13.73 -36.19 6.70
C VAL C 9 14.81 -37.23 6.52
N ASN C 10 14.68 -38.07 5.49
CA ASN C 10 15.72 -39.08 5.28
C ASN C 10 17.02 -38.42 4.89
N PRO C 11 18.16 -38.99 5.28
CA PRO C 11 19.42 -38.42 4.85
C PRO C 11 19.44 -38.29 3.33
N SER C 12 19.96 -37.15 2.86
CA SER C 12 19.78 -36.76 1.47
C SER C 12 21.05 -36.22 0.87
N PRO C 13 21.37 -36.58 -0.39
CA PRO C 13 22.54 -36.01 -1.06
C PRO C 13 22.29 -34.63 -1.65
N TRP C 14 21.04 -34.17 -1.70
CA TRP C 14 20.83 -33.00 -2.54
C TRP C 14 21.37 -31.71 -1.91
N PRO C 15 21.45 -31.57 -0.59
CA PRO C 15 22.13 -30.36 -0.07
C PRO C 15 23.55 -30.25 -0.61
N LEU C 16 24.25 -31.38 -0.65
CA LEU C 16 25.64 -31.34 -1.11
C LEU C 16 25.71 -31.12 -2.61
N THR C 17 24.84 -31.77 -3.40
CA THR C 17 24.94 -31.53 -4.83
C THR C 17 24.51 -30.10 -5.15
N GLY C 18 23.59 -29.57 -4.35
CA GLY C 18 23.24 -28.15 -4.58
C GLY C 18 24.39 -27.21 -4.24
N ALA C 19 25.05 -27.45 -3.10
CA ALA C 19 26.20 -26.61 -2.71
C ALA C 19 27.33 -26.70 -3.74
N LEU C 20 27.57 -27.89 -4.27
CA LEU C 20 28.61 -28.02 -5.29
C LEU C 20 28.15 -27.36 -6.58
N SER C 21 26.85 -27.46 -6.90
CA SER C 21 26.38 -26.77 -8.09
C SER C 21 26.61 -25.27 -7.94
N ALA C 22 26.45 -24.74 -6.72
CA ALA C 22 26.73 -23.30 -6.53
C ALA C 22 28.21 -22.98 -6.76
N LEU C 23 29.10 -23.86 -6.32
CA LEU C 23 30.55 -23.69 -6.59
C LEU C 23 30.79 -23.70 -8.10
N LEU C 24 30.16 -24.65 -8.81
CA LEU C 24 30.43 -24.80 -10.24
C LEU C 24 29.87 -23.61 -11.02
N MET C 25 28.67 -23.13 -10.62
CA MET C 25 28.11 -21.97 -11.32
C MET C 25 28.95 -20.72 -11.08
N THR C 26 29.45 -20.48 -9.84
CA THR C 26 30.21 -19.25 -9.58
C THR C 26 31.62 -19.32 -10.14
N SER C 27 32.30 -20.45 -9.94
CA SER C 27 33.60 -20.57 -10.62
C SER C 27 33.42 -20.68 -12.13
N GLY C 28 32.28 -21.23 -12.61
CA GLY C 28 31.96 -21.16 -14.03
C GLY C 28 31.81 -19.74 -14.55
N LEU C 29 31.08 -18.89 -13.82
CA LEU C 29 30.95 -17.50 -14.26
C LEU C 29 32.30 -16.81 -14.28
N THR C 30 33.15 -17.13 -13.29
CA THR C 30 34.50 -16.57 -13.27
C THR C 30 35.28 -17.02 -14.49
N MET C 31 35.19 -18.31 -14.83
CA MET C 31 35.91 -18.82 -16.01
C MET C 31 35.40 -18.17 -17.29
N TRP C 32 34.10 -17.93 -17.35
CA TRP C 32 33.49 -17.32 -18.54
C TRP C 32 33.90 -15.87 -18.66
N PHE C 33 33.85 -15.11 -17.54
CA PHE C 33 34.21 -13.68 -17.60
C PHE C 33 35.71 -13.46 -17.80
N HIS C 34 36.56 -14.37 -17.34
CA HIS C 34 37.99 -14.11 -17.36
C HIS C 34 38.86 -15.06 -18.17
N PHE C 35 38.35 -16.22 -18.54
CA PHE C 35 39.19 -17.23 -19.17
C PHE C 35 38.49 -17.82 -20.36
N ASN C 36 37.55 -17.06 -20.91
CA ASN C 36 36.90 -17.30 -22.18
C ASN C 36 36.42 -18.74 -22.29
N SER C 37 35.73 -19.25 -21.26
CA SER C 37 35.29 -20.63 -21.35
C SER C 37 33.97 -20.81 -20.61
N MET C 38 33.02 -21.54 -21.24
CA MET C 38 31.73 -21.80 -20.59
C MET C 38 31.59 -23.16 -19.95
N THR C 39 32.65 -23.94 -19.94
CA THR C 39 32.54 -25.35 -19.56
C THR C 39 32.04 -25.52 -18.13
N LEU C 40 32.78 -24.98 -17.15
CA LEU C 40 32.36 -25.13 -15.78
C LEU C 40 30.94 -24.63 -15.58
N LEU C 41 30.57 -23.52 -16.24
CA LEU C 41 29.26 -22.90 -16.02
C LEU C 41 28.15 -23.82 -16.50
N MET C 42 28.34 -24.45 -17.66
CA MET C 42 27.34 -25.40 -18.15
C MET C 42 27.23 -26.61 -17.22
N ILE C 43 28.32 -27.07 -16.65
CA ILE C 43 28.21 -28.18 -15.71
C ILE C 43 27.44 -27.74 -14.49
N GLY C 44 27.77 -26.55 -13.96
CA GLY C 44 27.07 -26.08 -12.78
C GLY C 44 25.58 -25.86 -13.01
N LEU C 45 25.23 -25.26 -14.15
CA LEU C 45 23.81 -25.08 -14.44
C LEU C 45 23.12 -26.45 -14.50
N THR C 46 23.77 -27.42 -15.13
CA THR C 46 23.17 -28.75 -15.25
C THR C 46 22.97 -29.41 -13.88
N THR C 47 23.99 -29.38 -13.02
CA THR C 47 23.84 -30.04 -11.73
C THR C 47 22.86 -29.27 -10.84
N ASN C 48 22.77 -27.95 -11.06
CA ASN C 48 21.78 -27.18 -10.30
C ASN C 48 20.38 -27.60 -10.69
N MET C 49 20.09 -27.76 -11.99
CA MET C 49 18.76 -28.18 -12.39
C MET C 49 18.47 -29.60 -11.88
N LEU C 50 19.47 -30.51 -11.99
CA LEU C 50 19.26 -31.87 -11.50
C LEU C 50 18.97 -31.83 -10.01
N THR C 51 19.66 -30.95 -9.28
CA THR C 51 19.47 -30.91 -7.83
C THR C 51 18.06 -30.44 -7.51
N MET C 52 17.64 -29.32 -8.11
CA MET C 52 16.29 -28.82 -7.89
C MET C 52 15.26 -29.88 -8.24
N TYR C 53 15.44 -30.51 -9.40
CA TYR C 53 14.48 -31.51 -9.83
C TYR C 53 14.33 -32.61 -8.75
N GLN C 54 15.44 -33.19 -8.30
CA GLN C 54 15.30 -34.36 -7.42
C GLN C 54 14.86 -33.95 -6.02
N TRP C 55 15.32 -32.77 -5.56
CA TRP C 55 14.96 -32.32 -4.24
C TRP C 55 13.45 -32.09 -4.16
N TRP C 56 12.91 -31.31 -5.09
CA TRP C 56 11.45 -31.04 -5.03
C TRP C 56 10.63 -32.28 -5.40
N ARG C 57 11.16 -33.13 -6.28
CA ARG C 57 10.54 -34.45 -6.45
C ARG C 57 10.39 -35.15 -5.11
N ASP C 58 11.46 -35.13 -4.31
CA ASP C 58 11.42 -35.87 -3.05
C ASP C 58 10.43 -35.23 -2.09
N VAL C 59 10.32 -33.90 -2.12
CA VAL C 59 9.32 -33.25 -1.29
C VAL C 59 7.91 -33.72 -1.67
N ILE C 60 7.62 -33.83 -2.98
CA ILE C 60 6.35 -34.39 -3.45
C ILE C 60 6.18 -35.83 -2.95
N ARG C 61 7.23 -36.64 -3.08
CA ARG C 61 7.14 -38.03 -2.57
C ARG C 61 6.81 -38.04 -1.07
N GLU C 62 7.43 -37.13 -0.30
CA GLU C 62 7.25 -37.11 1.15
C GLU C 62 5.84 -36.70 1.56
N SER C 63 5.20 -35.87 0.74
CA SER C 63 3.91 -35.26 1.09
C SER C 63 2.76 -35.98 0.43
N THR C 64 2.67 -35.85 -0.90
CA THR C 64 1.57 -36.51 -1.61
C THR C 64 1.62 -38.01 -1.41
N PHE C 65 2.82 -38.60 -1.49
CA PHE C 65 2.87 -40.06 -1.52
C PHE C 65 3.07 -40.67 -0.15
N GLN C 66 3.80 -40.02 0.77
CA GLN C 66 4.06 -40.63 2.07
C GLN C 66 3.29 -40.04 3.24
N GLY C 67 2.66 -38.86 3.09
CA GLY C 67 1.83 -38.37 4.17
C GLY C 67 2.52 -37.59 5.26
N HIS C 68 3.74 -37.08 5.02
CA HIS C 68 4.45 -36.46 6.14
C HIS C 68 4.04 -35.02 6.38
N HIS C 69 3.25 -34.45 5.50
CA HIS C 69 2.89 -33.04 5.70
C HIS C 69 1.62 -32.94 6.54
N THR C 70 1.79 -33.14 7.84
CA THR C 70 0.75 -32.82 8.83
C THR C 70 0.45 -31.31 8.80
N PRO C 71 -0.56 -30.83 9.52
CA PRO C 71 -0.81 -29.36 9.57
C PRO C 71 0.38 -28.62 10.15
N ALA C 72 1.07 -29.23 11.13
CA ALA C 72 2.20 -28.49 11.71
C ALA C 72 3.32 -28.30 10.69
N VAL C 73 3.54 -29.32 9.86
CA VAL C 73 4.59 -29.24 8.84
C VAL C 73 4.20 -28.20 7.80
N GLN C 74 2.93 -28.20 7.41
CA GLN C 74 2.49 -27.22 6.43
C GLN C 74 2.65 -25.81 6.98
N LYS C 75 2.32 -25.62 8.26
CA LYS C 75 2.47 -24.29 8.84
C LYS C 75 3.89 -23.82 8.76
N GLY C 76 4.84 -24.71 9.01
CA GLY C 76 6.25 -24.31 8.88
C GLY C 76 6.60 -23.93 7.44
N LEU C 77 6.09 -24.70 6.47
CA LEU C 77 6.37 -24.36 5.07
C LEU C 77 5.72 -23.03 4.69
N ARG C 78 4.55 -22.70 5.25
CA ARG C 78 3.99 -21.38 4.98
C ARG C 78 4.94 -20.31 5.48
N TYR C 79 5.35 -20.40 6.75
CA TYR C 79 6.35 -19.41 7.23
C TYR C 79 7.57 -19.38 6.35
N GLY C 80 8.10 -20.56 5.97
CA GLY C 80 9.33 -20.52 5.18
C GLY C 80 9.17 -19.78 3.88
N MET C 81 8.04 -19.99 3.21
CA MET C 81 7.79 -19.32 1.92
C MET C 81 7.58 -17.82 2.10
N ILE C 82 6.91 -17.43 3.15
CA ILE C 82 6.72 -16.01 3.36
C ILE C 82 8.08 -15.33 3.64
N LEU C 83 8.90 -15.96 4.49
CA LEU C 83 10.22 -15.40 4.78
C LEU C 83 11.09 -15.34 3.51
N PHE C 84 11.04 -16.39 2.69
CA PHE C 84 11.76 -16.37 1.44
C PHE C 84 11.36 -15.20 0.55
N ILE C 85 10.04 -15.01 0.39
CA ILE C 85 9.56 -13.85 -0.40
C ILE C 85 10.01 -12.51 0.21
N ILE C 86 9.99 -12.39 1.54
CA ILE C 86 10.53 -11.18 2.19
C ILE C 86 11.99 -10.93 1.78
N SER C 87 12.81 -11.99 1.78
CA SER C 87 14.21 -11.77 1.41
C SER C 87 14.30 -11.30 -0.06
N GLU C 88 13.43 -11.85 -0.92
CA GLU C 88 13.47 -11.42 -2.32
C GLU C 88 13.00 -9.99 -2.48
N VAL C 89 12.05 -9.57 -1.68
CA VAL C 89 11.64 -8.15 -1.68
C VAL C 89 12.84 -7.27 -1.33
N LEU C 90 13.58 -7.62 -0.27
CA LEU C 90 14.75 -6.79 0.06
C LEU C 90 15.81 -6.84 -1.02
N PHE C 91 15.96 -7.95 -1.72
CA PHE C 91 16.89 -7.96 -2.84
C PHE C 91 16.52 -6.92 -3.92
N PHE C 92 15.25 -6.91 -4.34
CA PHE C 92 14.80 -5.91 -5.30
C PHE C 92 14.92 -4.51 -4.72
N THR C 93 14.67 -4.38 -3.42
CA THR C 93 14.80 -3.04 -2.80
C THR C 93 16.16 -2.40 -3.08
N GLY C 94 17.23 -3.20 -3.07
CA GLY C 94 18.53 -2.63 -3.41
C GLY C 94 18.61 -2.06 -4.82
N PHE C 95 18.00 -2.74 -5.79
CA PHE C 95 18.00 -2.19 -7.16
C PHE C 95 17.09 -1.00 -7.29
N PHE C 96 15.96 -0.96 -6.58
CA PHE C 96 15.16 0.28 -6.60
C PHE C 96 15.92 1.43 -5.95
N TRP C 97 16.63 1.17 -4.86
CA TRP C 97 17.45 2.26 -4.27
C TRP C 97 18.46 2.79 -5.28
N ALA C 98 19.15 1.88 -5.97
CA ALA C 98 20.14 2.32 -6.96
C ALA C 98 19.47 3.17 -8.05
N PHE C 99 18.28 2.76 -8.48
CA PHE C 99 17.55 3.53 -9.50
C PHE C 99 17.22 4.91 -8.99
N TYR C 100 16.63 4.99 -7.79
CA TYR C 100 16.25 6.33 -7.32
C TYR C 100 17.50 7.17 -6.99
N HIS C 101 18.55 6.56 -6.46
CA HIS C 101 19.76 7.33 -6.18
C HIS C 101 20.26 8.05 -7.43
N SER C 102 20.29 7.31 -8.55
CA SER C 102 20.91 7.87 -9.75
C SER C 102 19.98 8.83 -10.45
N SER C 103 18.67 8.53 -10.44
CA SER C 103 17.71 9.35 -11.22
C SER C 103 17.29 10.61 -10.49
N LEU C 104 17.32 10.61 -9.17
CA LEU C 104 16.95 11.82 -8.45
C LEU C 104 18.09 12.82 -8.39
N ALA C 105 19.32 12.39 -8.63
CA ALA C 105 20.48 13.30 -8.55
C ALA C 105 21.36 13.13 -9.78
N PRO C 106 20.83 13.39 -10.97
CA PRO C 106 21.55 12.99 -12.18
C PRO C 106 22.83 13.81 -12.25
N THR C 107 23.95 13.13 -12.52
CA THR C 107 25.26 13.81 -12.47
C THR C 107 25.57 14.58 -13.74
N PRO C 108 26.62 15.41 -13.70
CA PRO C 108 26.99 16.17 -14.93
C PRO C 108 27.24 15.29 -16.12
N GLU C 109 27.81 14.10 -15.92
CA GLU C 109 28.09 13.27 -17.08
C GLU C 109 26.83 12.93 -17.84
N LEU C 110 25.69 12.96 -17.18
CA LEU C 110 24.41 12.60 -17.83
C LEU C 110 23.83 13.79 -18.55
N GLY C 111 24.43 14.95 -18.43
CA GLY C 111 23.75 16.19 -18.82
C GLY C 111 23.10 16.83 -17.63
N GLY C 112 23.31 16.28 -16.45
CA GLY C 112 22.66 16.85 -15.30
C GLY C 112 21.16 16.75 -15.30
N CYS C 113 20.59 15.76 -16.00
CA CYS C 113 19.15 15.63 -16.20
C CYS C 113 18.74 14.16 -16.25
N TRP C 114 17.46 13.90 -16.02
CA TRP C 114 16.95 12.54 -16.17
C TRP C 114 15.66 12.57 -16.98
N PRO C 115 15.52 11.71 -18.01
CA PRO C 115 16.54 10.74 -18.46
C PRO C 115 17.80 11.40 -19.01
N PRO C 116 18.95 10.69 -19.04
CA PRO C 116 20.18 11.30 -19.54
C PRO C 116 20.00 11.77 -20.95
N THR C 117 20.86 12.72 -21.32
CA THR C 117 20.95 13.14 -22.70
C THR C 117 21.28 11.93 -23.52
N GLY C 118 20.64 11.82 -24.70
CA GLY C 118 20.95 10.69 -25.56
C GLY C 118 20.15 9.43 -25.26
N ILE C 119 19.35 9.43 -24.18
CA ILE C 119 18.52 8.27 -23.89
C ILE C 119 17.11 8.61 -24.35
N HIS C 120 16.47 7.69 -25.07
CA HIS C 120 15.08 7.85 -25.51
C HIS C 120 14.29 6.66 -24.93
N PRO C 121 13.64 6.85 -23.79
CA PRO C 121 12.93 5.75 -23.11
C PRO C 121 11.84 5.19 -23.99
N LEU C 122 11.45 3.96 -23.69
CA LEU C 122 10.27 3.35 -24.27
C LEU C 122 9.05 4.15 -23.87
N ASN C 123 8.00 4.08 -24.67
CA ASN C 123 6.75 4.73 -24.29
C ASN C 123 6.00 3.86 -23.26
N PRO C 124 5.78 4.33 -22.03
CA PRO C 124 5.19 3.44 -21.01
C PRO C 124 3.73 3.11 -21.28
N LEU C 125 3.11 3.79 -22.24
CA LEU C 125 1.73 3.51 -22.63
C LEU C 125 1.65 2.48 -23.74
N GLU C 126 2.77 1.98 -24.21
CA GLU C 126 2.68 0.99 -25.25
C GLU C 126 2.94 -0.39 -24.64
N VAL C 127 4.01 -1.09 -25.01
CA VAL C 127 4.18 -2.47 -24.48
C VAL C 127 4.28 -2.49 -22.96
N PRO C 128 4.88 -1.51 -22.28
CA PRO C 128 4.94 -1.63 -20.82
C PRO C 128 3.54 -1.66 -20.19
N LEU C 129 2.61 -0.90 -20.75
CA LEU C 129 1.23 -0.90 -20.27
C LEU C 129 0.56 -2.22 -20.57
N LEU C 130 0.79 -2.74 -21.77
CA LEU C 130 0.29 -4.07 -22.12
C LEU C 130 0.81 -5.11 -21.12
N ASN C 131 2.08 -5.02 -20.75
CA ASN C 131 2.66 -5.98 -19.80
C ASN C 131 1.97 -5.91 -18.44
N THR C 132 1.67 -4.68 -18.03
CA THR C 132 0.97 -4.45 -16.77
C THR C 132 -0.40 -5.11 -16.79
N SER C 133 -1.13 -4.94 -17.88
CA SER C 133 -2.45 -5.56 -17.97
C SER C 133 -2.33 -7.09 -17.99
N VAL C 134 -1.26 -7.61 -18.60
CA VAL C 134 -1.05 -9.06 -18.67
C VAL C 134 -0.80 -9.64 -17.29
N LEU C 135 0.07 -8.99 -16.49
CA LEU C 135 0.36 -9.61 -15.18
C LEU C 135 -0.78 -9.37 -14.20
N LEU C 136 -1.41 -8.18 -14.25
CA LEU C 136 -2.61 -7.98 -13.44
C LEU C 136 -3.67 -9.02 -13.78
N ALA C 137 -3.89 -9.30 -15.07
CA ALA C 137 -4.89 -10.29 -15.45
C ALA C 137 -4.53 -11.67 -14.91
N SER C 138 -3.25 -12.00 -14.94
CA SER C 138 -2.81 -13.30 -14.44
C SER C 138 -3.01 -13.41 -12.94
N GLY C 139 -3.03 -12.28 -12.23
CA GLY C 139 -3.36 -12.28 -10.80
C GLY C 139 -4.83 -12.63 -10.57
N VAL C 140 -5.70 -12.19 -11.47
CA VAL C 140 -7.12 -12.52 -11.41
C VAL C 140 -7.32 -14.00 -11.76
N SER C 141 -6.70 -14.44 -12.85
CA SER C 141 -6.90 -15.83 -13.24
C SER C 141 -6.31 -16.81 -12.22
N ILE C 142 -5.21 -16.48 -11.53
CA ILE C 142 -4.71 -17.48 -10.59
C ILE C 142 -5.62 -17.54 -9.36
N THR C 143 -6.28 -16.42 -9.06
CA THR C 143 -7.26 -16.41 -7.98
C THR C 143 -8.47 -17.26 -8.33
N TRP C 144 -8.91 -17.17 -9.58
CA TRP C 144 -9.93 -18.10 -10.06
C TRP C 144 -9.45 -19.54 -9.91
N ALA C 145 -8.19 -19.82 -10.31
CA ALA C 145 -7.72 -21.22 -10.16
C ALA C 145 -7.77 -21.66 -8.71
N HIS C 146 -7.38 -20.79 -7.81
CA HIS C 146 -7.35 -21.18 -6.39
C HIS C 146 -8.74 -21.53 -5.87
N HIS C 147 -9.72 -20.66 -6.19
CA HIS C 147 -11.08 -20.95 -5.74
C HIS C 147 -11.61 -22.22 -6.37
N SER C 148 -11.35 -22.42 -7.65
CA SER C 148 -11.80 -23.66 -8.28
C SER C 148 -11.24 -24.88 -7.54
N LEU C 149 -9.95 -24.84 -7.21
CA LEU C 149 -9.33 -25.96 -6.47
C LEU C 149 -10.02 -26.17 -5.13
N MET C 150 -10.25 -25.09 -4.39
CA MET C 150 -10.88 -25.21 -3.09
C MET C 150 -12.29 -25.76 -3.22
N GLU C 151 -12.98 -25.41 -4.30
CA GLU C 151 -14.32 -25.89 -4.52
C GLU C 151 -14.34 -27.27 -5.16
N GLY C 152 -13.18 -27.87 -5.34
CA GLY C 152 -13.11 -29.22 -5.87
C GLY C 152 -13.33 -29.37 -7.36
N ASP C 153 -13.12 -28.30 -8.14
CA ASP C 153 -13.48 -28.25 -9.56
C ASP C 153 -12.19 -28.42 -10.37
N ARG C 154 -11.93 -29.66 -10.79
CA ARG C 154 -10.69 -29.99 -11.48
C ARG C 154 -10.56 -29.24 -12.81
N LYS C 155 -11.61 -29.31 -13.63
CA LYS C 155 -11.51 -28.75 -14.98
C LYS C 155 -11.26 -27.24 -14.94
N HIS C 156 -11.98 -26.53 -14.08
CA HIS C 156 -11.81 -25.08 -14.10
C HIS C 156 -10.52 -24.68 -13.40
N MET C 157 -10.05 -25.46 -12.43
CA MET C 157 -8.73 -25.18 -11.91
C MET C 157 -7.70 -25.24 -13.03
N LEU C 158 -7.74 -26.33 -13.81
CA LEU C 158 -6.77 -26.51 -14.89
C LEU C 158 -6.89 -25.39 -15.91
N GLN C 159 -8.12 -25.02 -16.26
CA GLN C 159 -8.27 -23.95 -17.24
C GLN C 159 -7.71 -22.62 -16.74
N ALA C 160 -8.08 -22.24 -15.52
CA ALA C 160 -7.59 -20.97 -14.97
C ALA C 160 -6.08 -20.97 -14.81
N LEU C 161 -5.53 -22.07 -14.33
CA LEU C 161 -4.06 -22.17 -14.20
C LEU C 161 -3.38 -22.12 -15.55
N PHE C 162 -3.94 -22.79 -16.55
CA PHE C 162 -3.38 -22.67 -17.90
C PHE C 162 -3.39 -21.23 -18.42
N ILE C 163 -4.49 -20.52 -18.20
CA ILE C 163 -4.57 -19.13 -18.59
C ILE C 163 -3.49 -18.30 -17.89
N THR C 164 -3.31 -18.54 -16.59
CA THR C 164 -2.31 -17.79 -15.81
C THR C 164 -0.92 -18.01 -16.42
N ILE C 165 -0.59 -19.28 -16.70
CA ILE C 165 0.71 -19.62 -17.27
C ILE C 165 0.86 -18.97 -18.65
N THR C 166 -0.21 -19.02 -19.46
CA THR C 166 -0.14 -18.42 -20.78
C THR C 166 0.14 -16.93 -20.69
N LEU C 167 -0.47 -16.24 -19.73
CA LEU C 167 -0.18 -14.81 -19.57
C LEU C 167 1.26 -14.58 -19.13
N GLY C 168 1.75 -15.41 -18.21
CA GLY C 168 3.15 -15.34 -17.81
C GLY C 168 4.07 -15.47 -19.02
N VAL C 169 3.79 -16.45 -19.87
CA VAL C 169 4.59 -16.63 -21.06
C VAL C 169 4.47 -15.44 -22.00
N TYR C 170 3.26 -14.88 -22.16
CA TYR C 170 3.05 -13.69 -22.97
C TYR C 170 3.89 -12.52 -22.45
N PHE C 171 3.87 -12.27 -21.14
CA PHE C 171 4.72 -11.23 -20.57
C PHE C 171 6.19 -11.45 -20.96
N THR C 172 6.65 -12.70 -20.84
CA THR C 172 8.05 -13.03 -21.09
C THR C 172 8.40 -12.81 -22.55
N LEU C 173 7.55 -13.24 -23.46
CA LEU C 173 7.85 -12.95 -24.87
C LEU C 173 7.76 -11.45 -25.18
N LEU C 174 6.78 -10.74 -24.63
CA LEU C 174 6.71 -9.29 -24.86
C LEU C 174 7.98 -8.62 -24.35
N GLN C 175 8.46 -9.03 -23.19
CA GLN C 175 9.64 -8.39 -22.62
C GLN C 175 10.89 -8.74 -23.44
N ALA C 176 10.97 -9.98 -23.93
CA ALA C 176 12.11 -10.33 -24.79
C ALA C 176 12.12 -9.46 -26.05
N SER C 177 10.95 -9.26 -26.63
CA SER C 177 10.86 -8.40 -27.82
C SER C 177 11.23 -6.96 -27.48
N GLU C 178 10.67 -6.43 -26.41
CA GLU C 178 11.05 -5.09 -25.96
C GLU C 178 12.56 -4.96 -25.73
N TYR C 179 13.19 -5.99 -25.14
CA TYR C 179 14.65 -5.93 -24.95
C TYR C 179 15.32 -5.78 -26.31
N TYR C 180 14.94 -6.62 -27.26
CA TYR C 180 15.56 -6.54 -28.59
C TYR C 180 15.31 -5.19 -29.25
N GLU C 181 14.11 -4.66 -29.11
CA GLU C 181 13.77 -3.43 -29.79
C GLU C 181 14.31 -2.19 -29.09
N ALA C 182 14.69 -2.29 -27.83
CA ALA C 182 15.07 -1.10 -27.08
C ALA C 182 16.26 -0.42 -27.77
N PRO C 183 16.23 0.89 -27.93
CA PRO C 183 17.36 1.58 -28.58
C PRO C 183 18.52 1.88 -27.64
N PHE C 184 18.36 1.61 -26.34
CA PHE C 184 19.40 1.73 -25.35
C PHE C 184 19.71 0.33 -24.85
N THR C 185 20.91 0.18 -24.24
CA THR C 185 21.44 -1.11 -23.85
C THR C 185 21.90 -1.04 -22.40
N ILE C 186 22.31 -2.19 -21.89
CA ILE C 186 22.83 -2.22 -20.51
C ILE C 186 24.11 -1.42 -20.39
N SER C 187 24.81 -1.15 -21.51
CA SER C 187 26.03 -0.36 -21.40
C SER C 187 25.75 1.12 -21.60
N ASP C 188 24.48 1.52 -21.71
CA ASP C 188 24.16 2.93 -21.81
C ASP C 188 24.04 3.63 -20.45
N GLY C 189 25.18 3.71 -19.79
CA GLY C 189 25.28 4.44 -18.53
C GLY C 189 24.34 3.84 -17.47
N VAL C 190 24.07 4.67 -16.46
CA VAL C 190 23.27 4.21 -15.32
C VAL C 190 21.81 4.04 -15.72
N TYR C 191 21.38 4.68 -16.80
CA TYR C 191 20.01 4.45 -17.25
C TYR C 191 19.86 3.03 -17.76
N GLY C 192 20.76 2.61 -18.66
CA GLY C 192 20.68 1.23 -19.11
C GLY C 192 20.99 0.24 -18.01
N SER C 193 21.89 0.59 -17.09
CA SER C 193 22.27 -0.34 -16.00
C SER C 193 21.06 -0.64 -15.12
N THR C 194 20.45 0.40 -14.60
CA THR C 194 19.29 0.18 -13.72
C THR C 194 18.14 -0.45 -14.47
N PHE C 195 17.86 0.03 -15.68
CA PHE C 195 16.73 -0.53 -16.42
C PHE C 195 16.92 -2.03 -16.63
N PHE C 196 18.04 -2.44 -17.24
CA PHE C 196 18.12 -3.85 -17.57
C PHE C 196 18.38 -4.73 -16.36
N VAL C 197 19.15 -4.30 -15.37
CA VAL C 197 19.41 -5.23 -14.26
C VAL C 197 18.14 -5.41 -13.44
N ALA C 198 17.41 -4.32 -13.17
CA ALA C 198 16.15 -4.43 -12.39
C ALA C 198 15.05 -5.18 -13.14
N THR C 199 14.77 -4.82 -14.40
CA THR C 199 13.75 -5.58 -15.16
C THR C 199 14.27 -6.95 -15.51
N GLY C 200 15.59 -7.11 -15.63
CA GLY C 200 16.12 -8.41 -15.96
C GLY C 200 16.00 -9.41 -14.81
N PHE C 201 16.31 -8.94 -13.59
CA PHE C 201 16.03 -9.84 -12.45
C PHE C 201 14.53 -10.11 -12.31
N HIS C 202 13.71 -9.09 -12.54
CA HIS C 202 12.26 -9.33 -12.50
C HIS C 202 11.87 -10.37 -13.54
N GLY C 203 12.41 -10.22 -14.75
CA GLY C 203 12.11 -11.18 -15.82
C GLY C 203 12.49 -12.60 -15.45
N LEU C 204 13.64 -12.78 -14.81
CA LEU C 204 14.05 -14.08 -14.34
C LEU C 204 13.04 -14.62 -13.31
N HIS C 205 12.59 -13.76 -12.40
CA HIS C 205 11.60 -14.24 -11.43
C HIS C 205 10.28 -14.60 -12.09
N VAL C 206 9.89 -13.90 -13.16
CA VAL C 206 8.68 -14.27 -13.92
C VAL C 206 8.86 -15.66 -14.52
N ILE C 207 10.05 -15.93 -15.06
CA ILE C 207 10.35 -17.27 -15.56
C ILE C 207 10.33 -18.31 -14.45
N ILE C 208 10.98 -18.03 -13.32
CA ILE C 208 10.91 -18.92 -12.17
C ILE C 208 9.44 -19.16 -11.75
N GLY C 209 8.68 -18.08 -11.61
CA GLY C 209 7.31 -18.24 -11.14
C GLY C 209 6.43 -18.97 -12.15
N SER C 210 6.70 -18.77 -13.44
CA SER C 210 5.94 -19.51 -14.45
C SER C 210 6.31 -20.98 -14.38
N THR C 211 7.60 -21.29 -14.22
CA THR C 211 8.01 -22.70 -14.05
C THR C 211 7.29 -23.35 -12.87
N PHE C 212 7.25 -22.65 -11.74
CA PHE C 212 6.55 -23.15 -10.55
C PHE C 212 5.06 -23.40 -10.86
N LEU C 213 4.41 -22.48 -11.56
CA LEU C 213 2.99 -22.70 -11.92
C LEU C 213 2.85 -23.91 -12.84
N ILE C 214 3.82 -24.08 -13.75
CA ILE C 214 3.79 -25.25 -14.63
C ILE C 214 3.99 -26.54 -13.84
N VAL C 215 4.91 -26.54 -12.87
CA VAL C 215 5.00 -27.73 -11.98
C VAL C 215 3.62 -28.00 -11.37
N CYS C 216 3.00 -26.95 -10.83
CA CYS C 216 1.67 -27.12 -10.24
C CYS C 216 0.65 -27.63 -11.26
N PHE C 217 0.75 -27.19 -12.50
CA PHE C 217 -0.21 -27.66 -13.50
C PHE C 217 -0.08 -29.17 -13.72
N PHE C 218 1.13 -29.65 -13.86
CA PHE C 218 1.24 -31.09 -14.04
C PHE C 218 0.92 -31.86 -12.77
N ARG C 219 1.26 -31.33 -11.60
CA ARG C 219 0.84 -32.03 -10.38
C ARG C 219 -0.67 -32.11 -10.31
N GLN C 220 -1.37 -31.05 -10.70
CA GLN C 220 -2.83 -31.07 -10.72
C GLN C 220 -3.35 -32.08 -11.73
N LEU C 221 -2.76 -32.10 -12.92
CA LEU C 221 -3.16 -33.13 -13.88
C LEU C 221 -3.06 -34.54 -13.27
N LYS C 222 -2.08 -34.75 -12.41
CA LYS C 222 -1.85 -36.06 -11.81
C LYS C 222 -2.62 -36.26 -10.49
N PHE C 223 -3.54 -35.35 -10.16
CA PHE C 223 -4.41 -35.39 -9.00
C PHE C 223 -3.69 -35.26 -7.68
N HIS C 224 -2.53 -34.61 -7.64
CA HIS C 224 -1.80 -34.60 -6.36
C HIS C 224 -2.52 -33.73 -5.32
N PHE C 225 -3.20 -32.67 -5.76
CA PHE C 225 -3.74 -31.70 -4.82
C PHE C 225 -5.10 -32.16 -4.36
N THR C 226 -5.39 -31.95 -3.09
CA THR C 226 -6.76 -32.07 -2.62
C THR C 226 -7.34 -30.70 -2.47
N SER C 227 -8.67 -30.67 -2.24
CA SER C 227 -9.35 -29.37 -2.20
C SER C 227 -8.90 -28.57 -1.00
N ASN C 228 -8.36 -29.23 0.02
CA ASN C 228 -7.88 -28.60 1.25
C ASN C 228 -6.38 -28.58 1.39
N HIS C 229 -5.64 -29.43 0.68
CA HIS C 229 -4.19 -29.55 0.93
C HIS C 229 -3.43 -29.37 -0.37
N HIS C 230 -2.83 -28.18 -0.56
CA HIS C 230 -2.23 -27.94 -1.86
C HIS C 230 -1.21 -26.82 -1.68
N PHE C 231 -0.25 -27.02 -0.76
CA PHE C 231 0.62 -25.89 -0.43
C PHE C 231 1.51 -25.49 -1.60
N GLY C 232 1.93 -26.45 -2.46
CA GLY C 232 2.74 -26.02 -3.61
C GLY C 232 1.99 -25.03 -4.46
N PHE C 233 0.70 -25.26 -4.66
CA PHE C 233 -0.08 -24.25 -5.40
C PHE C 233 -0.15 -22.94 -4.62
N GLU C 234 -0.44 -22.99 -3.31
CA GLU C 234 -0.51 -21.74 -2.53
C GLU C 234 0.80 -20.95 -2.64
N ALA C 235 1.92 -21.62 -2.45
CA ALA C 235 3.23 -20.95 -2.51
C ALA C 235 3.49 -20.39 -3.91
N ALA C 236 3.17 -21.17 -4.93
CA ALA C 236 3.34 -20.61 -6.29
C ALA C 236 2.44 -19.42 -6.53
N ALA C 237 1.23 -19.39 -5.96
CA ALA C 237 0.36 -18.22 -6.13
C ALA C 237 0.92 -17.02 -5.37
N TRP C 238 1.39 -17.23 -4.12
CA TRP C 238 2.06 -16.12 -3.39
C TRP C 238 3.23 -15.58 -4.18
N TYR C 239 4.09 -16.47 -4.66
CA TYR C 239 5.25 -16.03 -5.43
C TYR C 239 4.82 -15.27 -6.65
N TRP C 240 3.74 -15.73 -7.28
CA TRP C 240 3.26 -15.06 -8.49
C TRP C 240 2.71 -13.67 -8.16
N HIS C 241 2.00 -13.53 -7.03
CA HIS C 241 1.56 -12.16 -6.67
C HIS C 241 2.76 -11.25 -6.35
N PHE C 242 3.82 -11.83 -5.75
CA PHE C 242 5.04 -11.05 -5.51
C PHE C 242 5.62 -10.55 -6.84
N VAL C 243 5.71 -11.44 -7.80
CA VAL C 243 6.24 -11.04 -9.10
C VAL C 243 5.34 -9.93 -9.72
N ASP C 244 4.02 -10.04 -9.55
CA ASP C 244 3.10 -9.02 -10.09
C ASP C 244 3.33 -7.67 -9.38
N VAL C 245 3.46 -7.70 -8.04
CA VAL C 245 3.66 -6.45 -7.32
C VAL C 245 5.02 -5.80 -7.64
N VAL C 246 6.11 -6.60 -7.74
CA VAL C 246 7.40 -6.03 -8.17
C VAL C 246 7.25 -5.36 -9.53
N TRP C 247 6.55 -6.01 -10.47
CA TRP C 247 6.30 -5.32 -11.77
C TRP C 247 5.62 -3.98 -11.61
N LEU C 248 4.54 -3.90 -10.82
CA LEU C 248 3.87 -2.61 -10.68
C LEU C 248 4.82 -1.56 -10.14
N PHE C 249 5.67 -1.92 -9.17
CA PHE C 249 6.68 -0.95 -8.71
C PHE C 249 7.67 -0.55 -9.82
N LEU C 250 8.10 -1.55 -10.62
CA LEU C 250 8.99 -1.23 -11.74
C LEU C 250 8.31 -0.30 -12.72
N TYR C 251 7.08 -0.64 -13.11
CA TYR C 251 6.35 0.18 -14.09
C TYR C 251 6.22 1.61 -13.60
N VAL C 252 5.75 1.77 -12.37
CA VAL C 252 5.58 3.14 -11.88
C VAL C 252 6.93 3.86 -11.75
N SER C 253 7.95 3.18 -11.22
CA SER C 253 9.23 3.85 -10.94
C SER C 253 10.07 4.06 -12.18
N ILE C 254 10.41 2.97 -12.87
CA ILE C 254 11.39 3.05 -13.95
C ILE C 254 10.75 3.49 -15.26
N TYR C 255 9.63 2.85 -15.62
CA TYR C 255 9.02 3.09 -16.94
C TYR C 255 8.28 4.41 -17.02
N TRP C 256 7.61 4.77 -15.94
CA TRP C 256 6.65 5.87 -15.99
C TRP C 256 7.32 7.09 -15.38
N TRP C 257 7.48 7.08 -14.06
CA TRP C 257 8.12 8.20 -13.36
C TRP C 257 9.52 8.50 -13.91
N GLY C 258 10.29 7.46 -14.23
CA GLY C 258 11.65 7.58 -14.77
C GLY C 258 11.74 7.86 -16.27
N SER C 259 10.63 8.17 -16.91
CA SER C 259 10.62 8.40 -18.37
C SER C 259 10.71 9.88 -18.70
N SER D 1 27.65 -45.13 46.08
CA SER D 1 28.86 -44.44 45.68
C SER D 1 29.03 -44.29 44.16
N VAL D 2 28.62 -45.27 43.34
CA VAL D 2 29.01 -45.33 41.93
C VAL D 2 27.91 -44.75 41.02
N VAL D 3 28.11 -43.54 40.51
CA VAL D 3 27.16 -42.93 39.56
C VAL D 3 27.41 -43.40 38.15
N LYS D 4 26.35 -43.77 37.44
CA LYS D 4 26.47 -44.34 36.12
C LYS D 4 25.93 -43.37 35.08
N SER D 5 26.52 -43.39 33.88
CA SER D 5 25.99 -42.65 32.75
C SER D 5 24.52 -42.99 32.47
N GLU D 6 24.17 -44.31 32.46
CA GLU D 6 22.78 -44.60 32.10
C GLU D 6 21.75 -44.12 33.17
N ASP D 7 22.18 -43.33 34.15
CA ASP D 7 21.28 -42.81 35.18
C ASP D 7 20.90 -41.34 34.99
N TYR D 8 21.11 -40.76 33.80
CA TYR D 8 21.03 -39.31 33.76
C TYR D 8 19.61 -38.81 33.91
N ALA D 9 18.58 -39.65 33.67
CA ALA D 9 17.20 -39.19 33.78
C ALA D 9 16.66 -39.31 35.20
N LEU D 10 17.43 -39.84 36.09
CA LEU D 10 17.02 -40.06 37.46
C LEU D 10 17.47 -38.93 38.38
N PRO D 11 16.69 -38.66 39.42
CA PRO D 11 17.14 -37.74 40.47
C PRO D 11 18.56 -38.09 40.95
N SER D 12 19.37 -37.07 41.19
CA SER D 12 20.81 -37.24 41.41
C SER D 12 21.22 -36.43 42.64
N TYR D 13 22.40 -36.78 43.17
CA TYR D 13 22.99 -36.15 44.35
C TYR D 13 23.85 -34.98 43.91
N VAL D 14 23.80 -33.87 44.64
CA VAL D 14 24.77 -32.81 44.44
CA VAL D 14 24.76 -32.80 44.43
C VAL D 14 25.10 -32.20 45.78
N ASP D 15 26.37 -31.74 45.90
CA ASP D 15 26.84 -30.91 47.04
C ASP D 15 26.91 -29.48 46.56
N ARG D 16 25.95 -28.68 46.98
CA ARG D 16 25.90 -27.25 46.62
C ARG D 16 25.46 -26.49 47.85
N ARG D 17 26.17 -25.40 48.21
CA ARG D 17 25.79 -24.78 49.50
C ARG D 17 24.45 -24.07 49.40
N ASP D 18 23.97 -23.84 48.20
CA ASP D 18 22.65 -23.25 48.01
C ASP D 18 21.57 -24.26 47.68
N TYR D 19 21.84 -25.56 47.86
CA TYR D 19 20.84 -26.61 47.68
C TYR D 19 21.15 -27.63 48.76
N PRO D 20 21.06 -27.22 50.02
CA PRO D 20 21.64 -28.04 51.09
C PRO D 20 21.05 -29.44 51.21
N LEU D 21 19.81 -29.68 50.79
CA LEU D 21 19.16 -31.00 50.97
C LEU D 21 18.88 -31.58 49.60
N PRO D 22 19.82 -32.34 49.05
CA PRO D 22 19.69 -32.85 47.67
C PRO D 22 18.54 -33.84 47.53
N ASP D 23 18.29 -34.19 46.26
CA ASP D 23 17.07 -34.97 45.94
C ASP D 23 17.17 -36.41 46.36
N VAL D 24 18.39 -36.94 46.55
CA VAL D 24 18.52 -38.34 46.99
C VAL D 24 19.57 -38.38 48.09
N ALA D 25 19.59 -39.50 48.83
CA ALA D 25 20.72 -39.69 49.76
C ALA D 25 21.98 -40.03 49.00
N HIS D 26 23.14 -39.68 49.60
CA HIS D 26 24.44 -40.05 49.04
C HIS D 26 24.60 -41.57 48.91
N VAL D 27 24.17 -42.32 49.91
CA VAL D 27 24.30 -43.78 49.95
C VAL D 27 22.93 -44.36 50.07
N LYS D 28 22.52 -45.14 49.07
CA LYS D 28 21.20 -45.74 49.09
C LYS D 28 21.19 -47.20 49.57
N ASN D 29 22.25 -47.92 49.28
CA ASN D 29 22.30 -49.33 49.73
C ASN D 29 22.91 -49.39 51.12
N LEU D 30 22.33 -50.19 52.01
CA LEU D 30 22.78 -50.23 53.40
C LEU D 30 23.22 -51.63 53.80
N SER D 31 24.34 -51.69 54.49
CA SER D 31 24.79 -52.99 55.08
C SER D 31 23.93 -53.39 56.24
N ALA D 32 24.14 -54.65 56.76
CA ALA D 32 23.45 -54.97 57.99
C ALA D 32 23.66 -53.92 59.10
N SER D 33 24.89 -53.47 59.34
CA SER D 33 25.10 -52.55 60.49
C SER D 33 24.47 -51.19 60.20
N GLN D 34 24.52 -50.81 58.94
CA GLN D 34 23.93 -49.51 58.54
C GLN D 34 22.41 -49.55 58.64
N LYS D 35 21.78 -50.69 58.24
CA LYS D 35 20.36 -50.89 58.57
C LYS D 35 20.09 -50.71 60.05
N ALA D 36 20.89 -51.40 60.92
CA ALA D 36 20.65 -51.30 62.34
C ALA D 36 20.75 -49.84 62.81
N LEU D 37 21.69 -49.12 62.24
CA LEU D 37 21.88 -47.70 62.59
C LEU D 37 20.68 -46.84 62.19
N LYS D 38 20.15 -47.06 61.00
CA LYS D 38 18.92 -46.35 60.64
C LYS D 38 17.76 -46.72 61.54
N GLU D 39 17.70 -47.97 62.08
CA GLU D 39 16.65 -48.27 63.05
C GLU D 39 16.86 -47.52 64.34
N LYS D 40 18.10 -47.47 64.81
CA LYS D 40 18.43 -46.77 66.04
C LYS D 40 18.15 -45.30 65.89
N GLU D 41 18.33 -44.78 64.68
CA GLU D 41 18.00 -43.38 64.41
C GLU D 41 16.53 -43.06 64.70
N LYS D 42 15.64 -44.08 64.76
CA LYS D 42 14.24 -43.82 65.07
C LYS D 42 14.03 -43.59 66.55
N ALA D 43 15.01 -43.92 67.39
CA ALA D 43 14.95 -43.70 68.82
C ALA D 43 15.64 -42.39 69.14
N SER D 44 15.69 -42.01 70.42
CA SER D 44 16.30 -40.71 70.75
C SER D 44 17.72 -40.53 70.19
N TRP D 45 17.99 -39.38 69.53
CA TRP D 45 19.33 -39.20 69.02
C TRP D 45 20.34 -39.06 70.14
N SER D 46 19.88 -38.73 71.35
CA SER D 46 20.84 -38.63 72.44
C SER D 46 21.50 -39.98 72.72
N SER D 47 20.89 -41.08 72.31
CA SER D 47 21.51 -42.39 72.51
C SER D 47 22.49 -42.78 71.41
N LEU D 48 22.55 -42.02 70.31
CA LEU D 48 23.54 -42.27 69.28
C LEU D 48 24.92 -41.78 69.75
N SER D 49 25.97 -42.54 69.44
CA SER D 49 27.32 -42.08 69.72
C SER D 49 27.75 -41.05 68.68
N ILE D 50 28.86 -40.35 68.96
CA ILE D 50 29.35 -39.38 67.97
C ILE D 50 29.68 -40.08 66.67
N ASP D 51 30.31 -41.27 66.76
CA ASP D 51 30.66 -42.00 65.54
C ASP D 51 29.41 -42.41 64.78
N GLU D 52 28.35 -42.82 65.49
CA GLU D 52 27.12 -43.15 64.78
C GLU D 52 26.48 -41.93 64.12
N LYS D 53 26.53 -40.77 64.79
CA LYS D 53 26.00 -39.53 64.18
C LYS D 53 26.77 -39.18 62.91
N VAL D 54 28.10 -39.25 62.96
CA VAL D 54 28.90 -39.02 61.76
C VAL D 54 28.53 -40.01 60.67
N GLU D 55 28.38 -41.30 61.02
CA GLU D 55 28.05 -42.27 59.98
C GLU D 55 26.70 -41.94 59.34
N LEU D 56 25.69 -41.58 60.15
CA LEU D 56 24.41 -41.16 59.57
C LEU D 56 24.60 -39.97 58.63
N TYR D 57 25.43 -39.02 59.04
CA TYR D 57 25.66 -37.85 58.16
C TYR D 57 26.29 -38.29 56.84
N ARG D 58 27.23 -39.23 56.90
CA ARG D 58 27.94 -39.62 55.68
C ARG D 58 27.13 -40.57 54.80
N LEU D 59 26.12 -41.25 55.35
CA LEU D 59 25.14 -41.94 54.51
C LEU D 59 24.28 -40.95 53.74
N LYS D 60 23.87 -39.87 54.40
CA LYS D 60 22.98 -38.90 53.76
C LYS D 60 23.74 -38.01 52.77
N PHE D 61 24.94 -37.57 53.15
CA PHE D 61 25.68 -36.56 52.37
C PHE D 61 27.07 -37.05 52.02
N LYS D 62 27.59 -36.55 50.91
CA LYS D 62 28.96 -36.91 50.52
C LYS D 62 30.00 -36.01 51.22
N GLU D 63 30.06 -34.73 50.88
CA GLU D 63 30.94 -33.80 51.57
C GLU D 63 30.15 -32.88 52.50
N SER D 64 30.79 -32.49 53.59
CA SER D 64 30.24 -31.46 54.47
C SER D 64 30.34 -30.08 53.81
N PHE D 65 29.66 -29.08 54.40
CA PHE D 65 29.85 -27.70 53.88
C PHE D 65 31.31 -27.28 53.92
N ALA D 66 31.99 -27.51 55.03
CA ALA D 66 33.40 -27.10 55.08
C ALA D 66 34.22 -27.75 53.96
N GLU D 67 34.00 -29.05 53.69
CA GLU D 67 34.71 -29.72 52.60
C GLU D 67 34.34 -29.13 51.23
N MET D 68 33.04 -28.99 50.93
CA MET D 68 32.69 -28.57 49.60
C MET D 68 33.14 -27.14 49.33
N ASN D 69 33.28 -26.32 50.39
CA ASN D 69 33.60 -24.91 50.26
C ASN D 69 35.10 -24.64 50.36
N ARG D 70 35.94 -25.66 50.46
CA ARG D 70 37.35 -25.39 50.76
C ARG D 70 38.04 -24.63 49.64
N SER D 71 39.02 -23.83 50.02
CA SER D 71 39.85 -23.13 49.04
C SER D 71 40.95 -24.06 48.52
N THR D 72 41.55 -23.72 47.38
CA THR D 72 42.57 -24.63 46.85
C THR D 72 43.77 -23.82 46.43
N ASN D 73 44.88 -24.53 46.14
CA ASN D 73 46.12 -23.93 45.62
C ASN D 73 46.08 -23.78 44.10
N GLU D 74 44.93 -24.02 43.47
CA GLU D 74 44.89 -24.01 41.99
C GLU D 74 45.43 -22.69 41.40
N TRP D 75 45.15 -21.55 42.05
CA TRP D 75 45.57 -20.28 41.47
C TRP D 75 47.05 -20.24 41.21
N LYS D 76 47.84 -20.92 42.05
CA LYS D 76 49.28 -20.91 41.86
C LYS D 76 49.63 -21.53 40.54
N THR D 77 49.03 -22.67 40.26
CA THR D 77 49.24 -23.38 39.02
C THR D 77 48.78 -22.50 37.86
N VAL D 78 47.57 -21.89 37.99
CA VAL D 78 47.03 -21.14 36.84
C VAL D 78 47.95 -19.95 36.54
N VAL D 79 48.28 -19.19 37.58
CA VAL D 79 49.04 -17.96 37.35
C VAL D 79 50.45 -18.30 36.90
N GLY D 80 51.08 -19.32 37.52
CA GLY D 80 52.43 -19.69 37.12
C GLY D 80 52.48 -20.23 35.71
N ALA D 81 51.50 -21.09 35.34
CA ALA D 81 51.52 -21.62 33.98
C ALA D 81 51.28 -20.51 32.96
N ALA D 82 50.35 -19.61 33.23
CA ALA D 82 50.09 -18.50 32.30
C ALA D 82 51.36 -17.71 32.10
N MET D 83 52.08 -17.43 33.21
CA MET D 83 53.33 -16.68 33.08
C MET D 83 54.37 -17.48 32.31
N PHE D 84 54.39 -18.81 32.52
CA PHE D 84 55.27 -19.63 31.71
C PHE D 84 54.96 -19.42 30.22
N PHE D 85 53.70 -19.50 29.83
CA PHE D 85 53.40 -19.46 28.40
C PHE D 85 53.58 -18.06 27.84
N ILE D 86 53.33 -17.04 28.66
CA ILE D 86 53.67 -15.69 28.26
C ILE D 86 55.19 -15.57 28.07
N GLY D 87 55.98 -16.15 28.98
CA GLY D 87 57.42 -16.14 28.76
C GLY D 87 57.79 -16.88 27.49
N PHE D 88 57.16 -18.03 27.24
CA PHE D 88 57.42 -18.73 25.99
C PHE D 88 57.18 -17.85 24.77
N THR D 89 56.14 -17.02 24.84
CA THR D 89 55.80 -16.14 23.73
C THR D 89 57.01 -15.26 23.39
N ALA D 90 57.67 -14.76 24.44
CA ALA D 90 58.87 -13.91 24.24
C ALA D 90 59.98 -14.64 23.50
N LEU D 91 60.07 -15.95 23.67
CA LEU D 91 60.99 -16.73 22.83
C LEU D 91 60.61 -16.63 21.37
N LEU D 92 59.31 -16.72 21.04
CA LEU D 92 58.90 -16.56 19.64
C LEU D 92 59.29 -15.17 19.12
N LEU D 93 59.18 -14.15 19.97
CA LEU D 93 59.49 -12.81 19.52
C LEU D 93 61.00 -12.64 19.33
N ILE D 94 61.80 -13.29 20.19
CA ILE D 94 63.25 -13.25 20.00
C ILE D 94 63.60 -13.92 18.68
N TRP D 95 63.01 -15.07 18.43
CA TRP D 95 63.23 -15.76 17.16
C TRP D 95 62.87 -14.87 16.00
N GLU D 96 61.70 -14.23 16.05
CA GLU D 96 61.26 -13.40 14.95
C GLU D 96 62.26 -12.27 14.70
N LYS D 97 62.67 -11.57 15.77
CA LYS D 97 63.63 -10.49 15.61
C LYS D 97 64.91 -11.01 15.00
N HIS D 98 65.32 -12.22 15.37
CA HIS D 98 66.63 -12.70 14.90
C HIS D 98 66.60 -13.18 13.45
N TYR D 99 65.55 -13.88 13.08
CA TYR D 99 65.52 -14.55 11.78
C TYR D 99 64.62 -13.91 10.76
N VAL D 100 63.65 -13.08 11.15
CA VAL D 100 62.66 -12.53 10.22
C VAL D 100 62.90 -11.03 9.94
N TYR D 101 63.05 -10.22 11.00
CA TYR D 101 63.14 -8.78 10.79
C TYR D 101 64.55 -8.40 10.35
N GLY D 102 64.64 -7.54 9.37
CA GLY D 102 65.92 -6.94 8.97
C GLY D 102 66.16 -5.63 9.69
N PRO D 103 67.15 -4.84 9.21
CA PRO D 103 67.47 -3.55 9.84
C PRO D 103 66.26 -2.64 9.79
N ILE D 104 66.14 -1.80 10.79
CA ILE D 104 65.07 -0.84 10.69
C ILE D 104 65.62 0.36 9.94
N PRO D 105 64.77 1.31 9.57
CA PRO D 105 65.21 2.41 8.67
C PRO D 105 66.27 3.26 9.30
N HIS D 106 67.06 3.90 8.43
CA HIS D 106 68.17 4.70 8.96
C HIS D 106 67.71 5.90 9.77
N THR D 107 66.43 6.30 9.70
CA THR D 107 65.92 7.42 10.48
C THR D 107 65.88 7.19 12.00
N PHE D 108 66.12 5.97 12.50
CA PHE D 108 66.22 5.75 13.92
C PHE D 108 67.65 5.80 14.45
N GLU D 109 68.63 6.05 13.57
CA GLU D 109 70.02 6.25 14.02
C GLU D 109 70.07 7.43 15.00
N GLU D 110 70.91 7.32 16.03
CA GLU D 110 70.91 8.33 17.08
C GLU D 110 71.09 9.75 16.53
N GLU D 111 72.07 9.93 15.60
CA GLU D 111 72.29 11.26 15.05
C GLU D 111 71.08 11.78 14.28
N TRP D 112 70.44 10.92 13.50
CA TRP D 112 69.22 11.34 12.81
C TRP D 112 68.16 11.81 13.79
N VAL D 113 67.91 11.00 14.84
CA VAL D 113 66.91 11.38 15.83
C VAL D 113 67.23 12.72 16.46
N ALA D 114 68.52 12.95 16.79
CA ALA D 114 68.89 14.21 17.42
C ALA D 114 68.64 15.37 16.47
N LYS D 115 68.91 15.17 15.20
CA LYS D 115 68.65 16.25 14.25
C LYS D 115 67.16 16.41 14.01
N GLN D 116 66.44 15.29 13.92
CA GLN D 116 65.01 15.34 13.70
C GLN D 116 64.31 16.01 14.88
N THR D 117 64.81 15.74 16.10
CA THR D 117 64.27 16.40 17.29
C THR D 117 64.43 17.90 17.20
N LYS D 118 65.65 18.38 16.88
CA LYS D 118 65.80 19.83 16.80
C LYS D 118 64.88 20.41 15.74
N ARG D 119 64.77 19.73 14.60
CA ARG D 119 63.91 20.30 13.57
C ARG D 119 62.45 20.31 14.01
N MET D 120 61.99 19.28 14.73
CA MET D 120 60.63 19.35 15.26
C MET D 120 60.47 20.52 16.21
N LEU D 121 61.49 20.75 17.07
CA LEU D 121 61.45 21.93 17.93
C LEU D 121 61.48 23.21 17.10
N ASP D 122 62.26 23.23 16.01
CA ASP D 122 62.30 24.43 15.15
C ASP D 122 60.95 24.70 14.49
N MET D 123 60.17 23.65 14.17
CA MET D 123 58.85 23.92 13.63
C MET D 123 57.80 23.97 14.73
N LYS D 124 58.23 23.90 15.99
CA LYS D 124 57.33 24.01 17.13
C LYS D 124 56.24 22.95 17.03
N VAL D 125 56.64 21.70 16.74
CA VAL D 125 55.65 20.58 16.84
C VAL D 125 55.03 20.58 18.21
N ALA D 126 53.65 20.45 18.25
CA ALA D 126 52.85 20.40 19.50
C ALA D 126 53.38 21.39 20.55
N PRO D 127 53.24 22.70 20.28
CA PRO D 127 53.84 23.72 21.16
C PRO D 127 52.98 24.11 22.35
N ILE D 128 51.74 23.63 22.41
CA ILE D 128 50.88 24.00 23.53
C ILE D 128 51.03 22.99 24.66
N GLN D 129 51.08 21.70 24.35
CA GLN D 129 51.22 20.69 25.39
C GLN D 129 52.15 19.56 25.00
N GLY D 130 52.09 19.11 23.75
CA GLY D 130 52.61 17.78 23.50
C GLY D 130 54.09 17.50 23.37
N PHE D 131 54.82 18.44 22.75
CA PHE D 131 56.20 18.18 22.40
C PHE D 131 57.04 19.44 22.64
N SER D 132 56.89 20.44 21.79
CA SER D 132 57.71 21.65 21.98
C SER D 132 57.37 22.39 23.26
N ALA D 133 56.14 22.27 23.75
CA ALA D 133 55.81 22.82 25.06
C ALA D 133 56.77 22.33 26.13
N LYS D 134 57.41 21.19 25.92
CA LYS D 134 58.23 20.62 26.99
C LYS D 134 59.69 21.05 26.85
N TRP D 135 59.99 21.84 25.84
CA TRP D 135 61.33 22.38 25.58
C TRP D 135 61.39 23.83 26.04
N ASP D 136 62.49 24.22 26.69
CA ASP D 136 62.67 25.58 27.23
C ASP D 136 63.45 26.36 26.17
N TYR D 137 62.76 27.17 25.39
CA TYR D 137 63.42 27.80 24.26
C TYR D 137 64.41 28.83 24.75
N ASP D 138 64.19 29.38 25.93
CA ASP D 138 65.11 30.40 26.45
C ASP D 138 66.38 29.77 27.01
N LYS D 139 66.23 28.75 27.86
CA LYS D 139 67.40 28.09 28.42
C LYS D 139 68.01 27.05 27.48
N ASN D 140 67.36 26.75 26.35
CA ASN D 140 67.88 25.76 25.38
C ASN D 140 68.07 24.38 26.03
N GLU D 141 67.10 23.96 26.86
CA GLU D 141 67.15 22.61 27.41
C GLU D 141 65.72 22.12 27.60
N TRP D 142 65.60 20.82 27.82
CA TRP D 142 64.28 20.28 28.20
C TRP D 142 63.84 20.89 29.52
N LYS D 143 62.59 21.31 29.62
CA LYS D 143 62.07 21.82 30.88
C LYS D 143 62.19 20.76 31.96
N LYS D 144 62.55 21.18 33.17
CA LYS D 144 62.67 20.19 34.23
C LYS D 144 61.31 20.08 34.90
N HIS E 1 5.51 -6.32 50.86
CA HIS E 1 4.58 -7.41 51.14
C HIS E 1 4.34 -7.56 52.64
N GLU E 2 4.70 -8.71 53.18
CA GLU E 2 4.47 -9.05 54.57
C GLU E 2 5.62 -8.55 55.44
N THR E 3 5.30 -8.32 56.72
CA THR E 3 6.31 -7.92 57.70
C THR E 3 7.31 -9.05 57.92
N ASP E 4 8.39 -8.73 58.65
CA ASP E 4 9.33 -9.78 59.07
C ASP E 4 8.64 -10.84 59.92
N GLU E 5 7.72 -10.43 60.79
CA GLU E 5 7.09 -11.40 61.67
C GLU E 5 6.13 -12.29 60.90
N GLU E 6 5.47 -11.73 59.89
CA GLU E 6 4.58 -12.54 59.08
C GLU E 6 5.37 -13.58 58.27
N PHE E 7 6.51 -13.16 57.74
CA PHE E 7 7.41 -14.10 57.06
C PHE E 7 7.83 -15.20 58.02
N ASP E 8 8.33 -14.85 59.21
CA ASP E 8 8.86 -15.88 60.09
C ASP E 8 7.74 -16.84 60.47
N ALA E 9 6.54 -16.28 60.64
CA ALA E 9 5.41 -17.07 61.12
C ALA E 9 4.96 -18.09 60.08
N ARG E 10 4.91 -17.67 58.82
CA ARG E 10 4.60 -18.57 57.70
C ARG E 10 5.57 -19.75 57.69
N TRP E 11 6.86 -19.45 57.89
CA TRP E 11 7.90 -20.48 57.83
C TRP E 11 7.84 -21.39 59.04
N VAL E 12 7.64 -20.82 60.24
CA VAL E 12 7.42 -21.66 61.43
C VAL E 12 6.23 -22.58 61.21
N THR E 13 5.12 -22.02 60.72
CA THR E 13 3.95 -22.86 60.46
C THR E 13 4.27 -23.97 59.47
N TYR E 14 4.99 -23.63 58.39
CA TYR E 14 5.34 -24.60 57.36
C TYR E 14 6.06 -25.81 57.96
N PHE E 15 7.14 -25.57 58.73
CA PHE E 15 7.87 -26.72 59.26
C PHE E 15 7.16 -27.43 60.39
N ASN E 16 6.24 -26.74 61.08
CA ASN E 16 5.54 -27.35 62.19
C ASN E 16 4.45 -28.30 61.74
N LYS E 17 4.09 -28.35 60.45
CA LYS E 17 3.04 -29.27 60.04
C LYS E 17 3.33 -30.70 60.51
N PRO E 18 2.44 -31.32 61.33
CA PRO E 18 2.87 -32.56 62.00
C PRO E 18 3.32 -33.64 61.03
N ASP E 19 2.57 -33.87 59.95
CA ASP E 19 2.85 -34.92 58.96
C ASP E 19 3.62 -34.37 57.78
N ILE E 20 4.37 -33.30 58.01
CA ILE E 20 5.25 -32.82 56.93
C ILE E 20 6.08 -33.99 56.39
N ASP E 21 6.24 -34.09 55.06
CA ASP E 21 6.99 -35.23 54.52
C ASP E 21 8.39 -34.78 54.09
N ALA E 22 9.22 -35.75 53.68
CA ALA E 22 10.62 -35.44 53.40
C ALA E 22 10.74 -34.49 52.23
N TRP E 23 9.93 -34.73 51.19
CA TRP E 23 9.94 -33.79 50.06
C TRP E 23 9.67 -32.35 50.51
N GLU E 24 8.68 -32.16 51.37
CA GLU E 24 8.36 -30.81 51.87
C GLU E 24 9.46 -30.23 52.74
N LEU E 25 10.09 -31.04 53.55
CA LEU E 25 11.24 -30.57 54.34
C LEU E 25 12.34 -30.02 53.43
N ARG E 26 12.72 -30.80 52.40
CA ARG E 26 13.77 -30.36 51.47
C ARG E 26 13.35 -29.10 50.69
N LYS E 27 12.13 -29.13 50.14
CA LYS E 27 11.63 -28.00 49.38
C LYS E 27 11.65 -26.76 50.24
N GLY E 28 11.27 -26.92 51.53
CA GLY E 28 11.28 -25.79 52.46
C GLY E 28 12.67 -25.22 52.69
N MET E 29 13.62 -26.04 53.11
CA MET E 29 14.94 -25.51 53.36
C MET E 29 15.61 -25.01 52.09
N ASN E 30 15.42 -25.72 50.96
CA ASN E 30 16.12 -25.25 49.75
C ASN E 30 15.52 -23.95 49.25
N THR E 31 14.25 -23.67 49.56
CA THR E 31 13.65 -22.41 49.17
C THR E 31 14.10 -21.29 50.07
N LEU E 32 14.08 -21.59 51.38
CA LEU E 32 14.46 -20.62 52.40
C LEU E 32 15.86 -20.09 52.20
N VAL E 33 16.82 -20.93 51.81
CA VAL E 33 18.17 -20.43 51.75
C VAL E 33 18.33 -19.53 50.52
N GLY E 34 17.30 -19.42 49.67
CA GLY E 34 17.50 -18.45 48.57
C GLY E 34 17.24 -17.02 48.95
N TYR E 35 16.65 -16.78 50.12
CA TYR E 35 16.36 -15.39 50.52
C TYR E 35 17.55 -14.68 51.10
N ASP E 36 17.50 -13.34 51.07
CA ASP E 36 18.59 -12.57 51.65
C ASP E 36 18.36 -12.44 53.16
N LEU E 37 18.58 -13.56 53.87
CA LEU E 37 18.52 -13.50 55.34
C LEU E 37 19.09 -14.79 55.87
N VAL E 38 19.57 -14.78 57.13
CA VAL E 38 19.80 -16.01 57.90
C VAL E 38 18.51 -16.33 58.65
N PRO E 39 17.94 -17.54 58.57
CA PRO E 39 16.63 -17.75 59.23
C PRO E 39 16.70 -17.58 60.74
N GLU E 40 15.65 -16.96 61.28
CA GLU E 40 15.50 -16.76 62.72
C GLU E 40 15.59 -18.10 63.43
N PRO E 41 16.13 -18.13 64.62
CA PRO E 41 16.13 -19.38 65.42
C PRO E 41 14.78 -20.07 65.49
N LYS E 42 13.67 -19.34 65.60
CA LYS E 42 12.39 -20.00 65.69
C LYS E 42 12.05 -20.76 64.41
N ILE E 43 12.57 -20.31 63.27
CA ILE E 43 12.35 -21.06 62.05
C ILE E 43 13.17 -22.33 62.08
N ILE E 44 14.47 -22.18 62.39
CA ILE E 44 15.38 -23.33 62.42
C ILE E 44 14.88 -24.38 63.42
N ASP E 45 14.48 -23.94 64.61
CA ASP E 45 13.83 -24.80 65.62
C ASP E 45 12.73 -25.67 65.02
N ALA E 46 11.76 -25.04 64.31
CA ALA E 46 10.69 -25.80 63.68
C ALA E 46 11.23 -26.80 62.67
N ALA E 47 12.21 -26.38 61.84
CA ALA E 47 12.79 -27.30 60.85
C ALA E 47 13.53 -28.47 61.50
N LEU E 48 14.28 -28.24 62.59
CA LEU E 48 14.92 -29.37 63.29
C LEU E 48 13.90 -30.35 63.80
N ARG E 49 12.77 -29.85 64.33
CA ARG E 49 11.79 -30.75 64.92
C ARG E 49 11.06 -31.51 63.84
N ALA E 50 10.89 -30.87 62.66
CA ALA E 50 10.46 -31.61 61.47
C ALA E 50 11.45 -32.76 61.17
N CYS E 51 12.77 -32.47 61.16
CA CYS E 51 13.74 -33.56 60.98
C CYS E 51 13.48 -34.68 61.98
N ARG E 52 13.23 -34.31 63.24
CA ARG E 52 12.97 -35.33 64.26
C ARG E 52 11.75 -36.18 63.89
N ARG E 53 10.64 -35.54 63.49
CA ARG E 53 9.44 -36.35 63.17
C ARG E 53 9.68 -37.21 61.95
N LEU E 54 10.58 -36.76 61.05
CA LEU E 54 11.00 -37.54 59.87
C LEU E 54 12.16 -38.50 60.16
N ASN E 55 12.61 -38.63 61.41
CA ASN E 55 13.67 -39.58 61.80
C ASN E 55 14.94 -39.33 60.99
N ASP E 56 15.28 -38.05 60.78
CA ASP E 56 16.38 -37.75 59.90
C ASP E 56 17.39 -36.88 60.64
N PHE E 57 18.32 -37.53 61.31
CA PHE E 57 19.34 -36.82 62.06
C PHE E 57 20.26 -36.03 61.13
N ALA E 58 20.65 -36.65 60.03
CA ALA E 58 21.62 -36.00 59.16
C ALA E 58 21.13 -34.66 58.66
N SER E 59 19.87 -34.59 58.24
CA SER E 59 19.39 -33.30 57.70
C SER E 59 19.37 -32.24 58.78
N ALA E 60 19.15 -32.64 60.03
CA ALA E 60 19.22 -31.64 61.11
C ALA E 60 20.61 -31.00 61.17
N VAL E 61 21.66 -31.81 61.06
CA VAL E 61 23.02 -31.26 61.08
C VAL E 61 23.25 -30.37 59.89
N ARG E 62 22.77 -30.80 58.71
CA ARG E 62 22.98 -30.02 57.47
C ARG E 62 22.32 -28.66 57.60
N ILE E 63 21.14 -28.62 58.24
CA ILE E 63 20.44 -27.35 58.39
C ILE E 63 21.29 -26.39 59.22
N LEU E 64 21.93 -26.90 60.27
CA LEU E 64 22.84 -26.05 61.04
C LEU E 64 23.99 -25.57 60.18
N GLU E 65 24.55 -26.45 59.35
CA GLU E 65 25.61 -25.98 58.44
C GLU E 65 25.10 -24.85 57.53
N VAL E 66 23.87 -24.98 57.02
CA VAL E 66 23.51 -23.93 56.04
C VAL E 66 23.21 -22.61 56.73
N VAL E 67 22.83 -22.65 58.00
CA VAL E 67 22.71 -21.40 58.77
C VAL E 67 24.05 -20.68 58.83
N LYS E 68 25.11 -21.41 59.16
CA LYS E 68 26.42 -20.82 59.16
C LYS E 68 26.78 -20.29 57.77
N ASP E 69 26.46 -21.06 56.74
CA ASP E 69 26.85 -20.62 55.40
C ASP E 69 26.11 -19.34 54.99
N LYS E 70 24.84 -19.24 55.35
CA LYS E 70 24.08 -18.07 54.89
C LYS E 70 24.58 -16.79 55.53
N ALA E 71 25.27 -16.91 56.68
CA ALA E 71 25.80 -15.72 57.35
C ALA E 71 26.99 -15.12 56.61
N GLY E 72 27.61 -15.87 55.71
CA GLY E 72 28.75 -15.31 54.98
C GLY E 72 29.87 -14.90 55.95
N PRO E 73 30.38 -13.67 55.82
CA PRO E 73 31.50 -13.22 56.65
C PRO E 73 31.09 -12.74 58.02
N HIS E 74 29.80 -12.69 58.31
CA HIS E 74 29.26 -12.25 59.60
C HIS E 74 29.35 -13.41 60.59
N LYS E 75 30.54 -13.55 61.16
CA LYS E 75 30.93 -14.68 61.98
C LYS E 75 30.19 -14.68 63.31
N GLU E 76 29.51 -13.59 63.66
CA GLU E 76 28.78 -13.50 64.92
C GLU E 76 27.42 -14.18 64.84
N ILE E 77 26.91 -14.45 63.63
CA ILE E 77 25.53 -14.87 63.55
C ILE E 77 25.38 -16.34 63.97
N TYR E 78 26.20 -17.21 63.39
CA TYR E 78 26.04 -18.63 63.67
C TYR E 78 26.17 -18.95 65.17
N PRO E 79 27.16 -18.44 65.91
CA PRO E 79 27.19 -18.80 67.35
C PRO E 79 25.99 -18.27 68.13
N TYR E 80 25.46 -17.12 67.74
CA TYR E 80 24.19 -16.65 68.31
C TYR E 80 23.07 -17.65 68.05
N VAL E 81 22.96 -18.12 66.81
CA VAL E 81 21.85 -19.02 66.51
C VAL E 81 21.99 -20.32 67.28
N ILE E 82 23.21 -20.87 67.31
CA ILE E 82 23.44 -22.10 68.09
C ILE E 82 23.08 -21.86 69.55
N GLN E 83 23.58 -20.75 70.10
CA GLN E 83 23.23 -20.41 71.48
C GLN E 83 21.71 -20.45 71.69
N GLU E 84 20.97 -19.80 70.80
CA GLU E 84 19.52 -19.79 70.97
C GLU E 84 18.88 -21.15 70.79
N LEU E 85 19.52 -22.04 70.06
CA LEU E 85 18.98 -23.38 69.82
C LEU E 85 19.42 -24.42 70.85
N ARG E 86 20.34 -24.08 71.75
CA ARG E 86 20.89 -25.09 72.64
C ARG E 86 19.82 -25.88 73.38
N PRO E 87 18.70 -25.29 73.83
CA PRO E 87 17.69 -26.14 74.51
C PRO E 87 17.12 -27.21 73.61
N THR E 88 16.84 -26.84 72.37
CA THR E 88 16.34 -27.77 71.37
C THR E 88 17.39 -28.79 71.00
N LEU E 89 18.63 -28.35 70.75
CA LEU E 89 19.70 -29.29 70.45
C LEU E 89 19.80 -30.34 71.54
N ASN E 90 19.73 -29.90 72.80
CA ASN E 90 19.86 -30.84 73.92
C ASN E 90 18.66 -31.73 74.05
N GLU E 91 17.46 -31.16 73.90
CA GLU E 91 16.24 -31.97 74.01
C GLU E 91 16.23 -33.07 72.96
N LEU E 92 16.65 -32.75 71.73
CA LEU E 92 16.53 -33.65 70.59
C LEU E 92 17.76 -34.48 70.38
N GLY E 93 18.82 -34.19 71.12
CA GLY E 93 20.08 -34.88 70.94
C GLY E 93 20.76 -34.54 69.62
N ILE E 94 20.60 -33.33 69.11
CA ILE E 94 21.26 -32.94 67.86
C ILE E 94 22.66 -32.44 68.18
N SER E 95 23.70 -33.09 67.65
CA SER E 95 25.06 -32.56 67.78
C SER E 95 25.34 -31.53 66.69
N THR E 96 26.11 -30.49 67.03
CA THR E 96 26.45 -29.50 65.99
C THR E 96 27.47 -30.08 65.02
N PRO E 97 27.60 -29.46 63.82
CA PRO E 97 28.69 -29.84 62.90
C PRO E 97 30.03 -29.79 63.58
N GLU E 98 30.24 -28.77 64.43
CA GLU E 98 31.50 -28.66 65.15
C GLU E 98 31.71 -29.84 66.09
N GLU E 99 30.69 -30.19 66.87
CA GLU E 99 30.83 -31.33 67.79
C GLU E 99 31.09 -32.63 67.03
N LEU E 100 30.64 -32.73 65.78
CA LEU E 100 30.89 -33.91 64.94
C LEU E 100 32.16 -33.81 64.11
N GLY E 101 32.88 -32.71 64.22
CA GLY E 101 34.07 -32.57 63.40
C GLY E 101 33.83 -32.22 61.95
N LEU E 102 32.58 -31.95 61.55
CA LEU E 102 32.27 -31.74 60.13
C LEU E 102 32.61 -30.33 59.66
N ASP E 103 33.09 -29.48 60.56
CA ASP E 103 33.63 -28.16 60.16
C ASP E 103 35.11 -28.21 59.75
N LYS E 104 35.71 -29.39 59.67
CA LYS E 104 37.10 -29.51 59.21
C LYS E 104 37.13 -29.70 57.70
N VAL E 105 38.09 -29.04 57.04
CA VAL E 105 38.14 -28.96 55.57
C VAL E 105 38.69 -30.24 55.01
N ALA F 1 -19.36 -24.65 -16.42
CA ALA F 1 -19.99 -24.17 -15.17
C ALA F 1 -19.46 -24.89 -13.91
N SER F 2 -20.00 -26.06 -13.57
CA SER F 2 -19.64 -26.75 -12.34
C SER F 2 -19.45 -28.25 -12.56
N GLY F 3 -18.41 -28.80 -11.92
CA GLY F 3 -18.05 -30.20 -11.96
C GLY F 3 -17.08 -30.48 -10.83
N GLY F 4 -16.62 -31.73 -10.72
CA GLY F 4 -15.82 -32.23 -9.57
C GLY F 4 -14.42 -32.65 -9.97
N GLY F 5 -13.91 -33.78 -9.44
CA GLY F 5 -12.64 -34.33 -9.92
C GLY F 5 -11.42 -34.03 -9.06
N VAL F 6 -11.54 -33.25 -8.00
CA VAL F 6 -10.44 -32.97 -7.08
C VAL F 6 -10.61 -33.90 -5.88
N PRO F 7 -9.62 -34.71 -5.55
CA PRO F 7 -9.74 -35.61 -4.37
C PRO F 7 -9.86 -34.81 -3.08
N THR F 8 -10.54 -35.36 -2.09
CA THR F 8 -10.54 -34.78 -0.76
C THR F 8 -9.42 -35.39 0.10
N ASP F 9 -9.12 -34.72 1.21
CA ASP F 9 -8.23 -35.36 2.20
C ASP F 9 -8.82 -36.68 2.70
N GLU F 10 -10.11 -36.70 2.92
CA GLU F 10 -10.72 -37.95 3.41
C GLU F 10 -10.40 -39.09 2.43
N GLU F 11 -10.39 -38.77 1.13
CA GLU F 11 -10.11 -39.78 0.12
C GLU F 11 -8.65 -40.11 0.00
N GLN F 12 -7.76 -39.13 0.16
CA GLN F 12 -6.41 -39.30 -0.35
C GLN F 12 -5.33 -38.98 0.66
N ALA F 13 -5.63 -38.33 1.78
CA ALA F 13 -4.59 -38.15 2.78
C ALA F 13 -4.09 -39.52 3.20
N THR F 14 -2.79 -39.60 3.47
CA THR F 14 -2.16 -40.89 3.84
C THR F 14 -1.17 -40.72 5.00
N GLY F 15 -0.55 -41.83 5.44
CA GLY F 15 0.54 -41.66 6.40
C GLY F 15 0.16 -40.91 7.68
N LEU F 16 1.11 -40.10 8.21
CA LEU F 16 0.90 -39.40 9.48
C LEU F 16 -0.17 -38.31 9.34
N GLU F 17 -0.22 -37.63 8.19
CA GLU F 17 -1.26 -36.65 7.95
C GLU F 17 -2.64 -37.27 8.18
N ARG F 18 -2.83 -38.47 7.62
CA ARG F 18 -4.12 -39.17 7.79
C ARG F 18 -4.33 -39.58 9.24
N GLU F 19 -3.30 -40.12 9.89
CA GLU F 19 -3.48 -40.46 11.31
C GLU F 19 -3.90 -39.27 12.10
N VAL F 20 -3.25 -38.09 11.87
CA VAL F 20 -3.58 -36.90 12.64
C VAL F 20 -5.02 -36.49 12.35
N MET F 21 -5.40 -36.59 11.09
CA MET F 21 -6.72 -36.14 10.66
C MET F 21 -7.77 -37.04 11.27
N LEU F 22 -7.54 -38.35 11.25
CA LEU F 22 -8.56 -39.26 11.78
C LEU F 22 -8.69 -39.13 13.29
N ALA F 23 -7.57 -38.99 14.02
CA ALA F 23 -7.64 -38.84 15.47
C ALA F 23 -8.37 -37.56 15.85
N ALA F 24 -8.09 -36.47 15.13
CA ALA F 24 -8.73 -35.19 15.42
C ALA F 24 -10.26 -35.33 15.32
N ARG F 25 -10.74 -36.12 14.38
CA ARG F 25 -12.18 -36.32 14.27
C ARG F 25 -12.74 -36.93 15.53
N LYS F 26 -11.99 -37.86 16.11
CA LYS F 26 -12.34 -38.49 17.37
C LYS F 26 -12.02 -37.63 18.58
N GLY F 27 -11.57 -36.39 18.37
CA GLY F 27 -11.12 -35.59 19.49
C GLY F 27 -9.87 -36.06 20.19
N GLN F 28 -9.04 -36.87 19.56
CA GLN F 28 -7.85 -37.40 20.20
C GLN F 28 -6.61 -36.69 19.65
N ASP F 29 -5.52 -36.72 20.42
CA ASP F 29 -4.30 -35.96 20.07
C ASP F 29 -3.06 -36.82 20.28
N PRO F 30 -2.97 -37.96 19.61
CA PRO F 30 -1.80 -38.84 19.79
C PRO F 30 -0.48 -38.16 19.41
N TYR F 31 -0.54 -37.16 18.56
CA TYR F 31 0.72 -36.54 18.11
C TYR F 31 0.96 -35.16 18.72
N ASN F 32 0.32 -34.87 19.84
CA ASN F 32 0.72 -33.74 20.69
C ASN F 32 0.66 -32.39 20.00
N ILE F 33 -0.39 -32.17 19.20
CA ILE F 33 -0.54 -30.90 18.53
C ILE F 33 -1.10 -29.85 19.49
N LEU F 34 -1.84 -30.29 20.47
CA LEU F 34 -2.50 -29.39 21.39
C LEU F 34 -1.80 -29.39 22.75
N ALA F 35 -1.89 -28.25 23.43
CA ALA F 35 -1.44 -28.19 24.82
C ALA F 35 -2.46 -28.88 25.72
N PRO F 36 -2.04 -29.80 26.56
CA PRO F 36 -2.96 -30.42 27.52
C PRO F 36 -3.47 -29.42 28.57
N LYS F 37 -4.69 -29.63 29.03
CA LYS F 37 -5.28 -28.74 30.03
C LYS F 37 -4.97 -29.29 31.42
N ALA F 38 -4.55 -28.41 32.34
CA ALA F 38 -4.09 -28.84 33.64
C ALA F 38 -5.25 -29.28 34.53
N THR F 39 -4.98 -30.23 35.38
CA THR F 39 -5.88 -30.55 36.49
C THR F 39 -5.56 -29.60 37.65
N SER F 40 -6.13 -29.87 38.82
CA SER F 40 -5.78 -29.06 40.00
C SER F 40 -4.35 -29.34 40.45
N GLY F 41 -3.79 -30.49 40.08
CA GLY F 41 -2.41 -30.80 40.37
C GLY F 41 -2.17 -31.40 41.74
N THR F 42 -3.21 -31.70 42.52
CA THR F 42 -3.03 -32.30 43.84
C THR F 42 -2.52 -33.72 43.72
N LYS F 43 -2.06 -34.29 44.85
CA LYS F 43 -1.69 -35.70 44.84
C LYS F 43 -2.91 -36.56 44.55
N GLU F 44 -4.09 -36.06 44.87
CA GLU F 44 -5.33 -36.79 44.57
C GLU F 44 -5.75 -36.64 43.12
N ASP F 45 -5.46 -35.47 42.54
CA ASP F 45 -5.91 -35.09 41.20
C ASP F 45 -4.69 -34.67 40.37
N PRO F 46 -3.69 -35.55 40.20
CA PRO F 46 -2.45 -35.17 39.50
C PRO F 46 -2.68 -34.94 38.01
N ASN F 47 -1.79 -34.16 37.38
CA ASN F 47 -1.87 -34.04 35.94
C ASN F 47 -1.46 -35.36 35.35
N LEU F 48 -2.23 -35.85 34.39
CA LEU F 48 -2.02 -37.16 33.80
C LEU F 48 -1.23 -37.02 32.49
N VAL F 49 -0.05 -37.64 32.45
CA VAL F 49 0.89 -37.37 31.38
C VAL F 49 1.00 -38.62 30.52
N PRO F 50 0.40 -38.65 29.34
CA PRO F 50 0.52 -39.80 28.44
C PRO F 50 1.96 -40.04 28.02
N SER F 51 2.28 -41.30 27.77
CA SER F 51 3.63 -41.55 27.25
C SER F 51 3.61 -42.87 26.53
N ILE F 52 4.46 -42.96 25.50
CA ILE F 52 4.67 -44.25 24.85
C ILE F 52 5.87 -44.98 25.42
N THR F 53 6.49 -44.45 26.47
CA THR F 53 7.60 -45.14 27.16
C THR F 53 7.37 -44.94 28.66
N ASN F 54 8.38 -45.30 29.47
CA ASN F 54 8.25 -45.21 30.92
C ASN F 54 8.87 -43.96 31.53
N LYS F 55 9.15 -42.94 30.72
CA LYS F 55 9.47 -41.66 31.31
C LYS F 55 9.25 -40.62 30.23
N ARG F 56 8.95 -39.39 30.63
CA ARG F 56 8.79 -38.29 29.67
C ARG F 56 9.14 -36.99 30.37
N ILE F 57 9.68 -36.00 29.60
CA ILE F 57 9.99 -34.75 30.24
C ILE F 57 8.73 -33.90 30.36
N VAL F 58 8.60 -33.33 31.54
CA VAL F 58 7.57 -32.37 31.86
C VAL F 58 8.22 -31.00 31.95
N GLY F 59 7.53 -29.98 31.43
CA GLY F 59 7.88 -28.60 31.72
C GLY F 59 6.73 -28.02 32.49
N CYS F 60 7.04 -27.34 33.59
CA CYS F 60 6.04 -26.77 34.47
C CYS F 60 6.23 -25.28 34.58
N ILE F 61 5.21 -24.55 34.15
CA ILE F 61 5.16 -23.09 34.27
C ILE F 61 4.42 -22.82 35.57
N CYS F 62 5.14 -22.44 36.59
CA CYS F 62 4.58 -22.54 37.94
C CYS F 62 3.44 -21.57 38.12
N GLU F 63 3.67 -20.31 37.78
CA GLU F 63 2.62 -19.30 37.86
C GLU F 63 2.41 -18.69 36.49
N GLU F 64 1.16 -18.31 36.26
CA GLU F 64 0.77 -17.78 34.97
C GLU F 64 1.70 -16.65 34.59
N ASP F 65 2.27 -16.76 33.40
CA ASP F 65 3.16 -15.80 32.76
C ASP F 65 4.59 -15.81 33.31
N ASN F 66 4.96 -16.73 34.22
CA ASN F 66 6.38 -16.95 34.46
C ASN F 66 7.07 -17.13 33.13
N SER F 67 8.24 -16.50 32.95
CA SER F 67 9.01 -16.81 31.74
C SER F 67 9.89 -18.01 31.96
N THR F 68 10.12 -18.39 33.21
CA THR F 68 10.95 -19.56 33.52
C THR F 68 10.13 -20.84 33.52
N VAL F 69 10.49 -21.81 32.69
CA VAL F 69 9.83 -23.14 32.69
C VAL F 69 10.69 -24.08 33.51
N ILE F 70 10.12 -24.91 34.39
CA ILE F 70 10.91 -25.89 35.16
C ILE F 70 10.75 -27.25 34.51
N TRP F 71 11.87 -27.91 34.17
CA TRP F 71 11.90 -29.13 33.35
C TRP F 71 12.36 -30.30 34.21
N PHE F 72 11.67 -31.43 34.12
CA PHE F 72 12.16 -32.63 34.82
C PHE F 72 11.61 -33.88 34.16
N TRP F 73 12.32 -34.99 34.41
CA TRP F 73 11.86 -36.30 33.89
C TRP F 73 10.80 -36.81 34.81
N LEU F 74 9.64 -37.15 34.24
CA LEU F 74 8.56 -37.89 34.96
C LEU F 74 8.66 -39.37 34.64
N HIS F 75 8.77 -40.20 35.68
CA HIS F 75 8.97 -41.62 35.50
C HIS F 75 7.66 -42.33 35.85
N LYS F 76 7.41 -43.45 35.21
CA LYS F 76 6.31 -44.35 35.61
C LYS F 76 6.34 -44.68 37.09
N GLY F 77 5.15 -44.80 37.71
CA GLY F 77 5.03 -45.06 39.13
C GLY F 77 4.27 -43.97 39.85
N GLU F 78 4.60 -43.80 41.13
CA GLU F 78 3.93 -42.82 41.97
C GLU F 78 4.12 -41.44 41.36
N ALA F 79 3.10 -40.58 41.48
CA ALA F 79 3.16 -39.19 41.04
C ALA F 79 4.39 -38.48 41.61
N GLN F 80 4.91 -37.57 40.83
CA GLN F 80 6.05 -36.80 41.25
C GLN F 80 5.63 -35.34 41.32
N ARG F 81 6.41 -34.53 42.03
CA ARG F 81 6.14 -33.12 42.16
C ARG F 81 7.16 -32.30 41.36
N CYS F 82 6.66 -31.27 40.73
CA CYS F 82 7.52 -30.25 40.07
C CYS F 82 8.47 -29.66 41.10
N PRO F 83 9.78 -29.70 40.88
CA PRO F 83 10.74 -29.15 41.86
C PRO F 83 10.43 -27.74 42.31
N SER F 84 9.88 -26.91 41.43
CA SER F 84 9.80 -25.52 41.88
C SER F 84 8.55 -25.29 42.69
N CYS F 85 7.42 -25.76 42.20
CA CYS F 85 6.18 -25.36 42.79
C CYS F 85 5.35 -26.52 43.31
N GLY F 86 5.83 -27.76 43.20
CA GLY F 86 5.12 -28.86 43.89
C GLY F 86 3.93 -29.46 43.16
N THR F 87 3.49 -28.88 42.04
CA THR F 87 2.38 -29.41 41.25
C THR F 87 2.62 -30.86 40.94
N HIS F 88 1.58 -31.71 41.08
CA HIS F 88 1.80 -33.13 40.90
C HIS F 88 1.55 -33.59 39.48
N TYR F 89 2.31 -34.59 39.05
CA TYR F 89 2.21 -35.16 37.71
C TYR F 89 2.32 -36.66 37.85
N LYS F 90 1.55 -37.42 37.06
CA LYS F 90 1.68 -38.87 37.04
C LYS F 90 1.70 -39.38 35.61
N LEU F 91 2.61 -40.31 35.35
CA LEU F 91 2.74 -40.85 34.01
C LEU F 91 1.69 -41.92 33.76
N VAL F 92 1.16 -41.93 32.55
CA VAL F 92 0.12 -42.87 32.16
C VAL F 92 0.68 -43.50 30.89
N PRO F 93 1.57 -44.47 31.01
CA PRO F 93 2.18 -45.04 29.80
C PRO F 93 1.15 -45.85 29.01
N HIS F 94 1.37 -45.96 27.71
CA HIS F 94 0.48 -46.74 26.84
C HIS F 94 1.25 -47.14 25.58
N GLN F 95 0.58 -47.87 24.67
CA GLN F 95 1.05 -48.04 23.29
C GLN F 95 0.29 -47.05 22.40
N LEU F 96 0.89 -46.67 21.26
CA LEU F 96 0.38 -45.50 20.53
C LEU F 96 -1.04 -45.69 19.99
N ALA F 97 -1.67 -46.82 20.31
CA ALA F 97 -3.11 -46.95 20.12
C ALA F 97 -3.86 -46.10 21.14
N HIS F 98 -3.35 -44.89 21.44
CA HIS F 98 -3.94 -43.93 22.38
C HIS F 98 -3.59 -42.47 21.99
N ALA G 1 -8.85 7.65 -11.65
CA ALA G 1 -9.75 6.74 -12.34
C ALA G 1 -10.12 5.54 -11.43
N SER G 2 -11.23 5.67 -10.70
CA SER G 2 -11.67 4.72 -9.66
C SER G 2 -12.26 3.44 -10.27
N ALA G 3 -12.68 2.53 -9.38
CA ALA G 3 -13.42 1.32 -9.71
C ALA G 3 -14.92 1.59 -9.58
N ALA G 4 -15.75 0.56 -9.78
CA ALA G 4 -17.21 0.69 -9.75
C ALA G 4 -18.03 -0.55 -10.09
N LYS G 5 -17.53 -1.75 -9.86
CA LYS G 5 -18.37 -2.89 -10.19
C LYS G 5 -19.35 -3.09 -9.03
N GLY G 6 -19.42 -4.27 -8.41
CA GLY G 6 -20.24 -4.39 -7.20
C GLY G 6 -20.87 -5.75 -6.91
N ASP G 7 -20.07 -6.79 -6.66
CA ASP G 7 -20.61 -8.15 -6.47
C ASP G 7 -20.72 -8.53 -4.99
N HIS G 8 -19.79 -9.35 -4.51
CA HIS G 8 -19.62 -9.66 -3.09
C HIS G 8 -20.94 -10.13 -2.45
N GLY G 9 -21.33 -11.35 -2.76
CA GLY G 9 -22.29 -12.02 -1.91
C GLY G 9 -21.47 -12.92 -1.01
N GLY G 10 -20.50 -13.56 -1.66
CA GLY G 10 -19.53 -14.44 -1.07
C GLY G 10 -18.62 -14.79 -2.24
N TPO G 11 -17.41 -14.25 -2.22
CA TPO G 11 -16.45 -14.49 -3.28
CB TPO G 11 -15.12 -13.79 -2.91
CG2 TPO G 11 -13.92 -14.64 -2.50
OG1 TPO G 11 -14.73 -12.98 -4.00
P TPO G 11 -15.22 -11.45 -4.00
O1P TPO G 11 -16.78 -11.44 -3.68
O2P TPO G 11 -14.96 -10.78 -5.43
O3P TPO G 11 -14.38 -10.67 -2.91
C TPO G 11 -16.33 -15.97 -3.52
O TPO G 11 -16.29 -16.75 -2.58
N GLY G 12 -16.36 -16.37 -4.78
CA GLY G 12 -16.09 -17.75 -5.16
C GLY G 12 -15.43 -17.93 -6.52
N ALA G 13 -15.37 -19.18 -6.96
CA ALA G 13 -14.77 -19.45 -8.26
C ALA G 13 -15.57 -18.80 -9.36
N ARG G 14 -16.90 -18.85 -9.26
CA ARG G 14 -17.70 -18.26 -10.35
C ARG G 14 -17.44 -16.79 -10.50
N THR G 15 -17.32 -16.05 -9.38
CA THR G 15 -17.03 -14.63 -9.46
C THR G 15 -15.62 -14.37 -10.04
N TRP G 16 -14.61 -15.13 -9.61
CA TRP G 16 -13.28 -14.85 -10.16
C TRP G 16 -13.19 -15.23 -11.65
N ARG G 17 -13.93 -16.24 -12.10
CA ARG G 17 -14.00 -16.51 -13.54
C ARG G 17 -14.71 -15.39 -14.27
N PHE G 18 -15.77 -14.87 -13.67
CA PHE G 18 -16.46 -13.70 -14.22
C PHE G 18 -15.50 -12.52 -14.37
N LEU G 19 -14.71 -12.24 -13.31
CA LEU G 19 -13.71 -11.19 -13.42
C LEU G 19 -12.66 -11.52 -14.45
N THR G 20 -12.24 -12.79 -14.53
CA THR G 20 -11.21 -13.16 -15.50
C THR G 20 -11.67 -12.89 -16.94
N PHE G 21 -12.83 -13.42 -17.31
CA PHE G 21 -13.30 -13.23 -18.68
C PHE G 21 -14.01 -11.93 -18.93
N GLY G 22 -14.52 -11.24 -17.89
CA GLY G 22 -15.40 -10.08 -18.09
C GLY G 22 -14.60 -8.79 -17.91
N LEU G 23 -13.45 -8.85 -17.25
CA LEU G 23 -12.71 -7.59 -17.06
C LEU G 23 -11.22 -7.75 -17.39
N ALA G 24 -10.58 -8.81 -16.84
CA ALA G 24 -9.11 -8.98 -16.98
C ALA G 24 -8.73 -9.26 -18.44
N LEU G 25 -9.29 -10.30 -19.07
CA LEU G 25 -8.87 -10.59 -20.43
C LEU G 25 -9.35 -9.52 -21.42
N PRO G 26 -10.53 -8.92 -21.23
CA PRO G 26 -10.86 -7.80 -22.15
C PRO G 26 -9.89 -6.65 -22.04
N SER G 27 -9.41 -6.37 -20.81
CA SER G 27 -8.36 -5.34 -20.67
C SER G 27 -7.13 -5.69 -21.47
N VAL G 28 -6.69 -6.95 -21.38
CA VAL G 28 -5.50 -7.37 -22.13
C VAL G 28 -5.77 -7.22 -23.62
N ALA G 29 -6.96 -7.62 -24.05
CA ALA G 29 -7.27 -7.51 -25.48
C ALA G 29 -7.26 -6.05 -25.93
N LEU G 30 -7.82 -5.15 -25.13
CA LEU G 30 -7.78 -3.74 -25.46
C LEU G 30 -6.35 -3.20 -25.46
N CYS G 31 -5.54 -3.52 -24.46
CA CYS G 31 -4.15 -3.03 -24.55
C CYS G 31 -3.39 -3.72 -25.68
N THR G 32 -3.77 -4.94 -26.05
CA THR G 32 -3.08 -5.60 -27.15
C THR G 32 -3.38 -4.88 -28.47
N LEU G 33 -4.62 -4.44 -28.65
CA LEU G 33 -5.02 -3.54 -29.74
C LEU G 33 -4.22 -2.23 -29.77
N ASN G 34 -4.38 -1.40 -28.74
CA ASN G 34 -3.56 -0.21 -28.56
C ASN G 34 -2.10 -0.45 -28.97
N SER G 35 -1.45 -1.51 -28.45
CA SER G 35 -0.05 -1.75 -28.78
C SER G 35 0.17 -2.08 -30.26
N TRP G 36 -0.73 -2.84 -30.87
CA TRP G 36 -0.56 -3.20 -32.29
C TRP G 36 -1.07 -2.12 -33.22
N LEU G 37 -1.47 -0.98 -32.65
CA LEU G 37 -1.75 0.24 -33.41
C LEU G 37 -0.62 1.26 -33.29
N HIS G 38 0.24 1.12 -32.29
CA HIS G 38 1.43 1.96 -32.13
C HIS G 38 2.71 1.16 -32.35
N SER G 39 2.62 -0.02 -32.95
CA SER G 39 3.81 -0.69 -33.41
C SER G 39 4.27 -0.02 -34.70
N GLY G 40 5.45 -0.39 -35.15
CA GLY G 40 6.00 0.37 -36.25
C GLY G 40 7.24 1.09 -35.75
N HIS G 41 8.26 1.12 -36.60
CA HIS G 41 9.61 1.49 -36.18
C HIS G 41 9.77 3.00 -36.17
N ARG G 42 10.13 3.57 -35.02
CA ARG G 42 10.53 4.97 -34.97
C ARG G 42 11.84 5.15 -35.74
N GLU G 43 12.07 6.37 -36.22
CA GLU G 43 13.31 6.68 -36.92
C GLU G 43 14.45 6.83 -35.91
N ARG G 44 15.58 6.19 -36.20
CA ARG G 44 16.70 6.22 -35.26
C ARG G 44 17.37 7.60 -35.28
N PRO G 45 17.72 8.13 -34.12
CA PRO G 45 18.26 9.50 -34.06
C PRO G 45 19.69 9.52 -34.51
N ALA G 46 20.16 10.73 -34.83
CA ALA G 46 21.55 10.90 -35.21
C ALA G 46 22.43 10.22 -34.16
N PHE G 47 23.47 9.55 -34.60
CA PHE G 47 24.45 9.00 -33.66
C PHE G 47 25.32 10.12 -33.15
N ILE G 48 25.48 10.20 -31.83
CA ILE G 48 26.40 11.13 -31.20
C ILE G 48 27.26 10.31 -30.24
N PRO G 49 28.62 10.35 -30.34
CA PRO G 49 29.41 9.43 -29.48
C PRO G 49 29.58 9.95 -28.05
N TYR G 50 28.45 10.17 -27.39
CA TYR G 50 28.42 10.52 -25.98
C TYR G 50 29.22 9.54 -25.15
N HIS G 51 29.94 10.08 -24.19
CA HIS G 51 30.90 9.31 -23.41
C HIS G 51 30.23 8.62 -22.23
N HIS G 52 29.00 9.01 -21.90
CA HIS G 52 28.29 8.30 -20.83
C HIS G 52 27.45 7.13 -21.37
N LEU G 53 27.53 6.89 -22.68
CA LEU G 53 26.76 5.84 -23.35
C LEU G 53 27.71 4.88 -24.04
N ARG G 54 27.21 3.67 -24.41
CA ARG G 54 28.05 2.71 -25.10
C ARG G 54 29.33 2.44 -24.30
N ILE G 55 29.17 2.31 -22.96
CA ILE G 55 30.33 2.10 -22.08
C ILE G 55 31.04 0.83 -22.46
N ARG G 56 32.38 0.88 -22.47
CA ARG G 56 33.18 -0.34 -22.61
C ARG G 56 34.36 -0.23 -21.65
N THR G 57 34.27 -0.81 -20.46
CA THR G 57 35.42 -0.85 -19.57
C THR G 57 36.10 -2.20 -19.62
N LYS G 58 35.43 -3.20 -20.19
CA LYS G 58 35.98 -4.55 -20.33
C LYS G 58 35.18 -5.14 -21.48
N PRO G 59 35.79 -5.90 -22.39
CA PRO G 59 34.98 -6.52 -23.47
C PRO G 59 33.92 -7.44 -22.89
N PHE G 60 32.75 -7.49 -23.55
CA PHE G 60 31.75 -8.51 -23.22
C PHE G 60 32.29 -9.92 -23.45
N SER G 61 31.83 -10.90 -22.63
CA SER G 61 32.35 -12.27 -22.66
C SER G 61 31.71 -13.09 -23.78
N TRP G 62 31.28 -12.46 -24.87
CA TRP G 62 30.68 -13.19 -26.00
C TRP G 62 31.01 -12.41 -27.27
N GLY G 63 30.79 -13.04 -28.42
CA GLY G 63 30.89 -12.35 -29.70
C GLY G 63 32.27 -11.76 -29.86
N ASP G 64 32.32 -10.55 -30.42
CA ASP G 64 33.59 -9.86 -30.57
C ASP G 64 33.95 -8.99 -29.39
N GLY G 65 33.20 -9.09 -28.29
CA GLY G 65 33.50 -8.27 -27.15
C GLY G 65 32.85 -6.92 -27.17
N ASN G 66 32.32 -6.47 -28.32
CA ASN G 66 31.83 -5.11 -28.49
C ASN G 66 30.33 -5.04 -28.78
N HIS G 67 29.61 -6.17 -28.79
CA HIS G 67 28.17 -6.17 -29.04
C HIS G 67 27.42 -6.53 -27.76
N THR G 68 26.41 -5.75 -27.40
CA THR G 68 25.64 -6.10 -26.20
C THR G 68 24.83 -7.37 -26.44
N PHE G 69 24.26 -7.93 -25.37
CA PHE G 69 23.75 -9.29 -25.47
C PHE G 69 22.57 -9.42 -26.42
N PHE G 70 21.69 -8.41 -26.48
CA PHE G 70 20.53 -8.37 -27.37
C PHE G 70 20.67 -7.25 -28.39
N HIS G 71 21.91 -7.09 -28.87
CA HIS G 71 22.25 -6.10 -29.89
C HIS G 71 21.29 -6.18 -31.07
N ASN G 72 20.73 -5.02 -31.40
CA ASN G 72 19.85 -4.83 -32.55
C ASN G 72 20.52 -3.85 -33.51
N PRO G 73 21.05 -4.31 -34.64
CA PRO G 73 21.79 -3.38 -35.53
C PRO G 73 21.00 -2.17 -35.94
N ARG G 74 19.68 -2.28 -35.99
CA ARG G 74 18.90 -1.14 -36.47
C ARG G 74 18.93 0.03 -35.48
N VAL G 75 18.99 -0.22 -34.17
CA VAL G 75 18.78 0.84 -33.20
C VAL G 75 19.90 0.96 -32.18
N ASN G 76 20.84 0.02 -32.14
CA ASN G 76 21.89 0.04 -31.12
C ASN G 76 23.20 0.33 -31.82
N PRO G 77 23.68 1.57 -31.79
CA PRO G 77 25.00 1.86 -32.39
C PRO G 77 26.10 1.27 -31.53
N LEU G 78 27.20 0.92 -32.18
CA LEU G 78 28.44 0.58 -31.52
C LEU G 78 29.13 1.85 -31.03
N PRO G 79 30.17 1.74 -30.20
CA PRO G 79 30.82 2.98 -29.75
C PRO G 79 31.27 3.83 -30.92
N THR G 80 31.48 3.23 -32.08
CA THR G 80 31.88 3.99 -33.29
C THR G 80 30.72 4.33 -34.22
N GLY G 81 29.49 4.02 -33.84
CA GLY G 81 28.32 4.42 -34.60
C GLY G 81 27.55 3.19 -35.08
N TYR G 82 26.54 3.43 -35.91
CA TYR G 82 25.73 2.31 -36.40
C TYR G 82 26.52 1.43 -37.36
N GLU G 83 26.20 0.15 -37.35
CA GLU G 83 26.78 -0.76 -38.34
C GLU G 83 26.15 -0.62 -39.72
N LYS G 84 26.94 -0.93 -40.74
CA LYS G 84 26.54 -0.87 -42.15
C LYS G 84 25.56 -1.98 -42.52
N LYS H 1 31.17 45.08 -12.14
CA LYS H 1 30.95 45.64 -10.81
C LYS H 1 31.90 45.09 -9.77
N ILE H 2 31.56 43.91 -9.22
CA ILE H 2 32.27 43.27 -8.11
C ILE H 2 33.64 42.81 -8.57
N LYS H 3 34.56 43.74 -8.69
CA LYS H 3 35.95 43.36 -8.88
C LYS H 3 36.69 43.61 -7.57
N ASN H 4 37.99 43.34 -7.59
CA ASN H 4 38.66 42.78 -6.42
C ASN H 4 38.01 41.43 -6.06
N TYR H 5 37.55 40.69 -7.07
CA TYR H 5 37.22 39.29 -6.88
C TYR H 5 38.36 38.61 -6.15
N GLN H 6 38.08 37.95 -5.03
CA GLN H 6 39.11 37.14 -4.41
C GLN H 6 38.84 35.66 -4.71
N THR H 7 37.76 35.11 -4.20
CA THR H 7 37.38 33.74 -4.61
C THR H 7 35.87 33.67 -4.70
N ALA H 8 35.38 32.49 -5.08
CA ALA H 8 33.95 32.32 -5.33
C ALA H 8 33.25 32.50 -3.99
N PRO H 9 32.22 33.32 -3.90
CA PRO H 9 31.52 33.48 -2.62
C PRO H 9 30.60 32.31 -2.30
N PHE H 10 30.23 32.21 -1.02
CA PHE H 10 29.15 31.32 -0.60
C PHE H 10 27.92 31.52 -1.49
N ASP H 11 27.25 30.44 -1.85
CA ASP H 11 26.11 30.51 -2.76
C ASP H 11 25.01 29.66 -2.16
N SER H 12 23.94 30.30 -1.66
CA SER H 12 22.87 29.58 -0.96
C SER H 12 22.29 28.43 -1.76
N ARG H 13 22.38 28.46 -3.10
CA ARG H 13 21.90 27.29 -3.85
C ARG H 13 22.72 26.05 -3.61
N PHE H 14 23.96 26.20 -3.18
CA PHE H 14 24.87 25.05 -2.97
C PHE H 14 25.49 25.17 -1.60
N PRO H 15 24.73 24.89 -0.54
CA PRO H 15 25.23 25.14 0.80
C PRO H 15 25.93 23.94 1.42
N ASN H 16 26.02 22.83 0.72
CA ASN H 16 26.49 21.58 1.36
C ASN H 16 27.92 21.19 1.00
N GLN H 17 28.41 20.11 1.62
CA GLN H 17 29.79 19.71 1.36
C GLN H 17 30.00 19.39 -0.12
N ASN H 18 28.98 18.83 -0.79
CA ASN H 18 29.14 18.46 -2.20
C ASN H 18 28.95 19.65 -3.10
N GLN H 19 30.04 20.12 -3.77
CA GLN H 19 30.02 21.34 -4.55
C GLN H 19 30.04 21.04 -6.04
N THR H 20 29.89 19.77 -6.45
CA THR H 20 29.95 19.42 -7.86
C THR H 20 29.00 20.28 -8.67
N ARG H 21 27.75 20.39 -8.18
CA ARG H 21 26.77 21.12 -9.02
C ARG H 21 27.08 22.61 -9.11
N ASN H 22 27.73 23.19 -8.10
CA ASN H 22 28.17 24.61 -8.18
C ASN H 22 29.17 24.83 -9.31
N CYS H 23 30.23 24.01 -9.36
CA CYS H 23 31.16 24.06 -10.50
C CYS H 23 30.41 23.89 -11.81
N TRP H 24 29.55 22.89 -11.90
CA TRP H 24 28.86 22.58 -13.15
C TRP H 24 27.96 23.73 -13.59
N GLN H 25 27.21 24.28 -12.67
CA GLN H 25 26.25 25.31 -13.03
C GLN H 25 26.95 26.55 -13.55
N ASN H 26 28.03 26.97 -12.87
CA ASN H 26 28.72 28.17 -13.33
C ASN H 26 29.44 27.92 -14.66
N TYR H 27 29.90 26.68 -14.87
CA TYR H 27 30.49 26.35 -16.17
C TYR H 27 29.44 26.49 -17.25
N LEU H 28 28.28 25.86 -17.04
CA LEU H 28 27.18 26.04 -18.01
C LEU H 28 26.83 27.53 -18.17
N ASP H 29 26.62 28.24 -17.06
CA ASP H 29 26.18 29.64 -17.19
C ASP H 29 27.17 30.46 -18.02
N PHE H 30 28.48 30.30 -17.75
CA PHE H 30 29.47 31.04 -18.51
C PHE H 30 29.36 30.79 -20.02
N HIS H 31 29.26 29.51 -20.42
CA HIS H 31 29.27 29.18 -21.84
C HIS H 31 27.93 29.48 -22.48
N ARG H 32 26.84 29.35 -21.71
CA ARG H 32 25.55 29.86 -22.20
C ARG H 32 25.65 31.35 -22.48
N CYS H 33 26.15 32.11 -21.50
CA CYS H 33 26.32 33.57 -21.68
C CYS H 33 27.22 33.89 -22.84
N GLU H 34 28.31 33.16 -22.97
CA GLU H 34 29.21 33.49 -24.06
C GLU H 34 28.57 33.19 -25.41
N LYS H 35 27.80 32.09 -25.53
CA LYS H 35 27.10 31.85 -26.79
C LYS H 35 26.10 32.97 -27.08
N ALA H 36 25.31 33.37 -26.09
CA ALA H 36 24.36 34.43 -26.33
C ALA H 36 25.05 35.73 -26.75
N MET H 37 26.14 36.08 -26.08
CA MET H 37 26.80 37.35 -26.39
C MET H 37 27.43 37.32 -27.78
N THR H 38 28.15 36.25 -28.11
CA THR H 38 28.89 36.23 -29.37
C THR H 38 27.94 36.21 -30.56
N ALA H 39 26.78 35.57 -30.40
CA ALA H 39 25.81 35.52 -31.48
C ALA H 39 25.29 36.90 -31.84
N LYS H 40 24.65 37.58 -30.88
CA LYS H 40 24.06 38.89 -31.12
C LYS H 40 25.10 40.01 -31.15
N GLY H 41 26.36 39.63 -31.40
CA GLY H 41 27.47 40.54 -31.52
C GLY H 41 27.72 41.43 -30.31
N GLY H 42 27.41 40.96 -29.11
CA GLY H 42 27.70 41.69 -27.89
C GLY H 42 29.11 41.43 -27.37
N ASP H 43 29.30 41.69 -26.08
CA ASP H 43 30.60 41.59 -25.42
C ASP H 43 30.60 40.45 -24.41
N VAL H 44 31.49 39.46 -24.58
CA VAL H 44 31.56 38.35 -23.64
C VAL H 44 31.97 38.81 -22.25
N SER H 45 32.48 40.05 -22.14
CA SER H 45 32.87 40.61 -20.84
C SER H 45 31.77 40.58 -19.81
N VAL H 46 30.50 40.52 -20.23
CA VAL H 46 29.45 40.42 -19.21
C VAL H 46 29.33 39.00 -18.61
N CYS H 47 29.98 38.02 -19.23
CA CYS H 47 29.95 36.63 -18.78
C CYS H 47 31.02 36.38 -17.72
N GLU H 48 31.79 37.42 -17.38
CA GLU H 48 33.01 37.24 -16.59
C GLU H 48 32.76 36.69 -15.20
N TRP H 49 31.65 37.06 -14.54
CA TRP H 49 31.51 36.58 -13.18
C TRP H 49 31.42 35.05 -13.18
N TYR H 50 30.66 34.47 -14.12
CA TYR H 50 30.57 33.01 -14.25
C TYR H 50 31.93 32.38 -14.54
N ARG H 51 32.70 33.01 -15.43
CA ARG H 51 34.03 32.52 -15.77
C ARG H 51 34.92 32.46 -14.54
N ARG H 52 34.95 33.52 -13.72
CA ARG H 52 35.83 33.50 -12.54
C ARG H 52 35.39 32.45 -11.52
N VAL H 53 34.08 32.30 -11.32
CA VAL H 53 33.58 31.34 -10.32
C VAL H 53 33.90 29.92 -10.76
N TYR H 54 33.63 29.60 -12.02
CA TYR H 54 33.90 28.22 -12.41
C TYR H 54 35.39 27.92 -12.46
N LYS H 55 36.23 28.93 -12.79
CA LYS H 55 37.63 28.62 -12.82
C LYS H 55 38.16 28.43 -11.42
N SER H 56 37.57 29.14 -10.45
CA SER H 56 37.99 28.99 -9.06
C SER H 56 37.62 27.61 -8.54
N LEU H 57 36.43 27.14 -8.90
CA LEU H 57 35.87 25.94 -8.24
C LEU H 57 36.18 24.64 -8.97
N CYS H 58 36.21 24.65 -10.31
CA CYS H 58 36.22 23.40 -11.07
C CYS H 58 37.64 22.84 -11.19
N PRO H 59 37.84 21.56 -10.89
CA PRO H 59 39.11 20.87 -11.25
C PRO H 59 39.52 21.17 -12.69
N ILE H 60 40.81 21.39 -12.90
CA ILE H 60 41.29 21.63 -14.26
C ILE H 60 40.88 20.51 -15.22
N SER H 61 40.97 19.26 -14.78
CA SER H 61 40.67 18.16 -15.70
C SER H 61 39.18 18.11 -16.07
N TRP H 62 38.29 18.52 -15.17
CA TRP H 62 36.87 18.58 -15.53
C TRP H 62 36.63 19.61 -16.63
N VAL H 63 37.13 20.84 -16.43
CA VAL H 63 36.98 21.91 -17.43
C VAL H 63 37.55 21.45 -18.76
N SER H 64 38.71 20.84 -18.71
CA SER H 64 39.37 20.41 -19.93
C SER H 64 38.57 19.33 -20.64
N THR H 65 38.11 18.28 -19.90
CA THR H 65 37.24 17.29 -20.52
C THR H 65 35.97 17.94 -21.09
N TRP H 66 35.31 18.80 -20.32
CA TRP H 66 34.09 19.43 -20.80
C TRP H 66 34.36 20.25 -22.06
N ASP H 67 35.48 20.98 -22.07
CA ASP H 67 35.82 21.78 -23.26
C ASP H 67 36.02 20.88 -24.47
N ASP H 68 36.76 19.77 -24.25
CA ASP H 68 37.00 18.80 -25.31
C ASP H 68 35.68 18.25 -25.82
N ARG H 69 34.76 17.94 -24.91
CA ARG H 69 33.49 17.38 -25.39
C ARG H 69 32.64 18.44 -26.13
N ARG H 70 32.62 19.69 -25.65
CA ARG H 70 31.97 20.76 -26.45
C ARG H 70 32.54 20.84 -27.87
N ALA H 71 33.84 20.76 -28.01
CA ALA H 71 34.42 20.83 -29.35
C ALA H 71 34.09 19.61 -30.18
N GLU H 72 33.93 18.43 -29.54
CA GLU H 72 33.61 17.20 -30.25
C GLU H 72 32.14 17.08 -30.62
N GLY H 73 31.27 17.82 -29.96
CA GLY H 73 29.84 17.72 -30.15
C GLY H 73 29.24 16.67 -29.23
N THR H 74 29.91 16.32 -28.14
CA THR H 74 29.44 15.26 -27.21
C THR H 74 29.17 15.79 -25.80
N PHE H 75 29.13 17.08 -25.61
CA PHE H 75 28.86 17.66 -24.29
C PHE H 75 27.39 17.43 -23.96
N PRO H 76 27.06 16.76 -22.86
CA PRO H 76 25.64 16.39 -22.64
C PRO H 76 24.80 17.46 -21.97
N GLY H 77 25.41 18.56 -21.52
CA GLY H 77 24.61 19.64 -20.98
C GLY H 77 24.10 20.58 -22.11
N LYS H 78 23.03 21.30 -21.82
CA LYS H 78 22.42 22.16 -22.83
C LYS H 78 23.11 23.51 -22.81
N ILE H 79 23.66 23.93 -23.94
CA ILE H 79 24.25 25.26 -24.00
C ILE H 79 23.56 25.94 -25.14
C1A SAC I 1 30.76 -15.85 82.38
C2A SAC I 1 31.12 -16.22 83.79
OAC SAC I 1 31.19 -14.85 81.83
N SAC I 1 29.92 -16.71 81.79
CA SAC I 1 29.45 -16.53 80.44
C SAC I 1 28.46 -15.43 80.33
O SAC I 1 27.65 -15.19 81.24
CB SAC I 1 28.78 -17.78 79.91
OG SAC I 1 29.45 -18.91 80.46
N THR I 2 28.50 -14.73 79.21
CA THR I 2 27.40 -13.87 78.92
C THR I 2 26.85 -14.38 77.59
N ALA I 3 25.54 -14.32 77.46
CA ALA I 3 24.92 -14.54 76.18
C ALA I 3 25.52 -13.62 75.13
N LEU I 4 25.43 -14.06 73.89
CA LEU I 4 25.77 -13.22 72.75
C LEU I 4 24.55 -12.41 72.40
N ALA I 5 24.76 -11.14 72.01
CA ALA I 5 23.65 -10.33 71.56
C ALA I 5 23.14 -10.82 70.21
N LYS I 6 21.87 -10.56 69.92
CA LYS I 6 21.31 -10.87 68.63
C LYS I 6 21.85 -9.91 67.58
N PRO I 7 22.44 -10.38 66.53
CA PRO I 7 22.94 -9.45 65.49
C PRO I 7 21.91 -9.28 64.40
N GLN I 8 22.14 -8.35 63.46
CA GLN I 8 21.26 -8.22 62.32
C GLN I 8 21.36 -9.52 61.55
N MET I 9 20.24 -10.06 61.12
CA MET I 9 20.23 -11.29 60.37
C MET I 9 19.51 -11.19 59.05
N ARG I 10 18.86 -10.07 58.72
CA ARG I 10 18.11 -10.03 57.47
C ARG I 10 18.68 -8.93 56.60
N GLY I 11 18.55 -9.14 55.29
CA GLY I 11 18.94 -8.11 54.34
C GLY I 11 20.40 -7.78 54.30
N LEU I 12 21.30 -8.72 54.65
CA LEU I 12 22.72 -8.41 54.71
C LEU I 12 23.30 -8.17 53.31
N LEU I 13 22.83 -8.89 52.30
CA LEU I 13 23.34 -8.63 50.95
C LEU I 13 22.87 -7.26 50.48
N ALA I 14 21.58 -6.96 50.69
CA ALA I 14 21.05 -5.66 50.22
C ALA I 14 21.75 -4.51 50.92
N ARG I 15 22.01 -4.66 52.21
CA ARG I 15 22.69 -3.60 52.95
C ARG I 15 24.10 -3.39 52.40
N ARG I 16 24.81 -4.48 52.17
CA ARG I 16 26.12 -4.34 51.57
C ARG I 16 26.03 -3.63 50.22
N LEU I 17 25.04 -3.99 49.40
CA LEU I 17 24.94 -3.39 48.07
C LEU I 17 24.71 -1.89 48.18
N ARG I 18 23.75 -1.52 49.02
CA ARG I 18 23.37 -0.11 49.16
C ARG I 18 24.57 0.72 49.56
N PHE I 19 25.29 0.23 50.57
CA PHE I 19 26.42 0.98 51.09
C PHE I 19 27.47 1.19 50.00
N HIS I 20 27.72 0.18 49.17
CA HIS I 20 28.79 0.32 48.19
C HIS I 20 28.35 1.05 46.91
N ILE I 21 27.10 0.91 46.50
CA ILE I 21 26.64 1.75 45.40
C ILE I 21 26.82 3.21 45.78
N VAL I 22 26.48 3.55 47.03
CA VAL I 22 26.65 4.94 47.48
C VAL I 22 28.13 5.33 47.52
N GLY I 23 28.99 4.46 48.05
CA GLY I 23 30.42 4.76 48.01
C GLY I 23 30.95 4.91 46.59
N ALA I 24 30.47 4.07 45.68
CA ALA I 24 30.84 4.20 44.27
C ALA I 24 30.44 5.55 43.69
N PHE I 25 29.19 5.98 43.99
CA PHE I 25 28.74 7.30 43.53
C PHE I 25 29.64 8.41 44.06
N MET I 26 29.95 8.38 45.36
CA MET I 26 30.86 9.39 45.93
C MET I 26 32.22 9.36 45.24
N VAL I 27 32.77 8.17 44.98
CA VAL I 27 34.07 8.10 44.31
C VAL I 27 33.98 8.63 42.88
N SER I 28 32.85 8.37 42.21
CA SER I 28 32.65 8.84 40.83
C SER I 28 32.67 10.36 40.78
N LEU I 29 32.06 10.99 41.77
CA LEU I 29 32.13 12.44 41.91
C LEU I 29 33.55 12.89 42.25
N GLY I 30 34.22 12.18 43.16
CA GLY I 30 35.61 12.49 43.45
C GLY I 30 36.47 12.43 42.20
N PHE I 31 36.27 11.42 41.36
CA PHE I 31 37.08 11.32 40.15
C PHE I 31 36.74 12.42 39.14
N ALA I 32 35.45 12.72 38.96
CA ALA I 32 35.07 13.71 37.96
C ALA I 32 35.66 15.07 38.32
N THR I 33 35.73 15.37 39.61
CA THR I 33 36.34 16.62 40.07
C THR I 33 37.83 16.64 39.76
N PHE I 34 38.53 15.54 40.05
CA PHE I 34 39.95 15.45 39.79
C PHE I 34 40.25 15.54 38.29
N TYR I 35 39.38 14.97 37.46
CA TYR I 35 39.65 14.91 36.03
C TYR I 35 39.46 16.27 35.39
N LYS I 36 38.43 17.00 35.83
CA LYS I 36 38.17 18.34 35.34
C LYS I 36 39.33 19.26 35.67
N PHE I 37 39.91 19.09 36.86
CA PHE I 37 41.04 19.93 37.25
C PHE I 37 42.33 19.51 36.54
N ALA I 38 42.64 18.21 36.56
CA ALA I 38 43.91 17.69 36.05
C ALA I 38 43.96 17.49 34.54
N VAL I 39 42.83 17.57 33.83
CA VAL I 39 42.82 17.21 32.42
C VAL I 39 42.06 18.27 31.65
N ALA I 40 40.75 18.38 31.89
CA ALA I 40 39.93 19.28 31.09
C ALA I 40 40.31 20.74 31.32
N GLU I 41 40.34 21.20 32.58
CA GLU I 41 40.70 22.59 32.84
C GLU I 41 42.16 22.85 32.52
N LYS I 42 43.03 21.92 32.89
CA LYS I 42 44.43 22.02 32.51
C LYS I 42 44.55 22.32 31.02
N ARG I 43 43.75 21.65 30.19
CA ARG I 43 43.85 21.86 28.75
C ARG I 43 43.35 23.24 28.37
N LYS I 44 42.15 23.62 28.85
CA LYS I 44 41.66 24.96 28.54
C LYS I 44 42.69 25.99 28.91
N LYS I 45 43.29 25.85 30.08
CA LYS I 45 44.23 26.86 30.56
C LYS I 45 45.54 26.86 29.75
N ALA I 46 46.03 25.68 29.38
CA ALA I 46 47.20 25.65 28.52
C ALA I 46 46.94 26.38 27.21
N TYR I 47 45.77 26.15 26.60
CA TYR I 47 45.47 26.83 25.34
C TYR I 47 45.23 28.33 25.55
N ALA I 48 44.48 28.71 26.58
CA ALA I 48 44.27 30.14 26.77
C ALA I 48 45.59 30.85 27.12
N ASP I 49 46.44 30.22 27.95
CA ASP I 49 47.72 30.84 28.29
C ASP I 49 48.64 30.93 27.08
N PHE I 50 48.65 29.90 26.24
CA PHE I 50 49.54 29.94 25.06
C PHE I 50 49.13 31.09 24.15
N TYR I 51 47.83 31.26 23.89
CA TYR I 51 47.43 32.25 22.89
C TYR I 51 47.27 33.67 23.45
N ARG I 52 47.36 33.85 24.78
CA ARG I 52 47.01 35.14 25.40
C ARG I 52 47.90 36.25 24.87
N ASN I 53 49.21 36.00 24.80
CA ASN I 53 50.15 36.98 24.25
C ASN I 53 50.88 36.44 23.01
N TYR I 54 50.25 35.50 22.29
CA TYR I 54 50.87 34.85 21.14
C TYR I 54 51.12 35.85 20.02
N ASP I 55 52.33 35.82 19.48
CA ASP I 55 52.70 36.69 18.38
C ASP I 55 53.01 35.80 17.18
N SER I 56 52.05 35.67 16.26
CA SER I 56 52.19 34.73 15.15
C SER I 56 53.28 35.17 14.21
N MET I 57 53.46 36.47 14.05
CA MET I 57 54.57 36.92 13.22
C MET I 57 55.92 36.60 13.84
N LYS I 58 56.06 36.79 15.15
CA LYS I 58 57.30 36.40 15.81
C LYS I 58 57.54 34.91 15.67
N ASP I 59 56.49 34.10 15.87
CA ASP I 59 56.61 32.66 15.69
C ASP I 59 57.10 32.32 14.29
N PHE I 60 56.49 32.93 13.27
CA PHE I 60 56.90 32.72 11.89
C PHE I 60 58.34 33.15 11.66
N GLU I 61 58.74 34.28 12.21
CA GLU I 61 60.11 34.72 11.95
C GLU I 61 61.11 33.74 12.54
N GLU I 62 60.82 33.21 13.74
CA GLU I 62 61.69 32.19 14.32
C GLU I 62 61.75 30.98 13.41
N MET I 63 60.61 30.53 12.91
CA MET I 63 60.65 29.36 12.04
C MET I 63 61.41 29.66 10.75
N ARG I 64 61.17 30.85 10.17
CA ARG I 64 61.83 31.21 8.94
C ARG I 64 63.32 31.20 9.15
N LYS I 65 63.78 31.81 10.25
CA LYS I 65 65.24 31.88 10.49
C LYS I 65 65.83 30.50 10.76
N ALA I 66 65.03 29.57 11.26
CA ALA I 66 65.54 28.22 11.46
C ALA I 66 65.68 27.45 10.16
N GLY I 67 65.10 27.95 9.08
CA GLY I 67 65.24 27.30 7.81
C GLY I 67 64.13 26.31 7.52
N ILE I 68 62.99 26.42 8.17
CA ILE I 68 62.09 25.25 8.02
C ILE I 68 61.23 25.33 6.73
N PHE I 69 61.16 26.50 6.07
CA PHE I 69 60.14 26.73 5.05
C PHE I 69 60.64 26.60 3.62
N GLN I 70 59.77 26.09 2.75
CA GLN I 70 60.05 26.18 1.30
C GLN I 70 59.80 27.56 0.75
N SER I 71 58.81 28.25 1.29
CA SER I 71 58.35 29.48 0.68
C SER I 71 59.02 30.71 1.26
N ALA I 72 59.80 30.57 2.31
CA ALA I 72 60.37 31.71 3.03
C ALA I 72 61.76 31.36 3.51
N LYS I 73 62.78 32.06 3.02
CA LYS I 73 64.14 31.81 3.44
C LYS I 73 64.51 32.88 4.46
N PHE J 1 -7.17 -38.11 -17.80
CA PHE J 1 -6.23 -38.88 -16.98
C PHE J 1 -7.00 -39.49 -15.84
N GLU J 2 -6.39 -40.50 -15.22
CA GLU J 2 -6.95 -41.14 -14.05
C GLU J 2 -6.05 -40.92 -12.83
N ASN J 3 -6.69 -40.87 -11.69
CA ASN J 3 -6.00 -40.61 -10.41
C ASN J 3 -5.30 -41.89 -9.99
N ARG J 4 -3.99 -41.94 -10.17
CA ARG J 4 -3.15 -43.06 -9.71
C ARG J 4 -2.29 -42.72 -8.50
N VAL J 5 -2.72 -41.76 -7.68
CA VAL J 5 -1.97 -41.43 -6.45
C VAL J 5 -1.91 -42.63 -5.50
N ALA J 6 -3.01 -43.41 -5.37
CA ALA J 6 -2.98 -44.54 -4.44
C ALA J 6 -1.83 -45.51 -4.75
N GLU J 7 -1.60 -45.76 -6.04
CA GLU J 7 -0.53 -46.66 -6.43
C GLU J 7 0.82 -46.10 -6.04
N LYS J 8 1.03 -44.79 -6.22
CA LYS J 8 2.29 -44.17 -5.84
C LYS J 8 2.46 -44.17 -4.32
N GLN J 9 1.35 -44.04 -3.60
CA GLN J 9 1.42 -44.09 -2.15
C GLN J 9 1.86 -45.47 -1.71
N LYS J 10 1.37 -46.50 -2.39
CA LYS J 10 1.81 -47.85 -2.02
C LYS J 10 3.31 -48.01 -2.28
N LEU J 11 3.76 -47.57 -3.46
CA LEU J 11 5.17 -47.68 -3.84
C LEU J 11 6.05 -46.99 -2.81
N PHE J 12 5.73 -45.73 -2.49
CA PHE J 12 6.68 -45.02 -1.66
C PHE J 12 6.53 -45.32 -0.19
N GLN J 13 5.50 -46.05 0.20
CA GLN J 13 5.41 -46.49 1.58
C GLN J 13 5.86 -47.93 1.76
N GLU J 14 6.41 -48.55 0.72
CA GLU J 14 6.78 -49.97 0.84
C GLU J 14 7.93 -50.11 1.85
N ASP J 15 7.82 -51.11 2.72
CA ASP J 15 8.76 -51.25 3.84
C ASP J 15 10.07 -51.90 3.37
N ASN J 16 10.84 -51.15 2.58
CA ASN J 16 12.06 -51.70 1.98
C ASN J 16 13.33 -51.00 2.46
N GLY J 17 13.23 -50.15 3.49
CA GLY J 17 14.40 -49.45 3.98
C GLY J 17 15.04 -48.42 3.03
N LEU J 18 14.53 -48.18 1.85
CA LEU J 18 15.22 -47.27 0.93
C LEU J 18 14.94 -45.82 1.34
N PRO J 19 15.93 -44.93 1.26
CA PRO J 19 15.67 -43.48 1.46
C PRO J 19 14.82 -42.90 0.35
N VAL J 20 14.13 -41.78 0.66
CA VAL J 20 13.10 -41.37 -0.28
C VAL J 20 13.69 -41.08 -1.66
N HIS J 21 14.96 -40.64 -1.72
CA HIS J 21 15.50 -40.23 -3.02
C HIS J 21 15.83 -41.42 -3.92
N LEU J 22 15.70 -42.65 -3.39
CA LEU J 22 15.98 -43.85 -4.20
C LEU J 22 14.77 -44.76 -4.26
N LYS J 23 13.67 -44.36 -3.65
CA LYS J 23 12.58 -45.29 -3.40
C LYS J 23 11.72 -45.47 -4.63
N GLY J 24 11.96 -44.67 -5.66
CA GLY J 24 11.28 -44.85 -6.92
C GLY J 24 11.77 -46.03 -7.72
N GLY J 25 12.93 -46.54 -7.40
CA GLY J 25 13.47 -47.66 -8.10
C GLY J 25 14.72 -47.29 -8.88
N ALA J 26 15.02 -48.11 -9.87
CA ALA J 26 16.37 -48.13 -10.42
C ALA J 26 16.75 -46.83 -11.12
N THR J 27 15.75 -46.12 -11.67
CA THR J 27 15.98 -44.84 -12.33
C THR J 27 16.49 -43.80 -11.36
N ASP J 28 16.04 -43.84 -10.10
CA ASP J 28 16.53 -42.90 -9.09
C ASP J 28 18.03 -43.09 -8.93
N ASN J 29 18.48 -44.35 -8.93
CA ASN J 29 19.89 -44.64 -8.74
C ASN J 29 20.71 -44.07 -9.87
N ILE J 30 20.20 -44.19 -11.10
CA ILE J 30 20.93 -43.68 -12.24
C ILE J 30 21.02 -42.15 -12.18
N LEU J 31 19.88 -41.49 -11.95
CA LEU J 31 19.90 -40.02 -11.92
C LEU J 31 20.79 -39.52 -10.78
N TYR J 32 20.78 -40.23 -9.65
CA TYR J 32 21.68 -39.90 -8.54
C TYR J 32 23.14 -40.03 -8.96
N ARG J 33 23.52 -41.15 -9.60
CA ARG J 33 24.91 -41.31 -10.00
C ARG J 33 25.31 -40.27 -11.02
N VAL J 34 24.43 -39.95 -11.95
CA VAL J 34 24.77 -38.91 -12.91
C VAL J 34 25.00 -37.58 -12.20
N THR J 35 24.12 -37.23 -11.26
CA THR J 35 24.23 -35.93 -10.59
C THR J 35 25.53 -35.86 -9.77
N MET J 36 25.76 -36.88 -8.97
CA MET J 36 26.93 -36.88 -8.10
C MET J 36 28.20 -36.94 -8.93
N THR J 37 28.16 -37.68 -10.04
CA THR J 37 29.37 -37.76 -10.88
C THR J 37 29.68 -36.41 -11.51
N LEU J 38 28.66 -35.73 -12.06
CA LEU J 38 28.87 -34.37 -12.57
C LEU J 38 29.35 -33.41 -11.48
N CYS J 39 28.76 -33.47 -10.27
CA CYS J 39 29.19 -32.57 -9.20
C CYS J 39 30.63 -32.84 -8.79
N LEU J 40 30.98 -34.11 -8.56
CA LEU J 40 32.31 -34.43 -8.06
C LEU J 40 33.36 -34.23 -9.16
N GLY J 41 33.05 -34.70 -10.36
CA GLY J 41 33.90 -34.44 -11.49
C GLY J 41 34.05 -32.95 -11.80
N GLY J 42 32.93 -32.20 -11.80
CA GLY J 42 33.01 -30.77 -11.99
C GLY J 42 33.86 -30.06 -10.93
N THR J 43 33.74 -30.52 -9.68
CA THR J 43 34.48 -29.89 -8.59
C THR J 43 35.97 -30.13 -8.76
N LEU J 44 36.38 -31.34 -9.14
CA LEU J 44 37.79 -31.58 -9.47
C LEU J 44 38.24 -30.71 -10.62
N TYR J 45 37.42 -30.59 -11.66
CA TYR J 45 37.78 -29.71 -12.77
C TYR J 45 37.95 -28.29 -12.28
N SER J 46 37.10 -27.85 -11.35
CA SER J 46 37.24 -26.46 -10.92
C SER J 46 38.53 -26.27 -10.14
N LEU J 47 38.94 -27.30 -9.37
CA LEU J 47 40.22 -27.19 -8.69
C LEU J 47 41.37 -27.13 -9.68
N TYR J 48 41.27 -27.93 -10.74
CA TYR J 48 42.28 -27.84 -11.78
C TYR J 48 42.33 -26.43 -12.34
N CYS J 49 41.17 -25.84 -12.63
CA CYS J 49 41.12 -24.49 -13.16
C CYS J 49 41.72 -23.48 -12.18
N LEU J 50 41.48 -23.65 -10.87
CA LEU J 50 42.15 -22.77 -9.90
C LEU J 50 43.65 -22.89 -10.02
N GLY J 51 44.15 -24.12 -10.02
CA GLY J 51 45.57 -24.34 -10.17
C GLY J 51 46.11 -23.65 -11.39
N TRP J 52 45.46 -23.84 -12.53
CA TRP J 52 45.88 -23.14 -13.75
C TRP J 52 45.88 -21.62 -13.56
N ALA J 53 44.80 -21.09 -12.99
CA ALA J 53 44.69 -19.63 -12.94
C ALA J 53 45.56 -19.04 -11.85
N SER J 54 46.16 -19.87 -11.01
CA SER J 54 46.94 -19.39 -9.89
C SER J 54 48.31 -18.96 -10.33
N PHE J 55 48.70 -19.25 -11.55
CA PHE J 55 50.02 -18.86 -12.05
C PHE J 55 49.90 -18.09 -13.36
N PRO J 56 50.88 -17.23 -13.64
CA PRO J 56 50.80 -16.44 -14.89
C PRO J 56 51.03 -17.33 -16.09
N HIS J 57 50.53 -16.87 -17.24
CA HIS J 57 50.68 -17.61 -18.50
C HIS J 57 51.00 -16.63 -19.62
N LYS J 58 52.29 -16.56 -19.99
CA LYS J 58 52.82 -15.60 -20.94
C LYS J 58 52.67 -16.05 -22.40
N ALA K 1 44.05 -36.29 50.32
CA ALA K 1 45.38 -36.38 49.70
C ALA K 1 45.74 -35.09 48.95
N PRO K 2 47.01 -34.68 49.00
CA PRO K 2 47.42 -33.45 48.29
C PRO K 2 47.24 -33.63 46.79
N ASP K 3 46.74 -32.59 46.14
CA ASP K 3 46.53 -32.70 44.71
C ASP K 3 47.74 -32.09 43.99
N PHE K 4 47.65 -32.06 42.65
CA PHE K 4 48.70 -31.45 41.87
C PHE K 4 49.10 -30.07 42.41
N HIS K 5 48.11 -29.25 42.75
CA HIS K 5 48.38 -27.85 43.12
C HIS K 5 49.06 -27.75 44.47
N ASP K 6 48.63 -28.57 45.42
CA ASP K 6 49.31 -28.67 46.70
C ASP K 6 50.77 -29.06 46.50
N LYS K 7 51.03 -30.04 45.61
CA LYS K 7 52.39 -30.55 45.49
C LYS K 7 53.28 -29.61 44.67
N TYR K 8 52.74 -29.04 43.60
CA TYR K 8 53.55 -28.35 42.61
C TYR K 8 53.24 -26.88 42.45
N GLY K 9 52.13 -26.39 43.02
CA GLY K 9 51.71 -25.01 42.78
C GLY K 9 52.79 -24.00 43.07
N ASN K 10 53.42 -24.10 44.24
CA ASN K 10 54.43 -23.10 44.60
C ASN K 10 55.54 -23.06 43.56
N ALA K 11 55.97 -24.23 43.09
CA ALA K 11 57.07 -24.26 42.13
C ALA K 11 56.63 -23.76 40.76
N VAL K 12 55.43 -24.16 40.31
CA VAL K 12 54.93 -23.61 39.03
C VAL K 12 54.86 -22.09 39.09
N LEU K 13 54.36 -21.55 40.19
CA LEU K 13 54.24 -20.12 40.32
C LEU K 13 55.62 -19.45 40.30
N ALA K 14 56.55 -19.96 41.12
CA ALA K 14 57.86 -19.32 41.20
C ALA K 14 58.63 -19.43 39.91
N SER K 15 58.69 -20.64 39.35
CA SER K 15 59.46 -20.82 38.13
C SER K 15 58.82 -20.08 36.96
N GLY K 16 57.49 -20.17 36.81
CA GLY K 16 56.84 -19.43 35.72
C GLY K 16 57.14 -17.94 35.76
N ALA K 17 57.00 -17.34 36.94
CA ALA K 17 57.22 -15.91 37.06
C ALA K 17 58.68 -15.55 36.77
N THR K 18 59.61 -16.31 37.36
CA THR K 18 61.02 -16.01 37.14
C THR K 18 61.38 -16.12 35.67
N PHE K 19 60.91 -17.18 35.04
CA PHE K 19 61.16 -17.35 33.61
C PHE K 19 60.56 -16.21 32.80
N CYS K 20 59.29 -15.89 33.05
CA CYS K 20 58.61 -14.86 32.27
C CYS K 20 59.33 -13.50 32.34
N VAL K 21 59.61 -13.05 33.56
CA VAL K 21 60.35 -11.80 33.75
C VAL K 21 61.68 -11.85 33.03
N ALA K 22 62.39 -12.94 33.20
CA ALA K 22 63.75 -12.96 32.64
C ALA K 22 63.70 -12.92 31.12
N VAL K 23 62.79 -13.66 30.52
CA VAL K 23 62.84 -13.75 29.06
C VAL K 23 62.29 -12.46 28.43
N TRP K 24 61.22 -11.86 29.02
CA TRP K 24 60.75 -10.56 28.49
C TRP K 24 61.82 -9.48 28.71
N VAL K 25 62.52 -9.50 29.85
CA VAL K 25 63.53 -8.43 30.04
C VAL K 25 64.63 -8.55 28.99
N TYR K 26 65.03 -9.81 28.72
CA TYR K 26 66.07 -10.03 27.71
C TYR K 26 65.57 -9.60 26.33
N MET K 27 64.38 -10.07 25.95
CA MET K 27 63.80 -9.62 24.68
C MET K 27 63.75 -8.10 24.62
N ALA K 28 63.35 -7.47 25.71
CA ALA K 28 63.13 -6.04 25.58
C ALA K 28 64.44 -5.27 25.56
N THR K 29 65.53 -5.84 26.04
CA THR K 29 66.74 -4.99 26.21
C THR K 29 67.98 -5.45 25.46
N GLN K 30 68.04 -6.67 24.97
CA GLN K 30 69.30 -7.26 24.54
C GLN K 30 69.34 -7.68 23.09
N ILE K 31 68.31 -7.42 22.30
CA ILE K 31 68.36 -8.03 20.97
C ILE K 31 68.11 -6.97 19.92
N GLY K 32 68.21 -5.69 20.32
CA GLY K 32 68.19 -4.60 19.37
C GLY K 32 66.80 -4.15 18.96
N ILE K 33 65.76 -4.49 19.71
CA ILE K 33 64.45 -3.92 19.41
C ILE K 33 64.52 -2.41 19.57
N GLU K 34 63.93 -1.65 18.60
CA GLU K 34 63.88 -0.17 18.62
C GLU K 34 62.51 0.21 19.16
N TRP K 35 62.48 0.62 20.44
CA TRP K 35 61.21 1.01 21.03
C TRP K 35 60.82 2.42 20.64
N ASN K 36 61.78 3.23 20.22
CA ASN K 36 61.55 4.62 19.85
C ASN K 36 60.80 5.40 20.96
N PRO K 37 61.39 5.50 22.15
CA PRO K 37 60.82 6.30 23.23
C PRO K 37 60.86 7.78 22.87
N SER K 38 60.19 8.57 23.71
CA SER K 38 60.15 10.01 23.51
C SER K 38 61.56 10.59 23.63
N PRO K 39 61.93 11.55 22.76
CA PRO K 39 63.20 12.25 22.97
C PRO K 39 63.18 13.19 24.17
N VAL K 40 61.99 13.55 24.64
CA VAL K 40 61.88 14.54 25.72
C VAL K 40 62.68 14.08 26.92
N GLY K 41 63.49 14.97 27.48
CA GLY K 41 64.37 14.63 28.57
C GLY K 41 65.44 13.60 28.27
N ARG K 42 65.55 13.13 27.03
CA ARG K 42 66.49 12.09 26.65
C ARG K 42 67.48 12.57 25.59
N VAL K 43 67.00 13.24 24.55
CA VAL K 43 67.78 13.53 23.35
C VAL K 43 68.30 14.96 23.39
N THR K 44 69.59 15.15 23.11
CA THR K 44 70.12 16.50 22.97
C THR K 44 69.91 16.91 21.52
N PRO K 45 69.06 17.91 21.22
CA PRO K 45 68.81 18.28 19.82
C PRO K 45 70.11 18.73 19.18
N LYS K 46 70.29 18.36 17.91
CA LYS K 46 71.51 18.74 17.19
C LYS K 46 71.18 19.42 15.87
N GLU K 47 71.96 20.44 15.51
CA GLU K 47 71.80 21.19 14.28
C GLU K 47 71.62 20.26 13.10
N TRP K 48 70.63 20.55 12.29
CA TRP K 48 70.21 19.73 11.16
C TRP K 48 70.34 20.44 9.81
N ARG K 49 70.18 21.75 9.75
CA ARG K 49 70.08 22.42 8.41
C ARG K 49 71.46 22.50 7.72
N HIS L 1 21.55 -48.82 13.54
CA HIS L 1 21.42 -47.37 13.55
C HIS L 1 22.82 -46.71 13.41
N TYR L 2 22.98 -45.48 13.88
CA TYR L 2 24.31 -44.89 14.02
C TYR L 2 24.82 -45.11 15.43
N GLU L 3 26.13 -44.98 15.59
CA GLU L 3 26.69 -45.12 16.92
C GLU L 3 26.34 -43.90 17.74
N GLU L 4 26.13 -44.12 19.01
CA GLU L 4 25.74 -43.03 19.87
C GLU L 4 26.75 -43.00 21.02
N GLY L 5 26.79 -41.89 21.72
CA GLY L 5 27.60 -41.80 22.90
C GLY L 5 28.94 -41.08 22.69
N PRO L 6 29.63 -40.85 23.81
CA PRO L 6 30.89 -40.08 23.73
C PRO L 6 31.86 -40.73 22.77
N GLY L 7 32.48 -39.88 21.93
CA GLY L 7 33.46 -40.33 20.97
C GLY L 7 32.85 -40.90 19.71
N LYS L 8 31.53 -41.05 19.66
CA LYS L 8 30.86 -41.66 18.52
C LYS L 8 30.01 -40.70 17.71
N ASN L 9 29.75 -39.51 18.23
CA ASN L 9 28.87 -38.54 17.55
C ASN L 9 29.71 -37.50 16.83
N ILE L 10 30.83 -37.90 16.23
CA ILE L 10 31.79 -36.96 15.60
C ILE L 10 32.34 -37.63 14.37
N PRO L 11 32.76 -36.85 13.40
CA PRO L 11 33.23 -37.45 12.15
C PRO L 11 34.68 -37.87 12.18
N PHE L 12 35.36 -37.82 13.33
CA PHE L 12 36.76 -38.19 13.41
C PHE L 12 36.87 -39.18 14.54
N SER L 13 37.82 -40.10 14.47
CA SER L 13 38.00 -41.11 15.53
C SER L 13 38.76 -40.55 16.71
N VAL L 14 38.37 -40.97 17.94
CA VAL L 14 39.11 -40.66 19.15
C VAL L 14 39.49 -41.94 19.85
N GLU L 15 39.54 -43.02 19.07
CA GLU L 15 39.86 -44.33 19.64
C GLU L 15 41.33 -44.41 20.05
N ASN L 16 42.25 -43.74 19.34
CA ASN L 16 43.65 -43.76 19.73
C ASN L 16 44.11 -42.30 19.83
N LYS L 17 44.60 -41.89 20.99
CA LYS L 17 44.88 -40.46 21.21
C LYS L 17 46.06 -39.97 20.39
N TRP L 18 46.95 -40.84 19.96
CA TRP L 18 48.08 -40.38 19.19
C TRP L 18 47.70 -40.26 17.71
N ARG L 19 46.89 -41.19 17.19
CA ARG L 19 46.35 -40.95 15.86
C ARG L 19 45.51 -39.66 15.84
N LEU L 20 44.77 -39.44 16.93
CA LEU L 20 43.96 -38.23 17.05
C LEU L 20 44.85 -37.00 17.04
N LEU L 21 45.93 -37.02 17.83
CA LEU L 21 46.86 -35.89 17.81
C LEU L 21 47.35 -35.63 16.40
N ALA L 22 47.65 -36.71 15.67
CA ALA L 22 48.14 -36.44 14.30
C ALA L 22 47.04 -35.81 13.45
N MET L 23 45.83 -36.34 13.54
CA MET L 23 44.74 -35.79 12.75
C MET L 23 44.50 -34.32 13.11
N MET L 24 44.50 -34.00 14.41
CA MET L 24 44.18 -32.63 14.82
C MET L 24 45.26 -31.67 14.37
N THR L 25 46.50 -32.18 14.39
CA THR L 25 47.70 -31.46 13.97
C THR L 25 47.64 -31.13 12.50
N LEU L 26 47.27 -32.11 11.68
CA LEU L 26 47.06 -31.80 10.27
C LEU L 26 45.89 -30.84 10.06
N PHE L 27 44.80 -31.06 10.78
CA PHE L 27 43.60 -30.24 10.61
C PHE L 27 43.87 -28.80 11.01
N PHE L 28 44.21 -28.54 12.28
CA PHE L 28 44.39 -27.13 12.61
C PHE L 28 45.66 -26.56 12.00
N GLY L 29 46.67 -27.41 11.86
CA GLY L 29 47.92 -26.92 11.28
C GLY L 29 47.76 -26.50 9.83
N SER L 30 46.96 -27.26 9.04
CA SER L 30 46.78 -26.88 7.64
C SER L 30 46.09 -25.51 7.56
N GLY L 31 45.11 -25.28 8.43
CA GLY L 31 44.42 -23.97 8.38
C GLY L 31 45.38 -22.84 8.75
N PHE L 32 46.15 -23.03 9.83
CA PHE L 32 47.07 -21.97 10.22
C PHE L 32 48.18 -21.78 9.21
N ALA L 33 48.65 -22.87 8.56
CA ALA L 33 49.74 -22.67 7.58
C ALA L 33 49.30 -22.01 6.28
N ALA L 34 48.03 -22.19 5.89
CA ALA L 34 47.62 -21.80 4.54
C ALA L 34 47.93 -20.34 4.25
N PRO L 35 47.64 -19.37 5.11
CA PRO L 35 47.94 -17.97 4.70
C PRO L 35 49.44 -17.76 4.49
N PHE L 36 50.30 -18.41 5.28
CA PHE L 36 51.74 -18.22 5.05
C PHE L 36 52.11 -18.73 3.67
N PHE L 37 51.58 -19.89 3.28
CA PHE L 37 51.96 -20.34 1.94
C PHE L 37 51.29 -19.56 0.83
N ILE L 38 50.15 -18.93 1.09
CA ILE L 38 49.56 -18.08 0.07
C ILE L 38 50.41 -16.82 -0.13
N VAL L 39 50.86 -16.24 0.98
CA VAL L 39 51.81 -15.13 0.92
C VAL L 39 53.07 -15.50 0.15
N ARG L 40 53.63 -16.65 0.45
CA ARG L 40 54.82 -17.10 -0.28
C ARG L 40 54.53 -17.17 -1.78
N HIS L 41 53.39 -17.74 -2.12
CA HIS L 41 52.99 -17.91 -3.50
C HIS L 41 52.90 -16.57 -4.19
N GLN L 42 52.28 -15.61 -3.52
CA GLN L 42 52.17 -14.31 -4.16
C GLN L 42 53.53 -13.66 -4.29
N LEU L 43 54.40 -13.85 -3.30
CA LEU L 43 55.77 -13.29 -3.41
C LEU L 43 56.58 -13.94 -4.51
N LEU L 44 56.41 -15.23 -4.71
CA LEU L 44 57.19 -15.89 -5.74
C LEU L 44 56.72 -15.54 -7.14
N LYS L 45 55.51 -15.03 -7.29
CA LYS L 45 55.09 -14.53 -8.60
C LYS L 45 55.89 -13.30 -9.00
N LYS L 46 55.74 -12.24 -8.23
CA LYS L 46 56.28 -10.94 -8.48
C LYS L 46 56.46 -10.28 -7.12
N ILE M 1 29.97 -29.53 37.59
CA ILE M 1 29.65 -30.77 36.86
C ILE M 1 30.43 -31.90 37.54
N THR M 2 29.97 -33.14 37.45
CA THR M 2 30.86 -34.24 37.89
C THR M 2 31.12 -35.19 36.72
N ALA M 3 32.16 -35.99 36.84
CA ALA M 3 32.59 -36.80 35.73
C ALA M 3 33.31 -38.02 36.29
N LYS M 4 33.41 -39.04 35.47
CA LYS M 4 34.20 -40.21 35.79
C LYS M 4 35.66 -39.87 35.68
N PRO M 5 36.52 -40.58 36.41
CA PRO M 5 37.94 -40.50 36.12
C PRO M 5 38.17 -40.92 34.71
N ALA M 6 39.27 -40.38 34.12
CA ALA M 6 39.63 -40.65 32.74
C ALA M 6 39.67 -42.12 32.43
N LYS M 7 39.03 -42.48 31.30
CA LYS M 7 39.12 -43.87 30.83
C LYS M 7 40.49 -44.19 30.28
N THR M 8 41.19 -43.20 29.71
CA THR M 8 42.53 -43.36 29.13
C THR M 8 43.39 -42.19 29.64
N PRO M 9 43.83 -42.24 30.90
CA PRO M 9 44.55 -41.10 31.52
C PRO M 9 45.73 -40.63 30.70
N THR M 10 45.93 -39.29 30.66
CA THR M 10 46.97 -38.68 29.87
C THR M 10 47.95 -38.12 30.86
N SER M 11 49.07 -38.84 31.06
CA SER M 11 50.08 -38.49 32.04
C SER M 11 50.75 -37.14 31.68
N PRO M 12 51.40 -36.51 32.65
CA PRO M 12 52.18 -35.31 32.34
C PRO M 12 53.14 -35.46 31.18
N LYS M 13 53.82 -36.60 31.07
CA LYS M 13 54.72 -36.83 29.94
C LYS M 13 53.95 -36.84 28.63
N GLU M 14 52.80 -37.54 28.62
CA GLU M 14 51.95 -37.55 27.42
C GLU M 14 51.41 -36.16 27.09
N GLN M 15 51.11 -35.37 28.12
CA GLN M 15 50.60 -34.03 27.85
C GLN M 15 51.71 -33.17 27.29
N ALA M 16 52.93 -33.34 27.82
CA ALA M 16 54.07 -32.62 27.25
C ALA M 16 54.30 -32.98 25.81
N ILE M 17 54.16 -34.25 25.44
CA ILE M 17 54.25 -34.60 24.03
C ILE M 17 53.12 -33.94 23.20
N GLY M 18 51.86 -34.05 23.66
CA GLY M 18 50.76 -33.49 22.87
C GLY M 18 50.92 -31.98 22.68
N LEU M 19 51.31 -31.30 23.75
CA LEU M 19 51.45 -29.84 23.69
C LEU M 19 52.62 -29.45 22.79
N SER M 20 53.73 -30.22 22.87
CA SER M 20 54.88 -29.91 22.04
C SER M 20 54.53 -30.14 20.58
N VAL M 21 53.86 -31.27 20.26
CA VAL M 21 53.48 -31.55 18.87
C VAL M 21 52.51 -30.47 18.37
N THR M 22 51.49 -30.17 19.16
CA THR M 22 50.55 -29.11 18.78
C THR M 22 51.30 -27.81 18.45
N PHE M 23 52.13 -27.35 19.39
CA PHE M 23 52.84 -26.09 19.15
C PHE M 23 53.70 -26.17 17.89
N LEU M 24 54.44 -27.26 17.72
CA LEU M 24 55.28 -27.34 16.54
C LEU M 24 54.48 -27.39 15.23
N SER M 25 53.26 -27.95 15.25
CA SER M 25 52.48 -28.00 14.04
C SER M 25 52.07 -26.59 13.59
N PHE M 26 51.93 -25.65 14.53
CA PHE M 26 51.66 -24.25 14.14
C PHE M 26 52.94 -23.51 13.81
N LEU M 27 53.99 -23.78 14.59
CA LEU M 27 55.14 -22.89 14.50
C LEU M 27 56.08 -23.26 13.33
N LEU M 28 56.32 -24.55 13.07
CA LEU M 28 57.37 -24.88 12.09
C LEU M 28 57.03 -24.44 10.68
N PRO M 29 55.77 -24.63 10.14
CA PRO M 29 55.54 -24.28 8.75
C PRO M 29 55.61 -22.76 8.56
N ALA M 30 54.96 -22.02 9.46
CA ALA M 30 55.05 -20.55 9.41
C ALA M 30 56.49 -20.08 9.57
N GLY M 31 57.19 -20.64 10.55
CA GLY M 31 58.60 -20.29 10.74
C GLY M 31 59.41 -20.53 9.48
N TRP M 32 59.15 -21.64 8.79
CA TRP M 32 59.88 -21.89 7.55
C TRP M 32 59.62 -20.82 6.49
N VAL M 33 58.34 -20.49 6.26
CA VAL M 33 58.01 -19.41 5.31
C VAL M 33 58.66 -18.11 5.75
N LEU M 34 58.53 -17.79 7.05
CA LEU M 34 59.02 -16.46 7.41
C LEU M 34 60.55 -16.41 7.38
N TYR M 35 61.20 -17.49 7.76
CA TYR M 35 62.66 -17.55 7.64
C TYR M 35 63.13 -17.30 6.20
N HIS M 36 62.39 -17.76 5.22
CA HIS M 36 62.81 -17.65 3.83
C HIS M 36 62.22 -16.46 3.10
N LEU M 37 61.57 -15.52 3.81
CA LEU M 37 60.90 -14.41 3.12
C LEU M 37 61.86 -13.71 2.19
N ASP M 38 63.08 -13.48 2.66
CA ASP M 38 64.01 -12.73 1.81
C ASP M 38 64.25 -13.46 0.50
N ASN M 39 64.41 -14.79 0.55
CA ASN M 39 64.61 -15.56 -0.68
C ASN M 39 63.42 -15.49 -1.61
N TYR M 40 62.20 -15.30 -1.06
CA TYR M 40 61.01 -15.16 -1.90
C TYR M 40 60.99 -13.78 -2.56
N LYS M 41 61.20 -12.71 -1.77
CA LYS M 41 61.19 -11.35 -2.29
C LYS M 41 62.37 -11.12 -3.23
N LYS M 42 63.58 -11.47 -2.80
CA LYS M 42 64.79 -11.47 -3.63
C LYS M 42 64.71 -12.60 -4.66
N SER M 43 63.69 -12.57 -5.52
CA SER M 43 63.40 -13.62 -6.52
C SER M 43 62.36 -13.13 -7.54
N FME N 1 -50.72 8.53 15.52
CN FME N 1 -49.88 9.57 15.61
O1 FME N 1 -48.66 9.47 15.43
CA FME N 1 -50.53 7.43 14.60
CB FME N 1 -51.80 6.60 14.43
CG FME N 1 -51.42 5.13 14.61
SD FME N 1 -51.10 4.84 16.32
CE FME N 1 -49.43 4.41 16.60
C FME N 1 -50.09 7.98 13.26
O FME N 1 -49.22 7.43 12.63
N PHE N 2 -50.70 9.05 12.81
CA PHE N 2 -50.33 9.58 11.51
C PHE N 2 -48.89 10.07 11.51
N ILE N 3 -48.50 10.78 12.57
CA ILE N 3 -47.13 11.27 12.64
C ILE N 3 -46.16 10.13 12.81
N ASN N 4 -46.49 9.19 13.70
CA ASN N 4 -45.64 8.03 13.88
C ASN N 4 -45.41 7.37 12.54
N ARG N 5 -46.49 7.16 11.79
CA ARG N 5 -46.39 6.37 10.56
C ARG N 5 -45.61 7.10 9.48
N TRP N 6 -45.89 8.39 9.29
CA TRP N 6 -45.41 9.11 8.10
C TRP N 6 -44.26 10.08 8.33
N LEU N 7 -43.98 10.47 9.57
CA LEU N 7 -42.79 11.28 9.87
C LEU N 7 -41.70 10.48 10.58
N PHE N 8 -42.09 9.42 11.31
CA PHE N 8 -41.16 8.58 12.08
C PHE N 8 -41.00 7.19 11.45
N SER N 9 -41.32 7.03 10.16
CA SER N 9 -41.31 5.73 9.54
C SER N 9 -39.98 5.01 9.70
N THR N 10 -40.09 3.68 9.86
CA THR N 10 -38.98 2.75 9.69
C THR N 10 -39.40 1.64 8.75
N ASN N 11 -40.28 1.94 7.79
CA ASN N 11 -40.87 0.95 6.89
C ASN N 11 -40.47 1.23 5.47
N HIS N 12 -39.93 0.19 4.78
CA HIS N 12 -39.36 0.44 3.45
C HIS N 12 -40.46 0.82 2.44
N LYS N 13 -41.68 0.29 2.61
CA LYS N 13 -42.75 0.60 1.66
C LYS N 13 -43.27 2.01 1.88
N ASP N 14 -43.48 2.39 3.14
CA ASP N 14 -43.96 3.74 3.40
C ASP N 14 -42.93 4.78 2.98
N ILE N 15 -41.65 4.51 3.24
CA ILE N 15 -40.62 5.48 2.84
C ILE N 15 -40.53 5.51 1.32
N GLY N 16 -40.69 4.35 0.67
CA GLY N 16 -40.76 4.39 -0.80
C GLY N 16 -41.91 5.25 -1.32
N THR N 17 -43.08 5.16 -0.67
CA THR N 17 -44.22 6.00 -1.06
C THR N 17 -43.91 7.49 -0.87
N LEU N 18 -43.31 7.85 0.26
CA LEU N 18 -42.91 9.22 0.50
C LEU N 18 -41.99 9.71 -0.64
N TYR N 19 -41.00 8.92 -1.02
CA TYR N 19 -40.11 9.28 -2.12
C TYR N 19 -40.87 9.43 -3.43
N LEU N 20 -41.82 8.52 -3.73
CA LEU N 20 -42.61 8.66 -4.97
C LEU N 20 -43.44 9.94 -4.96
N LEU N 21 -44.01 10.31 -3.80
CA LEU N 21 -44.80 11.54 -3.73
C LEU N 21 -43.89 12.74 -3.93
N PHE N 22 -42.78 12.75 -3.20
CA PHE N 22 -41.82 13.86 -3.30
C PHE N 22 -41.39 14.03 -4.76
N GLY N 23 -40.99 12.93 -5.38
CA GLY N 23 -40.48 13.00 -6.74
C GLY N 23 -41.53 13.42 -7.75
N ALA N 24 -42.78 13.00 -7.53
CA ALA N 24 -43.87 13.45 -8.39
C ALA N 24 -44.07 14.96 -8.27
N TRP N 25 -44.08 15.47 -7.04
CA TRP N 25 -44.20 16.92 -6.84
C TRP N 25 -43.00 17.67 -7.50
N ALA N 26 -41.77 17.19 -7.27
CA ALA N 26 -40.57 17.75 -7.93
C ALA N 26 -40.69 17.72 -9.45
N GLY N 27 -41.24 16.66 -9.99
CA GLY N 27 -41.46 16.59 -11.43
C GLY N 27 -42.37 17.72 -11.93
N MET N 28 -43.36 18.11 -11.14
CA MET N 28 -44.20 19.23 -11.56
C MET N 28 -43.37 20.51 -11.58
N VAL N 29 -42.58 20.72 -10.53
CA VAL N 29 -41.69 21.89 -10.49
C VAL N 29 -40.78 21.90 -11.72
N GLY N 30 -40.17 20.76 -12.00
CA GLY N 30 -39.18 20.72 -13.07
C GLY N 30 -39.83 20.86 -14.44
N THR N 31 -41.04 20.35 -14.59
CA THR N 31 -41.81 20.58 -15.83
C THR N 31 -42.12 22.07 -16.02
N ALA N 32 -42.58 22.74 -14.95
CA ALA N 32 -42.86 24.18 -15.05
C ALA N 32 -41.62 24.95 -15.50
N LEU N 33 -40.46 24.64 -14.86
CA LEU N 33 -39.22 25.29 -15.26
C LEU N 33 -38.93 25.05 -16.73
N SER N 34 -39.11 23.82 -17.21
CA SER N 34 -38.86 23.49 -18.61
C SER N 34 -39.77 24.26 -19.55
N LEU N 35 -41.01 24.51 -19.11
CA LEU N 35 -41.94 25.29 -19.94
C LEU N 35 -41.53 26.77 -20.00
N LEU N 36 -41.01 27.31 -18.89
CA LEU N 36 -40.50 28.69 -18.90
C LEU N 36 -39.32 28.82 -19.86
N ILE N 37 -38.42 27.85 -19.81
CA ILE N 37 -37.32 27.83 -20.76
C ILE N 37 -37.85 27.93 -22.18
N ARG N 38 -38.75 27.01 -22.53
CA ARG N 38 -39.23 26.93 -23.90
C ARG N 38 -40.15 28.10 -24.25
N ALA N 39 -40.75 28.74 -23.25
CA ALA N 39 -41.54 29.94 -23.55
C ALA N 39 -40.60 31.08 -23.91
N GLU N 40 -39.48 31.18 -23.20
CA GLU N 40 -38.50 32.23 -23.54
C GLU N 40 -38.00 32.09 -24.99
N LEU N 41 -37.72 30.85 -25.39
CA LEU N 41 -37.20 30.53 -26.71
C LEU N 41 -38.26 30.32 -27.79
N GLY N 42 -39.56 30.36 -27.46
CA GLY N 42 -40.64 30.04 -28.38
C GLY N 42 -40.83 31.05 -29.51
N GLN N 43 -40.31 32.26 -29.34
CA GLN N 43 -40.26 33.19 -30.47
C GLN N 43 -39.02 34.06 -30.26
N PRO N 44 -38.48 34.64 -31.31
CA PRO N 44 -37.23 35.41 -31.13
C PRO N 44 -37.50 36.68 -30.36
N GLY N 45 -36.46 37.16 -29.69
CA GLY N 45 -36.60 38.28 -28.78
C GLY N 45 -36.55 37.85 -27.33
N THR N 46 -37.00 38.73 -26.46
CA THR N 46 -36.85 38.47 -25.04
C THR N 46 -38.24 38.45 -24.41
N LEU N 47 -38.52 37.41 -23.62
CA LEU N 47 -39.82 37.27 -22.96
C LEU N 47 -39.77 37.69 -21.51
N LEU N 48 -38.85 37.11 -20.73
N LEU N 48 -38.84 37.14 -20.73
CA LEU N 48 -38.73 37.30 -19.29
CA LEU N 48 -38.76 37.48 -19.31
C LEU N 48 -37.72 38.37 -18.94
C LEU N 48 -38.22 38.88 -19.07
N GLY N 49 -36.45 38.12 -19.19
N GLY N 49 -37.48 39.46 -20.02
CA GLY N 49 -35.41 39.10 -18.92
CA GLY N 49 -36.91 40.78 -19.85
C GLY N 49 -34.20 38.65 -19.64
C GLY N 49 -35.79 40.87 -18.85
N ASP N 50 -33.05 39.10 -19.15
N ASP N 50 -35.16 39.74 -18.53
CA ASP N 50 -31.79 38.78 -19.80
CA ASP N 50 -34.26 39.65 -17.38
C ASP N 50 -31.40 37.36 -19.36
C ASP N 50 -33.47 38.36 -17.62
N ASP N 51 -30.17 36.97 -19.66
N ASP N 51 -32.32 38.50 -18.30
CA ASP N 51 -29.70 35.61 -19.40
CA ASP N 51 -31.57 37.32 -18.72
C ASP N 51 -29.67 35.27 -17.91
C ASP N 51 -30.93 36.58 -17.56
N GLN N 52 -29.60 36.25 -17.00
N GLN N 52 -30.76 37.22 -16.40
CA GLN N 52 -29.56 35.88 -15.58
CA GLN N 52 -30.26 36.49 -15.25
C GLN N 52 -30.84 35.15 -15.16
C GLN N 52 -31.31 35.51 -14.72
N ILE N 53 -31.99 35.83 -15.15
N ILE N 53 -32.58 35.89 -14.84
CA ILE N 53 -33.24 35.15 -14.76
CA ILE N 53 -33.68 35.00 -14.45
C ILE N 53 -33.45 33.91 -15.61
C ILE N 53 -33.67 33.74 -15.31
N TYR N 54 -33.20 34.01 -16.91
N TYR N 54 -33.49 33.91 -16.63
CA TYR N 54 -33.27 32.83 -17.76
CA TYR N 54 -33.53 32.75 -17.53
C TYR N 54 -32.41 31.69 -17.20
C TYR N 54 -32.49 31.69 -17.12
N ASN N 55 -31.12 31.94 -16.95
N ASN N 55 -31.24 32.11 -16.90
CA ASN N 55 -30.31 30.81 -16.54
CA ASN N 55 -30.22 31.15 -16.50
C ASN N 55 -30.52 30.45 -15.07
C ASN N 55 -30.57 30.52 -15.17
N VAL N 56 -31.12 31.31 -14.24
CA VAL N 56 -31.59 30.75 -12.98
C VAL N 56 -32.65 29.68 -13.24
N VAL N 57 -33.52 29.90 -14.23
CA VAL N 57 -34.55 28.89 -14.55
C VAL N 57 -33.92 27.63 -15.11
N VAL N 58 -32.94 27.80 -16.02
CA VAL N 58 -32.27 26.63 -16.59
C VAL N 58 -31.60 25.83 -15.48
N THR N 59 -30.86 26.53 -14.61
CA THR N 59 -30.09 25.89 -13.56
C THR N 59 -31.02 25.11 -12.64
N ALA N 60 -32.14 25.73 -12.26
CA ALA N 60 -33.09 25.08 -11.35
C ALA N 60 -33.77 23.91 -12.05
N HIS N 61 -34.13 24.06 -13.32
CA HIS N 61 -34.75 22.98 -14.07
C HIS N 61 -33.93 21.71 -13.96
N ALA N 62 -32.62 21.84 -14.20
CA ALA N 62 -31.74 20.68 -14.17
C ALA N 62 -31.60 20.09 -12.77
N PHE N 63 -31.36 20.93 -11.76
CA PHE N 63 -31.20 20.35 -10.41
C PHE N 63 -32.48 19.67 -9.96
N VAL N 64 -33.62 20.29 -10.21
CA VAL N 64 -34.88 19.65 -9.77
C VAL N 64 -35.09 18.32 -10.49
N MET N 65 -34.90 18.32 -11.83
CA MET N 65 -35.18 17.07 -12.56
C MET N 65 -34.25 15.96 -12.11
N ILE N 66 -32.96 16.28 -11.87
CA ILE N 66 -31.99 15.24 -11.55
C ILE N 66 -32.09 14.86 -10.09
N PHE N 67 -31.92 15.82 -9.17
CA PHE N 67 -31.78 15.47 -7.76
C PHE N 67 -33.09 15.27 -7.02
N PHE N 68 -34.18 15.91 -7.47
CA PHE N 68 -35.44 15.82 -6.76
C PHE N 68 -36.48 15.02 -7.50
N MET N 69 -36.32 14.78 -8.81
CA MET N 69 -37.30 13.97 -9.53
C MET N 69 -36.72 12.60 -9.87
N VAL N 70 -35.65 12.49 -10.69
CA VAL N 70 -35.25 11.12 -11.13
C VAL N 70 -34.70 10.30 -9.96
N MET N 71 -33.69 10.82 -9.26
CA MET N 71 -33.06 9.94 -8.26
C MET N 71 -34.02 9.58 -7.13
N PRO N 72 -34.83 10.51 -6.57
CA PRO N 72 -35.78 10.09 -5.53
C PRO N 72 -36.77 9.07 -6.05
N ILE N 73 -37.26 9.23 -7.30
CA ILE N 73 -38.24 8.25 -7.79
C ILE N 73 -37.58 6.88 -7.97
N MET N 74 -36.47 6.84 -8.72
CA MET N 74 -35.88 5.55 -9.08
C MET N 74 -35.32 4.81 -7.87
N ILE N 75 -34.49 5.49 -7.09
CA ILE N 75 -33.73 4.85 -6.06
C ILE N 75 -34.47 4.87 -4.74
N GLY N 76 -34.90 6.07 -4.33
CA GLY N 76 -35.70 6.19 -3.14
C GLY N 76 -37.05 5.50 -3.27
N GLY N 77 -37.73 5.67 -4.43
CA GLY N 77 -39.13 5.19 -4.51
C GLY N 77 -39.19 3.73 -4.94
N PHE N 78 -38.86 3.47 -6.20
CA PHE N 78 -38.88 2.09 -6.66
C PHE N 78 -37.86 1.26 -5.92
N GLY N 79 -36.68 1.83 -5.64
CA GLY N 79 -35.69 1.02 -4.89
C GLY N 79 -36.21 0.54 -3.53
N ASN N 80 -36.71 1.47 -2.72
CA ASN N 80 -37.16 1.07 -1.39
C ASN N 80 -38.39 0.17 -1.47
N TRP N 81 -39.35 0.45 -2.37
CA TRP N 81 -40.51 -0.45 -2.49
C TRP N 81 -40.08 -1.85 -2.91
N LEU N 82 -39.30 -1.94 -3.99
CA LEU N 82 -39.11 -3.21 -4.66
C LEU N 82 -37.94 -4.02 -4.14
N VAL N 83 -36.82 -3.40 -3.77
CA VAL N 83 -35.61 -4.20 -3.48
C VAL N 83 -35.90 -5.19 -2.34
N PRO N 84 -36.38 -4.80 -1.18
CA PRO N 84 -36.58 -5.79 -0.12
C PRO N 84 -37.56 -6.86 -0.55
N LEU N 85 -38.63 -6.50 -1.30
CA LEU N 85 -39.59 -7.53 -1.71
C LEU N 85 -38.92 -8.52 -2.65
N MET N 86 -38.06 -8.05 -3.55
CA MET N 86 -37.51 -8.92 -4.58
C MET N 86 -36.48 -9.88 -4.01
N ILE N 87 -35.95 -9.58 -2.83
CA ILE N 87 -35.05 -10.54 -2.19
C ILE N 87 -35.67 -11.17 -0.93
N GLY N 88 -36.99 -10.99 -0.68
CA GLY N 88 -37.61 -11.71 0.47
C GLY N 88 -37.20 -11.15 1.81
N ALA N 89 -36.66 -9.86 1.81
CA ALA N 89 -36.12 -9.33 3.05
C ALA N 89 -37.23 -8.63 3.82
N PRO N 90 -37.13 -8.53 5.15
CA PRO N 90 -38.24 -7.92 5.90
C PRO N 90 -38.21 -6.40 5.90
N ASP N 91 -37.06 -5.77 5.58
CA ASP N 91 -36.98 -4.33 5.41
C ASP N 91 -35.58 -4.03 4.89
N MET N 92 -35.19 -2.76 4.90
CA MET N 92 -33.79 -2.39 4.60
C MET N 92 -32.91 -2.70 5.81
N ALA N 93 -31.58 -2.73 5.59
CA ALA N 93 -30.63 -3.00 6.68
C ALA N 93 -30.71 -1.95 7.79
N PHE N 94 -30.85 -0.67 7.42
CA PHE N 94 -30.85 0.46 8.35
C PHE N 94 -32.16 1.21 8.12
N PRO N 95 -33.25 0.70 8.71
CA PRO N 95 -34.57 1.20 8.33
C PRO N 95 -34.81 2.57 8.85
N ARG N 96 -34.14 2.94 9.95
CA ARG N 96 -34.25 4.27 10.53
C ARG N 96 -33.36 5.28 9.77
N MET N 97 -32.11 4.93 9.44
CA MET N 97 -31.31 5.81 8.61
C MET N 97 -31.99 6.06 7.26
N ASN N 98 -32.66 5.02 6.75
CA ASN N 98 -33.43 5.14 5.50
C ASN N 98 -34.39 6.32 5.57
N ASN N 99 -35.04 6.51 6.72
CA ASN N 99 -35.98 7.62 6.84
C ASN N 99 -35.26 8.97 6.81
N MET N 100 -33.98 9.02 7.26
CA MET N 100 -33.30 10.32 7.20
C MET N 100 -32.86 10.61 5.78
N SER N 101 -32.54 9.59 4.97
CA SER N 101 -32.29 9.87 3.56
C SER N 101 -33.50 10.53 2.92
N PHE N 102 -34.71 10.07 3.27
CA PHE N 102 -35.90 10.74 2.75
C PHE N 102 -36.02 12.18 3.27
N TRP N 103 -35.96 12.36 4.60
CA TRP N 103 -36.29 13.66 5.17
C TRP N 103 -35.22 14.71 4.90
N LEU N 104 -34.01 14.34 4.49
CA LEU N 104 -33.08 15.35 4.02
C LEU N 104 -33.54 16.01 2.71
N LEU N 105 -34.48 15.38 1.96
CA LEU N 105 -34.70 15.97 0.63
C LEU N 105 -35.62 17.19 0.69
N PRO N 106 -36.67 17.23 1.52
CA PRO N 106 -37.47 18.51 1.54
C PRO N 106 -36.62 19.71 1.96
N PRO N 107 -35.69 19.59 2.97
CA PRO N 107 -34.77 20.70 3.26
C PRO N 107 -33.84 21.04 2.11
N SER N 108 -33.37 20.00 1.40
CA SER N 108 -32.52 20.25 0.23
C SER N 108 -33.28 21.07 -0.81
N PHE N 109 -34.52 20.68 -1.06
CA PHE N 109 -35.34 21.37 -2.05
C PHE N 109 -35.63 22.79 -1.58
N LEU N 110 -35.96 22.93 -0.28
CA LEU N 110 -36.15 24.25 0.34
C LEU N 110 -34.94 25.14 0.11
N LEU N 111 -33.71 24.61 0.33
CA LEU N 111 -32.52 25.42 0.09
C LEU N 111 -32.42 25.87 -1.37
N LEU N 112 -32.78 24.97 -2.31
CA LEU N 112 -32.76 25.35 -3.72
C LEU N 112 -33.79 26.44 -4.00
N LEU N 113 -35.02 26.31 -3.48
CA LEU N 113 -35.98 27.36 -3.73
C LEU N 113 -35.51 28.68 -3.10
N ALA N 114 -34.89 28.62 -1.92
CA ALA N 114 -34.36 29.83 -1.30
C ALA N 114 -33.31 30.50 -2.20
N SER N 115 -32.43 29.70 -2.82
CA SER N 115 -31.38 30.28 -3.67
C SER N 115 -31.99 31.13 -4.79
N SER N 116 -33.15 30.70 -5.34
CA SER N 116 -33.77 31.42 -6.43
C SER N 116 -34.62 32.60 -5.96
N MET N 117 -34.97 32.63 -4.66
CA MET N 117 -35.77 33.75 -4.14
C MET N 117 -34.93 34.90 -3.63
N VAL N 118 -33.67 34.64 -3.22
CA VAL N 118 -32.81 35.67 -2.66
C VAL N 118 -31.97 36.22 -3.79
N GLU N 119 -31.57 37.50 -3.64
CA GLU N 119 -30.73 38.23 -4.60
C GLU N 119 -31.29 38.02 -6.01
N ALA N 120 -30.47 37.64 -6.99
CA ALA N 120 -30.89 37.44 -8.37
C ALA N 120 -30.78 35.97 -8.74
N GLY N 121 -30.69 35.09 -7.73
CA GLY N 121 -30.64 33.64 -7.98
C GLY N 121 -29.27 33.17 -8.42
N ALA N 122 -29.13 31.84 -8.61
CA ALA N 122 -27.87 31.24 -9.03
C ALA N 122 -28.00 30.98 -10.53
N GLY N 123 -27.54 31.91 -11.36
CA GLY N 123 -27.74 31.70 -12.79
C GLY N 123 -26.45 31.13 -13.34
N THR N 124 -26.08 29.93 -12.89
CA THR N 124 -24.72 29.41 -13.10
C THR N 124 -24.64 28.24 -14.08
N GLY N 125 -25.78 27.65 -14.45
CA GLY N 125 -25.71 26.28 -14.96
C GLY N 125 -25.60 25.32 -13.79
N TRP N 126 -26.18 24.10 -13.98
CA TRP N 126 -26.18 23.11 -12.92
C TRP N 126 -24.78 22.62 -12.64
N THR N 127 -23.81 23.00 -13.49
CA THR N 127 -22.40 22.70 -13.28
C THR N 127 -21.75 23.64 -12.26
N VAL N 128 -22.36 24.83 -12.04
CA VAL N 128 -21.89 25.80 -11.06
C VAL N 128 -20.41 26.13 -11.21
N TYR N 129 -19.91 26.35 -12.47
CA TYR N 129 -18.48 26.64 -12.69
C TYR N 129 -18.08 28.01 -12.13
N PRO N 130 -16.98 28.11 -11.39
CA PRO N 130 -16.29 29.38 -11.16
C PRO N 130 -15.57 29.82 -12.43
N PRO N 131 -15.23 31.13 -12.56
CA PRO N 131 -15.50 32.21 -11.60
C PRO N 131 -16.96 32.72 -11.70
N LEU N 132 -17.74 32.33 -12.70
CA LEU N 132 -19.11 32.91 -12.74
C LEU N 132 -19.85 32.62 -11.43
N ALA N 133 -19.66 31.42 -10.86
CA ALA N 133 -20.31 31.06 -9.61
C ALA N 133 -19.57 31.59 -8.39
N GLY N 134 -18.46 32.32 -8.55
CA GLY N 134 -17.74 32.83 -7.40
C GLY N 134 -18.34 34.12 -6.81
N ASN N 135 -17.64 34.69 -5.80
CA ASN N 135 -18.27 35.71 -4.97
C ASN N 135 -18.19 37.10 -5.56
N LEU N 136 -17.57 37.24 -6.72
CA LEU N 136 -17.55 38.52 -7.42
C LEU N 136 -18.58 38.54 -8.53
N ALA N 137 -18.65 37.48 -9.33
CA ALA N 137 -19.66 37.43 -10.37
C ALA N 137 -21.01 36.91 -9.88
N HIS N 138 -21.06 36.28 -8.69
CA HIS N 138 -22.36 35.82 -8.10
C HIS N 138 -22.30 36.13 -6.61
N ALA N 139 -22.10 37.41 -6.29
CA ALA N 139 -22.04 37.89 -4.92
C ALA N 139 -23.37 37.58 -4.22
N GLY N 140 -23.30 37.27 -2.94
CA GLY N 140 -24.52 37.08 -2.18
C GLY N 140 -24.83 35.59 -1.98
N ALA N 141 -25.99 35.34 -1.40
CA ALA N 141 -26.23 33.99 -0.81
C ALA N 141 -26.69 32.92 -1.80
N SER N 142 -27.10 33.27 -3.02
CA SER N 142 -27.78 32.32 -3.90
C SER N 142 -26.92 31.09 -4.15
N VAL N 143 -25.67 31.29 -4.61
CA VAL N 143 -24.83 30.11 -4.91
C VAL N 143 -24.50 29.35 -3.65
N ASP N 144 -24.39 30.04 -2.52
CA ASP N 144 -24.12 29.26 -1.32
C ASP N 144 -25.31 28.38 -0.95
N LEU N 145 -26.50 28.91 -1.10
CA LEU N 145 -27.68 28.08 -0.80
C LEU N 145 -27.75 26.90 -1.73
N THR N 146 -27.35 27.10 -3.01
CA THR N 146 -27.32 26.00 -3.98
C THR N 146 -26.30 24.94 -3.56
N ILE N 147 -25.12 25.36 -3.12
CA ILE N 147 -24.11 24.42 -2.63
C ILE N 147 -24.66 23.63 -1.46
N PHE N 148 -25.28 24.32 -0.49
CA PHE N 148 -25.80 23.59 0.66
C PHE N 148 -26.91 22.64 0.25
N SER N 149 -27.75 23.06 -0.70
CA SER N 149 -28.76 22.16 -1.22
C SER N 149 -28.11 20.87 -1.72
N LEU N 150 -27.06 20.99 -2.51
CA LEU N 150 -26.36 19.79 -2.99
C LEU N 150 -25.72 19.00 -1.84
N HIS N 151 -25.16 19.68 -0.84
CA HIS N 151 -24.62 18.92 0.29
C HIS N 151 -25.69 18.02 0.91
N LEU N 152 -26.87 18.58 1.18
CA LEU N 152 -27.91 17.75 1.81
C LEU N 152 -28.36 16.62 0.90
N ALA N 153 -28.59 16.94 -0.40
CA ALA N 153 -28.94 15.86 -1.34
C ALA N 153 -27.84 14.81 -1.40
N GLY N 154 -26.57 15.26 -1.42
CA GLY N 154 -25.48 14.30 -1.42
C GLY N 154 -25.47 13.41 -0.19
N VAL N 155 -25.70 13.97 1.01
CA VAL N 155 -25.64 13.13 2.20
C VAL N 155 -26.79 12.12 2.13
N SER N 156 -27.93 12.58 1.66
CA SER N 156 -29.09 11.69 1.56
C SER N 156 -28.75 10.46 0.71
N SER N 157 -28.13 10.69 -0.44
CA SER N 157 -27.86 9.61 -1.40
C SER N 157 -26.68 8.75 -0.96
N ILE N 158 -25.70 9.35 -0.31
CA ILE N 158 -24.59 8.54 0.22
C ILE N 158 -25.11 7.59 1.29
N LEU N 159 -25.86 8.12 2.24
CA LEU N 159 -26.42 7.19 3.22
C LEU N 159 -27.38 6.21 2.59
N GLY N 160 -28.17 6.63 1.60
CA GLY N 160 -29.04 5.65 0.97
C GLY N 160 -28.23 4.59 0.23
N ALA N 161 -27.08 5.00 -0.34
CA ALA N 161 -26.23 4.01 -1.03
C ALA N 161 -25.70 2.99 -0.04
N ILE N 162 -25.21 3.46 1.09
CA ILE N 162 -24.75 2.52 2.12
C ILE N 162 -25.85 1.53 2.46
N ASN N 163 -27.07 2.05 2.62
CA ASN N 163 -28.22 1.19 2.99
C ASN N 163 -28.49 0.15 1.91
N PHE N 164 -28.58 0.60 0.66
CA PHE N 164 -28.88 -0.36 -0.41
C PHE N 164 -27.79 -1.40 -0.56
N ILE N 165 -26.51 -0.98 -0.58
CA ILE N 165 -25.44 -1.99 -0.74
C ILE N 165 -25.51 -3.02 0.39
N THR N 166 -25.64 -2.53 1.63
CA THR N 166 -25.67 -3.43 2.77
C THR N 166 -26.86 -4.39 2.66
N THR N 167 -28.02 -3.86 2.30
CA THR N 167 -29.24 -4.66 2.24
C THR N 167 -29.09 -5.75 1.20
N ILE N 168 -28.60 -5.37 0.05
CA ILE N 168 -28.51 -6.28 -1.10
C ILE N 168 -27.44 -7.33 -0.86
N ILE N 169 -26.36 -6.96 -0.22
CA ILE N 169 -25.32 -7.99 0.02
C ILE N 169 -25.68 -8.91 1.19
N ASN N 170 -26.29 -8.37 2.23
CA ASN N 170 -26.40 -9.04 3.52
C ASN N 170 -27.76 -9.70 3.77
N MET N 171 -28.84 -9.28 3.09
CA MET N 171 -30.20 -9.67 3.50
C MET N 171 -30.95 -10.54 2.48
N LYS N 172 -30.24 -11.24 1.62
CA LYS N 172 -30.87 -12.18 0.69
C LYS N 172 -31.13 -13.48 1.47
N PRO N 173 -32.01 -14.36 1.00
CA PRO N 173 -32.11 -15.67 1.66
C PRO N 173 -30.75 -16.34 1.63
N PRO N 174 -30.44 -17.16 2.61
CA PRO N 174 -29.07 -17.75 2.68
C PRO N 174 -28.71 -18.58 1.47
N ALA N 175 -29.66 -19.22 0.82
CA ALA N 175 -29.37 -20.00 -0.39
C ALA N 175 -29.20 -19.18 -1.65
N MET N 176 -29.61 -17.92 -1.66
CA MET N 176 -29.64 -17.15 -2.90
C MET N 176 -28.25 -16.54 -3.16
N SER N 177 -27.64 -16.83 -4.30
CA SER N 177 -26.38 -16.15 -4.52
C SER N 177 -26.66 -14.81 -5.16
N GLN N 178 -25.60 -14.00 -5.34
CA GLN N 178 -25.83 -12.73 -6.01
C GLN N 178 -26.30 -12.96 -7.42
N TYR N 179 -25.94 -14.09 -8.02
CA TYR N 179 -26.33 -14.39 -9.40
C TYR N 179 -27.70 -15.04 -9.45
N GLN N 180 -28.45 -14.99 -8.39
CA GLN N 180 -29.88 -15.36 -8.41
C GLN N 180 -30.76 -14.17 -8.01
N THR N 181 -30.19 -12.98 -8.00
CA THR N 181 -31.06 -11.86 -7.65
C THR N 181 -31.54 -11.18 -8.92
N PRO N 182 -32.72 -10.55 -8.89
CA PRO N 182 -33.29 -9.97 -10.12
C PRO N 182 -32.44 -8.77 -10.60
N LEU N 183 -32.51 -8.54 -11.92
CA LEU N 183 -31.68 -7.49 -12.49
C LEU N 183 -32.00 -6.13 -11.88
N PHE N 184 -33.24 -5.86 -11.46
CA PHE N 184 -33.45 -4.52 -10.91
C PHE N 184 -32.63 -4.37 -9.62
N VAL N 185 -32.54 -5.46 -8.84
CA VAL N 185 -31.74 -5.39 -7.62
C VAL N 185 -30.27 -5.16 -7.97
N TRP N 186 -29.75 -5.86 -8.99
CA TRP N 186 -28.41 -5.57 -9.45
C TRP N 186 -28.27 -4.10 -9.82
N SER N 187 -29.25 -3.55 -10.56
CA SER N 187 -29.07 -2.22 -11.09
C SER N 187 -28.99 -1.19 -9.95
N VAL N 188 -29.74 -1.44 -8.86
CA VAL N 188 -29.74 -0.56 -7.68
C VAL N 188 -28.42 -0.70 -6.93
N MET N 189 -27.94 -1.93 -6.76
CA MET N 189 -26.63 -2.10 -6.10
C MET N 189 -25.51 -1.35 -6.84
N ILE N 190 -25.44 -1.48 -8.17
CA ILE N 190 -24.37 -0.85 -8.90
C ILE N 190 -24.52 0.66 -8.87
N THR N 191 -25.77 1.15 -8.98
CA THR N 191 -26.03 2.60 -8.87
C THR N 191 -25.52 3.10 -7.52
N ALA N 192 -25.80 2.33 -6.48
CA ALA N 192 -25.39 2.72 -5.11
C ALA N 192 -23.87 2.76 -5.00
N VAL N 193 -23.16 1.80 -5.59
CA VAL N 193 -21.70 1.90 -5.56
C VAL N 193 -21.24 3.18 -6.29
N LEU N 194 -21.83 3.47 -7.44
CA LEU N 194 -21.43 4.72 -8.13
C LEU N 194 -21.69 5.95 -7.27
N LEU N 195 -22.83 5.99 -6.57
CA LEU N 195 -23.10 7.16 -5.72
C LEU N 195 -22.10 7.26 -4.58
N LEU N 196 -21.81 6.12 -3.98
CA LEU N 196 -20.90 6.08 -2.83
C LEU N 196 -19.56 6.67 -3.17
N LEU N 197 -19.07 6.42 -4.38
CA LEU N 197 -17.72 6.83 -4.77
C LEU N 197 -17.68 8.21 -5.39
N SER N 198 -18.75 8.58 -6.08
CA SER N 198 -18.74 9.86 -6.81
C SER N 198 -19.21 11.04 -5.99
N LEU N 199 -20.26 10.88 -5.17
CA LEU N 199 -20.78 12.04 -4.46
C LEU N 199 -19.74 12.66 -3.52
N PRO N 200 -18.85 11.90 -2.84
CA PRO N 200 -17.88 12.58 -1.96
C PRO N 200 -16.94 13.49 -2.74
N VAL N 201 -16.67 13.17 -4.00
CA VAL N 201 -15.78 14.03 -4.78
C VAL N 201 -16.50 15.32 -5.14
N LEU N 202 -17.77 15.20 -5.52
CA LEU N 202 -18.54 16.43 -5.71
C LEU N 202 -18.57 17.25 -4.43
N ALA N 203 -18.79 16.58 -3.28
CA ALA N 203 -18.85 17.34 -2.03
C ALA N 203 -17.55 18.08 -1.78
N ALA N 204 -16.41 17.43 -2.04
CA ALA N 204 -15.13 18.11 -1.89
C ALA N 204 -15.05 19.33 -2.79
N GLY N 205 -15.34 19.14 -4.08
CA GLY N 205 -15.35 20.26 -5.02
C GLY N 205 -16.25 21.43 -4.64
N ILE N 206 -17.49 21.15 -4.26
CA ILE N 206 -18.39 22.26 -3.94
C ILE N 206 -18.06 22.87 -2.59
N THR N 207 -17.42 22.11 -1.69
CA THR N 207 -16.93 22.72 -0.45
C THR N 207 -15.78 23.69 -0.77
N MET N 208 -14.87 23.27 -1.65
CA MET N 208 -13.81 24.22 -2.04
C MET N 208 -14.42 25.45 -2.66
N LEU N 209 -15.50 25.29 -3.44
CA LEU N 209 -16.12 26.51 -4.01
C LEU N 209 -16.69 27.37 -2.89
N LEU N 210 -17.29 26.72 -1.88
CA LEU N 210 -17.82 27.45 -0.73
C LEU N 210 -16.72 28.21 -0.01
N THR N 211 -15.57 27.59 0.17
CA THR N 211 -14.54 28.30 0.91
C THR N 211 -13.93 29.35 0.03
N ASP N 212 -13.86 29.13 -1.30
CA ASP N 212 -13.36 30.25 -2.16
C ASP N 212 -14.30 31.44 -2.08
N ARG N 213 -15.61 31.17 -1.94
CA ARG N 213 -16.59 32.24 -1.85
C ARG N 213 -16.65 32.94 -0.47
N ASN N 214 -16.26 32.28 0.60
CA ASN N 214 -16.53 32.79 1.96
C ASN N 214 -15.35 32.76 2.91
N LEU N 215 -14.30 32.00 2.63
CA LEU N 215 -13.19 31.93 3.56
C LEU N 215 -11.89 32.38 2.92
N ASN N 216 -11.96 33.02 1.74
CA ASN N 216 -10.76 33.54 1.06
C ASN N 216 -9.75 32.45 0.67
N THR N 217 -10.23 31.23 0.45
CA THR N 217 -9.37 30.29 -0.23
C THR N 217 -9.34 30.64 -1.72
N THR N 218 -8.41 30.01 -2.42
CA THR N 218 -8.26 30.29 -3.83
C THR N 218 -8.05 29.00 -4.62
N PHE N 219 -8.77 27.92 -4.28
CA PHE N 219 -8.62 26.69 -5.06
C PHE N 219 -8.81 26.91 -6.55
N PHE N 220 -9.77 27.75 -6.91
CA PHE N 220 -10.17 27.95 -8.30
C PHE N 220 -9.82 29.33 -8.81
N ASP N 221 -9.05 30.12 -8.05
CA ASP N 221 -8.82 31.54 -8.35
C ASP N 221 -7.36 31.72 -8.76
N PRO N 222 -7.07 31.92 -10.06
CA PRO N 222 -5.65 32.13 -10.48
C PRO N 222 -4.88 33.14 -9.68
N ALA N 223 -5.53 34.20 -9.15
CA ALA N 223 -4.80 35.19 -8.33
C ALA N 223 -4.06 34.54 -7.18
N GLY N 224 -4.59 33.43 -6.62
CA GLY N 224 -3.90 32.72 -5.57
C GLY N 224 -3.12 31.53 -6.07
N GLY N 225 -3.01 31.36 -7.39
CA GLY N 225 -2.42 30.13 -7.90
C GLY N 225 -3.42 28.99 -8.11
N GLY N 226 -4.71 29.26 -7.94
CA GLY N 226 -5.73 28.22 -8.15
C GLY N 226 -6.09 28.17 -9.64
N ASP N 227 -7.05 27.34 -10.01
CA ASP N 227 -7.35 26.99 -11.40
C ASP N 227 -8.83 26.69 -11.58
N PRO N 228 -9.60 27.51 -12.34
CA PRO N 228 -11.01 27.19 -12.58
C PRO N 228 -11.20 25.79 -13.18
N ILE N 229 -10.17 25.26 -13.87
CA ILE N 229 -10.34 23.97 -14.52
C ILE N 229 -10.28 22.81 -13.49
N LEU N 230 -9.64 23.04 -12.32
CA LEU N 230 -9.67 22.00 -11.28
C LEU N 230 -11.10 21.77 -10.82
N TYR N 231 -11.87 22.86 -10.67
CA TYR N 231 -13.25 22.63 -10.28
C TYR N 231 -13.94 21.74 -11.30
N GLN N 232 -13.71 21.99 -12.60
CA GLN N 232 -14.36 21.19 -13.61
C GLN N 232 -13.99 19.72 -13.51
N HIS N 233 -12.72 19.44 -13.30
CA HIS N 233 -12.34 18.02 -13.13
C HIS N 233 -13.09 17.36 -11.97
N LEU N 234 -13.14 18.03 -10.81
CA LEU N 234 -13.82 17.44 -9.61
C LEU N 234 -15.29 17.29 -9.87
N PHE N 235 -15.91 18.31 -10.56
CA PHE N 235 -17.35 18.24 -10.80
C PHE N 235 -17.66 17.07 -11.72
N TRP N 236 -16.93 16.96 -12.85
CA TRP N 236 -17.27 15.93 -13.81
C TRP N 236 -16.82 14.55 -13.38
N PHE N 237 -15.84 14.47 -12.47
CA PHE N 237 -15.52 13.15 -11.93
C PHE N 237 -16.75 12.54 -11.27
N PHE N 238 -17.58 13.37 -10.65
CA PHE N 238 -18.91 12.97 -10.18
C PHE N 238 -19.94 13.00 -11.31
N GLY N 239 -19.88 13.99 -12.20
CA GLY N 239 -21.04 14.23 -13.06
C GLY N 239 -21.17 13.19 -14.18
N HIS N 240 -20.04 12.53 -14.59
CA HIS N 240 -20.32 11.49 -15.60
C HIS N 240 -20.90 10.26 -14.85
N PRO N 241 -20.28 9.77 -13.79
CA PRO N 241 -20.98 8.70 -13.04
C PRO N 241 -22.44 9.05 -12.77
N GLU N 242 -22.71 10.32 -12.43
CA GLU N 242 -24.09 10.72 -12.15
C GLU N 242 -25.04 10.34 -13.30
N VAL N 243 -24.63 10.54 -14.58
CA VAL N 243 -25.65 10.20 -15.61
C VAL N 243 -25.89 8.68 -15.66
N TYR N 244 -24.88 7.86 -15.31
CA TYR N 244 -25.13 6.42 -15.30
C TYR N 244 -25.96 6.05 -14.07
N ILE N 245 -25.81 6.79 -12.98
CA ILE N 245 -26.71 6.64 -11.81
C ILE N 245 -28.13 6.93 -12.21
N LEU N 246 -28.31 7.92 -13.13
CA LEU N 246 -29.66 8.31 -13.57
C LEU N 246 -30.27 7.26 -14.44
N ILE N 247 -29.46 6.51 -15.19
CA ILE N 247 -30.07 5.55 -16.12
C ILE N 247 -30.07 4.12 -15.61
N LEU N 248 -29.10 3.72 -14.74
CA LEU N 248 -29.01 2.29 -14.39
C LEU N 248 -30.27 1.72 -13.75
N PRO N 249 -30.89 2.34 -12.75
CA PRO N 249 -32.16 1.80 -12.24
C PRO N 249 -33.21 1.72 -13.33
N GLY N 250 -33.13 2.62 -14.31
CA GLY N 250 -34.05 2.56 -15.42
C GLY N 250 -33.78 1.32 -16.26
N PHE N 251 -32.49 1.04 -16.51
CA PHE N 251 -32.14 -0.21 -17.18
C PHE N 251 -32.73 -1.39 -16.41
N GLY N 252 -32.58 -1.37 -15.08
CA GLY N 252 -33.10 -2.52 -14.33
C GLY N 252 -34.63 -2.65 -14.46
N MET N 253 -35.36 -1.53 -14.41
CA MET N 253 -36.84 -1.64 -14.57
C MET N 253 -37.23 -2.08 -15.96
N ILE N 254 -36.54 -1.56 -16.99
CA ILE N 254 -36.80 -1.98 -18.36
C ILE N 254 -36.63 -3.50 -18.49
N SER N 255 -35.54 -4.04 -17.92
CA SER N 255 -35.38 -5.49 -17.98
C SER N 255 -36.58 -6.20 -17.39
N HIS N 256 -37.08 -5.72 -16.25
CA HIS N 256 -38.21 -6.44 -15.68
C HIS N 256 -39.47 -6.27 -16.52
N ILE N 257 -39.72 -5.05 -16.99
CA ILE N 257 -40.94 -4.79 -17.80
C ILE N 257 -40.94 -5.60 -19.09
N VAL N 258 -39.83 -5.57 -19.81
CA VAL N 258 -39.76 -6.27 -21.10
C VAL N 258 -39.94 -7.78 -20.88
N THR N 259 -39.29 -8.30 -19.83
CA THR N 259 -39.46 -9.74 -19.52
C THR N 259 -40.93 -10.06 -19.23
N TYR N 260 -41.53 -9.27 -18.35
CA TYR N 260 -42.89 -9.52 -17.91
C TYR N 260 -43.91 -9.50 -19.07
N TYR N 261 -43.93 -8.43 -19.84
CA TYR N 261 -44.90 -8.33 -20.90
C TYR N 261 -44.49 -9.09 -22.14
N SER N 262 -43.31 -9.74 -22.17
CA SER N 262 -43.07 -10.72 -23.22
C SER N 262 -43.58 -12.09 -22.81
N GLY N 263 -44.12 -12.23 -21.59
CA GLY N 263 -44.54 -13.53 -21.12
C GLY N 263 -43.40 -14.46 -20.77
N LYS N 264 -42.21 -13.92 -20.47
CA LYS N 264 -41.06 -14.78 -20.23
C LYS N 264 -40.85 -14.92 -18.74
N LYS N 265 -40.23 -16.01 -18.35
CA LYS N 265 -39.87 -16.19 -16.94
C LYS N 265 -38.56 -15.54 -16.59
N GLU N 266 -37.78 -15.12 -17.59
CA GLU N 266 -36.46 -14.57 -17.28
C GLU N 266 -36.01 -13.69 -18.44
N PRO N 267 -35.15 -12.71 -18.19
CA PRO N 267 -34.60 -11.92 -19.30
C PRO N 267 -33.59 -12.75 -20.10
N PHE N 268 -33.42 -12.39 -21.35
CA PHE N 268 -32.41 -13.06 -22.15
C PHE N 268 -31.04 -12.73 -21.57
N GLY N 269 -30.16 -13.73 -21.44
CA GLY N 269 -28.75 -13.36 -21.19
C GLY N 269 -28.52 -12.67 -19.85
N TYR N 270 -29.01 -13.28 -18.79
CA TYR N 270 -28.95 -12.63 -17.46
C TYR N 270 -27.51 -12.26 -17.08
N MET N 271 -26.55 -13.20 -17.18
CA MET N 271 -25.19 -12.87 -16.72
C MET N 271 -24.58 -11.78 -17.58
N GLY N 272 -24.90 -11.79 -18.88
CA GLY N 272 -24.50 -10.70 -19.76
C GLY N 272 -25.03 -9.34 -19.31
N MET N 273 -26.28 -9.30 -18.80
CA MET N 273 -26.87 -8.03 -18.31
C MET N 273 -26.17 -7.55 -17.07
N VAL N 274 -25.85 -8.48 -16.16
CA VAL N 274 -25.05 -8.13 -14.98
C VAL N 274 -23.68 -7.62 -15.40
N TRP N 275 -23.01 -8.37 -16.29
CA TRP N 275 -21.71 -7.91 -16.80
C TRP N 275 -21.79 -6.51 -17.38
N ALA N 276 -22.83 -6.26 -18.17
CA ALA N 276 -22.90 -5.00 -18.89
C ALA N 276 -23.08 -3.86 -17.88
N MET N 277 -23.96 -4.08 -16.87
CA MET N 277 -24.14 -3.00 -15.91
C MET N 277 -22.86 -2.76 -15.11
N MET N 278 -22.17 -3.82 -14.71
CA MET N 278 -20.95 -3.60 -13.94
C MET N 278 -19.90 -2.92 -14.81
N SER N 279 -19.84 -3.29 -16.12
CA SER N 279 -18.86 -2.66 -17.04
C SER N 279 -19.17 -1.20 -17.24
N ILE N 280 -20.45 -0.89 -17.39
CA ILE N 280 -20.87 0.51 -17.55
C ILE N 280 -20.52 1.30 -16.30
N GLY N 281 -20.75 0.70 -15.15
CA GLY N 281 -20.43 1.40 -13.91
C GLY N 281 -18.95 1.69 -13.81
N PHE N 282 -18.13 0.71 -14.12
CA PHE N 282 -16.69 0.90 -14.05
C PHE N 282 -16.20 1.91 -15.09
N LEU N 283 -16.53 1.68 -16.36
CA LEU N 283 -16.11 2.64 -17.40
C LEU N 283 -16.62 4.05 -17.12
N GLY N 284 -17.75 4.16 -16.43
CA GLY N 284 -18.33 5.46 -16.13
C GLY N 284 -17.43 6.33 -15.25
N PHE N 285 -16.42 5.77 -14.62
CA PHE N 285 -15.49 6.57 -13.82
C PHE N 285 -14.24 7.02 -14.57
N ILE N 286 -14.03 6.58 -15.82
CA ILE N 286 -12.72 6.89 -16.39
C ILE N 286 -12.89 7.71 -17.68
N VAL N 287 -14.00 8.43 -17.81
CA VAL N 287 -14.31 9.17 -19.04
C VAL N 287 -14.68 10.64 -18.83
N TRP N 288 -14.60 11.17 -17.64
CA TRP N 288 -15.29 12.42 -17.32
C TRP N 288 -14.84 13.57 -18.18
N ALA N 289 -13.58 13.56 -18.65
CA ALA N 289 -13.12 14.74 -19.34
C ALA N 289 -13.69 14.88 -20.74
N HIS N 290 -14.57 13.97 -21.19
CA HIS N 290 -15.30 14.29 -22.43
C HIS N 290 -16.27 15.47 -22.22
N HIS N 291 -16.41 15.96 -20.99
CA HIS N 291 -17.12 17.24 -20.76
C HIS N 291 -16.18 18.43 -20.83
N MET N 292 -14.91 18.21 -21.22
CA MET N 292 -13.92 19.29 -21.19
C MET N 292 -13.05 19.34 -22.46
N PHE N 293 -13.56 18.86 -23.59
CA PHE N 293 -12.76 18.83 -24.81
C PHE N 293 -12.41 20.23 -25.35
N THR N 294 -13.04 21.29 -24.90
CA THR N 294 -12.66 22.61 -25.42
C THR N 294 -11.91 23.45 -24.40
N VAL N 295 -11.52 22.88 -23.25
CA VAL N 295 -10.90 23.71 -22.21
C VAL N 295 -9.41 23.91 -22.46
N GLY N 296 -8.84 23.18 -23.41
CA GLY N 296 -7.41 23.31 -23.69
C GLY N 296 -6.57 22.17 -23.14
N MET N 297 -7.06 20.93 -23.14
CA MET N 297 -6.23 19.84 -22.63
C MET N 297 -5.27 19.33 -23.74
N ASP N 298 -4.21 18.61 -23.32
CA ASP N 298 -3.26 18.10 -24.30
C ASP N 298 -3.97 17.13 -25.26
N VAL N 299 -3.46 17.05 -26.51
CA VAL N 299 -4.08 16.21 -27.53
C VAL N 299 -4.10 14.73 -27.13
N ASP N 300 -3.01 14.21 -26.53
CA ASP N 300 -3.05 12.79 -26.13
C ASP N 300 -4.16 12.51 -25.11
N THR N 301 -4.37 13.42 -24.16
CA THR N 301 -5.48 13.30 -23.21
C THR N 301 -6.82 13.30 -23.93
N ARG N 302 -6.98 14.18 -24.93
CA ARG N 302 -8.25 14.14 -25.65
C ARG N 302 -8.42 12.84 -26.40
N ALA N 303 -7.33 12.29 -26.93
CA ALA N 303 -7.42 11.03 -27.66
C ALA N 303 -7.84 9.88 -26.71
N TYR N 304 -7.25 9.84 -25.51
CA TYR N 304 -7.64 8.84 -24.53
C TYR N 304 -9.13 8.96 -24.21
N PHE N 305 -9.55 10.17 -23.83
CA PHE N 305 -10.95 10.27 -23.40
C PHE N 305 -11.91 10.00 -24.55
N THR N 306 -11.55 10.34 -25.79
CA THR N 306 -12.41 9.92 -26.89
C THR N 306 -12.59 8.42 -26.89
N SER N 307 -11.48 7.71 -26.86
CA SER N 307 -11.50 6.26 -27.03
C SER N 307 -12.22 5.57 -25.86
N ALA N 308 -11.90 5.98 -24.63
CA ALA N 308 -12.48 5.33 -23.45
C ALA N 308 -13.96 5.55 -23.41
N THR N 309 -14.42 6.77 -23.76
CA THR N 309 -15.87 7.04 -23.78
C THR N 309 -16.58 6.12 -24.75
N MET N 310 -16.01 5.90 -25.92
CA MET N 310 -16.74 5.09 -26.90
C MET N 310 -16.87 3.64 -26.46
N ILE N 311 -15.90 3.12 -25.64
CA ILE N 311 -15.95 1.71 -25.21
C ILE N 311 -17.30 1.36 -24.58
N ILE N 312 -17.93 2.32 -23.90
CA ILE N 312 -19.15 2.04 -23.15
CA ILE N 312 -19.13 1.90 -23.15
C ILE N 312 -20.27 1.58 -24.07
N ALA N 313 -20.18 1.94 -25.35
CA ALA N 313 -21.20 1.48 -26.28
C ALA N 313 -21.30 -0.04 -26.31
N ILE N 314 -20.20 -0.74 -26.03
CA ILE N 314 -20.21 -2.20 -26.21
C ILE N 314 -21.09 -2.84 -25.12
N PRO N 315 -20.85 -2.65 -23.82
CA PRO N 315 -21.81 -3.26 -22.85
C PRO N 315 -23.19 -2.69 -23.00
N THR N 316 -23.31 -1.40 -23.38
CA THR N 316 -24.67 -0.85 -23.51
C THR N 316 -25.40 -1.53 -24.65
N GLY N 317 -24.68 -1.81 -25.73
CA GLY N 317 -25.30 -2.49 -26.84
C GLY N 317 -25.67 -3.94 -26.49
N VAL N 318 -24.89 -4.58 -25.65
CA VAL N 318 -25.32 -5.90 -25.16
C VAL N 318 -26.70 -5.81 -24.51
N LYS N 319 -26.94 -4.79 -23.68
CA LYS N 319 -28.24 -4.71 -23.01
C LYS N 319 -29.34 -4.46 -24.02
N VAL N 320 -29.09 -3.56 -25.00
CA VAL N 320 -30.13 -3.29 -25.98
C VAL N 320 -30.51 -4.56 -26.73
N PHE N 321 -29.51 -5.25 -27.28
CA PHE N 321 -29.83 -6.47 -28.00
C PHE N 321 -30.43 -7.54 -27.08
N SER N 322 -30.03 -7.58 -25.81
CA SER N 322 -30.65 -8.57 -24.92
C SER N 322 -32.12 -8.25 -24.62
N TRP N 323 -32.50 -6.96 -24.55
CA TRP N 323 -33.94 -6.63 -24.42
C TRP N 323 -34.67 -7.08 -25.68
N LEU N 324 -34.06 -6.85 -26.83
CA LEU N 324 -34.69 -7.30 -28.09
C LEU N 324 -34.85 -8.80 -28.10
N ALA N 325 -33.81 -9.52 -27.65
CA ALA N 325 -33.86 -10.98 -27.60
C ALA N 325 -34.82 -11.48 -26.52
N THR N 326 -35.14 -10.65 -25.52
CA THR N 326 -36.20 -11.02 -24.58
C THR N 326 -37.58 -10.95 -25.26
N LEU N 327 -37.79 -9.89 -26.06
CA LEU N 327 -39.06 -9.78 -26.82
C LEU N 327 -39.21 -10.98 -27.74
N HIS N 328 -38.11 -11.42 -28.34
CA HIS N 328 -38.10 -12.50 -29.34
C HIS N 328 -38.81 -13.76 -28.88
N GLY N 329 -39.83 -14.19 -29.63
CA GLY N 329 -40.55 -15.38 -29.24
C GLY N 329 -41.55 -15.17 -28.14
N GLY N 330 -41.71 -13.94 -27.66
CA GLY N 330 -42.65 -13.72 -26.57
C GLY N 330 -44.10 -13.76 -27.04
N ASN N 331 -44.99 -14.09 -26.12
CA ASN N 331 -46.42 -13.83 -26.27
C ASN N 331 -46.60 -12.39 -25.76
N ILE N 332 -46.49 -11.42 -26.68
CA ILE N 332 -46.35 -10.00 -26.28
C ILE N 332 -47.68 -9.46 -25.78
N LYS N 333 -47.67 -8.90 -24.59
CA LYS N 333 -48.81 -8.18 -24.07
C LYS N 333 -48.58 -6.69 -24.26
N TRP N 334 -49.43 -6.06 -25.07
CA TRP N 334 -49.24 -4.65 -25.44
C TRP N 334 -49.84 -3.75 -24.36
N SER N 335 -49.38 -3.95 -23.13
CA SER N 335 -49.78 -3.10 -22.00
C SER N 335 -49.19 -1.69 -22.14
N PRO N 336 -49.69 -0.71 -21.38
CA PRO N 336 -49.08 0.63 -21.42
C PRO N 336 -47.64 0.58 -20.95
N ALA N 337 -47.35 -0.22 -19.95
CA ALA N 337 -45.94 -0.29 -19.49
C ALA N 337 -45.03 -0.80 -20.60
N MET N 338 -45.48 -1.82 -21.34
CA MET N 338 -44.71 -2.30 -22.47
C MET N 338 -44.44 -1.21 -23.49
N MET N 339 -45.46 -0.39 -23.81
CA MET N 339 -45.23 0.71 -24.74
C MET N 339 -44.14 1.62 -24.22
N TRP N 340 -44.21 2.03 -22.95
CA TRP N 340 -43.12 2.87 -22.42
C TRP N 340 -41.75 2.20 -22.63
N ALA N 341 -41.67 0.90 -22.40
CA ALA N 341 -40.37 0.21 -22.44
C ALA N 341 -39.87 0.15 -23.87
N LEU N 342 -40.78 -0.10 -24.83
CA LEU N 342 -40.38 -0.15 -26.23
C LEU N 342 -39.95 1.22 -26.69
N GLY N 343 -40.67 2.26 -26.29
CA GLY N 343 -40.20 3.61 -26.60
C GLY N 343 -38.83 3.89 -26.00
N PHE N 344 -38.61 3.47 -24.74
CA PHE N 344 -37.28 3.55 -24.11
C PHE N 344 -36.22 2.92 -25.00
N ILE N 345 -36.44 1.66 -25.41
CA ILE N 345 -35.37 0.96 -26.15
C ILE N 345 -34.93 1.79 -27.36
N PHE N 346 -35.89 2.26 -28.16
CA PHE N 346 -35.55 2.98 -29.38
C PHE N 346 -34.98 4.36 -29.08
N LEU N 347 -35.65 5.13 -28.22
CA LEU N 347 -35.22 6.51 -27.99
C LEU N 347 -33.94 6.61 -27.19
N PHE N 348 -33.76 5.76 -26.18
CA PHE N 348 -32.46 5.66 -25.51
C PHE N 348 -31.35 5.32 -26.51
N THR N 349 -31.61 4.42 -27.45
CA THR N 349 -30.59 4.08 -28.44
C THR N 349 -30.18 5.29 -29.27
N VAL N 350 -31.16 6.09 -29.71
CA VAL N 350 -30.86 7.29 -30.47
C VAL N 350 -29.97 8.23 -29.66
N GLY N 351 -30.39 8.53 -28.42
CA GLY N 351 -29.60 9.40 -27.57
C GLY N 351 -28.20 8.86 -27.25
N GLY N 352 -28.10 7.55 -27.06
CA GLY N 352 -26.78 6.94 -26.87
C GLY N 352 -25.86 7.15 -28.06
N LEU N 353 -26.41 6.94 -29.26
CA LEU N 353 -25.66 7.14 -30.50
C LEU N 353 -25.23 8.59 -30.69
N THR N 354 -26.07 9.57 -30.37
CA THR N 354 -25.53 10.94 -30.49
C THR N 354 -24.51 11.20 -29.38
N GLY N 355 -24.62 10.48 -28.27
CA GLY N 355 -23.53 10.50 -27.28
C GLY N 355 -22.20 10.06 -27.87
N ILE N 356 -22.23 9.04 -28.74
CA ILE N 356 -21.02 8.55 -29.37
C ILE N 356 -20.52 9.56 -30.42
N VAL N 357 -21.42 10.27 -31.06
CA VAL N 357 -20.94 11.36 -31.94
C VAL N 357 -20.11 12.34 -31.13
N LEU N 358 -20.66 12.74 -29.98
CA LEU N 358 -20.02 13.75 -29.12
C LEU N 358 -18.73 13.25 -28.51
N ALA N 359 -18.60 11.93 -28.37
CA ALA N 359 -17.38 11.35 -27.77
C ALA N 359 -16.17 11.68 -28.60
N ASN N 360 -16.37 12.02 -29.87
CA ASN N 360 -15.24 12.33 -30.75
C ASN N 360 -14.77 13.75 -30.50
N SER N 361 -13.64 13.87 -29.78
CA SER N 361 -13.20 15.19 -29.34
C SER N 361 -13.10 16.14 -30.51
N SER N 362 -12.68 15.65 -31.67
CA SER N 362 -12.53 16.52 -32.87
C SER N 362 -13.88 17.14 -33.27
N LEU N 363 -14.89 16.33 -33.50
CA LEU N 363 -16.20 16.89 -33.79
C LEU N 363 -16.81 17.63 -32.60
N ASP N 364 -16.50 17.20 -31.39
CA ASP N 364 -17.07 17.91 -30.24
C ASP N 364 -16.61 19.36 -30.14
N ILE N 365 -15.50 19.75 -30.79
CA ILE N 365 -15.14 21.18 -30.76
C ILE N 365 -16.32 21.99 -31.27
N VAL N 366 -16.91 21.53 -32.37
CA VAL N 366 -18.02 22.26 -33.00
C VAL N 366 -19.33 22.03 -32.28
N LEU N 367 -19.48 20.88 -31.61
CA LEU N 367 -20.78 20.56 -31.01
C LEU N 367 -20.86 20.92 -29.53
N HIS N 368 -19.73 20.99 -28.85
CA HIS N 368 -19.73 21.37 -27.44
C HIS N 368 -20.47 22.68 -27.19
N ASP N 369 -21.20 22.73 -26.07
CA ASP N 369 -21.87 23.95 -25.68
C ASP N 369 -22.83 24.43 -26.78
N THR N 370 -23.41 23.46 -27.52
CA THR N 370 -24.51 23.75 -28.47
C THR N 370 -25.70 22.88 -28.12
N TYR N 371 -26.83 23.14 -28.81
CA TYR N 371 -28.01 22.31 -28.57
C TYR N 371 -27.84 20.87 -29.05
N TYR N 372 -26.75 20.52 -29.72
CA TYR N 372 -26.61 19.09 -30.04
C TYR N 372 -26.44 18.29 -28.76
N VAL N 373 -25.70 18.87 -27.79
CA VAL N 373 -25.54 18.19 -26.51
C VAL N 373 -26.87 18.12 -25.81
N VAL N 374 -27.63 19.21 -25.85
CA VAL N 374 -28.94 19.24 -25.20
C VAL N 374 -29.82 18.14 -25.80
N ALA N 375 -29.77 17.98 -27.13
CA ALA N 375 -30.57 16.90 -27.76
C ALA N 375 -30.09 15.53 -27.29
N HIS N 376 -28.77 15.31 -27.25
CA HIS N 376 -28.25 14.02 -26.77
C HIS N 376 -28.83 13.71 -25.40
N PHE N 377 -28.70 14.63 -24.45
CA PHE N 377 -29.03 14.18 -23.10
C PHE N 377 -30.51 14.21 -22.82
N HIS N 378 -31.33 14.96 -23.56
CA HIS N 378 -32.75 14.80 -23.30
C HIS N 378 -33.31 13.55 -23.98
N TYR N 379 -32.69 13.04 -25.04
CA TYR N 379 -33.12 11.71 -25.52
C TYR N 379 -32.84 10.64 -24.47
N VAL N 380 -31.67 10.68 -23.82
N VAL N 380 -31.63 10.70 -23.91
CA VAL N 380 -31.47 9.63 -22.80
CA VAL N 380 -30.95 9.57 -23.29
C VAL N 380 -32.18 9.94 -21.50
C VAL N 380 -31.08 9.65 -21.78
N LEU N 381 -32.43 11.22 -21.17
N LEU N 381 -31.26 10.87 -21.26
CA LEU N 381 -33.11 11.51 -19.91
CA LEU N 381 -31.57 11.06 -19.85
C LEU N 381 -34.61 11.67 -20.04
C LEU N 381 -33.04 11.37 -19.63
N SER N 382 -35.10 12.52 -20.97
N SER N 382 -33.54 12.42 -20.27
CA SER N 382 -36.55 12.73 -21.13
CA SER N 382 -34.96 12.75 -20.15
C SER N 382 -37.22 11.60 -21.85
C SER N 382 -35.82 11.61 -20.69
N MET N 383 -36.48 10.89 -22.70
N MET N 383 -35.93 11.47 -22.02
CA MET N 383 -37.06 9.68 -23.32
CA MET N 383 -36.75 10.37 -22.55
C MET N 383 -36.44 8.37 -22.89
C MET N 383 -36.32 9.02 -21.97
N GLY N 384 -35.56 8.33 -21.91
N GLY N 384 -35.01 8.77 -21.91
CA GLY N 384 -34.94 7.09 -21.39
CA GLY N 384 -34.40 7.61 -21.29
C GLY N 384 -35.31 7.05 -19.94
C GLY N 384 -34.97 7.35 -19.91
N ALA N 385 -34.58 7.79 -19.09
N ALA N 385 -34.49 8.09 -18.90
CA ALA N 385 -34.90 7.80 -17.66
CA ALA N 385 -34.91 7.83 -17.53
C ALA N 385 -36.41 8.00 -17.41
C ALA N 385 -36.42 8.03 -17.35
N VAL N 386 -37.00 9.04 -17.99
CA VAL N 386 -38.44 9.30 -17.76
C VAL N 386 -39.32 8.19 -18.32
N PHE N 387 -38.96 7.63 -19.48
CA PHE N 387 -39.83 6.58 -20.00
C PHE N 387 -39.73 5.35 -19.10
N ALA N 388 -38.53 5.05 -18.55
CA ALA N 388 -38.43 3.90 -17.64
C ALA N 388 -39.25 4.18 -16.37
N ILE N 389 -39.18 5.41 -15.88
CA ILE N 389 -39.98 5.81 -14.71
C ILE N 389 -41.47 5.63 -15.00
N MET N 390 -41.94 6.14 -16.13
CA MET N 390 -43.36 5.99 -16.43
C MET N 390 -43.72 4.51 -16.60
N GLY N 391 -42.88 3.75 -17.29
CA GLY N 391 -43.21 2.32 -17.45
C GLY N 391 -43.23 1.58 -16.12
N GLY N 392 -42.28 1.90 -15.24
CA GLY N 392 -42.28 1.27 -13.92
C GLY N 392 -43.48 1.72 -13.11
N PHE N 393 -43.83 3.02 -13.23
CA PHE N 393 -44.97 3.52 -12.45
C PHE N 393 -46.27 2.84 -12.88
N VAL N 394 -46.51 2.78 -14.20
CA VAL N 394 -47.75 2.16 -14.63
C VAL N 394 -47.74 0.67 -14.30
N HIS N 395 -46.59 0.00 -14.46
CA HIS N 395 -46.52 -1.45 -14.19
C HIS N 395 -46.75 -1.77 -12.69
N TRP N 396 -46.12 -1.02 -11.79
CA TRP N 396 -46.15 -1.35 -10.37
C TRP N 396 -47.18 -0.55 -9.59
N PHE N 397 -47.82 0.48 -10.17
CA PHE N 397 -48.87 1.18 -9.41
C PHE N 397 -49.88 0.25 -8.77
N PRO N 398 -50.32 -0.83 -9.41
CA PRO N 398 -51.32 -1.72 -8.73
C PRO N 398 -50.73 -2.46 -7.57
N LEU N 399 -49.43 -2.73 -7.62
CA LEU N 399 -48.83 -3.36 -6.46
C LEU N 399 -48.76 -2.36 -5.33
N PHE N 400 -48.31 -1.12 -5.60
CA PHE N 400 -48.14 -0.17 -4.50
C PHE N 400 -49.48 0.27 -3.95
N SER N 401 -50.50 0.41 -4.81
CA SER N 401 -51.75 1.04 -4.37
C SER N 401 -52.83 0.03 -4.04
N GLY N 402 -52.78 -1.14 -4.67
CA GLY N 402 -53.93 -2.06 -4.66
C GLY N 402 -54.97 -1.83 -5.76
N TYR N 403 -54.82 -0.78 -6.60
CA TYR N 403 -55.87 -0.39 -7.56
C TYR N 403 -55.32 -0.46 -8.97
N THR N 404 -56.18 -0.71 -9.95
CA THR N 404 -55.71 -0.72 -11.33
C THR N 404 -55.95 0.64 -11.98
N LEU N 405 -55.07 0.99 -12.90
CA LEU N 405 -55.26 2.14 -13.79
C LEU N 405 -56.21 1.77 -14.91
N ASN N 406 -56.74 2.80 -15.60
CA ASN N 406 -57.42 2.57 -16.85
C ASN N 406 -56.40 2.44 -17.96
N ASP N 407 -56.26 1.24 -18.55
CA ASP N 407 -55.21 1.05 -19.54
C ASP N 407 -55.39 1.91 -20.77
N THR N 408 -56.64 2.17 -21.19
CA THR N 408 -56.81 2.97 -22.39
C THR N 408 -56.30 4.39 -22.16
N TRP N 409 -56.63 4.97 -21.00
CA TRP N 409 -56.10 6.29 -20.70
C TRP N 409 -54.59 6.27 -20.64
N ALA N 410 -54.02 5.19 -20.08
CA ALA N 410 -52.57 5.17 -19.95
C ALA N 410 -51.92 5.07 -21.33
N LYS N 411 -52.59 4.41 -22.28
CA LYS N 411 -52.04 4.33 -23.63
C LYS N 411 -52.15 5.68 -24.33
N ILE N 412 -53.24 6.40 -24.09
CA ILE N 412 -53.39 7.76 -24.60
C ILE N 412 -52.28 8.64 -24.08
N HIS N 413 -52.07 8.57 -22.77
CA HIS N 413 -50.99 9.34 -22.13
C HIS N 413 -49.64 9.05 -22.79
N PHE N 414 -49.29 7.74 -22.93
CA PHE N 414 -48.07 7.40 -23.65
C PHE N 414 -48.00 8.06 -25.04
N ALA N 415 -49.07 7.97 -25.82
CA ALA N 415 -49.05 8.49 -27.20
C ALA N 415 -48.77 9.99 -27.23
N ILE N 416 -49.49 10.75 -26.38
CA ILE N 416 -49.27 12.19 -26.31
C ILE N 416 -47.82 12.47 -25.93
N MET N 417 -47.35 11.83 -24.87
CA MET N 417 -45.98 12.10 -24.41
C MET N 417 -44.96 11.80 -25.51
N PHE N 418 -45.14 10.68 -26.23
CA PHE N 418 -44.22 10.28 -27.29
C PHE N 418 -44.12 11.36 -28.34
N VAL N 419 -45.27 11.87 -28.81
CA VAL N 419 -45.25 12.99 -29.77
C VAL N 419 -44.55 14.19 -29.18
N GLY N 420 -44.94 14.55 -27.95
CA GLY N 420 -44.41 15.79 -27.38
C GLY N 420 -42.89 15.77 -27.23
N VAL N 421 -42.34 14.72 -26.61
CA VAL N 421 -40.87 14.73 -26.42
C VAL N 421 -40.14 14.73 -27.76
N ASN N 422 -40.65 13.99 -28.77
CA ASN N 422 -39.89 13.98 -30.01
C ASN N 422 -40.00 15.32 -30.72
N MET N 423 -41.15 15.97 -30.62
CA MET N 423 -41.31 17.29 -31.26
C MET N 423 -40.45 18.31 -30.54
N THR N 424 -40.27 18.11 -29.22
CA THR N 424 -39.44 19.05 -28.45
C THR N 424 -37.97 18.91 -28.83
N PHE N 425 -37.47 17.67 -28.84
CA PHE N 425 -36.01 17.51 -28.88
C PHE N 425 -35.44 17.11 -30.24
N PHE N 426 -36.18 16.47 -31.13
CA PHE N 426 -35.54 16.15 -32.41
C PHE N 426 -35.01 17.38 -33.17
N PRO N 427 -35.73 18.51 -33.25
CA PRO N 427 -35.18 19.64 -33.98
C PRO N 427 -33.98 20.23 -33.30
N GLN N 428 -33.74 19.91 -32.02
CA GLN N 428 -32.56 20.48 -31.37
C GLN N 428 -31.26 19.93 -31.95
N HIS N 429 -31.28 18.77 -32.64
CA HIS N 429 -30.09 18.33 -33.37
C HIS N 429 -29.70 19.35 -34.46
N PHE N 430 -30.67 19.81 -35.24
CA PHE N 430 -30.39 20.81 -36.29
C PHE N 430 -29.84 22.09 -35.69
N LEU N 431 -30.49 22.56 -34.62
CA LEU N 431 -30.00 23.76 -33.95
C LEU N 431 -28.56 23.58 -33.52
N GLY N 432 -28.19 22.38 -33.01
CA GLY N 432 -26.82 22.22 -32.57
C GLY N 432 -25.85 22.13 -33.75
N LEU N 433 -26.19 21.37 -34.79
CA LEU N 433 -25.27 21.21 -35.90
C LEU N 433 -25.01 22.57 -36.54
N SER N 434 -26.07 23.38 -36.64
CA SER N 434 -25.93 24.68 -37.25
C SER N 434 -25.44 25.73 -36.27
N GLY N 435 -25.08 25.36 -35.03
CA GLY N 435 -24.30 26.29 -34.20
C GLY N 435 -25.02 27.08 -33.10
N MET N 436 -26.28 26.74 -32.73
CA MET N 436 -26.96 27.49 -31.65
C MET N 436 -26.34 27.16 -30.30
N PRO N 437 -25.80 28.12 -29.53
CA PRO N 437 -25.16 27.78 -28.24
C PRO N 437 -26.19 27.36 -27.19
N ARG N 438 -25.74 26.63 -26.14
CA ARG N 438 -26.51 26.42 -24.91
C ARG N 438 -26.60 27.67 -24.06
N ARG N 439 -27.63 27.68 -23.21
CA ARG N 439 -27.74 28.63 -22.13
C ARG N 439 -27.94 30.05 -22.64
N TYR N 440 -28.63 30.15 -23.77
CA TYR N 440 -29.00 31.40 -24.44
C TYR N 440 -30.48 31.69 -24.24
N SER N 441 -30.80 32.92 -23.83
CA SER N 441 -32.20 33.34 -23.79
C SER N 441 -32.73 33.81 -25.14
N ASP N 442 -31.89 34.01 -26.14
CA ASP N 442 -32.40 34.47 -27.43
C ASP N 442 -31.35 34.06 -28.44
N TYR N 443 -31.73 34.02 -29.71
CA TYR N 443 -30.92 33.40 -30.76
C TYR N 443 -30.99 34.25 -32.02
N PRO N 444 -29.95 34.22 -32.83
CA PRO N 444 -30.01 34.88 -34.15
C PRO N 444 -31.18 34.34 -34.95
N ASP N 445 -31.70 35.17 -35.85
CA ASP N 445 -32.99 34.93 -36.47
C ASP N 445 -33.06 33.62 -37.22
N ALA N 446 -31.96 33.20 -37.84
CA ALA N 446 -31.97 31.99 -38.63
C ALA N 446 -32.47 30.78 -37.83
N TYR N 447 -32.33 30.77 -36.52
CA TYR N 447 -32.64 29.60 -35.68
C TYR N 447 -34.12 29.56 -35.28
N THR N 448 -34.94 30.44 -35.83
CA THR N 448 -36.30 30.62 -35.33
C THR N 448 -37.17 29.39 -35.57
N MET N 449 -37.20 28.85 -36.79
CA MET N 449 -38.16 27.80 -37.07
C MET N 449 -38.02 26.61 -36.11
N TRP N 450 -36.81 26.10 -35.88
CA TRP N 450 -36.73 24.91 -35.01
C TRP N 450 -36.99 25.26 -33.54
N ASN N 451 -36.62 26.46 -33.08
CA ASN N 451 -36.96 26.83 -31.71
C ASN N 451 -38.46 26.91 -31.55
N THR N 452 -39.14 27.42 -32.59
CA THR N 452 -40.61 27.47 -32.50
C THR N 452 -41.21 26.08 -32.39
N ILE N 453 -40.82 25.16 -33.27
CA ILE N 453 -41.33 23.79 -33.22
C ILE N 453 -40.99 23.14 -31.87
N SER N 454 -39.79 23.37 -31.37
CA SER N 454 -39.37 22.72 -30.11
C SER N 454 -40.25 23.21 -28.97
N SER N 455 -40.48 24.52 -28.89
CA SER N 455 -41.39 25.03 -27.85
C SER N 455 -42.82 24.49 -28.00
N MET N 456 -43.32 24.37 -29.24
CA MET N 456 -44.64 23.77 -29.40
C MET N 456 -44.64 22.33 -28.88
N GLY N 457 -43.57 21.58 -29.13
CA GLY N 457 -43.50 20.22 -28.57
C GLY N 457 -43.56 20.21 -27.05
N SER N 458 -42.97 21.24 -26.39
CA SER N 458 -42.93 21.24 -24.92
C SER N 458 -44.33 21.40 -24.36
N PHE N 459 -45.22 22.12 -25.08
CA PHE N 459 -46.60 22.19 -24.63
C PHE N 459 -47.33 20.85 -24.76
N ILE N 460 -47.01 20.05 -25.78
CA ILE N 460 -47.68 18.77 -25.90
C ILE N 460 -47.30 17.89 -24.71
N SER N 461 -46.02 17.96 -24.29
CA SER N 461 -45.62 17.19 -23.12
C SER N 461 -46.34 17.68 -21.87
N LEU N 462 -46.57 18.98 -21.77
CA LEU N 462 -47.30 19.47 -20.61
C LEU N 462 -48.69 18.86 -20.58
N THR N 463 -49.32 18.76 -21.75
CA THR N 463 -50.66 18.16 -21.77
C THR N 463 -50.61 16.71 -21.29
N ALA N 464 -49.54 15.99 -21.65
CA ALA N 464 -49.40 14.61 -21.16
C ALA N 464 -49.22 14.57 -19.63
N VAL N 465 -48.43 15.50 -19.07
CA VAL N 465 -48.24 15.53 -17.61
C VAL N 465 -49.56 15.80 -16.90
N MET N 466 -50.33 16.78 -17.41
CA MET N 466 -51.64 17.05 -16.79
C MET N 466 -52.54 15.81 -16.86
N LEU N 467 -52.53 15.14 -18.01
CA LEU N 467 -53.34 13.96 -18.18
C LEU N 467 -52.90 12.88 -17.20
N MET N 468 -51.59 12.74 -16.97
CA MET N 468 -51.13 11.73 -16.02
C MET N 468 -51.77 11.93 -14.66
N VAL N 469 -51.83 13.19 -14.18
CA VAL N 469 -52.41 13.46 -12.87
C VAL N 469 -53.86 13.04 -12.87
N PHE N 470 -54.58 13.36 -13.93
CA PHE N 470 -55.97 12.90 -14.00
C PHE N 470 -56.07 11.36 -13.96
N ILE N 471 -55.12 10.66 -14.59
CA ILE N 471 -55.23 9.21 -14.68
C ILE N 471 -55.06 8.60 -13.31
N ILE N 472 -54.12 9.16 -12.53
CA ILE N 472 -53.88 8.69 -11.19
C ILE N 472 -55.09 8.94 -10.32
N TRP N 473 -55.65 10.17 -10.42
CA TRP N 473 -56.92 10.46 -9.74
C TRP N 473 -57.99 9.43 -10.10
N GLU N 474 -58.17 9.13 -11.38
CA GLU N 474 -59.28 8.25 -11.75
C GLU N 474 -59.12 6.87 -11.12
N ALA N 475 -57.89 6.40 -10.99
CA ALA N 475 -57.73 5.06 -10.41
C ALA N 475 -58.10 5.07 -8.93
N PHE N 476 -57.59 6.07 -8.19
CA PHE N 476 -57.97 6.16 -6.78
C PHE N 476 -59.45 6.49 -6.62
N ALA N 477 -60.03 7.20 -7.61
CA ALA N 477 -61.46 7.54 -7.56
C ALA N 477 -62.35 6.34 -7.77
N SER N 478 -61.98 5.46 -8.69
CA SER N 478 -62.84 4.34 -9.03
C SER N 478 -62.64 3.11 -8.12
N LYS N 479 -61.40 2.86 -7.65
CA LYS N 479 -61.14 1.80 -6.67
C LYS N 479 -61.51 0.42 -7.23
N ARG N 480 -60.90 0.10 -8.37
CA ARG N 480 -60.86 -1.26 -8.89
C ARG N 480 -59.76 -2.02 -8.15
N GLU N 481 -60.13 -2.91 -7.25
CA GLU N 481 -59.13 -3.59 -6.42
C GLU N 481 -58.54 -4.81 -7.11
N VAL N 482 -57.21 -4.93 -7.04
CA VAL N 482 -56.55 -6.02 -7.73
C VAL N 482 -57.02 -7.35 -7.17
N LEU N 483 -57.24 -8.31 -8.06
CA LEU N 483 -57.41 -9.70 -7.62
C LEU N 483 -56.13 -10.53 -7.77
N THR N 484 -55.83 -10.82 -9.03
CA THR N 484 -54.79 -11.74 -9.42
C THR N 484 -53.85 -11.06 -10.42
N VAL N 485 -52.62 -11.51 -10.37
CA VAL N 485 -51.56 -11.07 -11.24
C VAL N 485 -50.88 -12.31 -11.80
N ASP N 486 -50.57 -12.27 -13.08
CA ASP N 486 -49.85 -13.37 -13.71
C ASP N 486 -48.33 -13.31 -13.45
N LEU N 487 -47.66 -14.44 -13.72
CA LEU N 487 -46.19 -14.58 -13.63
C LEU N 487 -45.63 -14.35 -12.23
N THR N 488 -46.43 -14.54 -11.15
CA THR N 488 -45.84 -14.38 -9.81
C THR N 488 -44.71 -15.35 -9.56
N THR N 489 -44.67 -16.50 -10.27
CA THR N 489 -43.57 -17.43 -10.00
C THR N 489 -42.22 -16.81 -10.30
N THR N 490 -42.13 -15.78 -11.15
CA THR N 490 -40.83 -15.11 -11.40
C THR N 490 -40.87 -13.61 -11.12
N ASN N 491 -41.75 -13.21 -10.22
CA ASN N 491 -41.85 -11.79 -9.88
C ASN N 491 -42.28 -11.74 -8.43
N LEU N 492 -41.33 -12.06 -7.56
CA LEU N 492 -41.60 -12.26 -6.13
C LEU N 492 -42.30 -11.05 -5.47
N GLU N 493 -42.04 -9.83 -5.95
CA GLU N 493 -42.57 -8.67 -5.26
C GLU N 493 -44.11 -8.67 -5.30
N TRP N 494 -44.74 -9.39 -6.23
CA TRP N 494 -46.22 -9.43 -6.27
C TRP N 494 -46.84 -10.48 -5.35
N LEU N 495 -46.05 -11.36 -4.79
CA LEU N 495 -46.67 -12.59 -4.24
C LEU N 495 -47.28 -12.40 -2.86
N ASN N 496 -47.12 -11.21 -2.27
CA ASN N 496 -47.82 -10.89 -1.02
C ASN N 496 -49.07 -10.03 -1.25
N GLY N 497 -49.56 -9.98 -2.47
CA GLY N 497 -50.83 -9.29 -2.75
C GLY N 497 -50.60 -7.77 -2.94
N CYS N 498 -51.70 -7.04 -3.15
CA CYS N 498 -51.64 -5.65 -3.61
C CYS N 498 -52.63 -4.83 -2.82
N PRO N 499 -52.16 -3.93 -1.94
CA PRO N 499 -50.74 -3.70 -1.62
C PRO N 499 -50.32 -4.78 -0.65
N PRO N 500 -49.04 -5.07 -0.58
CA PRO N 500 -48.59 -6.05 0.38
C PRO N 500 -48.81 -5.53 1.79
N PRO N 501 -48.94 -6.41 2.77
CA PRO N 501 -49.05 -5.94 4.15
C PRO N 501 -47.87 -5.07 4.55
N TYR N 502 -48.12 -4.23 5.54
CA TYR N 502 -47.08 -3.38 6.15
C TYR N 502 -45.80 -4.14 6.45
N HIS N 503 -45.90 -5.27 7.14
CA HIS N 503 -44.77 -6.16 7.33
C HIS N 503 -44.90 -7.34 6.40
N THR N 504 -43.91 -7.56 5.57
CA THR N 504 -43.83 -8.74 4.72
C THR N 504 -42.58 -9.53 5.04
N PHE N 505 -42.65 -10.84 4.74
CA PHE N 505 -41.49 -11.74 4.99
C PHE N 505 -41.11 -11.74 6.47
N GLU N 506 -42.09 -11.56 7.34
CA GLU N 506 -41.85 -11.81 8.77
C GLU N 506 -41.41 -13.26 8.98
N GLU N 507 -42.06 -14.19 8.30
CA GLU N 507 -41.48 -15.50 8.13
C GLU N 507 -40.79 -15.46 6.76
N PRO N 508 -39.48 -15.64 6.70
CA PRO N 508 -38.76 -15.47 5.42
C PRO N 508 -39.15 -16.60 4.48
N THR N 509 -38.82 -16.40 3.21
CA THR N 509 -39.01 -17.49 2.25
C THR N 509 -38.13 -18.68 2.61
N TYR N 510 -38.50 -19.85 2.07
CA TYR N 510 -37.74 -21.08 2.20
C TYR N 510 -37.06 -21.32 0.87
N VAL N 511 -35.71 -21.37 0.85
CA VAL N 511 -34.97 -21.72 -0.36
C VAL N 511 -33.86 -22.68 0.04
N ASN N 512 -33.83 -23.88 -0.54
CA ASN N 512 -32.80 -24.80 -0.06
C ASN N 512 -31.65 -24.84 -1.07
N LEU N 513 -30.56 -25.50 -0.66
CA LEU N 513 -29.34 -25.45 -1.44
C LEU N 513 -29.02 -26.71 -2.22
N LYS N 514 -29.39 -27.87 -1.70
CA LYS N 514 -29.32 -29.13 -2.45
C LYS N 514 -27.91 -29.67 -2.43
N FME O 1 -22.35 31.96 -41.48
CN FME O 1 -21.08 32.36 -41.28
O1 FME O 1 -20.72 32.92 -40.26
CA FME O 1 -23.40 32.03 -40.45
CB FME O 1 -24.07 33.41 -40.36
CG FME O 1 -24.62 33.63 -41.80
SD FME O 1 -25.39 35.20 -41.89
CE FME O 1 -26.97 34.92 -41.16
C FME O 1 -24.47 31.01 -40.73
O FME O 1 -24.49 30.48 -41.81
N ALA O 2 -25.31 30.70 -39.75
CA ALA O 2 -26.45 29.80 -40.04
C ALA O 2 -27.51 30.52 -40.88
N TYR O 3 -28.32 29.76 -41.61
CA TYR O 3 -29.38 30.31 -42.44
C TYR O 3 -30.70 29.65 -42.05
N PRO O 4 -31.86 30.22 -42.43
CA PRO O 4 -33.16 29.66 -42.01
C PRO O 4 -33.35 28.22 -42.45
N MET O 5 -33.94 27.43 -41.54
CA MET O 5 -34.27 26.02 -41.72
C MET O 5 -33.06 25.13 -41.96
N GLN O 6 -31.88 25.55 -41.51
CA GLN O 6 -30.68 24.77 -41.74
C GLN O 6 -30.75 23.46 -40.94
N LEU O 7 -30.31 22.36 -41.54
CA LEU O 7 -30.33 21.06 -40.86
C LEU O 7 -28.96 20.65 -40.36
N GLY O 8 -27.89 21.01 -41.08
CA GLY O 8 -26.57 20.47 -40.81
C GLY O 8 -25.54 21.53 -40.45
N PHE O 9 -24.26 21.26 -40.68
CA PHE O 9 -23.24 22.22 -40.33
C PHE O 9 -23.29 23.40 -41.29
N GLN O 10 -22.88 24.57 -40.80
CA GLN O 10 -22.55 25.66 -41.70
C GLN O 10 -21.49 25.20 -42.71
N ASP O 11 -21.50 25.79 -43.90
CA ASP O 11 -20.53 25.38 -44.91
C ASP O 11 -19.13 25.56 -44.37
N ALA O 12 -18.26 24.61 -44.67
CA ALA O 12 -16.89 24.63 -44.18
C ALA O 12 -16.10 25.79 -44.81
N THR O 13 -15.39 26.55 -43.98
CA THR O 13 -14.57 27.65 -44.48
C THR O 13 -13.08 27.35 -44.34
N SER O 14 -12.70 26.33 -43.58
CA SER O 14 -11.32 25.93 -43.42
C SER O 14 -11.16 24.47 -43.81
N PRO O 15 -9.96 24.05 -44.19
CA PRO O 15 -9.75 22.64 -44.53
C PRO O 15 -10.14 21.74 -43.39
N ILE O 16 -9.87 22.13 -42.15
CA ILE O 16 -10.20 21.24 -41.04
C ILE O 16 -11.71 21.07 -40.90
N MET O 17 -12.48 22.17 -41.04
CA MET O 17 -13.92 22.04 -40.98
C MET O 17 -14.43 21.15 -42.11
N GLU O 18 -13.80 21.17 -43.30
CA GLU O 18 -14.25 20.22 -44.32
C GLU O 18 -14.00 18.79 -43.84
N GLU O 19 -12.84 18.54 -43.22
CA GLU O 19 -12.56 17.21 -42.70
C GLU O 19 -13.64 16.77 -41.74
N LEU O 20 -14.07 17.69 -40.88
CA LEU O 20 -15.12 17.37 -39.91
C LEU O 20 -16.44 17.05 -40.59
N LEU O 21 -16.75 17.73 -41.70
CA LEU O 21 -18.02 17.44 -42.35
C LEU O 21 -17.99 16.04 -42.91
N HIS O 22 -16.87 15.67 -43.50
CA HIS O 22 -16.79 14.35 -44.10
C HIS O 22 -16.80 13.30 -42.99
N PHE O 23 -16.21 13.63 -41.86
CA PHE O 23 -16.21 12.69 -40.73
C PHE O 23 -17.60 12.58 -40.13
N HIS O 24 -18.30 13.71 -40.01
CA HIS O 24 -19.68 13.64 -39.53
C HIS O 24 -20.58 12.83 -40.47
N ASP O 25 -20.42 13.01 -41.78
CA ASP O 25 -21.20 12.24 -42.74
C ASP O 25 -21.02 10.75 -42.51
N HIS O 26 -19.78 10.33 -42.33
CA HIS O 26 -19.44 8.94 -42.08
C HIS O 26 -20.12 8.45 -40.80
N THR O 27 -20.00 9.21 -39.73
CA THR O 27 -20.53 8.78 -38.43
C THR O 27 -22.05 8.81 -38.43
N LEU O 28 -22.66 9.80 -39.09
CA LEU O 28 -24.13 9.88 -39.10
C LEU O 28 -24.70 8.74 -39.89
N MET O 29 -23.99 8.29 -40.93
CA MET O 29 -24.49 7.11 -41.62
C MET O 29 -24.60 5.92 -40.66
N ILE O 30 -23.59 5.75 -39.82
CA ILE O 30 -23.60 4.64 -38.85
C ILE O 30 -24.71 4.84 -37.83
N VAL O 31 -24.84 6.05 -37.29
CA VAL O 31 -25.95 6.36 -36.38
C VAL O 31 -27.31 6.03 -37.02
N PHE O 32 -27.54 6.48 -38.27
CA PHE O 32 -28.81 6.16 -38.94
C PHE O 32 -28.99 4.65 -39.08
N LEU O 33 -27.95 3.92 -39.42
CA LEU O 33 -28.11 2.50 -39.66
C LEU O 33 -28.44 1.76 -38.37
N ILE O 34 -27.76 2.12 -37.28
CA ILE O 34 -27.96 1.38 -36.04
C ILE O 34 -29.31 1.73 -35.46
N SER O 35 -29.65 3.02 -35.44
CA SER O 35 -30.95 3.41 -34.89
C SER O 35 -32.07 2.76 -35.69
N SER O 36 -31.87 2.64 -37.01
CA SER O 36 -32.93 2.09 -37.87
C SER O 36 -33.00 0.58 -37.71
N LEU O 37 -31.84 -0.05 -37.59
CA LEU O 37 -31.84 -1.50 -37.33
C LEU O 37 -32.55 -1.84 -36.02
N VAL O 38 -32.29 -1.08 -34.97
CA VAL O 38 -32.98 -1.31 -33.70
C VAL O 38 -34.48 -1.12 -33.85
N LEU O 39 -34.89 -0.05 -34.53
CA LEU O 39 -36.31 0.17 -34.78
C LEU O 39 -36.88 -0.99 -35.58
N TYR O 40 -36.16 -1.42 -36.62
CA TYR O 40 -36.67 -2.53 -37.43
C TYR O 40 -36.82 -3.80 -36.59
N ILE O 41 -35.77 -4.12 -35.84
CA ILE O 41 -35.81 -5.38 -35.09
C ILE O 41 -36.90 -5.34 -34.03
N ILE O 42 -37.10 -4.19 -33.40
CA ILE O 42 -38.28 -4.08 -32.51
C ILE O 42 -39.53 -4.45 -33.29
N SER O 43 -39.74 -3.86 -34.46
CA SER O 43 -40.98 -4.19 -35.14
C SER O 43 -41.01 -5.67 -35.54
N LEU O 44 -39.86 -6.24 -35.86
CA LEU O 44 -39.80 -7.64 -36.24
C LEU O 44 -40.16 -8.55 -35.06
N MET O 45 -39.68 -8.21 -33.85
CA MET O 45 -40.01 -9.04 -32.68
C MET O 45 -41.49 -8.96 -32.32
N LEU O 46 -42.16 -7.91 -32.74
CA LEU O 46 -43.50 -7.63 -32.25
C LEU O 46 -44.59 -8.05 -33.23
N THR O 47 -44.22 -8.61 -34.38
CA THR O 47 -45.21 -8.84 -35.44
C THR O 47 -45.33 -10.32 -35.79
N THR O 48 -45.09 -11.24 -34.86
CA THR O 48 -45.41 -12.64 -35.18
C THR O 48 -46.20 -13.28 -34.06
N LYS O 49 -47.12 -14.14 -34.44
CA LYS O 49 -47.81 -14.96 -33.46
C LYS O 49 -46.97 -16.16 -33.02
N LEU O 50 -45.85 -16.43 -33.70
CA LEU O 50 -45.01 -17.56 -33.30
C LEU O 50 -44.35 -17.27 -31.95
N THR O 51 -44.20 -18.30 -31.11
CA THR O 51 -43.57 -18.11 -29.81
C THR O 51 -42.42 -19.08 -29.55
N HIS O 52 -41.57 -18.68 -28.61
CA HIS O 52 -40.46 -19.51 -28.14
C HIS O 52 -40.12 -18.91 -26.76
N THR O 53 -40.63 -19.50 -25.70
CA THR O 53 -40.53 -18.89 -24.37
C THR O 53 -39.70 -19.68 -23.39
N SER O 54 -39.17 -20.82 -23.80
CA SER O 54 -38.27 -21.57 -22.93
C SER O 54 -36.94 -20.84 -22.90
N THR O 55 -36.00 -21.38 -22.13
CA THR O 55 -34.70 -20.71 -21.95
C THR O 55 -33.90 -20.68 -23.25
N MET O 56 -33.40 -19.49 -23.59
CA MET O 56 -32.62 -19.32 -24.81
C MET O 56 -31.15 -19.22 -24.48
N ASP O 57 -30.30 -19.93 -25.23
CA ASP O 57 -28.88 -19.81 -24.98
C ASP O 57 -28.33 -18.53 -25.63
N ALA O 58 -27.43 -17.84 -24.89
CA ALA O 58 -26.98 -16.48 -25.20
C ALA O 58 -25.52 -16.35 -25.65
N GLN O 59 -24.71 -17.41 -25.53
CA GLN O 59 -23.25 -17.25 -25.70
C GLN O 59 -22.89 -16.90 -27.15
N GLU O 60 -23.40 -17.69 -28.10
CA GLU O 60 -23.04 -17.50 -29.51
C GLU O 60 -23.38 -16.09 -29.98
N VAL O 61 -24.61 -15.66 -29.67
CA VAL O 61 -25.10 -14.42 -30.22
C VAL O 61 -24.40 -13.23 -29.57
N GLU O 62 -23.87 -13.40 -28.35
CA GLU O 62 -23.22 -12.26 -27.69
C GLU O 62 -21.84 -11.99 -28.24
N THR O 63 -21.17 -12.99 -28.82
CA THR O 63 -19.96 -12.72 -29.63
C THR O 63 -20.25 -11.73 -30.76
N ILE O 64 -21.35 -11.96 -31.49
CA ILE O 64 -21.78 -11.07 -32.57
C ILE O 64 -21.98 -9.65 -32.04
N TRP O 65 -22.81 -9.52 -31.01
CA TRP O 65 -23.11 -8.14 -30.64
C TRP O 65 -22.08 -7.53 -29.70
N THR O 66 -20.95 -8.19 -29.49
CA THR O 66 -19.80 -7.50 -28.93
C THR O 66 -18.73 -7.21 -29.99
N ILE O 67 -18.45 -8.15 -30.89
CA ILE O 67 -17.39 -7.94 -31.89
C ILE O 67 -17.84 -6.95 -32.95
N LEU O 68 -19.09 -7.06 -33.39
CA LEU O 68 -19.52 -6.09 -34.41
C LEU O 68 -19.48 -4.65 -33.90
N PRO O 69 -20.08 -4.32 -32.76
CA PRO O 69 -19.93 -2.94 -32.27
C PRO O 69 -18.48 -2.58 -32.03
N ALA O 70 -17.64 -3.53 -31.58
CA ALA O 70 -16.24 -3.13 -31.37
C ALA O 70 -15.61 -2.73 -32.69
N ILE O 71 -15.91 -3.47 -33.74
CA ILE O 71 -15.32 -3.08 -35.03
C ILE O 71 -15.84 -1.72 -35.46
N ILE O 72 -17.14 -1.49 -35.28
CA ILE O 72 -17.76 -0.20 -35.72
C ILE O 72 -17.12 0.95 -34.97
N LEU O 73 -16.97 0.80 -33.64
CA LEU O 73 -16.29 1.84 -32.86
C LEU O 73 -14.91 2.13 -33.42
N ILE O 74 -14.17 1.10 -33.80
CA ILE O 74 -12.81 1.33 -34.34
C ILE O 74 -12.90 2.08 -35.67
N LEU O 75 -13.88 1.75 -36.49
CA LEU O 75 -14.07 2.46 -37.78
C LEU O 75 -14.51 3.90 -37.63
N ILE O 76 -15.08 4.28 -36.48
CA ILE O 76 -15.30 5.70 -36.12
C ILE O 76 -14.03 6.31 -35.53
N ALA O 77 -13.40 5.62 -34.57
CA ALA O 77 -12.26 6.21 -33.84
C ALA O 77 -11.08 6.52 -34.74
N LEU O 78 -10.85 5.68 -35.72
CA LEU O 78 -9.70 5.87 -36.60
C LEU O 78 -9.78 7.20 -37.35
N PRO O 79 -10.83 7.53 -38.11
CA PRO O 79 -10.86 8.89 -38.71
C PRO O 79 -10.96 10.01 -37.69
N SER O 80 -11.64 9.77 -36.56
CA SER O 80 -11.78 10.80 -35.53
C SER O 80 -10.42 11.22 -35.00
N LEU O 81 -9.58 10.24 -34.68
CA LEU O 81 -8.29 10.56 -34.09
C LEU O 81 -7.36 11.19 -35.13
N ARG O 82 -7.46 10.73 -36.37
CA ARG O 82 -6.62 11.29 -37.43
C ARG O 82 -6.87 12.79 -37.52
N ILE O 83 -8.15 13.19 -37.50
CA ILE O 83 -8.48 14.61 -37.55
C ILE O 83 -7.99 15.32 -36.27
N LEU O 84 -8.17 14.66 -35.13
CA LEU O 84 -7.70 15.20 -33.87
C LEU O 84 -6.23 15.54 -33.98
N TYR O 85 -5.45 14.64 -34.55
CA TYR O 85 -4.02 14.89 -34.55
C TYR O 85 -3.64 15.90 -35.63
N MET O 86 -4.33 15.87 -36.77
CA MET O 86 -4.04 16.87 -37.79
C MET O 86 -4.39 18.29 -37.31
N MET O 87 -5.40 18.44 -36.46
CA MET O 87 -5.66 19.75 -35.86
C MET O 87 -4.45 20.23 -35.05
N ASP O 88 -3.81 19.32 -34.29
CA ASP O 88 -2.67 19.62 -33.41
C ASP O 88 -1.35 19.81 -34.17
N GLU O 89 -1.30 19.47 -35.46
CA GLU O 89 -0.07 19.55 -36.25
C GLU O 89 0.58 20.92 -36.15
N ILE O 90 1.91 20.88 -36.00
CA ILE O 90 2.76 22.07 -36.11
C ILE O 90 2.56 22.71 -37.47
N ASN O 91 2.28 24.01 -37.47
CA ASN O 91 1.96 24.68 -38.74
C ASN O 91 2.76 25.94 -39.02
N ASN O 92 3.44 26.50 -38.05
CA ASN O 92 4.20 27.74 -38.18
C ASN O 92 3.33 28.88 -38.67
N PRO O 93 2.63 29.55 -37.76
CA PRO O 93 1.78 30.66 -38.16
C PRO O 93 2.61 31.85 -38.61
N SER O 94 1.96 32.74 -39.37
CA SER O 94 2.64 33.98 -39.77
C SER O 94 2.19 35.19 -38.95
N LEU O 95 1.20 35.01 -38.07
CA LEU O 95 0.57 36.10 -37.35
C LEU O 95 0.01 35.49 -36.09
N THR O 96 0.12 36.20 -34.97
CA THR O 96 -0.54 35.84 -33.72
C THR O 96 -1.50 36.96 -33.34
N VAL O 97 -2.72 36.58 -32.97
CA VAL O 97 -3.74 37.51 -32.48
C VAL O 97 -4.23 36.95 -31.16
N LYS O 98 -4.40 37.79 -30.15
CA LYS O 98 -4.98 37.41 -28.87
C LYS O 98 -6.41 37.90 -28.82
N THR O 99 -7.27 37.15 -28.13
CA THR O 99 -8.57 37.69 -27.81
C THR O 99 -8.85 37.47 -26.32
N MET O 100 -9.39 38.48 -25.64
CA MET O 100 -9.71 38.34 -24.22
C MET O 100 -11.21 38.44 -24.08
N GLY O 101 -11.86 37.45 -23.45
CA GLY O 101 -13.24 37.62 -23.17
C GLY O 101 -13.45 38.56 -22.00
N HIS O 102 -14.61 39.22 -22.02
CA HIS O 102 -15.09 40.00 -20.89
C HIS O 102 -16.61 39.87 -20.82
N GLN O 103 -17.15 40.25 -19.67
CA GLN O 103 -18.60 40.47 -19.54
C GLN O 103 -18.96 41.88 -20.02
N TRP O 104 -19.62 42.03 -21.19
CA TRP O 104 -19.94 40.99 -22.19
C TRP O 104 -19.52 41.49 -23.59
N TYR O 105 -18.25 41.29 -23.93
CA TYR O 105 -17.73 41.69 -25.24
C TYR O 105 -16.38 41.05 -25.35
N TRP O 106 -15.78 41.13 -26.54
CA TRP O 106 -14.45 40.55 -26.73
C TRP O 106 -13.48 41.70 -26.98
N SER O 107 -12.24 41.58 -26.51
CA SER O 107 -11.21 42.49 -26.99
C SER O 107 -10.16 41.71 -27.78
N TYR O 108 -9.46 42.41 -28.69
CA TYR O 108 -8.48 41.78 -29.58
C TYR O 108 -7.18 42.55 -29.44
N GLU O 109 -6.06 41.83 -29.51
CA GLU O 109 -4.71 42.40 -29.45
C GLU O 109 -3.89 41.87 -30.60
N TYR O 110 -3.30 42.76 -31.40
CA TYR O 110 -2.39 42.34 -32.46
C TYR O 110 -1.06 42.95 -32.07
N THR O 111 -0.18 42.19 -31.43
CA THR O 111 1.04 42.79 -30.85
C THR O 111 2.32 42.17 -31.37
N ASP O 112 2.24 41.53 -32.55
CA ASP O 112 3.45 41.03 -33.20
C ASP O 112 4.43 42.16 -33.49
N TYR O 113 3.94 43.30 -33.98
CA TYR O 113 4.84 44.40 -34.35
C TYR O 113 4.48 45.72 -33.68
N GLU O 114 3.28 46.21 -33.95
CA GLU O 114 2.69 47.36 -33.28
C GLU O 114 1.85 46.89 -32.11
N ASP O 115 1.50 47.79 -31.21
CA ASP O 115 0.64 47.41 -30.08
C ASP O 115 -0.81 47.82 -30.36
N LEU O 116 -1.43 47.07 -31.24
CA LEU O 116 -2.81 47.38 -31.65
C LEU O 116 -3.76 46.61 -30.77
N SER O 117 -4.77 47.26 -30.18
CA SER O 117 -5.82 46.48 -29.50
C SER O 117 -7.13 47.21 -29.64
N PHE O 118 -8.24 46.50 -29.44
CA PHE O 118 -9.53 47.20 -29.53
C PHE O 118 -10.62 46.32 -28.93
N ASP O 119 -11.76 46.96 -28.64
CA ASP O 119 -12.89 46.16 -28.14
C ASP O 119 -13.89 45.87 -29.27
N SER O 120 -14.73 44.86 -29.04
CA SER O 120 -15.62 44.37 -30.09
C SER O 120 -16.96 44.03 -29.44
N TYR O 121 -17.95 44.91 -29.64
CA TYR O 121 -19.26 44.83 -29.01
C TYR O 121 -20.35 44.50 -30.03
N MET O 122 -21.34 43.69 -29.58
CA MET O 122 -22.53 43.46 -30.38
C MET O 122 -23.18 44.77 -30.74
N ILE O 123 -23.69 44.86 -31.97
CA ILE O 123 -24.55 46.01 -32.33
C ILE O 123 -25.95 45.78 -31.77
N PRO O 124 -26.49 46.66 -30.92
CA PRO O 124 -27.89 46.50 -30.46
C PRO O 124 -28.87 46.46 -31.62
N THR O 125 -29.95 45.70 -31.46
CA THR O 125 -30.93 45.56 -32.53
C THR O 125 -31.42 46.91 -32.98
N SER O 126 -31.62 47.83 -32.06
CA SER O 126 -32.09 49.19 -32.45
C SER O 126 -31.10 50.01 -33.29
N GLU O 127 -29.81 49.62 -33.37
CA GLU O 127 -28.79 50.35 -34.12
C GLU O 127 -28.36 49.61 -35.38
N LEU O 128 -28.91 48.41 -35.63
CA LEU O 128 -28.57 47.68 -36.84
C LEU O 128 -28.84 48.52 -38.08
N LYS O 129 -27.91 48.49 -39.00
CA LYS O 129 -28.17 49.12 -40.30
C LYS O 129 -29.03 48.13 -41.08
N PRO O 130 -29.81 48.58 -42.05
CA PRO O 130 -30.75 47.66 -42.69
C PRO O 130 -30.04 46.54 -43.42
N GLY O 131 -30.58 45.33 -43.23
CA GLY O 131 -29.97 44.16 -43.78
C GLY O 131 -28.90 43.55 -42.90
N GLU O 132 -28.52 44.18 -41.78
CA GLU O 132 -27.53 43.58 -40.88
C GLU O 132 -28.22 42.58 -39.96
N LEU O 133 -27.43 41.75 -39.31
CA LEU O 133 -27.96 40.55 -38.65
C LEU O 133 -28.18 40.75 -37.17
N ARG O 134 -29.41 40.49 -36.70
CA ARG O 134 -29.73 40.62 -35.29
C ARG O 134 -28.85 39.68 -34.46
N LEU O 135 -28.30 40.19 -33.36
CA LEU O 135 -27.44 39.54 -32.36
C LEU O 135 -26.07 39.10 -32.88
N LEU O 136 -25.71 39.42 -34.10
CA LEU O 136 -24.48 38.85 -34.64
C LEU O 136 -23.47 39.89 -35.03
N GLU O 137 -23.90 41.07 -35.44
CA GLU O 137 -22.92 42.07 -35.86
C GLU O 137 -22.15 42.64 -34.68
N VAL O 138 -20.91 43.07 -34.95
CA VAL O 138 -20.13 43.80 -33.96
C VAL O 138 -19.68 45.12 -34.57
N ASP O 139 -19.33 46.02 -33.68
CA ASP O 139 -18.80 47.31 -34.16
C ASP O 139 -17.41 47.18 -34.78
N ASN O 140 -16.49 46.35 -34.22
CA ASN O 140 -15.10 46.25 -34.69
C ASN O 140 -14.82 44.77 -34.95
N ARG O 141 -14.70 44.40 -36.23
CA ARG O 141 -14.49 43.03 -36.66
C ARG O 141 -13.01 42.63 -36.54
N VAL O 142 -12.78 41.33 -36.44
CA VAL O 142 -11.45 40.77 -36.29
C VAL O 142 -10.91 40.66 -37.71
N VAL O 143 -10.21 41.73 -38.15
CA VAL O 143 -9.66 41.73 -39.49
C VAL O 143 -8.47 40.80 -39.54
N LEU O 144 -8.44 39.95 -40.55
CA LEU O 144 -7.47 38.85 -40.61
C LEU O 144 -7.11 38.59 -42.07
N PRO O 145 -5.87 38.20 -42.36
CA PRO O 145 -5.52 37.76 -43.72
C PRO O 145 -6.03 36.36 -44.05
N MET O 146 -6.64 36.24 -45.20
CA MET O 146 -7.08 34.94 -45.70
C MET O 146 -5.90 34.11 -46.23
N GLU O 147 -6.18 32.82 -46.34
CA GLU O 147 -5.26 31.83 -46.88
C GLU O 147 -3.93 31.85 -46.15
N MET O 148 -3.97 32.13 -44.85
CA MET O 148 -2.76 32.16 -44.03
C MET O 148 -3.02 31.52 -42.68
N THR O 149 -1.98 30.86 -42.16
CA THR O 149 -2.06 30.17 -40.89
C THR O 149 -1.94 31.20 -39.78
N ILE O 150 -2.97 31.33 -38.94
CA ILE O 150 -2.99 32.35 -37.89
C ILE O 150 -3.07 31.64 -36.55
N ARG O 151 -2.25 32.06 -35.59
CA ARG O 151 -2.34 31.58 -34.20
C ARG O 151 -3.30 32.51 -33.45
N MET O 152 -4.43 31.99 -32.94
CA MET O 152 -5.28 32.75 -32.04
C MET O 152 -4.97 32.27 -30.63
N LEU O 153 -4.72 33.21 -29.74
CA LEU O 153 -4.54 32.96 -28.30
C LEU O 153 -5.76 33.50 -27.57
N VAL O 154 -6.33 32.72 -26.66
CA VAL O 154 -7.63 33.04 -26.09
C VAL O 154 -7.50 33.03 -24.58
N SER O 155 -7.98 34.09 -23.95
CA SER O 155 -8.06 34.11 -22.50
C SER O 155 -9.23 34.99 -22.10
N SER O 156 -9.33 35.24 -20.81
CA SER O 156 -10.43 36.02 -20.25
C SER O 156 -9.88 36.93 -19.17
N GLU O 157 -10.52 38.10 -19.04
CA GLU O 157 -10.23 38.95 -17.91
C GLU O 157 -11.27 38.89 -16.80
N ASP O 158 -12.31 38.03 -16.89
CA ASP O 158 -13.16 37.96 -15.71
C ASP O 158 -13.64 36.51 -15.55
N VAL O 159 -14.81 36.14 -16.08
CA VAL O 159 -15.35 34.76 -15.83
C VAL O 159 -14.99 33.90 -17.03
N LEU O 160 -15.45 32.65 -17.09
CA LEU O 160 -15.23 31.86 -18.30
C LEU O 160 -15.99 32.41 -19.48
N HIS O 161 -15.35 32.48 -20.65
CA HIS O 161 -16.09 32.60 -21.91
C HIS O 161 -15.63 31.48 -22.82
N SER O 162 -16.11 31.52 -24.07
CA SER O 162 -15.54 30.56 -25.02
C SER O 162 -15.66 31.15 -26.41
N TRP O 163 -14.55 31.11 -27.17
CA TRP O 163 -14.41 31.84 -28.43
C TRP O 163 -14.67 30.83 -29.55
N ALA O 164 -15.79 31.01 -30.28
CA ALA O 164 -16.18 30.03 -31.27
C ALA O 164 -16.44 30.66 -32.63
N VAL O 165 -16.10 29.93 -33.68
CA VAL O 165 -16.48 30.30 -35.05
C VAL O 165 -16.81 29.01 -35.79
N PRO O 166 -18.09 28.64 -35.83
CA PRO O 166 -18.46 27.32 -36.39
C PRO O 166 -18.00 27.10 -37.81
N SER O 167 -18.03 28.12 -38.68
CA SER O 167 -17.71 27.66 -40.02
C SER O 167 -16.21 27.43 -40.18
N LEU O 168 -15.37 27.87 -39.24
CA LEU O 168 -13.97 27.49 -39.28
C LEU O 168 -13.66 26.29 -38.36
N GLY O 169 -14.65 25.70 -37.70
CA GLY O 169 -14.37 24.61 -36.78
C GLY O 169 -13.65 25.01 -35.51
N LEU O 170 -13.87 26.22 -35.02
CA LEU O 170 -13.12 26.73 -33.89
C LEU O 170 -14.02 26.82 -32.66
N LYS O 171 -13.54 26.34 -31.51
CA LYS O 171 -14.18 26.67 -30.23
C LYS O 171 -13.12 26.47 -29.16
N THR O 172 -12.68 27.55 -28.53
CA THR O 172 -11.59 27.46 -27.54
C THR O 172 -12.06 28.24 -26.31
N ASP O 173 -12.08 27.58 -25.16
CA ASP O 173 -12.52 28.27 -23.96
C ASP O 173 -11.56 29.37 -23.52
N ALA O 174 -12.14 30.37 -22.88
CA ALA O 174 -11.46 31.62 -22.53
C ALA O 174 -11.44 31.65 -21.01
N ILE O 175 -10.29 31.33 -20.41
CA ILE O 175 -10.20 31.02 -18.99
C ILE O 175 -9.24 32.00 -18.36
N PRO O 176 -9.62 32.76 -17.32
CA PRO O 176 -8.68 33.73 -16.75
C PRO O 176 -7.45 33.03 -16.17
N GLY O 177 -6.29 33.62 -16.42
CA GLY O 177 -5.05 33.02 -15.93
C GLY O 177 -4.47 31.96 -16.84
N ARG O 178 -5.09 31.72 -17.98
CA ARG O 178 -4.71 30.67 -18.91
C ARG O 178 -4.67 31.23 -20.33
N LEU O 179 -3.69 30.82 -21.13
CA LEU O 179 -3.59 31.30 -22.50
C LEU O 179 -3.78 30.09 -23.41
N ASN O 180 -4.99 29.92 -23.96
CA ASN O 180 -5.28 28.79 -24.84
C ASN O 180 -5.03 29.16 -26.31
N GLN O 181 -4.44 28.22 -27.03
CA GLN O 181 -4.02 28.40 -28.40
C GLN O 181 -4.87 27.57 -29.34
N THR O 182 -5.24 28.14 -30.48
CA THR O 182 -5.81 27.37 -31.55
C THR O 182 -5.26 28.01 -32.84
N THR O 183 -5.46 27.32 -33.95
CA THR O 183 -4.98 27.74 -35.27
C THR O 183 -6.17 28.01 -36.17
N LEU O 184 -6.06 29.06 -36.98
CA LEU O 184 -7.16 29.57 -37.80
C LEU O 184 -6.61 29.67 -39.23
N MET O 185 -7.33 29.14 -40.22
CA MET O 185 -6.90 29.28 -41.63
C MET O 185 -8.15 29.33 -42.50
N SER O 186 -8.48 30.48 -43.10
CA SER O 186 -9.63 30.58 -43.99
C SER O 186 -9.22 30.39 -45.43
N SER O 187 -9.90 29.48 -46.12
CA SER O 187 -9.76 29.29 -47.56
C SER O 187 -10.37 30.42 -48.35
N ARG O 188 -11.20 31.27 -47.74
CA ARG O 188 -11.93 32.27 -48.52
C ARG O 188 -12.00 33.61 -47.80
N PRO O 189 -12.08 34.73 -48.53
CA PRO O 189 -12.43 36.00 -47.90
C PRO O 189 -13.87 35.93 -47.41
N GLY O 190 -14.24 36.91 -46.58
CA GLY O 190 -15.63 37.12 -46.24
C GLY O 190 -15.77 37.52 -44.79
N LEU O 191 -16.98 37.32 -44.26
CA LEU O 191 -17.35 37.59 -42.87
C LEU O 191 -17.76 36.27 -42.26
N TYR O 192 -17.16 35.90 -41.11
CA TYR O 192 -17.48 34.62 -40.47
C TYR O 192 -17.83 34.86 -39.01
N TYR O 193 -18.94 34.25 -38.55
CA TYR O 193 -19.62 34.68 -37.35
C TYR O 193 -19.56 33.55 -36.32
N GLY O 194 -19.55 33.95 -35.05
CA GLY O 194 -19.59 33.01 -33.91
C GLY O 194 -20.14 33.69 -32.66
N GLN O 195 -20.37 32.89 -31.63
CA GLN O 195 -21.03 33.42 -30.45
C GLN O 195 -20.36 32.90 -29.18
N CYS O 196 -20.44 33.65 -28.09
CA CYS O 196 -19.78 33.20 -26.85
C CYS O 196 -20.36 31.88 -26.42
N SER O 197 -19.48 30.90 -26.12
CA SER O 197 -19.94 29.53 -25.93
C SER O 197 -19.64 28.94 -24.56
N GLU O 198 -19.55 29.79 -23.52
CA GLU O 198 -19.52 29.31 -22.13
C GLU O 198 -20.33 30.32 -21.32
N ILE O 199 -21.33 29.81 -20.60
CA ILE O 199 -22.25 30.67 -19.89
C ILE O 199 -21.46 31.62 -18.99
N CYS O 200 -21.70 32.93 -19.19
CA CYS O 200 -20.85 33.93 -18.56
C CYS O 200 -21.70 35.04 -17.92
N GLY O 201 -22.98 34.77 -17.63
CA GLY O 201 -23.80 35.76 -16.95
C GLY O 201 -24.93 36.40 -17.79
N SER O 202 -25.33 37.62 -17.40
CA SER O 202 -26.50 38.35 -17.96
C SER O 202 -26.54 38.45 -19.47
N ASN O 203 -25.41 38.69 -20.13
CA ASN O 203 -25.43 38.93 -21.57
C ASN O 203 -24.62 37.89 -22.32
N HIS O 204 -24.56 36.68 -21.80
CA HIS O 204 -23.93 35.58 -22.51
C HIS O 204 -24.42 35.47 -23.96
N SER O 205 -25.71 35.69 -24.18
CA SER O 205 -26.31 35.52 -25.49
C SER O 205 -25.87 36.63 -26.45
N PHE O 206 -25.19 37.64 -25.95
CA PHE O 206 -25.07 38.91 -26.72
C PHE O 206 -23.62 39.44 -26.78
N MET O 207 -22.65 38.56 -27.03
CA MET O 207 -21.25 38.94 -27.22
C MET O 207 -20.65 38.10 -28.34
N PRO O 208 -21.05 38.39 -29.57
CA PRO O 208 -20.63 37.59 -30.72
C PRO O 208 -19.23 37.96 -31.21
N ILE O 209 -18.79 37.14 -32.18
CA ILE O 209 -17.45 37.15 -32.78
C ILE O 209 -17.69 37.32 -34.27
N VAL O 210 -16.97 38.24 -34.91
CA VAL O 210 -17.11 38.40 -36.35
C VAL O 210 -15.71 38.52 -36.92
N LEU O 211 -15.30 37.55 -37.73
CA LEU O 211 -14.02 37.67 -38.40
C LEU O 211 -14.22 38.29 -39.77
N GLU O 212 -13.24 39.08 -40.20
CA GLU O 212 -13.30 39.71 -41.52
C GLU O 212 -12.00 39.34 -42.25
N LEU O 213 -12.13 38.42 -43.19
CA LEU O 213 -11.01 37.75 -43.86
C LEU O 213 -10.80 38.49 -45.18
N VAL O 214 -9.60 39.01 -45.39
CA VAL O 214 -9.27 39.83 -46.56
C VAL O 214 -7.90 39.41 -47.06
N PRO O 215 -7.58 39.76 -48.30
CA PRO O 215 -6.26 39.40 -48.82
C PRO O 215 -5.16 40.04 -47.99
N LEU O 216 -3.99 39.41 -48.01
CA LEU O 216 -2.89 39.88 -47.20
C LEU O 216 -2.60 41.36 -47.43
N LYS O 217 -2.49 41.77 -48.69
CA LYS O 217 -2.17 43.19 -48.94
C LYS O 217 -3.17 44.11 -48.25
N TYR O 218 -4.45 43.73 -48.23
CA TYR O 218 -5.46 44.54 -47.56
C TYR O 218 -5.34 44.47 -46.06
N PHE O 219 -5.03 43.30 -45.53
CA PHE O 219 -4.74 43.22 -44.11
C PHE O 219 -3.61 44.15 -43.72
N GLU O 220 -2.52 44.10 -44.48
CA GLU O 220 -1.36 44.97 -44.24
C GLU O 220 -1.73 46.45 -44.32
N LYS O 221 -2.58 46.81 -45.29
CA LYS O 221 -3.03 48.20 -45.36
C LYS O 221 -3.83 48.56 -44.12
N TRP O 222 -4.72 47.67 -43.69
CA TRP O 222 -5.48 47.91 -42.47
C TRP O 222 -4.56 48.08 -41.25
N SER O 223 -3.60 47.16 -41.03
CA SER O 223 -2.70 47.32 -39.89
C SER O 223 -2.00 48.67 -39.92
N ALA O 224 -1.46 49.04 -41.08
CA ALA O 224 -0.74 50.30 -41.23
C ALA O 224 -1.61 51.53 -40.91
N SER O 225 -2.92 51.47 -41.19
CA SER O 225 -3.82 52.59 -40.89
C SER O 225 -4.22 52.65 -39.44
N MET O 226 -3.74 51.73 -38.63
CA MET O 226 -3.96 51.75 -37.19
C MET O 226 -2.87 52.49 -36.43
N LEU O 227 -1.77 52.82 -37.10
CA LEU O 227 -0.67 53.62 -36.55
C LEU O 227 -0.97 55.11 -36.32
N HIS P 1 -44.90 -11.77 14.76
CA HIS P 1 -43.62 -12.29 15.25
C HIS P 1 -42.77 -12.89 14.15
N GLN P 2 -41.52 -12.48 14.14
CA GLN P 2 -40.62 -12.82 13.05
C GLN P 2 -39.91 -14.16 13.29
N THR P 3 -39.57 -14.80 12.21
CA THR P 3 -38.60 -15.88 12.29
C THR P 3 -37.40 -15.63 11.39
N HIS P 4 -37.07 -14.35 11.13
CA HIS P 4 -35.77 -14.00 10.59
C HIS P 4 -34.98 -13.38 11.74
N ALA P 5 -33.67 -13.12 11.51
CA ALA P 5 -32.80 -12.56 12.53
C ALA P 5 -32.60 -11.05 12.46
N TYR P 6 -33.37 -10.33 11.63
CA TYR P 6 -33.08 -8.92 11.37
C TYR P 6 -33.86 -8.01 12.30
N HIS P 7 -33.48 -6.72 12.31
CA HIS P 7 -33.98 -5.81 13.33
C HIS P 7 -35.03 -4.86 12.74
N MET P 8 -36.27 -5.03 13.20
CA MET P 8 -37.35 -4.11 12.86
C MET P 8 -37.30 -2.99 13.90
N VAL P 9 -36.97 -1.79 13.47
CA VAL P 9 -36.68 -0.70 14.38
C VAL P 9 -37.95 0.04 14.77
N ASN P 10 -38.07 0.42 16.04
CA ASN P 10 -39.21 1.22 16.45
C ASN P 10 -39.28 2.53 15.66
N PRO P 11 -40.48 2.98 15.27
CA PRO P 11 -40.62 4.31 14.65
C PRO P 11 -39.91 5.32 15.50
N SER P 12 -39.19 6.24 14.84
CA SER P 12 -38.24 7.12 15.50
C SER P 12 -38.29 8.55 15.00
N PRO P 13 -38.23 9.53 15.91
CA PRO P 13 -38.17 10.93 15.49
C PRO P 13 -36.79 11.38 15.01
N TRP P 14 -35.71 10.61 15.25
CA TRP P 14 -34.37 11.20 15.08
C TRP P 14 -34.00 11.42 13.60
N PRO P 15 -34.50 10.60 12.67
CA PRO P 15 -34.25 10.94 11.25
C PRO P 15 -34.75 12.32 10.91
N LEU P 16 -35.96 12.64 11.36
CA LEU P 16 -36.52 13.96 11.08
C LEU P 16 -35.77 15.06 11.85
N THR P 17 -35.46 14.85 13.14
CA THR P 17 -34.70 15.92 13.80
C THR P 17 -33.29 16.07 13.18
N GLY P 18 -32.68 14.98 12.72
CA GLY P 18 -31.37 15.08 12.07
C GLY P 18 -31.45 15.83 10.74
N ALA P 19 -32.46 15.52 9.93
CA ALA P 19 -32.68 16.24 8.67
C ALA P 19 -32.91 17.72 8.93
N LEU P 20 -33.72 18.04 9.93
CA LEU P 20 -33.97 19.46 10.22
C LEU P 20 -32.71 20.11 10.76
N SER P 21 -31.94 19.36 11.58
CA SER P 21 -30.67 19.97 12.05
C SER P 21 -29.77 20.31 10.86
N ALA P 22 -29.79 19.50 9.81
CA ALA P 22 -28.98 19.84 8.63
C ALA P 22 -29.52 21.12 7.96
N LEU P 23 -30.83 21.25 7.91
CA LEU P 23 -31.42 22.47 7.37
C LEU P 23 -30.96 23.69 8.19
N LEU P 24 -30.99 23.55 9.52
CA LEU P 24 -30.64 24.67 10.39
C LEU P 24 -29.14 24.95 10.32
N MET P 25 -28.30 23.93 10.23
CA MET P 25 -26.85 24.22 10.13
C MET P 25 -26.51 24.89 8.81
N THR P 26 -27.12 24.44 7.70
CA THR P 26 -26.75 25.02 6.41
C THR P 26 -27.34 26.42 6.24
N SER P 27 -28.63 26.58 6.49
CA SER P 27 -29.18 27.93 6.52
C SER P 27 -28.48 28.78 7.58
N GLY P 28 -28.06 28.15 8.67
CA GLY P 28 -27.27 28.86 9.67
C GLY P 28 -25.95 29.36 9.10
N LEU P 29 -25.22 28.49 8.38
CA LEU P 29 -23.96 28.95 7.78
C LEU P 29 -24.22 30.09 6.81
N THR P 30 -25.31 29.98 6.03
CA THR P 30 -25.69 31.03 5.10
C THR P 30 -25.90 32.34 5.84
N MET P 31 -26.67 32.31 6.95
CA MET P 31 -26.94 33.52 7.73
C MET P 31 -25.64 34.09 8.30
N TRP P 32 -24.73 33.25 8.74
CA TRP P 32 -23.45 33.71 9.27
C TRP P 32 -22.59 34.37 8.18
N PHE P 33 -22.44 33.71 7.02
CA PHE P 33 -21.58 34.23 5.95
C PHE P 33 -22.15 35.53 5.36
N HIS P 34 -23.47 35.72 5.37
CA HIS P 34 -24.07 36.80 4.55
C HIS P 34 -24.93 37.77 5.30
N PHE P 35 -25.39 37.44 6.51
CA PHE P 35 -26.31 38.31 7.23
C PHE P 35 -25.86 38.51 8.66
N ASN P 36 -24.56 38.36 8.88
CA ASN P 36 -23.85 38.64 10.11
C ASN P 36 -24.60 38.16 11.35
N SER P 37 -24.98 36.88 11.37
CA SER P 37 -25.64 36.35 12.57
C SER P 37 -25.37 34.86 12.72
N MET P 38 -25.15 34.41 13.95
CA MET P 38 -24.84 33.01 14.28
C MET P 38 -26.03 32.25 14.87
N THR P 39 -27.18 32.89 15.01
CA THR P 39 -28.29 32.31 15.76
C THR P 39 -28.75 30.97 15.17
N LEU P 40 -29.17 30.97 13.91
CA LEU P 40 -29.65 29.74 13.29
C LEU P 40 -28.58 28.67 13.35
N LEU P 41 -27.33 29.03 13.10
CA LEU P 41 -26.25 28.04 13.11
C LEU P 41 -26.12 27.40 14.49
N MET P 42 -26.14 28.22 15.54
CA MET P 42 -26.09 27.67 16.91
C MET P 42 -27.26 26.73 17.17
N ILE P 43 -28.45 27.06 16.69
CA ILE P 43 -29.58 26.17 16.91
C ILE P 43 -29.31 24.85 16.21
N GLY P 44 -28.86 24.91 14.96
CA GLY P 44 -28.64 23.67 14.21
C GLY P 44 -27.55 22.77 14.80
N LEU P 45 -26.46 23.38 15.26
CA LEU P 45 -25.42 22.62 15.93
C LEU P 45 -25.95 21.92 17.17
N THR P 46 -26.75 22.64 17.97
CA THR P 46 -27.35 22.04 19.16
C THR P 46 -28.28 20.89 18.80
N THR P 47 -29.16 21.09 17.81
CA THR P 47 -30.09 20.01 17.47
C THR P 47 -29.37 18.84 16.80
N ASN P 48 -28.28 19.13 16.09
CA ASN P 48 -27.48 18.04 15.57
C ASN P 48 -26.91 17.20 16.70
N MET P 49 -26.30 17.84 17.71
CA MET P 49 -25.68 17.08 18.80
C MET P 49 -26.74 16.29 19.57
N LEU P 50 -27.92 16.92 19.80
CA LEU P 50 -28.99 16.23 20.47
C LEU P 50 -29.44 15.02 19.66
N THR P 51 -29.53 15.19 18.33
CA THR P 51 -29.97 14.09 17.46
C THR P 51 -28.99 12.93 17.53
N MET P 52 -27.69 13.22 17.37
CA MET P 52 -26.70 12.15 17.39
C MET P 52 -26.70 11.47 18.74
N TYR P 53 -26.82 12.27 19.82
CA TYR P 53 -26.79 11.67 21.15
C TYR P 53 -27.93 10.67 21.30
N GLN P 54 -29.14 11.09 20.96
CA GLN P 54 -30.32 10.24 21.22
C GLN P 54 -30.37 9.04 20.27
N TRP P 55 -29.99 9.24 19.00
CA TRP P 55 -29.96 8.15 18.03
C TRP P 55 -28.99 7.05 18.47
N TRP P 56 -27.74 7.40 18.75
CA TRP P 56 -26.78 6.36 19.14
C TRP P 56 -27.08 5.83 20.54
N ARG P 57 -27.62 6.66 21.44
CA ARG P 57 -28.18 6.09 22.68
C ARG P 57 -29.18 4.95 22.38
N ASP P 58 -30.10 5.18 21.42
CA ASP P 58 -31.10 4.16 21.13
C ASP P 58 -30.43 2.92 20.58
N VAL P 59 -29.37 3.08 19.77
CA VAL P 59 -28.74 1.90 19.19
C VAL P 59 -28.15 1.07 20.31
N ILE P 60 -27.57 1.76 21.30
CA ILE P 60 -27.05 1.07 22.50
C ILE P 60 -28.17 0.35 23.23
N ARG P 61 -29.28 1.05 23.46
CA ARG P 61 -30.45 0.40 24.06
C ARG P 61 -30.89 -0.82 23.27
N GLU P 62 -30.92 -0.71 21.94
CA GLU P 62 -31.44 -1.82 21.15
C GLU P 62 -30.54 -3.04 21.20
N SER P 63 -29.24 -2.84 21.41
CA SER P 63 -28.27 -3.91 21.28
C SER P 63 -27.82 -4.43 22.64
N THR P 64 -27.11 -3.59 23.43
CA THR P 64 -26.68 -4.06 24.76
C THR P 64 -27.91 -4.41 25.62
N PHE P 65 -28.94 -3.54 25.64
CA PHE P 65 -30.04 -3.73 26.62
C PHE P 65 -31.17 -4.57 26.08
N GLN P 66 -31.41 -4.59 24.76
CA GLN P 66 -32.56 -5.38 24.25
C GLN P 66 -32.21 -6.62 23.44
N GLY P 67 -30.97 -6.78 22.98
CA GLY P 67 -30.55 -8.02 22.34
C GLY P 67 -30.82 -8.08 20.87
N HIS P 68 -31.07 -6.93 20.23
CA HIS P 68 -31.43 -7.01 18.83
C HIS P 68 -30.27 -7.21 17.87
N HIS P 69 -29.01 -7.14 18.30
CA HIS P 69 -27.89 -7.32 17.35
C HIS P 69 -27.48 -8.79 17.30
N THR P 70 -28.22 -9.55 16.48
CA THR P 70 -27.89 -10.91 16.09
C THR P 70 -26.64 -10.84 15.23
N PRO P 71 -26.05 -12.00 14.93
CA PRO P 71 -24.88 -11.99 14.04
C PRO P 71 -25.20 -11.37 12.68
N ALA P 72 -26.39 -11.67 12.15
CA ALA P 72 -26.76 -11.07 10.87
C ALA P 72 -26.82 -9.54 10.96
N VAL P 73 -27.37 -9.04 12.05
CA VAL P 73 -27.46 -7.58 12.18
C VAL P 73 -26.08 -6.99 12.29
N GLN P 74 -25.23 -7.63 13.07
CA GLN P 74 -23.84 -7.14 13.19
C GLN P 74 -23.09 -7.19 11.86
N LYS P 75 -23.31 -8.23 11.06
CA LYS P 75 -22.66 -8.28 9.76
C LYS P 75 -23.09 -7.10 8.91
N GLY P 76 -24.38 -6.76 8.96
CA GLY P 76 -24.80 -5.58 8.21
C GLY P 76 -24.11 -4.31 8.70
N LEU P 77 -24.04 -4.12 10.02
CA LEU P 77 -23.38 -2.91 10.51
C LEU P 77 -21.89 -2.88 10.14
N ARG P 78 -21.24 -4.04 10.09
CA ARG P 78 -19.85 -4.08 9.61
C ARG P 78 -19.77 -3.52 8.16
N TYR P 79 -20.60 -4.04 7.27
CA TYR P 79 -20.64 -3.52 5.91
C TYR P 79 -20.93 -2.04 5.90
N GLY P 80 -21.87 -1.60 6.72
CA GLY P 80 -22.24 -0.20 6.65
C GLY P 80 -21.06 0.68 7.04
N MET P 81 -20.32 0.29 8.09
CA MET P 81 -19.18 1.10 8.51
C MET P 81 -18.07 1.09 7.45
N ILE P 82 -17.80 -0.05 6.86
CA ILE P 82 -16.73 -0.07 5.84
C ILE P 82 -17.13 0.88 4.69
N LEU P 83 -18.39 0.77 4.23
CA LEU P 83 -18.86 1.61 3.12
C LEU P 83 -18.77 3.09 3.52
N PHE P 84 -19.11 3.38 4.75
CA PHE P 84 -19.03 4.76 5.19
C PHE P 84 -17.57 5.26 5.15
N ILE P 85 -16.64 4.44 5.65
CA ILE P 85 -15.24 4.82 5.58
C ILE P 85 -14.78 5.01 4.11
N ILE P 86 -15.23 4.13 3.21
CA ILE P 86 -14.92 4.31 1.77
C ILE P 86 -15.39 5.67 1.28
N SER P 87 -16.61 6.07 1.65
CA SER P 87 -17.06 7.38 1.14
C SER P 87 -16.18 8.51 1.72
N GLU P 88 -15.73 8.36 2.96
CA GLU P 88 -14.82 9.35 3.55
C GLU P 88 -13.45 9.37 2.88
N VAL P 89 -12.96 8.20 2.44
CA VAL P 89 -11.69 8.20 1.70
C VAL P 89 -11.86 9.02 0.42
N LEU P 90 -12.96 8.80 -0.29
CA LEU P 90 -13.13 9.52 -1.55
C LEU P 90 -13.32 11.00 -1.30
N PHE P 91 -13.93 11.38 -0.17
CA PHE P 91 -13.99 12.81 0.14
C PHE P 91 -12.58 13.39 0.25
N PHE P 92 -11.73 12.73 1.02
CA PHE P 92 -10.37 13.24 1.13
C PHE P 92 -9.67 13.19 -0.19
N THR P 93 -9.99 12.19 -1.02
CA THR P 93 -9.31 12.13 -2.34
C THR P 93 -9.51 13.42 -3.14
N GLY P 94 -10.67 14.01 -3.04
CA GLY P 94 -10.87 15.29 -3.73
C GLY P 94 -9.91 16.38 -3.26
N PHE P 95 -9.66 16.47 -1.95
CA PHE P 95 -8.71 17.49 -1.51
C PHE P 95 -7.26 17.15 -1.83
N PHE P 96 -6.90 15.86 -1.86
CA PHE P 96 -5.56 15.53 -2.34
C PHE P 96 -5.42 15.89 -3.82
N TRP P 97 -6.44 15.57 -4.60
CA TRP P 97 -6.41 15.96 -6.01
C TRP P 97 -6.17 17.45 -6.15
N ALA P 98 -6.90 18.26 -5.40
CA ALA P 98 -6.68 19.71 -5.51
C ALA P 98 -5.25 20.06 -5.15
N PHE P 99 -4.73 19.43 -4.09
CA PHE P 99 -3.35 19.69 -3.68
C PHE P 99 -2.37 19.34 -4.78
N TYR P 100 -2.46 18.15 -5.36
CA TYR P 100 -1.49 17.81 -6.39
C TYR P 100 -1.68 18.65 -7.65
N HIS P 101 -2.93 18.96 -8.00
CA HIS P 101 -3.17 19.78 -9.18
C HIS P 101 -2.42 21.10 -9.08
N SER P 102 -2.54 21.76 -7.93
CA SER P 102 -1.93 23.08 -7.75
C SER P 102 -0.43 22.98 -7.62
N SER P 103 0.07 21.97 -6.90
CA SER P 103 1.51 21.95 -6.56
C SER P 103 2.36 21.38 -7.68
N LEU P 104 1.80 20.51 -8.52
CA LEU P 104 2.56 19.94 -9.64
C LEU P 104 2.64 20.89 -10.81
N ALA P 105 1.70 21.82 -10.94
CA ALA P 105 1.71 22.81 -12.04
C ALA P 105 1.59 24.23 -11.47
N PRO P 106 2.57 24.70 -10.70
CA PRO P 106 2.40 26.01 -10.04
C PRO P 106 2.32 27.13 -11.07
N THR P 107 1.33 27.98 -10.90
CA THR P 107 1.05 29.01 -11.90
C THR P 107 1.98 30.22 -11.72
N PRO P 108 1.99 31.12 -12.72
CA PRO P 108 2.86 32.32 -12.60
C PRO P 108 2.56 33.21 -11.42
N GLU P 109 1.32 33.25 -10.94
CA GLU P 109 1.00 34.08 -9.77
C GLU P 109 1.78 33.62 -8.56
N LEU P 110 2.12 32.33 -8.49
CA LEU P 110 2.88 31.78 -7.38
C LEU P 110 4.34 32.13 -7.46
N GLY P 111 4.79 32.63 -8.61
CA GLY P 111 6.21 32.54 -8.91
C GLY P 111 6.55 31.39 -9.82
N GLY P 112 5.53 30.64 -10.27
CA GLY P 112 5.77 29.48 -11.10
C GLY P 112 6.57 28.40 -10.42
N CYS P 113 6.54 28.35 -9.08
CA CYS P 113 7.29 27.39 -8.30
C CYS P 113 6.47 26.89 -7.13
N TRP P 114 6.92 25.79 -6.52
CA TRP P 114 6.23 25.30 -5.35
C TRP P 114 7.26 24.90 -4.31
N PRO P 115 7.12 25.31 -3.05
CA PRO P 115 6.07 26.22 -2.57
C PRO P 115 6.14 27.56 -3.22
N PRO P 116 5.03 28.28 -3.14
CA PRO P 116 4.97 29.62 -3.76
C PRO P 116 6.02 30.53 -3.15
N THR P 117 6.49 31.49 -3.95
CA THR P 117 7.22 32.63 -3.39
C THR P 117 6.50 33.23 -2.20
N GLY P 118 7.26 33.55 -1.15
CA GLY P 118 6.71 34.13 0.05
C GLY P 118 6.14 33.12 1.02
N ILE P 119 6.12 31.84 0.67
CA ILE P 119 5.56 30.83 1.58
C ILE P 119 6.73 30.19 2.28
N HIS P 120 6.68 30.10 3.60
CA HIS P 120 7.73 29.41 4.35
C HIS P 120 7.13 28.23 5.11
N PRO P 121 7.23 27.03 4.59
CA PRO P 121 6.50 25.88 5.18
C PRO P 121 7.01 25.53 6.58
N LEU P 122 6.17 24.85 7.38
CA LEU P 122 6.64 24.26 8.64
C LEU P 122 7.75 23.25 8.34
N ASN P 123 8.64 22.99 9.31
CA ASN P 123 9.63 21.92 9.12
C ASN P 123 8.96 20.57 9.40
N PRO P 124 8.90 19.66 8.42
CA PRO P 124 8.20 18.34 8.65
C PRO P 124 8.93 17.46 9.60
N LEU P 125 10.17 17.78 9.95
CA LEU P 125 10.87 17.00 10.94
C LEU P 125 10.61 17.47 12.36
N GLU P 126 9.79 18.49 12.55
CA GLU P 126 9.54 19.04 13.88
C GLU P 126 8.19 18.56 14.37
N VAL P 127 7.22 19.44 14.61
CA VAL P 127 5.91 18.98 15.13
C VAL P 127 5.22 18.02 14.18
N PRO P 128 5.28 18.19 12.85
CA PRO P 128 4.58 17.20 12.01
C PRO P 128 5.12 15.80 12.18
N LEU P 129 6.41 15.64 12.47
CA LEU P 129 6.95 14.30 12.73
C LEU P 129 6.46 13.76 14.05
N LEU P 130 6.47 14.61 15.08
CA LEU P 130 5.91 14.24 16.37
C LEU P 130 4.46 13.77 16.23
N ASN P 131 3.63 14.54 15.51
CA ASN P 131 2.26 14.13 15.25
C ASN P 131 2.17 12.76 14.62
N THR P 132 3.06 12.49 13.67
CA THR P 132 3.10 11.18 13.02
C THR P 132 3.40 10.07 14.03
N SER P 133 4.39 10.28 14.88
CA SER P 133 4.68 9.27 15.91
C SER P 133 3.49 9.11 16.87
N VAL P 134 2.79 10.20 17.18
CA VAL P 134 1.63 10.15 18.06
C VAL P 134 0.54 9.30 17.47
N LEU P 135 0.19 9.53 16.19
CA LEU P 135 -0.93 8.77 15.68
C LEU P 135 -0.51 7.32 15.40
N LEU P 136 0.73 7.09 14.94
CA LEU P 136 1.16 5.69 14.77
C LEU P 136 1.14 4.96 16.11
N ALA P 137 1.57 5.65 17.16
CA ALA P 137 1.58 5.04 18.50
C ALA P 137 0.17 4.71 18.93
N SER P 138 -0.78 5.59 18.63
CA SER P 138 -2.16 5.29 19.03
C SER P 138 -2.73 4.12 18.24
N GLY P 139 -2.20 3.85 17.05
CA GLY P 139 -2.68 2.66 16.36
C GLY P 139 -2.18 1.40 17.04
N VAL P 140 -0.97 1.47 17.63
CA VAL P 140 -0.46 0.34 18.44
C VAL P 140 -1.29 0.18 19.69
N SER P 141 -1.56 1.29 20.41
CA SER P 141 -2.29 1.14 21.67
C SER P 141 -3.74 0.73 21.45
N ILE P 142 -4.38 1.14 20.35
CA ILE P 142 -5.78 0.68 20.18
C ILE P 142 -5.80 -0.81 19.87
N THR P 143 -4.75 -1.30 19.23
CA THR P 143 -4.68 -2.73 18.93
C THR P 143 -4.47 -3.53 20.21
N TRP P 144 -3.64 -3.02 21.12
CA TRP P 144 -3.55 -3.61 22.47
C TRP P 144 -4.94 -3.65 23.13
N ALA P 145 -5.68 -2.51 23.07
CA ALA P 145 -7.03 -2.50 23.67
C ALA P 145 -7.90 -3.56 23.06
N HIS P 146 -7.81 -3.70 21.74
CA HIS P 146 -8.67 -4.67 21.10
C HIS P 146 -8.36 -6.09 21.58
N HIS P 147 -7.08 -6.46 21.62
CA HIS P 147 -6.74 -7.81 22.11
C HIS P 147 -7.07 -7.98 23.58
N SER P 148 -6.88 -6.94 24.39
CA SER P 148 -7.26 -7.09 25.80
C SER P 148 -8.75 -7.38 25.92
N LEU P 149 -9.57 -6.65 25.17
CA LEU P 149 -11.00 -6.87 25.24
C LEU P 149 -11.33 -8.31 24.82
N MET P 150 -10.76 -8.76 23.71
CA MET P 150 -11.03 -10.12 23.24
C MET P 150 -10.57 -11.15 24.23
N GLU P 151 -9.51 -10.85 24.99
CA GLU P 151 -9.04 -11.77 26.01
C GLU P 151 -9.77 -11.60 27.35
N GLY P 152 -10.76 -10.72 27.42
CA GLY P 152 -11.55 -10.63 28.65
C GLY P 152 -10.92 -9.78 29.74
N ASP P 153 -9.96 -8.91 29.40
CA ASP P 153 -9.17 -8.19 30.39
C ASP P 153 -9.68 -6.76 30.48
N ARG P 154 -10.52 -6.51 31.47
CA ARG P 154 -11.15 -5.21 31.62
C ARG P 154 -10.11 -4.10 31.89
N LYS P 155 -9.25 -4.33 32.86
CA LYS P 155 -8.32 -3.28 33.29
C LYS P 155 -7.39 -2.85 32.15
N HIS P 156 -6.81 -3.81 31.44
CA HIS P 156 -5.86 -3.43 30.41
C HIS P 156 -6.57 -2.90 29.18
N MET P 157 -7.80 -3.36 28.90
CA MET P 157 -8.56 -2.72 27.83
C MET P 157 -8.72 -1.23 28.14
N LEU P 158 -9.15 -0.91 29.38
CA LEU P 158 -9.36 0.50 29.77
C LEU P 158 -8.05 1.30 29.70
N GLN P 159 -6.97 0.70 30.17
CA GLN P 159 -5.70 1.42 30.11
C GLN P 159 -5.26 1.72 28.68
N ALA P 160 -5.37 0.73 27.82
CA ALA P 160 -4.92 0.91 26.45
C ALA P 160 -5.80 1.89 25.71
N LEU P 161 -7.11 1.83 25.97
CA LEU P 161 -8.03 2.76 25.30
C LEU P 161 -7.80 4.17 25.81
N PHE P 162 -7.53 4.29 27.11
CA PHE P 162 -7.23 5.62 27.67
C PHE P 162 -5.96 6.21 27.05
N ILE P 163 -4.95 5.37 26.84
CA ILE P 163 -3.72 5.83 26.21
C ILE P 163 -4.00 6.25 24.79
N THR P 164 -4.84 5.47 24.08
CA THR P 164 -5.16 5.84 22.70
C THR P 164 -5.83 7.22 22.64
N ILE P 165 -6.83 7.44 23.51
CA ILE P 165 -7.55 8.71 23.53
C ILE P 165 -6.59 9.86 23.87
N THR P 166 -5.73 9.64 24.88
CA THR P 166 -4.75 10.64 25.27
C THR P 166 -3.87 11.02 24.09
N LEU P 167 -3.42 10.04 23.29
CA LEU P 167 -2.61 10.39 22.13
C LEU P 167 -3.43 11.19 21.11
N GLY P 168 -4.69 10.79 20.88
CA GLY P 168 -5.55 11.57 19.98
C GLY P 168 -5.73 13.01 20.43
N VAL P 169 -5.90 13.21 21.74
CA VAL P 169 -5.99 14.57 22.26
C VAL P 169 -4.67 15.31 22.08
N TYR P 170 -3.54 14.64 22.36
CA TYR P 170 -2.23 15.25 22.17
C TYR P 170 -2.04 15.72 20.73
N PHE P 171 -2.41 14.86 19.77
CA PHE P 171 -2.32 15.26 18.37
C PHE P 171 -3.13 16.52 18.15
N THR P 172 -4.34 16.56 18.72
CA THR P 172 -5.25 17.69 18.44
C THR P 172 -4.65 18.97 19.03
N LEU P 173 -4.14 18.91 20.26
CA LEU P 173 -3.50 20.10 20.85
C LEU P 173 -2.23 20.52 20.10
N LEU P 174 -1.43 19.54 19.66
CA LEU P 174 -0.25 19.87 18.88
C LEU P 174 -0.66 20.58 17.61
N GLN P 175 -1.71 20.07 16.94
CA GLN P 175 -2.17 20.67 15.70
C GLN P 175 -2.76 22.06 15.91
N ALA P 176 -3.49 22.26 17.02
CA ALA P 176 -3.99 23.61 17.32
C ALA P 176 -2.86 24.59 17.51
N SER P 177 -1.82 24.20 18.24
CA SER P 177 -0.65 25.06 18.40
C SER P 177 0.07 25.29 17.06
N GLU P 178 0.22 24.26 16.24
CA GLU P 178 0.83 24.50 14.93
C GLU P 178 0.00 25.46 14.09
N TYR P 179 -1.34 25.37 14.16
CA TYR P 179 -2.19 26.33 13.41
C TYR P 179 -1.92 27.76 13.86
N TYR P 180 -1.87 27.95 15.17
CA TYR P 180 -1.63 29.31 15.69
C TYR P 180 -0.25 29.81 15.31
N GLU P 181 0.75 28.93 15.34
CA GLU P 181 2.12 29.33 15.07
C GLU P 181 2.42 29.46 13.60
N ALA P 182 1.62 28.87 12.72
CA ALA P 182 1.94 28.89 11.30
C ALA P 182 2.08 30.33 10.82
N PRO P 183 3.13 30.66 10.07
CA PRO P 183 3.24 32.01 9.52
C PRO P 183 2.40 32.23 8.27
N PHE P 184 1.84 31.19 7.68
CA PHE P 184 0.92 31.34 6.56
C PHE P 184 -0.48 30.98 7.03
N THR P 185 -1.47 31.41 6.27
CA THR P 185 -2.88 31.34 6.73
C THR P 185 -3.72 30.71 5.64
N ILE P 186 -4.98 30.48 5.96
CA ILE P 186 -5.83 29.90 4.91
C ILE P 186 -5.98 30.87 3.75
N SER P 187 -5.76 32.17 3.97
CA SER P 187 -5.88 33.11 2.86
C SER P 187 -4.57 33.25 2.09
N ASP P 188 -3.53 32.47 2.38
CA ASP P 188 -2.29 32.62 1.63
C ASP P 188 -2.28 31.75 0.37
N GLY P 189 -3.16 32.12 -0.53
CA GLY P 189 -3.19 31.49 -1.82
C GLY P 189 -3.60 30.03 -1.73
N VAL P 190 -3.26 29.32 -2.81
CA VAL P 190 -3.64 27.90 -2.91
C VAL P 190 -2.77 27.07 -1.97
N TYR P 191 -1.55 27.54 -1.60
CA TYR P 191 -0.81 26.81 -0.57
C TYR P 191 -1.57 26.78 0.75
N GLY P 192 -1.96 27.95 1.26
CA GLY P 192 -2.74 27.98 2.48
C GLY P 192 -4.08 27.27 2.36
N SER P 193 -4.72 27.38 1.19
CA SER P 193 -6.03 26.77 0.97
C SER P 193 -5.95 25.25 1.11
N THR P 194 -5.04 24.63 0.37
CA THR P 194 -4.92 23.17 0.44
C THR P 194 -4.44 22.74 1.82
N PHE P 195 -3.48 23.44 2.39
CA PHE P 195 -2.95 23.05 3.70
C PHE P 195 -4.06 23.07 4.76
N PHE P 196 -4.73 24.19 4.92
CA PHE P 196 -5.68 24.25 6.03
C PHE P 196 -6.97 23.50 5.78
N VAL P 197 -7.50 23.47 4.55
CA VAL P 197 -8.75 22.73 4.35
C VAL P 197 -8.50 21.22 4.46
N ALA P 198 -7.42 20.70 3.87
CA ALA P 198 -7.11 19.27 4.00
C ALA P 198 -6.75 18.86 5.45
N THR P 199 -5.80 19.54 6.07
CA THR P 199 -5.47 19.14 7.44
C THR P 199 -6.60 19.52 8.40
N GLY P 200 -7.37 20.57 8.06
CA GLY P 200 -8.49 20.96 8.91
C GLY P 200 -9.61 19.90 8.89
N PHE P 201 -9.99 19.41 7.71
CA PHE P 201 -10.94 18.29 7.67
C PHE P 201 -10.35 17.06 8.33
N HIS P 202 -9.04 16.85 8.21
CA HIS P 202 -8.44 15.72 8.93
C HIS P 202 -8.57 15.92 10.44
N GLY P 203 -8.24 17.12 10.92
CA GLY P 203 -8.35 17.44 12.34
C GLY P 203 -9.74 17.21 12.88
N LEU P 204 -10.77 17.61 12.11
CA LEU P 204 -12.13 17.36 12.50
C LEU P 204 -12.38 15.86 12.64
N HIS P 205 -11.84 15.06 11.71
CA HIS P 205 -12.03 13.61 11.80
C HIS P 205 -11.28 13.02 12.98
N VAL P 206 -10.13 13.59 13.36
CA VAL P 206 -9.45 13.18 14.62
C VAL P 206 -10.35 13.46 15.84
N ILE P 207 -10.96 14.64 15.87
CA ILE P 207 -11.87 14.96 16.97
C ILE P 207 -13.08 14.01 16.99
N ILE P 208 -13.66 13.75 15.80
CA ILE P 208 -14.76 12.78 15.70
C ILE P 208 -14.30 11.43 16.17
N GLY P 209 -13.13 11.00 15.71
CA GLY P 209 -12.63 9.67 16.07
C GLY P 209 -12.37 9.57 17.55
N SER P 210 -11.82 10.65 18.14
CA SER P 210 -11.51 10.61 19.57
C SER P 210 -12.81 10.57 20.36
N THR P 211 -13.78 11.39 19.93
CA THR P 211 -15.09 11.36 20.58
C THR P 211 -15.65 9.93 20.56
N PHE P 212 -15.55 9.25 19.43
CA PHE P 212 -16.06 7.89 19.32
C PHE P 212 -15.32 6.97 20.29
N LEU P 213 -13.99 7.12 20.37
CA LEU P 213 -13.26 6.27 21.31
C LEU P 213 -13.69 6.57 22.72
N ILE P 214 -13.96 7.86 23.01
CA ILE P 214 -14.41 8.24 24.35
C ILE P 214 -15.77 7.60 24.67
N VAL P 215 -16.71 7.63 23.74
CA VAL P 215 -17.95 6.86 23.92
C VAL P 215 -17.61 5.42 24.27
N CYS P 216 -16.76 4.76 23.46
CA CYS P 216 -16.41 3.38 23.77
C CYS P 216 -15.85 3.22 25.18
N PHE P 217 -15.03 4.20 25.60
CA PHE P 217 -14.39 4.12 26.91
C PHE P 217 -15.44 4.11 28.00
N PHE P 218 -16.40 5.03 27.92
CA PHE P 218 -17.45 5.02 28.94
C PHE P 218 -18.35 3.82 28.83
N ARG P 219 -18.65 3.36 27.60
CA ARG P 219 -19.44 2.09 27.53
C ARG P 219 -18.65 0.93 28.14
N GLN P 220 -17.33 0.87 27.91
CA GLN P 220 -16.53 -0.17 28.54
C GLN P 220 -16.56 -0.05 30.06
N LEU P 221 -16.41 1.18 30.59
CA LEU P 221 -16.53 1.33 32.05
C LEU P 221 -17.86 0.78 32.55
N LYS P 222 -18.92 0.91 31.75
CA LYS P 222 -20.23 0.40 32.18
C LYS P 222 -20.49 -1.07 31.79
N PHE P 223 -19.44 -1.82 31.40
CA PHE P 223 -19.50 -3.26 31.08
C PHE P 223 -20.39 -3.60 29.86
N HIS P 224 -20.58 -2.67 28.92
CA HIS P 224 -21.46 -2.96 27.77
C HIS P 224 -20.86 -4.01 26.85
N PHE P 225 -19.56 -4.01 26.69
CA PHE P 225 -18.96 -4.91 25.70
C PHE P 225 -18.72 -6.27 26.30
N THR P 226 -18.91 -7.32 25.50
CA THR P 226 -18.45 -8.65 25.86
C THR P 226 -17.17 -8.93 25.10
N SER P 227 -16.54 -10.04 25.45
CA SER P 227 -15.25 -10.33 24.82
C SER P 227 -15.45 -10.67 23.35
N ASN P 228 -16.67 -11.03 22.96
CA ASN P 228 -16.95 -11.37 21.58
C ASN P 228 -17.82 -10.38 20.87
N HIS P 229 -18.57 -9.57 21.58
CA HIS P 229 -19.54 -8.71 20.90
C HIS P 229 -19.22 -7.27 21.31
N HIS P 230 -18.72 -6.47 20.39
CA HIS P 230 -18.28 -5.13 20.76
C HIS P 230 -18.14 -4.29 19.49
N PHE P 231 -19.20 -4.25 18.67
CA PHE P 231 -18.99 -3.67 17.33
C PHE P 231 -18.73 -2.17 17.41
N GLY P 232 -19.28 -1.48 18.42
CA GLY P 232 -18.95 -0.07 18.52
C GLY P 232 -17.46 0.14 18.69
N PHE P 233 -16.81 -0.74 19.45
CA PHE P 233 -15.35 -0.64 19.58
C PHE P 233 -14.64 -0.97 18.26
N GLU P 234 -15.09 -2.02 17.56
CA GLU P 234 -14.47 -2.38 16.27
C GLU P 234 -14.59 -1.23 15.28
N ALA P 235 -15.80 -0.68 15.17
CA ALA P 235 -16.04 0.44 14.24
C ALA P 235 -15.18 1.65 14.62
N ALA P 236 -15.11 2.00 15.91
CA ALA P 236 -14.25 3.14 16.29
C ALA P 236 -12.75 2.87 16.00
N ALA P 237 -12.31 1.62 16.10
CA ALA P 237 -10.91 1.29 15.78
C ALA P 237 -10.67 1.39 14.28
N TRP P 238 -11.64 0.90 13.47
CA TRP P 238 -11.46 1.02 12.02
C TRP P 238 -11.41 2.50 11.62
N TYR P 239 -12.31 3.29 12.19
CA TYR P 239 -12.33 4.73 11.92
C TYR P 239 -11.02 5.37 12.36
N TRP P 240 -10.48 4.90 13.48
CA TRP P 240 -9.24 5.48 14.01
C TRP P 240 -8.08 5.10 13.10
N HIS P 241 -8.06 3.87 12.59
CA HIS P 241 -6.99 3.52 11.64
C HIS P 241 -7.13 4.32 10.32
N PHE P 242 -8.36 4.53 9.83
CA PHE P 242 -8.61 5.46 8.71
C PHE P 242 -8.00 6.86 8.97
N VAL P 243 -8.30 7.44 10.12
CA VAL P 243 -7.75 8.76 10.46
C VAL P 243 -6.22 8.72 10.48
N ASP P 244 -5.64 7.62 10.96
CA ASP P 244 -4.18 7.48 11.00
C ASP P 244 -3.62 7.40 9.58
N VAL P 245 -4.26 6.63 8.71
CA VAL P 245 -3.78 6.50 7.34
C VAL P 245 -3.95 7.82 6.58
N VAL P 246 -5.07 8.53 6.77
CA VAL P 246 -5.18 9.82 6.08
C VAL P 246 -4.05 10.73 6.53
N TRP P 247 -3.74 10.72 7.83
CA TRP P 247 -2.62 11.54 8.29
C TRP P 247 -1.32 11.19 7.57
N LEU P 248 -1.02 9.90 7.44
CA LEU P 248 0.25 9.51 6.79
C LEU P 248 0.30 10.08 5.36
N PHE P 249 -0.81 9.94 4.61
CA PHE P 249 -0.85 10.54 3.26
C PHE P 249 -0.69 12.04 3.31
N LEU P 250 -1.34 12.71 4.27
CA LEU P 250 -1.13 14.16 4.40
C LEU P 250 0.33 14.47 4.65
N TYR P 251 0.92 13.72 5.58
CA TYR P 251 2.31 14.02 5.97
C TYR P 251 3.22 13.87 4.78
N VAL P 252 3.12 12.76 4.08
CA VAL P 252 4.02 12.57 2.94
C VAL P 252 3.72 13.58 1.84
N SER P 253 2.44 13.88 1.60
CA SER P 253 2.06 14.71 0.46
C SER P 253 2.31 16.18 0.72
N ILE P 254 1.62 16.72 1.71
CA ILE P 254 1.57 18.16 1.91
C ILE P 254 2.73 18.65 2.73
N TYR P 255 3.03 17.93 3.81
CA TYR P 255 4.11 18.40 4.69
C TYR P 255 5.47 18.09 4.12
N TRP P 256 5.63 16.91 3.54
CA TRP P 256 6.98 16.49 3.16
C TRP P 256 7.26 16.79 1.69
N TRP P 257 6.61 16.03 0.80
CA TRP P 257 6.81 16.25 -0.64
C TRP P 257 6.52 17.70 -1.03
N GLY P 258 5.53 18.33 -0.39
CA GLY P 258 5.00 19.65 -0.73
C GLY P 258 5.79 20.80 -0.09
N SER P 259 6.88 20.49 0.63
CA SER P 259 7.67 21.55 1.32
C SER P 259 8.83 22.09 0.48
N SER Q 1 -64.77 -16.55 -9.37
CA SER Q 1 -63.80 -16.09 -10.34
C SER Q 1 -63.45 -14.61 -10.13
N VAL Q 2 -64.44 -13.79 -9.75
CA VAL Q 2 -64.21 -12.35 -9.56
C VAL Q 2 -63.85 -11.98 -8.12
N VAL Q 3 -64.18 -12.81 -7.12
CA VAL Q 3 -63.67 -12.69 -5.76
C VAL Q 3 -63.80 -14.05 -5.05
N LYS Q 4 -62.68 -14.62 -4.60
CA LYS Q 4 -62.73 -15.84 -3.76
C LYS Q 4 -62.01 -15.60 -2.43
N SER Q 5 -61.17 -16.53 -1.99
CA SER Q 5 -60.49 -16.46 -0.70
C SER Q 5 -58.98 -16.30 -0.90
N GLU Q 6 -58.38 -15.38 -0.12
CA GLU Q 6 -56.99 -14.93 -0.26
C GLU Q 6 -56.43 -15.14 -1.66
N ASP Q 7 -57.18 -14.69 -2.66
CA ASP Q 7 -56.61 -14.62 -3.98
C ASP Q 7 -55.37 -13.77 -3.85
N TYR Q 8 -54.28 -14.44 -3.61
CA TYR Q 8 -52.96 -13.98 -4.00
C TYR Q 8 -52.10 -15.14 -3.60
N ALA Q 9 -52.53 -15.85 -2.54
CA ALA Q 9 -51.74 -16.97 -2.05
C ALA Q 9 -52.19 -18.30 -2.64
N LEU Q 10 -53.19 -18.29 -3.49
CA LEU Q 10 -53.70 -19.52 -4.03
C LEU Q 10 -53.57 -19.54 -5.55
N PRO Q 11 -53.41 -20.74 -6.14
CA PRO Q 11 -53.39 -20.85 -7.61
C PRO Q 11 -54.62 -20.19 -8.21
N SER Q 12 -54.49 -19.72 -9.43
CA SER Q 12 -55.55 -18.94 -10.04
C SER Q 12 -55.66 -19.32 -11.50
N TYR Q 13 -56.73 -18.87 -12.12
CA TYR Q 13 -57.02 -19.19 -13.51
C TYR Q 13 -56.48 -18.08 -14.40
N VAL Q 14 -55.92 -18.44 -15.57
CA VAL Q 14 -55.44 -17.47 -16.58
C VAL Q 14 -55.72 -18.02 -17.96
N ASP Q 15 -56.16 -17.13 -18.86
CA ASP Q 15 -56.30 -17.45 -20.28
C ASP Q 15 -55.10 -16.86 -20.98
N ARG Q 16 -54.16 -17.71 -21.37
CA ARG Q 16 -52.89 -17.28 -21.91
C ARG Q 16 -52.53 -18.29 -22.98
N ARG Q 17 -52.30 -17.83 -24.22
CA ARG Q 17 -52.03 -18.78 -25.31
C ARG Q 17 -50.79 -19.62 -24.99
N ASP Q 18 -49.86 -19.10 -24.21
CA ASP Q 18 -48.63 -19.82 -23.90
C ASP Q 18 -48.71 -20.54 -22.57
N TYR Q 19 -49.89 -20.59 -21.94
CA TYR Q 19 -50.12 -21.39 -20.73
C TYR Q 19 -51.49 -22.04 -20.91
N PRO Q 20 -51.61 -22.90 -21.92
CA PRO Q 20 -52.94 -23.40 -22.32
C PRO Q 20 -53.70 -24.17 -21.25
N LEU Q 21 -53.04 -24.83 -20.28
CA LEU Q 21 -53.76 -25.59 -19.25
C LEU Q 21 -53.53 -24.93 -17.89
N PRO Q 22 -54.41 -24.01 -17.49
CA PRO Q 22 -54.20 -23.27 -16.24
C PRO Q 22 -54.20 -24.19 -15.04
N ASP Q 23 -53.79 -23.58 -13.93
CA ASP Q 23 -53.60 -24.32 -12.67
C ASP Q 23 -54.90 -24.81 -12.07
N VAL Q 24 -56.01 -24.16 -12.38
CA VAL Q 24 -57.30 -24.57 -11.79
C VAL Q 24 -58.34 -24.53 -12.89
N ALA Q 25 -59.43 -25.25 -12.64
CA ALA Q 25 -60.59 -25.19 -13.49
C ALA Q 25 -61.22 -23.82 -13.39
N HIS Q 26 -61.78 -23.35 -14.51
CA HIS Q 26 -62.48 -22.07 -14.52
C HIS Q 26 -63.67 -22.06 -13.55
N VAL Q 27 -64.40 -23.17 -13.46
CA VAL Q 27 -65.55 -23.27 -12.56
C VAL Q 27 -65.17 -24.24 -11.45
N LYS Q 28 -65.08 -23.72 -10.23
CA LYS Q 28 -64.59 -24.50 -9.11
C LYS Q 28 -65.69 -25.38 -8.51
N ASN Q 29 -66.89 -24.82 -8.31
CA ASN Q 29 -67.97 -25.46 -7.56
C ASN Q 29 -69.10 -25.81 -8.51
N LEU Q 30 -69.33 -27.11 -8.70
CA LEU Q 30 -70.24 -27.58 -9.72
C LEU Q 30 -71.65 -27.72 -9.16
N SER Q 31 -72.65 -27.56 -10.04
CA SER Q 31 -74.05 -27.80 -9.73
C SER Q 31 -74.35 -29.29 -9.90
N ALA Q 32 -75.56 -29.70 -9.49
CA ALA Q 32 -75.92 -31.11 -9.55
C ALA Q 32 -75.83 -31.63 -10.97
N SER Q 33 -76.47 -30.93 -11.92
CA SER Q 33 -76.40 -31.36 -13.31
C SER Q 33 -74.97 -31.30 -13.85
N GLN Q 34 -74.17 -30.32 -13.40
CA GLN Q 34 -72.79 -30.26 -13.85
C GLN Q 34 -71.99 -31.44 -13.31
N LYS Q 35 -72.13 -31.71 -12.02
CA LYS Q 35 -71.45 -32.86 -11.44
C LYS Q 35 -71.80 -34.13 -12.18
N ALA Q 36 -73.00 -34.19 -12.76
CA ALA Q 36 -73.43 -35.38 -13.46
C ALA Q 36 -72.76 -35.50 -14.81
N LEU Q 37 -72.66 -34.36 -15.51
CA LEU Q 37 -71.94 -34.32 -16.76
C LEU Q 37 -70.51 -34.81 -16.58
N LYS Q 38 -69.88 -34.43 -15.48
CA LYS Q 38 -68.53 -34.92 -15.20
C LYS Q 38 -68.53 -36.43 -15.02
N GLU Q 39 -69.60 -36.98 -14.41
CA GLU Q 39 -69.72 -38.42 -14.35
C GLU Q 39 -69.86 -39.01 -15.74
N LYS Q 40 -70.68 -38.38 -16.58
CA LYS Q 40 -70.87 -38.85 -17.95
C LYS Q 40 -69.55 -38.82 -18.71
N GLU Q 41 -68.72 -37.81 -18.42
CA GLU Q 41 -67.43 -37.69 -19.07
C GLU Q 41 -66.54 -38.89 -18.82
N LYS Q 42 -66.80 -39.69 -17.78
CA LYS Q 42 -65.94 -40.86 -17.56
C LYS Q 42 -66.26 -42.02 -18.50
N ALA Q 43 -67.37 -41.91 -19.23
CA ALA Q 43 -67.76 -42.84 -20.28
C ALA Q 43 -67.23 -42.32 -21.60
N SER Q 44 -67.38 -43.15 -22.65
CA SER Q 44 -66.90 -42.77 -23.97
C SER Q 44 -67.38 -41.38 -24.40
N TRP Q 45 -66.48 -40.59 -24.95
CA TRP Q 45 -66.87 -39.23 -25.29
C TRP Q 45 -67.78 -39.17 -26.51
N SER Q 46 -67.79 -40.22 -27.33
CA SER Q 46 -68.71 -40.29 -28.47
C SER Q 46 -70.17 -40.18 -28.05
N SER Q 47 -70.51 -40.63 -26.86
CA SER Q 47 -71.86 -40.53 -26.32
C SER Q 47 -72.22 -39.15 -25.78
N LEU Q 48 -71.35 -38.16 -25.92
CA LEU Q 48 -71.68 -36.80 -25.52
C LEU Q 48 -72.22 -36.02 -26.70
N SER Q 49 -73.23 -35.18 -26.46
CA SER Q 49 -73.70 -34.29 -27.52
C SER Q 49 -72.76 -33.11 -27.64
N ILE Q 50 -72.88 -32.39 -28.76
CA ILE Q 50 -72.06 -31.19 -29.00
C ILE Q 50 -72.28 -30.16 -27.89
N ASP Q 51 -73.54 -29.91 -27.53
CA ASP Q 51 -73.81 -29.00 -26.43
C ASP Q 51 -73.15 -29.47 -25.16
N GLU Q 52 -73.20 -30.79 -24.92
CA GLU Q 52 -72.61 -31.33 -23.71
C GLU Q 52 -71.10 -31.15 -23.71
N LYS Q 53 -70.43 -31.41 -24.84
CA LYS Q 53 -68.99 -31.21 -24.98
C LYS Q 53 -68.61 -29.74 -24.80
N VAL Q 54 -69.41 -28.84 -25.37
CA VAL Q 54 -69.15 -27.42 -25.19
C VAL Q 54 -69.30 -27.04 -23.73
N GLU Q 55 -70.26 -27.64 -23.05
CA GLU Q 55 -70.44 -27.27 -21.64
C GLU Q 55 -69.28 -27.76 -20.78
N LEU Q 56 -68.74 -28.94 -21.10
CA LEU Q 56 -67.57 -29.43 -20.39
C LEU Q 56 -66.41 -28.46 -20.58
N TYR Q 57 -66.21 -28.03 -21.83
CA TYR Q 57 -65.09 -27.11 -22.11
C TYR Q 57 -65.24 -25.80 -21.32
N ARG Q 58 -66.46 -25.27 -21.25
CA ARG Q 58 -66.72 -24.03 -20.52
C ARG Q 58 -66.65 -24.21 -19.00
N LEU Q 59 -66.73 -25.45 -18.48
CA LEU Q 59 -66.43 -25.71 -17.06
C LEU Q 59 -64.94 -25.54 -16.77
N LYS Q 60 -64.09 -26.02 -17.68
CA LYS Q 60 -62.65 -26.02 -17.49
C LYS Q 60 -62.01 -24.68 -17.83
N PHE Q 61 -62.48 -24.03 -18.88
CA PHE Q 61 -61.88 -22.83 -19.43
C PHE Q 61 -62.89 -21.70 -19.50
N LYS Q 62 -62.42 -20.46 -19.41
CA LYS Q 62 -63.32 -19.31 -19.49
C LYS Q 62 -63.49 -18.84 -20.94
N GLU Q 63 -62.40 -18.52 -21.62
CA GLU Q 63 -62.41 -18.13 -23.02
C GLU Q 63 -61.67 -19.16 -23.87
N SER Q 64 -62.19 -19.42 -25.05
CA SER Q 64 -61.46 -20.21 -26.04
C SER Q 64 -60.28 -19.41 -26.61
N PHE Q 65 -59.40 -20.11 -27.34
CA PHE Q 65 -58.25 -19.43 -27.98
C PHE Q 65 -58.72 -18.35 -28.94
N ALA Q 66 -59.74 -18.65 -29.75
CA ALA Q 66 -60.24 -17.63 -30.65
C ALA Q 66 -60.75 -16.41 -29.88
N GLU Q 67 -61.44 -16.63 -28.76
CA GLU Q 67 -61.94 -15.52 -27.97
C GLU Q 67 -60.82 -14.73 -27.35
N MET Q 68 -59.87 -15.41 -26.69
CA MET Q 68 -58.82 -14.68 -25.99
C MET Q 68 -57.91 -13.95 -26.96
N ASN Q 69 -57.88 -14.36 -28.22
CA ASN Q 69 -57.00 -13.76 -29.20
C ASN Q 69 -57.68 -12.67 -30.02
N ARG Q 70 -58.87 -12.21 -29.63
CA ARG Q 70 -59.60 -11.27 -30.49
C ARG Q 70 -58.97 -9.87 -30.49
N SER Q 71 -58.94 -9.23 -31.67
CA SER Q 71 -58.50 -7.84 -31.75
C SER Q 71 -59.67 -6.94 -31.38
N THR Q 72 -59.38 -5.66 -31.09
CA THR Q 72 -60.39 -4.78 -30.54
C THR Q 72 -60.39 -3.44 -31.27
N ASN Q 73 -61.39 -2.61 -30.95
CA ASN Q 73 -61.44 -1.26 -31.50
C ASN Q 73 -60.71 -0.25 -30.63
N GLU Q 74 -59.96 -0.72 -29.62
CA GLU Q 74 -59.36 0.21 -28.66
C GLU Q 74 -58.44 1.21 -29.37
N TRP Q 75 -57.78 0.80 -30.44
CA TRP Q 75 -56.82 1.72 -31.07
C TRP Q 75 -57.48 2.98 -31.58
N LYS Q 76 -58.74 2.86 -32.03
CA LYS Q 76 -59.48 4.03 -32.49
C LYS Q 76 -59.63 5.02 -31.35
N THR Q 77 -59.97 4.52 -30.17
CA THR Q 77 -60.18 5.41 -29.05
C THR Q 77 -58.86 6.06 -28.64
N VAL Q 78 -57.81 5.25 -28.60
CA VAL Q 78 -56.50 5.75 -28.15
C VAL Q 78 -55.99 6.81 -29.12
N VAL Q 79 -55.92 6.48 -30.40
CA VAL Q 79 -55.37 7.42 -31.38
C VAL Q 79 -56.26 8.67 -31.47
N GLY Q 80 -57.58 8.49 -31.45
CA GLY Q 80 -58.47 9.64 -31.55
C GLY Q 80 -58.40 10.55 -30.34
N ALA Q 81 -58.35 9.98 -29.13
CA ALA Q 81 -58.19 10.82 -27.94
C ALA Q 81 -56.83 11.53 -27.94
N ALA Q 82 -55.77 10.82 -28.33
CA ALA Q 82 -54.43 11.43 -28.40
C ALA Q 82 -54.48 12.65 -29.31
N MET Q 83 -55.13 12.49 -30.46
CA MET Q 83 -55.24 13.62 -31.35
C MET Q 83 -56.08 14.71 -30.74
N PHE Q 84 -57.09 14.35 -29.96
CA PHE Q 84 -57.88 15.39 -29.31
C PHE Q 84 -57.03 16.21 -28.34
N PHE Q 85 -56.21 15.53 -27.53
CA PHE Q 85 -55.42 16.26 -26.57
C PHE Q 85 -54.28 17.00 -27.26
N ILE Q 86 -53.76 16.48 -28.36
CA ILE Q 86 -52.77 17.26 -29.10
C ILE Q 86 -53.43 18.48 -29.71
N GLY Q 87 -54.65 18.33 -30.20
CA GLY Q 87 -55.40 19.49 -30.65
C GLY Q 87 -55.65 20.51 -29.54
N PHE Q 88 -56.07 20.03 -28.37
CA PHE Q 88 -56.20 20.92 -27.22
C PHE Q 88 -54.92 21.70 -26.95
N THR Q 89 -53.76 21.06 -27.12
CA THR Q 89 -52.50 21.75 -26.89
C THR Q 89 -52.37 22.99 -27.77
N ALA Q 90 -52.75 22.87 -29.05
CA ALA Q 90 -52.73 24.02 -29.95
C ALA Q 90 -53.60 25.17 -29.42
N LEU Q 91 -54.66 24.90 -28.67
CA LEU Q 91 -55.42 26.00 -28.07
C LEU Q 91 -54.58 26.76 -27.07
N LEU Q 92 -53.83 26.03 -26.23
CA LEU Q 92 -52.90 26.70 -25.30
C LEU Q 92 -51.92 27.55 -26.06
N LEU Q 93 -51.41 27.02 -27.16
CA LEU Q 93 -50.41 27.78 -27.92
C LEU Q 93 -51.05 29.03 -28.53
N ILE Q 94 -52.28 28.93 -28.99
CA ILE Q 94 -53.00 30.11 -29.49
C ILE Q 94 -53.18 31.13 -28.36
N TRP Q 95 -53.65 30.66 -27.19
CA TRP Q 95 -53.71 31.54 -26.02
C TRP Q 95 -52.37 32.21 -25.76
N GLU Q 96 -51.27 31.45 -25.78
CA GLU Q 96 -49.96 32.04 -25.45
C GLU Q 96 -49.60 33.14 -26.45
N LYS Q 97 -49.84 32.86 -27.72
CA LYS Q 97 -49.48 33.81 -28.74
C LYS Q 97 -50.29 35.09 -28.60
N HIS Q 98 -51.56 34.97 -28.19
CA HIS Q 98 -52.46 36.13 -28.07
C HIS Q 98 -52.13 36.97 -26.85
N TYR Q 99 -51.91 36.33 -25.71
CA TYR Q 99 -51.84 37.02 -24.44
C TYR Q 99 -50.45 37.16 -23.86
N VAL Q 100 -49.48 36.35 -24.27
CA VAL Q 100 -48.17 36.34 -23.66
C VAL Q 100 -47.13 36.98 -24.55
N TYR Q 101 -47.05 36.53 -25.79
CA TYR Q 101 -46.00 36.97 -26.70
C TYR Q 101 -46.28 38.38 -27.25
N GLY Q 102 -45.28 39.25 -27.23
CA GLY Q 102 -45.35 40.56 -27.91
C GLY Q 102 -44.89 40.50 -29.36
N PRO Q 103 -44.71 41.66 -30.00
CA PRO Q 103 -44.23 41.67 -31.39
C PRO Q 103 -42.84 41.07 -31.45
N ILE Q 104 -42.50 40.47 -32.59
CA ILE Q 104 -41.14 39.95 -32.74
C ILE Q 104 -40.27 41.06 -33.30
N PRO Q 105 -38.95 40.91 -33.33
CA PRO Q 105 -38.07 42.05 -33.68
C PRO Q 105 -38.30 42.52 -35.10
N HIS Q 106 -37.93 43.78 -35.35
CA HIS Q 106 -38.20 44.36 -36.67
C HIS Q 106 -37.39 43.71 -37.78
N THR Q 107 -36.35 42.92 -37.47
CA THR Q 107 -35.51 42.26 -38.47
C THR Q 107 -36.28 41.20 -39.25
N PHE Q 108 -37.49 40.84 -38.79
CA PHE Q 108 -38.31 39.88 -39.51
C PHE Q 108 -39.25 40.55 -40.50
N GLU Q 109 -39.35 41.87 -40.50
CA GLU Q 109 -40.19 42.55 -41.50
C GLU Q 109 -39.73 42.25 -42.92
N GLU Q 110 -40.66 42.26 -43.86
CA GLU Q 110 -40.36 41.74 -45.19
C GLU Q 110 -39.24 42.50 -45.85
N GLU Q 111 -39.24 43.82 -45.69
CA GLU Q 111 -38.22 44.64 -46.36
C GLU Q 111 -36.84 44.40 -45.74
N TRP Q 112 -36.78 44.28 -44.41
CA TRP Q 112 -35.50 43.91 -43.75
C TRP Q 112 -35.00 42.57 -44.25
N VAL Q 113 -35.89 41.58 -44.31
CA VAL Q 113 -35.50 40.26 -44.79
C VAL Q 113 -34.97 40.33 -46.22
N ALA Q 114 -35.62 41.11 -47.08
CA ALA Q 114 -35.17 41.24 -48.46
C ALA Q 114 -33.75 41.81 -48.51
N LYS Q 115 -33.49 42.82 -47.69
CA LYS Q 115 -32.16 43.42 -47.64
C LYS Q 115 -31.14 42.48 -47.02
N GLN Q 116 -31.52 41.84 -45.92
CA GLN Q 116 -30.61 40.95 -45.23
C GLN Q 116 -30.20 39.79 -46.13
N THR Q 117 -31.17 39.28 -46.88
CA THR Q 117 -30.93 38.23 -47.86
C THR Q 117 -29.94 38.68 -48.90
N LYS Q 118 -30.13 39.88 -49.47
CA LYS Q 118 -29.15 40.34 -50.43
C LYS Q 118 -27.77 40.48 -49.80
N ARG Q 119 -27.66 41.07 -48.60
CA ARG Q 119 -26.35 41.17 -47.97
C ARG Q 119 -25.73 39.78 -47.75
N MET Q 120 -26.56 38.78 -47.41
CA MET Q 120 -26.00 37.44 -47.21
C MET Q 120 -25.47 36.87 -48.52
N LEU Q 121 -26.17 37.11 -49.64
CA LEU Q 121 -25.63 36.68 -50.93
C LEU Q 121 -24.38 37.45 -51.31
N ASP Q 122 -24.34 38.75 -50.95
CA ASP Q 122 -23.16 39.56 -51.24
C ASP Q 122 -21.94 39.06 -50.49
N MET Q 123 -22.13 38.58 -49.27
CA MET Q 123 -20.99 38.04 -48.57
C MET Q 123 -20.85 36.53 -48.81
N LYS Q 124 -21.63 35.97 -49.75
CA LYS Q 124 -21.50 34.57 -50.16
C LYS Q 124 -21.69 33.61 -48.99
N VAL Q 125 -22.66 33.89 -48.13
CA VAL Q 125 -22.97 32.94 -47.03
C VAL Q 125 -23.21 31.55 -47.60
N ALA Q 126 -22.55 30.52 -47.00
CA ALA Q 126 -22.70 29.12 -47.41
C ALA Q 126 -22.73 28.96 -48.94
N PRO Q 127 -21.61 29.28 -49.62
CA PRO Q 127 -21.57 29.27 -51.10
C PRO Q 127 -21.26 27.92 -51.71
N ILE Q 128 -20.92 26.89 -50.92
CA ILE Q 128 -20.65 25.57 -51.48
C ILE Q 128 -21.94 24.76 -51.60
N GLN Q 129 -22.83 24.85 -50.60
CA GLN Q 129 -24.11 24.14 -50.64
C GLN Q 129 -25.27 24.83 -49.94
N GLY Q 130 -24.99 25.47 -48.80
CA GLY Q 130 -26.05 25.80 -47.86
C GLY Q 130 -26.98 26.90 -48.35
N PHE Q 131 -26.44 27.97 -48.98
CA PHE Q 131 -27.30 29.12 -49.21
C PHE Q 131 -26.98 29.84 -50.52
N SER Q 132 -25.83 30.52 -50.58
CA SER Q 132 -25.47 31.22 -51.81
C SER Q 132 -25.32 30.27 -52.98
N ALA Q 133 -24.92 29.02 -52.68
CA ALA Q 133 -24.90 27.93 -53.67
C ALA Q 133 -26.23 27.84 -54.39
N LYS Q 134 -27.31 28.30 -53.77
CA LYS Q 134 -28.63 28.13 -54.33
C LYS Q 134 -29.04 29.36 -55.12
N TRP Q 135 -28.17 30.36 -55.20
CA TRP Q 135 -28.43 31.55 -56.00
C TRP Q 135 -27.64 31.46 -57.30
N ASP Q 136 -28.27 31.85 -58.42
CA ASP Q 136 -27.56 31.97 -59.69
C ASP Q 136 -27.00 33.38 -59.77
N TYR Q 137 -25.68 33.49 -59.66
CA TYR Q 137 -25.12 34.81 -59.62
C TYR Q 137 -25.06 35.45 -60.99
N ASP Q 138 -25.03 34.65 -62.05
CA ASP Q 138 -25.01 35.21 -63.40
C ASP Q 138 -26.38 35.75 -63.79
N LYS Q 139 -27.41 34.94 -63.61
CA LYS Q 139 -28.78 35.27 -63.96
C LYS Q 139 -29.50 36.12 -62.92
N ASN Q 140 -28.89 36.41 -61.78
CA ASN Q 140 -29.52 37.25 -60.75
C ASN Q 140 -30.92 36.75 -60.34
N GLU Q 141 -31.05 35.44 -60.12
CA GLU Q 141 -32.28 34.87 -59.58
C GLU Q 141 -31.92 33.61 -58.82
N TRP Q 142 -32.88 33.08 -58.07
CA TRP Q 142 -32.66 31.79 -57.41
C TRP Q 142 -32.50 30.71 -58.47
N LYS Q 143 -31.56 29.80 -58.23
CA LYS Q 143 -31.38 28.70 -59.15
C LYS Q 143 -32.68 27.92 -59.23
N LYS Q 144 -33.07 27.56 -60.45
CA LYS Q 144 -34.29 26.81 -60.64
C LYS Q 144 -33.97 25.36 -60.33
N HIS R 1 -26.63 -32.27 -28.15
CA HIS R 1 -28.07 -32.21 -27.93
C HIS R 1 -28.75 -33.43 -28.59
N GLU R 2 -30.07 -33.54 -28.44
CA GLU R 2 -30.85 -34.67 -28.92
C GLU R 2 -31.44 -34.37 -30.30
N THR R 3 -31.56 -35.42 -31.11
CA THR R 3 -32.17 -35.27 -32.42
C THR R 3 -33.68 -35.05 -32.28
N ASP R 4 -34.30 -34.70 -33.41
CA ASP R 4 -35.76 -34.60 -33.46
C ASP R 4 -36.40 -35.89 -33.01
N GLU R 5 -35.89 -37.03 -33.49
CA GLU R 5 -36.48 -38.32 -33.11
C GLU R 5 -36.36 -38.54 -31.60
N GLU R 6 -35.22 -38.18 -31.02
CA GLU R 6 -35.05 -38.46 -29.60
C GLU R 6 -35.97 -37.58 -28.78
N PHE R 7 -36.09 -36.31 -29.19
CA PHE R 7 -36.99 -35.39 -28.53
C PHE R 7 -38.43 -35.86 -28.61
N ASP R 8 -38.89 -36.26 -29.81
CA ASP R 8 -40.26 -36.71 -29.95
C ASP R 8 -40.54 -37.93 -29.06
N ALA R 9 -39.57 -38.84 -28.99
CA ALA R 9 -39.81 -40.09 -28.27
C ALA R 9 -39.96 -39.85 -26.77
N ARG R 10 -39.10 -39.01 -26.23
CA ARG R 10 -39.15 -38.66 -24.83
C ARG R 10 -40.50 -38.06 -24.51
N TRP R 11 -41.04 -37.23 -25.43
CA TRP R 11 -42.34 -36.64 -25.15
C TRP R 11 -43.48 -37.65 -25.32
N VAL R 12 -43.40 -38.52 -26.33
CA VAL R 12 -44.39 -39.59 -26.44
C VAL R 12 -44.34 -40.45 -25.18
N THR R 13 -43.14 -40.80 -24.73
CA THR R 13 -43.03 -41.63 -23.52
C THR R 13 -43.66 -40.92 -22.34
N TYR R 14 -43.40 -39.60 -22.21
CA TYR R 14 -43.93 -38.81 -21.10
C TYR R 14 -45.45 -38.89 -21.06
N PHE R 15 -46.09 -38.67 -22.18
CA PHE R 15 -47.55 -38.61 -22.15
C PHE R 15 -48.15 -40.00 -22.07
N ASN R 16 -47.38 -41.01 -22.49
CA ASN R 16 -47.98 -42.35 -22.48
C ASN R 16 -47.91 -43.06 -21.13
N LYS R 17 -47.27 -42.45 -20.11
CA LYS R 17 -47.19 -43.08 -18.81
C LYS R 17 -48.60 -43.43 -18.34
N PRO R 18 -48.87 -44.69 -18.02
CA PRO R 18 -50.27 -45.06 -17.78
C PRO R 18 -50.90 -44.22 -16.68
N ASP R 19 -50.22 -44.07 -15.54
CA ASP R 19 -50.77 -43.33 -14.41
C ASP R 19 -50.33 -41.86 -14.40
N ILE R 20 -50.13 -41.26 -15.58
CA ILE R 20 -49.84 -39.82 -15.61
C ILE R 20 -50.96 -39.09 -14.89
N ASP R 21 -50.62 -38.16 -14.02
CA ASP R 21 -51.67 -37.41 -13.33
C ASP R 21 -51.95 -36.04 -13.98
N ALA R 22 -52.97 -35.36 -13.44
CA ALA R 22 -53.42 -34.11 -14.05
C ALA R 22 -52.33 -33.06 -13.99
N TRP R 23 -51.61 -33.00 -12.88
CA TRP R 23 -50.52 -32.03 -12.80
C TRP R 23 -49.45 -32.25 -13.88
N GLU R 24 -49.09 -33.51 -14.10
CA GLU R 24 -48.08 -33.88 -15.11
C GLU R 24 -48.59 -33.62 -16.53
N LEU R 25 -49.88 -33.86 -16.81
CA LEU R 25 -50.45 -33.51 -18.10
C LEU R 25 -50.27 -32.03 -18.37
N ARG R 26 -50.66 -31.18 -17.40
CA ARG R 26 -50.54 -29.74 -17.62
C ARG R 26 -49.09 -29.32 -17.70
N LYS R 27 -48.24 -29.82 -16.78
CA LYS R 27 -46.83 -29.44 -16.86
C LYS R 27 -46.25 -29.80 -18.22
N GLY R 28 -46.64 -30.96 -18.77
CA GLY R 28 -46.09 -31.36 -20.05
C GLY R 28 -46.56 -30.48 -21.18
N MET R 29 -47.88 -30.22 -21.25
CA MET R 29 -48.34 -29.38 -22.37
C MET R 29 -47.81 -27.96 -22.25
N ASN R 30 -47.79 -27.43 -21.02
CA ASN R 30 -47.39 -26.04 -20.87
C ASN R 30 -45.90 -25.88 -21.14
N THR R 31 -45.10 -26.92 -20.85
CA THR R 31 -43.68 -26.87 -21.16
C THR R 31 -43.47 -26.97 -22.65
N LEU R 32 -44.13 -27.96 -23.24
CA LEU R 32 -43.98 -28.24 -24.66
C LEU R 32 -44.28 -27.01 -25.54
N VAL R 33 -45.32 -26.23 -25.23
CA VAL R 33 -45.65 -25.11 -26.11
C VAL R 33 -44.70 -23.94 -25.93
N GLY R 34 -43.72 -24.07 -25.03
CA GLY R 34 -42.66 -23.03 -24.96
C GLY R 34 -41.58 -23.19 -26.01
N TYR R 35 -41.42 -24.39 -26.61
CA TYR R 35 -40.41 -24.62 -27.65
C TYR R 35 -40.78 -24.01 -28.99
N ASP R 36 -39.76 -23.79 -29.82
CA ASP R 36 -39.97 -23.30 -31.17
C ASP R 36 -40.28 -24.48 -32.09
N LEU R 37 -41.50 -25.00 -31.94
CA LEU R 37 -41.99 -26.05 -32.83
C LEU R 37 -43.49 -26.23 -32.58
N VAL R 38 -44.17 -26.81 -33.57
CA VAL R 38 -45.52 -27.35 -33.37
C VAL R 38 -45.32 -28.84 -33.09
N PRO R 39 -45.86 -29.41 -32.02
CA PRO R 39 -45.53 -30.80 -31.66
C PRO R 39 -45.99 -31.77 -32.74
N GLU R 40 -45.17 -32.80 -32.99
CA GLU R 40 -45.53 -33.86 -33.94
C GLU R 40 -46.89 -34.50 -33.60
N PRO R 41 -47.65 -34.89 -34.62
CA PRO R 41 -48.90 -35.60 -34.31
C PRO R 41 -48.68 -36.80 -33.35
N LYS R 42 -47.55 -37.51 -33.39
CA LYS R 42 -47.45 -38.65 -32.45
C LYS R 42 -47.39 -38.16 -31.01
N ILE R 43 -46.79 -37.00 -30.78
CA ILE R 43 -46.83 -36.42 -29.44
C ILE R 43 -48.26 -36.02 -29.08
N ILE R 44 -48.96 -35.33 -29.99
CA ILE R 44 -50.32 -34.92 -29.65
C ILE R 44 -51.17 -36.13 -29.34
N ASP R 45 -51.04 -37.15 -30.18
CA ASP R 45 -51.76 -38.40 -29.98
C ASP R 45 -51.60 -38.93 -28.55
N ALA R 46 -50.35 -39.05 -28.10
CA ALA R 46 -50.11 -39.52 -26.75
C ALA R 46 -50.73 -38.60 -25.72
N ALA R 47 -50.68 -37.27 -25.94
CA ALA R 47 -51.26 -36.32 -24.98
C ALA R 47 -52.80 -36.42 -24.97
N LEU R 48 -53.42 -36.59 -26.13
CA LEU R 48 -54.88 -36.74 -26.16
C LEU R 48 -55.26 -38.00 -25.43
N ARG R 49 -54.43 -39.04 -25.57
CA ARG R 49 -54.77 -40.31 -24.90
C ARG R 49 -54.56 -40.20 -23.40
N ALA R 50 -53.58 -39.41 -22.95
CA ALA R 50 -53.46 -39.11 -21.54
C ALA R 50 -54.71 -38.37 -21.05
N CYS R 51 -55.21 -37.41 -21.82
CA CYS R 51 -56.46 -36.74 -21.46
C CYS R 51 -57.55 -37.75 -21.25
N ARG R 52 -57.60 -38.77 -22.09
CA ARG R 52 -58.71 -39.74 -21.96
C ARG R 52 -58.58 -40.54 -20.67
N ARG R 53 -57.36 -41.03 -20.37
CA ARG R 53 -57.16 -41.73 -19.10
C ARG R 53 -57.49 -40.84 -17.92
N LEU R 54 -57.34 -39.53 -18.05
CA LEU R 54 -57.68 -38.60 -16.98
C LEU R 54 -59.12 -38.11 -17.05
N ASN R 55 -59.95 -38.71 -17.93
CA ASN R 55 -61.35 -38.32 -18.10
C ASN R 55 -61.49 -36.82 -18.22
N ASP R 56 -60.63 -36.19 -19.05
CA ASP R 56 -60.65 -34.75 -19.21
C ASP R 56 -60.83 -34.41 -20.69
N PHE R 57 -62.09 -34.28 -21.11
CA PHE R 57 -62.40 -33.98 -22.51
C PHE R 57 -61.97 -32.56 -22.87
N ALA R 58 -62.15 -31.62 -21.95
CA ALA R 58 -61.94 -30.23 -22.28
C ALA R 58 -60.47 -29.97 -22.59
N SER R 59 -59.56 -30.57 -21.82
CA SER R 59 -58.14 -30.32 -22.08
C SER R 59 -57.75 -30.92 -23.43
N ALA R 60 -58.42 -32.01 -23.84
CA ALA R 60 -58.17 -32.54 -25.19
C ALA R 60 -58.50 -31.50 -26.24
N VAL R 61 -59.63 -30.81 -26.08
CA VAL R 61 -59.98 -29.77 -27.03
C VAL R 61 -58.94 -28.66 -26.98
N ARG R 62 -58.58 -28.25 -25.76
CA ARG R 62 -57.57 -27.17 -25.59
C ARG R 62 -56.27 -27.51 -26.29
N ILE R 63 -55.84 -28.77 -26.22
CA ILE R 63 -54.57 -29.17 -26.85
C ILE R 63 -54.66 -28.97 -28.35
N LEU R 64 -55.81 -29.32 -28.93
CA LEU R 64 -55.97 -29.03 -30.35
C LEU R 64 -55.89 -27.54 -30.63
N GLU R 65 -56.45 -26.71 -29.74
CA GLU R 65 -56.36 -25.27 -29.96
C GLU R 65 -54.92 -24.79 -29.92
N VAL R 66 -54.12 -25.33 -28.98
CA VAL R 66 -52.78 -24.76 -28.82
C VAL R 66 -51.89 -25.23 -29.97
N VAL R 67 -52.19 -26.40 -30.54
CA VAL R 67 -51.47 -26.84 -31.73
C VAL R 67 -51.71 -25.88 -32.88
N LYS R 68 -52.97 -25.51 -33.09
CA LYS R 68 -53.27 -24.54 -34.13
C LYS R 68 -52.58 -23.22 -33.85
N ASP R 69 -52.66 -22.78 -32.61
CA ASP R 69 -52.05 -21.52 -32.22
C ASP R 69 -50.55 -21.52 -32.45
N LYS R 70 -49.87 -22.63 -32.14
CA LYS R 70 -48.42 -22.62 -32.22
C LYS R 70 -47.93 -22.47 -33.65
N ALA R 71 -48.79 -22.78 -34.64
CA ALA R 71 -48.44 -22.66 -36.06
C ALA R 71 -48.43 -21.23 -36.56
N GLY R 72 -48.96 -20.29 -35.76
CA GLY R 72 -49.01 -18.90 -36.17
C GLY R 72 -49.60 -18.79 -37.58
N PRO R 73 -48.90 -18.12 -38.48
CA PRO R 73 -49.48 -17.88 -39.81
C PRO R 73 -49.36 -19.08 -40.75
N HIS R 74 -48.73 -20.16 -40.32
CA HIS R 74 -48.44 -21.32 -41.18
C HIS R 74 -49.69 -22.19 -41.19
N LYS R 75 -50.60 -21.81 -42.07
CA LYS R 75 -51.98 -22.29 -42.00
C LYS R 75 -52.14 -23.74 -42.42
N GLU R 76 -51.16 -24.33 -43.09
CA GLU R 76 -51.38 -25.72 -43.44
C GLU R 76 -50.86 -26.69 -42.40
N ILE R 77 -50.32 -26.23 -41.28
CA ILE R 77 -49.89 -27.20 -40.27
C ILE R 77 -51.10 -27.83 -39.60
N TYR R 78 -52.07 -27.01 -39.21
CA TYR R 78 -53.17 -27.57 -38.45
C TYR R 78 -53.98 -28.59 -39.25
N PRO R 79 -54.42 -28.31 -40.49
CA PRO R 79 -55.13 -29.36 -41.26
C PRO R 79 -54.31 -30.64 -41.43
N TYR R 80 -52.99 -30.54 -41.62
CA TYR R 80 -52.17 -31.77 -41.64
C TYR R 80 -52.25 -32.50 -40.31
N VAL R 81 -52.05 -31.79 -39.20
CA VAL R 81 -52.13 -32.47 -37.90
C VAL R 81 -53.47 -33.15 -37.74
N ILE R 82 -54.55 -32.42 -37.99
CA ILE R 82 -55.86 -33.02 -37.79
C ILE R 82 -56.03 -34.24 -38.69
N GLN R 83 -55.56 -34.15 -39.94
CA GLN R 83 -55.56 -35.31 -40.81
C GLN R 83 -54.87 -36.49 -40.16
N GLU R 84 -53.68 -36.27 -39.60
CA GLU R 84 -52.95 -37.35 -38.98
C GLU R 84 -53.65 -37.85 -37.71
N LEU R 85 -54.41 -36.98 -37.03
CA LEU R 85 -55.02 -37.38 -35.76
C LEU R 85 -56.42 -37.94 -35.93
N ARG R 86 -56.94 -37.91 -37.14
CA ARG R 86 -58.34 -38.23 -37.37
C ARG R 86 -58.75 -39.60 -36.84
N PRO R 87 -57.96 -40.66 -36.98
CA PRO R 87 -58.35 -41.94 -36.38
C PRO R 87 -58.48 -41.84 -34.89
N THR R 88 -57.48 -41.26 -34.22
CA THR R 88 -57.54 -41.11 -32.78
C THR R 88 -58.73 -40.25 -32.38
N LEU R 89 -58.96 -39.13 -33.09
CA LEU R 89 -60.10 -38.29 -32.75
C LEU R 89 -61.36 -39.11 -32.83
N ASN R 90 -61.44 -40.01 -33.80
CA ASN R 90 -62.65 -40.81 -33.99
C ASN R 90 -62.78 -41.86 -32.90
N GLU R 91 -61.70 -42.61 -32.70
CA GLU R 91 -61.71 -43.63 -31.67
C GLU R 91 -62.13 -43.08 -30.32
N LEU R 92 -61.61 -41.91 -29.94
CA LEU R 92 -61.85 -41.38 -28.60
C LEU R 92 -63.06 -40.48 -28.54
N GLY R 93 -63.68 -40.19 -29.67
CA GLY R 93 -64.79 -39.25 -29.65
C GLY R 93 -64.42 -37.82 -29.33
N ILE R 94 -63.23 -37.37 -29.73
CA ILE R 94 -62.84 -35.98 -29.52
C ILE R 94 -63.36 -35.10 -30.65
N SER R 95 -64.22 -34.13 -30.31
CA SER R 95 -64.65 -33.14 -31.29
C SER R 95 -63.59 -32.05 -31.42
N THR R 96 -63.34 -31.58 -32.65
CA THR R 96 -62.41 -30.46 -32.83
C THR R 96 -63.00 -29.16 -32.33
N PRO R 97 -62.14 -28.16 -32.00
CA PRO R 97 -62.65 -26.83 -31.63
C PRO R 97 -63.57 -26.25 -32.69
N GLU R 98 -63.25 -26.46 -33.96
CA GLU R 98 -64.11 -26.01 -35.03
C GLU R 98 -65.45 -26.71 -34.93
N GLU R 99 -65.43 -28.04 -34.84
CA GLU R 99 -66.69 -28.77 -34.69
C GLU R 99 -67.50 -28.32 -33.49
N LEU R 100 -66.87 -27.85 -32.43
CA LEU R 100 -67.64 -27.35 -31.28
C LEU R 100 -67.97 -25.88 -31.42
N GLY R 101 -67.65 -25.28 -32.57
CA GLY R 101 -67.78 -23.83 -32.74
C GLY R 101 -66.87 -22.98 -31.86
N LEU R 102 -65.89 -23.57 -31.18
CA LEU R 102 -65.04 -22.75 -30.29
C LEU R 102 -63.97 -21.96 -31.04
N ASP R 103 -63.99 -22.00 -32.36
CA ASP R 103 -63.10 -21.22 -33.19
C ASP R 103 -63.69 -19.89 -33.63
N LYS R 104 -64.92 -19.58 -33.24
CA LYS R 104 -65.54 -18.33 -33.65
C LYS R 104 -65.60 -17.40 -32.44
N VAL R 105 -65.54 -16.10 -32.69
CA VAL R 105 -65.80 -15.16 -31.61
C VAL R 105 -67.23 -14.66 -31.76
N ALA S 1 0.13 -11.68 34.43
CA ALA S 1 0.27 -10.27 34.12
C ALA S 1 -1.04 -9.69 33.55
N SER S 2 -2.16 -10.40 33.75
CA SER S 2 -3.45 -10.06 33.15
C SER S 2 -4.59 -10.01 34.16
N GLY S 3 -5.78 -10.44 33.76
CA GLY S 3 -6.98 -10.27 34.56
C GLY S 3 -8.21 -10.43 33.71
N GLY S 4 -9.37 -10.39 34.39
CA GLY S 4 -10.69 -10.61 33.78
C GLY S 4 -11.62 -9.41 33.86
N GLY S 5 -12.94 -9.57 34.13
CA GLY S 5 -13.84 -8.42 34.28
C GLY S 5 -14.66 -8.04 33.06
N VAL S 6 -14.51 -8.76 31.96
CA VAL S 6 -15.28 -8.49 30.74
C VAL S 6 -16.37 -9.55 30.66
N PRO S 7 -17.63 -9.17 30.61
CA PRO S 7 -18.69 -10.18 30.51
C PRO S 7 -18.56 -10.99 29.22
N THR S 8 -18.99 -12.24 29.26
CA THR S 8 -19.05 -13.05 28.03
C THR S 8 -20.45 -12.93 27.43
N ASP S 9 -20.58 -13.36 26.17
CA ASP S 9 -21.94 -13.45 25.62
C ASP S 9 -22.79 -14.41 26.43
N GLU S 10 -22.22 -15.54 26.85
CA GLU S 10 -23.00 -16.52 27.60
C GLU S 10 -23.59 -15.88 28.85
N GLU S 11 -22.88 -14.96 29.47
CA GLU S 11 -23.34 -14.25 30.65
C GLU S 11 -24.34 -13.16 30.33
N GLN S 12 -24.16 -12.41 29.24
CA GLN S 12 -24.84 -11.12 29.14
C GLN S 12 -25.69 -10.94 27.85
N ALA S 13 -25.49 -11.79 26.84
CA ALA S 13 -26.34 -11.65 25.67
C ALA S 13 -27.80 -11.80 26.08
N THR S 14 -28.69 -11.05 25.43
CA THR S 14 -30.11 -11.06 25.83
C THR S 14 -31.00 -11.07 24.58
N GLY S 15 -32.33 -11.18 24.77
CA GLY S 15 -33.25 -10.93 23.64
C GLY S 15 -33.01 -11.92 22.52
N LEU S 16 -33.14 -11.44 21.28
CA LEU S 16 -33.05 -12.34 20.13
C LEU S 16 -31.64 -12.85 19.96
N GLU S 17 -30.65 -12.00 20.21
CA GLU S 17 -29.27 -12.45 20.11
C GLU S 17 -29.07 -13.71 20.97
N ARG S 18 -29.52 -13.65 22.20
CA ARG S 18 -29.44 -14.81 23.08
C ARG S 18 -30.23 -16.00 22.54
N GLU S 19 -31.45 -15.78 22.03
CA GLU S 19 -32.18 -16.92 21.45
C GLU S 19 -31.38 -17.58 20.34
N VAL S 20 -30.77 -16.76 19.46
CA VAL S 20 -30.06 -17.32 18.31
C VAL S 20 -28.85 -18.10 18.79
N MET S 21 -28.19 -17.56 19.80
CA MET S 21 -27.00 -18.20 20.37
C MET S 21 -27.37 -19.53 21.01
N LEU S 22 -28.46 -19.55 21.76
CA LEU S 22 -28.88 -20.79 22.43
C LEU S 22 -29.33 -21.83 21.42
N ALA S 23 -30.10 -21.41 20.41
CA ALA S 23 -30.53 -22.39 19.41
C ALA S 23 -29.34 -22.95 18.62
N ALA S 24 -28.39 -22.09 18.29
CA ALA S 24 -27.21 -22.56 17.56
C ALA S 24 -26.49 -23.62 18.37
N ARG S 25 -26.49 -23.48 19.68
CA ARG S 25 -25.81 -24.45 20.54
C ARG S 25 -26.46 -25.83 20.44
N LYS S 26 -27.77 -25.87 20.25
CA LYS S 26 -28.57 -27.09 20.07
C LYS S 26 -28.60 -27.55 18.63
N GLY S 27 -27.86 -26.91 17.73
CA GLY S 27 -27.97 -27.17 16.30
C GLY S 27 -29.33 -26.93 15.68
N GLN S 28 -30.13 -26.00 16.22
CA GLN S 28 -31.42 -25.65 15.63
C GLN S 28 -31.31 -24.27 14.99
N ASP S 29 -32.15 -24.01 14.00
CA ASP S 29 -32.13 -22.75 13.26
C ASP S 29 -33.52 -22.15 13.20
N PRO S 30 -34.08 -21.74 14.33
CA PRO S 30 -35.44 -21.16 14.32
C PRO S 30 -35.55 -19.87 13.56
N TYR S 31 -34.45 -19.13 13.43
CA TYR S 31 -34.47 -17.82 12.78
C TYR S 31 -33.86 -17.83 11.39
N ASN S 32 -33.77 -19.00 10.79
CA ASN S 32 -33.59 -19.10 9.33
C ASN S 32 -32.27 -18.49 8.87
N ILE S 33 -31.26 -18.72 9.69
CA ILE S 33 -29.92 -18.21 9.37
C ILE S 33 -29.21 -19.07 8.34
N LEU S 34 -29.55 -20.34 8.25
CA LEU S 34 -28.86 -21.26 7.35
C LEU S 34 -29.72 -21.60 6.17
N ALA S 35 -29.10 -21.96 5.06
CA ALA S 35 -29.91 -22.54 3.98
C ALA S 35 -30.15 -24.02 4.27
N PRO S 36 -31.39 -24.48 4.27
CA PRO S 36 -31.65 -25.91 4.49
C PRO S 36 -31.10 -26.77 3.35
N LYS S 37 -30.69 -27.99 3.69
CA LYS S 37 -30.21 -28.92 2.68
C LYS S 37 -31.41 -29.63 2.07
N ALA S 38 -31.45 -29.74 0.75
CA ALA S 38 -32.59 -30.34 0.08
C ALA S 38 -32.60 -31.86 0.22
N THR S 39 -33.80 -32.47 0.16
CA THR S 39 -33.93 -33.91 0.02
C THR S 39 -33.87 -34.28 -1.47
N SER S 40 -34.18 -35.53 -1.81
CA SER S 40 -34.33 -35.89 -3.23
C SER S 40 -35.52 -35.17 -3.88
N GLY S 41 -36.48 -34.69 -3.09
CA GLY S 41 -37.67 -34.00 -3.58
C GLY S 41 -38.69 -34.82 -4.29
N THR S 42 -38.63 -36.15 -4.20
CA THR S 42 -39.67 -36.98 -4.77
C THR S 42 -40.92 -36.89 -3.91
N LYS S 43 -42.00 -37.51 -4.38
CA LYS S 43 -43.23 -37.57 -3.58
C LYS S 43 -43.04 -38.35 -2.29
N GLU S 44 -42.16 -39.37 -2.32
CA GLU S 44 -41.92 -40.16 -1.12
C GLU S 44 -41.01 -39.44 -0.17
N ASP S 45 -40.17 -38.53 -0.70
CA ASP S 45 -39.10 -37.90 0.08
C ASP S 45 -39.14 -36.40 -0.15
N PRO S 46 -40.24 -35.73 0.16
CA PRO S 46 -40.35 -34.30 -0.21
C PRO S 46 -39.45 -33.46 0.66
N ASN S 47 -39.16 -32.23 0.17
CA ASN S 47 -38.49 -31.26 1.01
C ASN S 47 -39.47 -30.85 2.10
N LEU S 48 -39.01 -30.82 3.35
CA LEU S 48 -39.85 -30.52 4.52
C LEU S 48 -39.66 -29.04 4.88
N VAL S 49 -40.72 -28.24 4.75
CA VAL S 49 -40.64 -26.78 4.91
C VAL S 49 -41.31 -26.44 6.24
N PRO S 50 -40.56 -26.08 7.26
CA PRO S 50 -41.16 -25.64 8.52
C PRO S 50 -41.87 -24.30 8.34
N SER S 51 -42.93 -24.11 9.10
CA SER S 51 -43.58 -22.79 9.12
C SER S 51 -44.27 -22.66 10.46
N ILE S 52 -44.31 -21.43 10.95
CA ILE S 52 -45.13 -21.09 12.11
C ILE S 52 -46.59 -20.92 11.79
N THR S 53 -46.97 -20.99 10.52
CA THR S 53 -48.36 -20.78 10.16
C THR S 53 -48.75 -21.83 9.14
N ASN S 54 -49.75 -21.58 8.30
CA ASN S 54 -50.27 -22.61 7.40
C ASN S 54 -49.87 -22.41 5.94
N LYS S 55 -48.93 -21.51 5.65
CA LYS S 55 -48.45 -21.40 4.30
C LYS S 55 -47.16 -20.58 4.36
N ARG S 56 -46.29 -20.84 3.42
CA ARG S 56 -45.01 -20.13 3.44
C ARG S 56 -44.52 -20.09 2.01
N ILE S 57 -43.83 -18.99 1.63
CA ILE S 57 -43.32 -18.90 0.27
C ILE S 57 -42.06 -19.73 0.15
N VAL S 58 -42.02 -20.50 -0.93
CA VAL S 58 -40.89 -21.33 -1.28
C VAL S 58 -40.29 -20.75 -2.55
N GLY S 59 -38.96 -20.65 -2.61
CA GLY S 59 -38.27 -20.37 -3.86
C GLY S 59 -37.51 -21.60 -4.28
N CYS S 60 -37.66 -21.98 -5.54
CA CYS S 60 -37.05 -23.24 -5.99
C CYS S 60 -36.09 -22.90 -7.12
N ILE S 61 -34.84 -23.32 -6.96
CA ILE S 61 -33.78 -23.12 -7.95
C ILE S 61 -33.66 -24.47 -8.63
N CYS S 62 -34.21 -24.61 -9.83
CA CYS S 62 -34.45 -25.97 -10.34
C CYS S 62 -33.17 -26.73 -10.60
N GLU S 63 -32.25 -26.14 -11.35
CA GLU S 63 -30.91 -26.68 -11.57
C GLU S 63 -29.88 -25.77 -10.95
N GLU S 64 -28.79 -26.35 -10.50
CA GLU S 64 -27.75 -25.55 -9.87
C GLU S 64 -27.33 -24.45 -10.83
N ASP S 65 -27.07 -23.27 -10.28
CA ASP S 65 -26.61 -22.09 -11.01
C ASP S 65 -27.65 -21.48 -11.94
N ASN S 66 -28.89 -22.02 -12.04
CA ASN S 66 -29.99 -21.23 -12.61
C ASN S 66 -29.99 -19.87 -11.92
N SER S 67 -30.11 -18.78 -12.70
CA SER S 67 -30.29 -17.47 -12.10
C SER S 67 -31.75 -17.20 -11.79
N THR S 68 -32.66 -17.93 -12.42
CA THR S 68 -34.09 -17.71 -12.20
C THR S 68 -34.58 -18.56 -11.02
N VAL S 69 -35.18 -17.90 -9.99
CA VAL S 69 -35.77 -18.59 -8.87
C VAL S 69 -37.27 -18.63 -9.12
N ILE S 70 -37.89 -19.77 -8.87
CA ILE S 70 -39.34 -20.00 -9.05
C ILE S 70 -39.98 -19.93 -7.67
N TRP S 71 -40.91 -19.01 -7.48
CA TRP S 71 -41.49 -18.72 -6.18
C TRP S 71 -42.95 -19.16 -6.14
N PHE S 72 -43.40 -19.70 -5.03
CA PHE S 72 -44.83 -20.05 -4.90
C PHE S 72 -45.16 -20.21 -3.43
N TRP S 73 -46.43 -19.99 -3.12
CA TRP S 73 -46.89 -20.32 -1.76
C TRP S 73 -47.06 -21.84 -1.59
N LEU S 74 -46.41 -22.40 -0.60
CA LEU S 74 -46.68 -23.78 -0.18
C LEU S 74 -47.70 -23.79 0.95
N HIS S 75 -48.84 -24.52 0.77
CA HIS S 75 -49.86 -24.57 1.80
C HIS S 75 -49.77 -25.86 2.59
N LYS S 76 -50.28 -25.80 3.80
CA LYS S 76 -50.38 -26.98 4.67
C LYS S 76 -51.21 -28.05 3.97
N GLY S 77 -50.86 -29.32 4.21
CA GLY S 77 -51.61 -30.46 3.70
C GLY S 77 -50.76 -31.30 2.74
N GLU S 78 -51.38 -31.79 1.67
CA GLU S 78 -50.66 -32.65 0.73
C GLU S 78 -49.51 -31.90 0.13
N ALA S 79 -48.34 -32.57 0.01
CA ALA S 79 -47.18 -31.98 -0.66
C ALA S 79 -47.52 -31.38 -2.02
N GLN S 80 -46.88 -30.26 -2.36
CA GLN S 80 -47.06 -29.61 -3.64
C GLN S 80 -45.77 -29.69 -4.43
N ARG S 81 -45.86 -29.45 -5.73
CA ARG S 81 -44.71 -29.51 -6.64
C ARG S 81 -44.35 -28.12 -7.13
N CYS S 82 -43.04 -27.85 -7.24
CA CYS S 82 -42.56 -26.64 -7.88
C CYS S 82 -43.11 -26.53 -9.29
N PRO S 83 -43.79 -25.42 -9.61
CA PRO S 83 -44.29 -25.23 -10.98
C PRO S 83 -43.23 -25.42 -12.06
N SER S 84 -41.98 -25.05 -11.81
CA SER S 84 -41.08 -25.21 -12.94
C SER S 84 -40.70 -26.67 -13.11
N CYS S 85 -40.03 -27.24 -12.11
CA CYS S 85 -39.38 -28.53 -12.28
C CYS S 85 -39.97 -29.64 -11.43
N GLY S 86 -41.08 -29.40 -10.73
CA GLY S 86 -41.83 -30.51 -10.13
C GLY S 86 -41.32 -31.02 -8.81
N THR S 87 -40.21 -30.48 -8.28
CA THR S 87 -39.73 -31.06 -7.03
C THR S 87 -40.75 -30.79 -5.93
N HIS S 88 -40.92 -31.77 -5.06
CA HIS S 88 -41.98 -31.77 -4.07
C HIS S 88 -41.56 -31.06 -2.80
N TYR S 89 -42.49 -30.36 -2.19
CA TYR S 89 -42.32 -29.71 -0.91
C TYR S 89 -43.54 -30.02 -0.05
N LYS S 90 -43.32 -30.17 1.24
CA LYS S 90 -44.40 -30.39 2.18
C LYS S 90 -44.23 -29.49 3.37
N LEU S 91 -45.30 -28.75 3.73
CA LEU S 91 -45.24 -27.88 4.89
C LEU S 91 -45.28 -28.70 6.18
N VAL S 92 -44.42 -28.37 7.12
CA VAL S 92 -44.50 -29.00 8.42
C VAL S 92 -44.76 -27.85 9.39
N PRO S 93 -46.00 -27.49 9.71
CA PRO S 93 -46.19 -26.45 10.72
C PRO S 93 -45.60 -26.88 12.06
N HIS S 94 -45.13 -25.88 12.82
CA HIS S 94 -44.59 -26.08 14.16
C HIS S 94 -44.39 -24.73 14.84
N GLN S 95 -44.70 -24.67 16.15
CA GLN S 95 -44.36 -23.52 17.01
C GLN S 95 -42.87 -23.20 16.83
N LEU S 96 -42.41 -22.05 17.30
CA LEU S 96 -40.99 -21.77 17.15
C LEU S 96 -40.16 -22.61 18.12
N ALA S 97 -40.64 -22.76 19.35
CA ALA S 97 -39.87 -23.44 20.39
C ALA S 97 -39.54 -24.87 19.97
N HIS S 98 -38.27 -25.23 20.09
CA HIS S 98 -37.84 -26.61 19.96
C HIS S 98 -37.00 -26.99 21.18
N ALA T 1 9.32 -6.01 7.18
CA ALA T 1 10.18 -5.71 6.04
C ALA T 1 10.86 -4.33 6.20
N SER T 2 12.22 -4.35 6.19
CA SER T 2 13.18 -3.23 6.27
C SER T 2 13.59 -2.90 7.71
N ALA T 3 12.68 -3.04 8.67
CA ALA T 3 13.00 -2.81 10.08
C ALA T 3 13.78 -4.00 10.65
N ALA T 4 13.40 -4.47 11.84
CA ALA T 4 14.03 -5.66 12.42
C ALA T 4 13.18 -6.30 13.50
N LYS T 5 13.69 -6.33 14.74
CA LYS T 5 12.92 -6.92 15.84
C LYS T 5 12.82 -8.44 15.60
N GLY T 6 11.66 -9.04 15.90
CA GLY T 6 11.35 -10.38 15.42
C GLY T 6 10.49 -11.33 16.25
N ASP T 7 9.22 -10.99 16.57
CA ASP T 7 8.37 -11.92 17.32
C ASP T 7 7.50 -12.73 16.38
N HIS T 8 6.19 -12.46 16.38
CA HIS T 8 5.18 -13.16 15.57
C HIS T 8 5.02 -14.63 15.94
N GLY T 9 5.39 -15.03 17.18
CA GLY T 9 5.26 -16.38 17.69
C GLY T 9 3.88 -16.78 18.15
N GLY T 10 2.90 -15.92 17.88
CA GLY T 10 1.57 -15.92 18.51
C GLY T 10 1.22 -14.50 18.97
N TPO T 11 0.28 -13.86 18.28
CA TPO T 11 -0.10 -12.48 18.60
CB TPO T 11 -0.65 -11.74 17.36
CG2 TPO T 11 -2.12 -11.31 17.36
OG1 TPO T 11 0.11 -10.55 17.17
P TPO T 11 1.59 -10.71 16.56
O1P TPO T 11 1.56 -11.94 15.55
O2P TPO T 11 2.61 -11.03 17.73
O3P TPO T 11 2.09 -9.40 15.78
C TPO T 11 -1.08 -12.51 19.74
O TPO T 11 -1.91 -13.41 19.86
N GLY T 12 -0.96 -11.52 20.62
CA GLY T 12 -1.88 -11.31 21.71
C GLY T 12 -1.81 -9.94 22.41
N ALA T 13 -2.59 -9.76 23.46
CA ALA T 13 -2.57 -8.50 24.19
C ALA T 13 -1.20 -8.24 24.78
N ARG T 14 -0.56 -9.27 25.33
CA ARG T 14 0.75 -9.02 25.94
C ARG T 14 1.75 -8.47 24.93
N THR T 15 1.75 -9.01 23.73
CA THR T 15 2.67 -8.51 22.69
C THR T 15 2.34 -7.07 22.30
N TRP T 16 1.04 -6.75 22.14
CA TRP T 16 0.72 -5.37 21.73
C TRP T 16 0.99 -4.37 22.86
N ARG T 17 0.85 -4.77 24.13
CA ARG T 17 1.27 -3.90 25.23
C ARG T 17 2.79 -3.72 25.22
N PHE T 18 3.50 -4.82 24.98
CA PHE T 18 4.97 -4.73 24.82
C PHE T 18 5.32 -3.71 23.73
N LEU T 19 4.68 -3.80 22.57
CA LEU T 19 4.93 -2.81 21.49
C LEU T 19 4.53 -1.40 21.92
N THR T 20 3.42 -1.26 22.66
CA THR T 20 2.97 0.06 23.10
C THR T 20 4.01 0.71 23.99
N PHE T 21 4.43 0.00 25.06
CA PHE T 21 5.41 0.59 25.99
C PHE T 21 6.85 0.48 25.54
N GLY T 22 7.19 -0.44 24.65
CA GLY T 22 8.61 -0.66 24.40
C GLY T 22 9.04 0.00 23.08
N LEU T 23 8.10 0.31 22.19
CA LEU T 23 8.49 0.91 20.90
C LEU T 23 7.69 2.19 20.67
N ALA T 24 6.38 2.13 20.81
CA ALA T 24 5.55 3.24 20.36
C ALA T 24 5.69 4.45 21.29
N LEU T 25 5.45 4.27 22.60
CA LEU T 25 5.59 5.45 23.46
C LEU T 25 7.03 5.93 23.56
N PRO T 26 8.03 5.04 23.57
CA PRO T 26 9.40 5.59 23.49
C PRO T 26 9.59 6.45 22.24
N SER T 27 9.01 6.08 21.09
CA SER T 27 9.14 6.90 19.86
C SER T 27 8.57 8.26 20.09
N VAL T 28 7.37 8.31 20.68
CA VAL T 28 6.73 9.58 20.96
C VAL T 28 7.59 10.40 21.91
N ALA T 29 8.16 9.74 22.92
CA ALA T 29 9.01 10.48 23.86
C ALA T 29 10.22 11.04 23.13
N LEU T 30 10.85 10.25 22.28
CA LEU T 30 11.99 10.78 21.54
C LEU T 30 11.56 11.94 20.66
N CYS T 31 10.47 11.78 19.89
CA CYS T 31 10.07 12.92 19.02
C CYS T 31 9.66 14.12 19.83
N THR T 32 9.08 13.91 21.02
CA THR T 32 8.73 15.04 21.88
C THR T 32 10.00 15.81 22.29
N LEU T 33 11.03 15.07 22.74
CA LEU T 33 12.34 15.66 23.01
C LEU T 33 12.86 16.43 21.79
N ASN T 34 13.00 15.75 20.65
CA ASN T 34 13.44 16.45 19.44
C ASN T 34 12.66 17.74 19.18
N SER T 35 11.33 17.70 19.30
CA SER T 35 10.54 18.92 19.06
C SER T 35 10.82 19.98 20.11
N TRP T 36 10.97 19.58 21.37
CA TRP T 36 11.27 20.52 22.44
C TRP T 36 12.62 21.21 22.24
N LEU T 37 13.51 20.67 21.41
CA LEU T 37 14.81 21.29 21.19
C LEU T 37 14.76 22.32 20.05
N HIS T 38 14.20 21.93 18.91
CA HIS T 38 14.14 22.80 17.74
C HIS T 38 12.96 23.76 17.79
N SER T 39 12.46 24.05 18.98
CA SER T 39 11.47 25.09 19.14
C SER T 39 12.19 26.41 19.38
N GLY T 40 11.42 27.46 19.60
CA GLY T 40 12.02 28.76 19.80
C GLY T 40 11.78 29.59 18.55
N HIS T 41 11.37 30.84 18.75
CA HIS T 41 10.80 31.59 17.64
C HIS T 41 11.88 31.98 16.64
N ARG T 42 11.65 31.61 15.39
CA ARG T 42 12.49 32.08 14.30
C ARG T 42 12.23 33.56 14.05
N GLU T 43 13.23 34.22 13.46
CA GLU T 43 13.04 35.60 13.02
C GLU T 43 11.98 35.65 11.92
N ARG T 44 11.05 36.59 12.05
CA ARG T 44 10.04 36.68 11.00
C ARG T 44 10.59 37.40 9.77
N PRO T 45 10.09 37.08 8.58
CA PRO T 45 10.65 37.67 7.36
C PRO T 45 9.98 38.99 7.04
N ALA T 46 10.79 39.84 6.39
CA ALA T 46 10.29 41.10 5.90
C ALA T 46 8.94 40.89 5.22
N PHE T 47 8.01 41.79 5.48
CA PHE T 47 6.76 41.80 4.77
C PHE T 47 6.95 42.26 3.33
N ILE T 48 6.37 41.53 2.39
CA ILE T 48 6.30 41.93 0.99
C ILE T 48 4.84 41.72 0.62
N PRO T 49 4.10 42.76 0.15
CA PRO T 49 2.65 42.59 -0.12
C PRO T 49 2.35 41.87 -1.42
N TYR T 50 2.86 40.63 -1.52
CA TYR T 50 2.60 39.73 -2.64
C TYR T 50 1.12 39.63 -2.90
N HIS T 51 0.75 39.61 -4.17
CA HIS T 51 -0.68 39.64 -4.47
C HIS T 51 -1.31 38.26 -4.47
N HIS T 52 -0.51 37.21 -4.41
CA HIS T 52 -1.07 35.87 -4.27
C HIS T 52 -1.23 35.45 -2.82
N LEU T 53 -0.93 36.32 -1.87
CA LEU T 53 -1.02 36.00 -0.45
C LEU T 53 -1.94 37.01 0.22
N ARG T 54 -2.35 36.72 1.47
CA ARG T 54 -3.25 37.62 2.21
C ARG T 54 -4.45 37.97 1.35
N ILE T 55 -5.05 36.94 0.73
CA ILE T 55 -6.17 37.15 -0.18
C ILE T 55 -7.39 37.68 0.58
N ARG T 56 -8.09 38.63 -0.01
CA ARG T 56 -9.33 39.16 0.59
C ARG T 56 -10.31 39.42 -0.56
N THR T 57 -11.12 38.43 -0.90
CA THR T 57 -12.20 38.64 -1.85
C THR T 57 -13.53 38.91 -1.19
N LYS T 58 -13.66 38.65 0.12
CA LYS T 58 -14.87 38.91 0.85
C LYS T 58 -14.39 39.01 2.28
N PRO T 59 -14.96 39.86 3.12
CA PRO T 59 -14.46 39.92 4.51
C PRO T 59 -14.80 38.64 5.26
N PHE T 60 -13.91 38.21 6.15
CA PHE T 60 -14.20 37.08 7.04
C PHE T 60 -15.40 37.41 7.90
N SER T 61 -16.22 36.37 8.23
CA SER T 61 -17.47 36.54 8.98
C SER T 61 -17.28 36.66 10.51
N TRP T 62 -16.13 37.16 10.96
CA TRP T 62 -15.87 37.37 12.38
C TRP T 62 -14.96 38.59 12.54
N GLY T 63 -14.84 39.09 13.77
CA GLY T 63 -13.91 40.20 14.03
C GLY T 63 -14.11 41.40 13.11
N ASP T 64 -13.00 42.01 12.69
CA ASP T 64 -13.08 43.16 11.79
C ASP T 64 -13.13 42.75 10.31
N GLY T 65 -13.30 41.47 10.03
CA GLY T 65 -13.36 41.04 8.65
C GLY T 65 -12.02 40.80 8.00
N ASN T 66 -10.93 41.25 8.59
CA ASN T 66 -9.62 41.25 7.94
C ASN T 66 -8.60 40.38 8.66
N HIS T 67 -9.00 39.65 9.71
CA HIS T 67 -8.12 38.78 10.48
C HIS T 67 -8.51 37.33 10.23
N THR T 68 -7.52 36.47 9.95
CA THR T 68 -7.84 35.04 9.82
C THR T 68 -8.22 34.45 11.19
N PHE T 69 -8.78 33.24 11.16
CA PHE T 69 -9.43 32.69 12.35
C PHE T 69 -8.44 32.46 13.51
N PHE T 70 -7.22 31.99 13.21
CA PHE T 70 -6.15 31.76 14.17
C PHE T 70 -4.98 32.71 13.92
N HIS T 71 -5.35 33.95 13.57
CA HIS T 71 -4.40 35.03 13.44
C HIS T 71 -3.41 35.09 14.61
N ASN T 72 -2.13 35.13 14.28
CA ASN T 72 -1.06 35.24 15.25
C ASN T 72 -0.38 36.57 14.93
N PRO T 73 -0.53 37.62 15.72
CA PRO T 73 0.10 38.93 15.36
C PRO T 73 1.59 38.86 15.13
N ARG T 74 2.26 37.89 15.74
CA ARG T 74 3.69 37.90 15.65
C ARG T 74 4.14 37.44 14.27
N VAL T 75 3.35 36.60 13.62
CA VAL T 75 3.86 35.97 12.41
C VAL T 75 2.90 36.09 11.23
N ASN T 76 1.68 36.59 11.47
CA ASN T 76 0.74 36.71 10.36
C ASN T 76 0.52 38.18 10.05
N PRO T 77 1.14 38.70 8.98
CA PRO T 77 0.84 40.08 8.56
C PRO T 77 -0.54 40.20 7.95
N LEU T 78 -1.16 41.36 8.13
CA LEU T 78 -2.36 41.78 7.40
C LEU T 78 -2.00 42.13 5.96
N PRO T 79 -2.99 42.32 5.09
CA PRO T 79 -2.66 42.71 3.69
C PRO T 79 -1.75 43.94 3.65
N THR T 80 -1.85 44.79 4.66
CA THR T 80 -1.03 46.01 4.78
C THR T 80 0.22 45.85 5.61
N GLY T 81 0.50 44.66 6.13
CA GLY T 81 1.73 44.39 6.84
C GLY T 81 1.49 43.94 8.27
N TYR T 82 2.60 43.76 9.00
CA TYR T 82 2.50 43.37 10.40
C TYR T 82 1.81 44.45 11.21
N GLU T 83 1.05 44.02 12.21
CA GLU T 83 0.45 44.93 13.16
C GLU T 83 1.46 45.45 14.18
N LYS T 84 1.05 46.49 14.92
CA LYS T 84 1.94 47.24 15.80
C LYS T 84 2.58 46.41 16.92
N LYS U 1 19.82 42.00 -36.99
CA LYS U 1 20.56 40.78 -36.67
C LYS U 1 19.63 39.59 -36.50
N ILE U 2 19.84 38.54 -37.31
CA ILE U 2 19.10 37.28 -37.27
C ILE U 2 17.58 37.51 -37.19
N LYS U 3 17.12 38.70 -37.64
CA LYS U 3 15.72 39.14 -37.54
C LYS U 3 14.80 38.58 -38.63
N ASN U 4 14.00 39.46 -39.25
CA ASN U 4 12.88 39.10 -40.14
C ASN U 4 11.67 38.57 -39.37
N TYR U 5 11.50 39.02 -38.14
CA TYR U 5 10.54 38.42 -37.21
C TYR U 5 9.12 38.67 -37.66
N GLN U 6 8.33 37.60 -37.86
CA GLN U 6 6.91 37.78 -38.10
C GLN U 6 6.13 37.53 -36.81
N THR U 7 6.16 36.31 -36.30
CA THR U 7 5.52 36.07 -35.01
C THR U 7 6.35 35.02 -34.28
N ALA U 8 5.92 34.65 -33.08
CA ALA U 8 6.70 33.69 -32.33
C ALA U 8 6.62 32.35 -33.05
N PRO U 9 7.74 31.73 -33.36
CA PRO U 9 7.71 30.38 -33.95
C PRO U 9 7.24 29.31 -32.97
N PHE U 10 6.88 28.13 -33.49
CA PHE U 10 6.62 26.96 -32.63
C PHE U 10 7.82 26.71 -31.71
N ASP U 11 7.54 26.35 -30.46
CA ASP U 11 8.56 26.12 -29.43
C ASP U 11 8.29 24.75 -28.85
N SER U 12 9.20 23.80 -29.07
CA SER U 12 8.97 22.42 -28.66
C SER U 12 8.84 22.28 -27.15
N ARG U 13 9.39 23.22 -26.39
CA ARG U 13 9.11 23.24 -24.94
C ARG U 13 7.62 23.40 -24.59
N PHE U 14 6.82 23.99 -25.48
CA PHE U 14 5.44 24.40 -25.20
C PHE U 14 4.58 24.00 -26.40
N PRO U 15 4.38 22.70 -26.61
CA PRO U 15 3.69 22.19 -27.80
C PRO U 15 2.18 22.03 -27.67
N ASN U 16 1.60 22.32 -26.53
CA ASN U 16 0.17 22.06 -26.31
C ASN U 16 -0.69 23.32 -26.35
N GLN U 17 -2.00 23.11 -26.19
CA GLN U 17 -2.93 24.23 -26.29
C GLN U 17 -2.71 25.26 -25.20
N ASN U 18 -2.27 24.86 -24.04
CA ASN U 18 -2.05 25.81 -22.97
C ASN U 18 -0.69 26.46 -23.18
N GLN U 19 -0.67 27.75 -23.56
CA GLN U 19 0.55 28.47 -23.85
C GLN U 19 0.98 29.40 -22.73
N THR U 20 0.34 29.29 -21.56
CA THR U 20 0.59 30.24 -20.48
C THR U 20 2.07 30.29 -20.14
N ARG U 21 2.66 29.10 -19.96
CA ARG U 21 4.08 29.05 -19.54
C ARG U 21 5.04 29.65 -20.59
N ASN U 22 4.73 29.48 -21.87
CA ASN U 22 5.51 30.09 -22.98
C ASN U 22 5.56 31.61 -22.88
N CYS U 23 4.43 32.25 -22.61
CA CYS U 23 4.38 33.68 -22.37
C CYS U 23 5.20 34.05 -21.14
N TRP U 24 5.00 33.32 -20.04
CA TRP U 24 5.72 33.61 -18.80
C TRP U 24 7.22 33.46 -18.96
N GLN U 25 7.64 32.36 -19.58
CA GLN U 25 9.06 32.07 -19.72
C GLN U 25 9.76 33.16 -20.52
N ASN U 26 9.16 33.62 -21.62
CA ASN U 26 9.84 34.64 -22.42
C ASN U 26 9.83 35.98 -21.72
N TYR U 27 8.79 36.24 -20.94
CA TYR U 27 8.75 37.46 -20.15
C TYR U 27 9.89 37.45 -19.15
N LEU U 28 10.03 36.33 -18.44
CA LEU U 28 11.15 36.17 -17.51
C LEU U 28 12.48 36.28 -18.23
N ASP U 29 12.64 35.51 -19.33
CA ASP U 29 13.90 35.51 -20.05
C ASP U 29 14.28 36.93 -20.48
N PHE U 30 13.33 37.67 -21.06
CA PHE U 30 13.65 39.02 -21.46
C PHE U 30 14.12 39.86 -20.28
N HIS U 31 13.40 39.83 -19.17
CA HIS U 31 13.79 40.68 -18.05
C HIS U 31 15.02 40.16 -17.34
N ARG U 32 15.24 38.86 -17.33
CA ARG U 32 16.51 38.37 -16.79
C ARG U 32 17.67 38.86 -17.62
N CYS U 33 17.57 38.67 -18.94
CA CYS U 33 18.59 39.16 -19.86
C CYS U 33 18.78 40.66 -19.73
N GLU U 34 17.69 41.40 -19.66
CA GLU U 34 17.81 42.85 -19.62
C GLU U 34 18.54 43.30 -18.37
N LYS U 35 18.18 42.72 -17.23
CA LYS U 35 18.90 43.02 -16.00
C LYS U 35 20.38 42.70 -16.12
N ALA U 36 20.73 41.60 -16.79
CA ALA U 36 22.14 41.22 -16.87
C ALA U 36 22.92 42.21 -17.73
N MET U 37 22.34 42.69 -18.84
CA MET U 37 23.08 43.63 -19.70
C MET U 37 23.24 45.01 -19.08
N THR U 38 22.44 45.36 -18.07
CA THR U 38 22.51 46.68 -17.46
C THR U 38 23.55 46.73 -16.36
N ALA U 39 23.61 45.68 -15.55
CA ALA U 39 24.54 45.60 -14.44
C ALA U 39 25.97 45.28 -14.88
N LYS U 40 26.23 45.19 -16.18
CA LYS U 40 27.53 44.79 -16.71
C LYS U 40 27.85 45.64 -17.93
N GLY U 41 28.99 45.37 -18.57
CA GLY U 41 29.36 46.05 -19.81
C GLY U 41 28.72 45.51 -21.08
N GLY U 42 27.40 45.65 -21.23
CA GLY U 42 26.64 45.17 -22.37
C GLY U 42 25.43 46.04 -22.65
N ASP U 43 24.64 45.65 -23.67
CA ASP U 43 23.52 46.45 -24.17
C ASP U 43 22.30 45.57 -24.43
N VAL U 44 21.10 46.14 -24.22
CA VAL U 44 19.88 45.33 -24.16
C VAL U 44 19.46 44.75 -25.50
N SER U 45 20.02 45.23 -26.61
CA SER U 45 19.67 44.68 -27.92
C SER U 45 19.84 43.17 -28.01
N VAL U 46 20.71 42.59 -27.17
CA VAL U 46 20.88 41.15 -27.19
C VAL U 46 19.61 40.47 -26.67
N CYS U 47 18.83 41.15 -25.84
CA CYS U 47 17.64 40.58 -25.22
C CYS U 47 16.42 40.59 -26.14
N GLU U 48 16.58 40.91 -27.43
CA GLU U 48 15.46 41.38 -28.23
C GLU U 48 14.51 40.25 -28.64
N TRP U 49 15.06 39.08 -28.96
CA TRP U 49 14.22 37.94 -29.30
C TRP U 49 13.16 37.69 -28.24
N TYR U 50 13.57 37.55 -26.97
CA TYR U 50 12.62 37.32 -25.89
C TYR U 50 11.57 38.41 -25.83
N ARG U 51 12.01 39.64 -26.06
CA ARG U 51 11.10 40.78 -26.06
C ARG U 51 10.03 40.61 -27.11
N ARG U 52 10.43 40.22 -28.32
CA ARG U 52 9.45 40.07 -29.39
C ARG U 52 8.52 38.93 -29.11
N VAL U 53 9.06 37.79 -28.66
CA VAL U 53 8.19 36.62 -28.42
C VAL U 53 7.18 36.93 -27.32
N TYR U 54 7.62 37.52 -26.20
CA TYR U 54 6.62 37.69 -25.14
C TYR U 54 5.66 38.80 -25.51
N LYS U 55 6.12 39.80 -26.24
CA LYS U 55 5.17 40.83 -26.65
C LYS U 55 4.12 40.26 -27.60
N SER U 56 4.54 39.34 -28.47
CA SER U 56 3.61 38.63 -29.37
C SER U 56 2.61 37.77 -28.60
N LEU U 57 3.07 36.98 -27.63
CA LEU U 57 2.24 35.93 -27.00
C LEU U 57 1.47 36.44 -25.79
N CYS U 58 1.99 37.39 -25.03
CA CYS U 58 1.42 37.70 -23.72
C CYS U 58 0.29 38.71 -23.83
N PRO U 59 -0.87 38.44 -23.21
CA PRO U 59 -1.93 39.48 -23.05
C PRO U 59 -1.37 40.78 -22.51
N ILE U 60 -1.80 41.90 -23.09
CA ILE U 60 -1.34 43.21 -22.65
C ILE U 60 -1.56 43.40 -21.16
N SER U 61 -2.66 42.87 -20.62
CA SER U 61 -2.92 43.09 -19.19
C SER U 61 -1.99 42.24 -18.32
N TRP U 62 -1.53 41.10 -18.81
CA TRP U 62 -0.55 40.33 -18.04
C TRP U 62 0.76 41.11 -17.97
N VAL U 63 1.23 41.57 -19.11
CA VAL U 63 2.49 42.34 -19.13
C VAL U 63 2.37 43.53 -18.20
N SER U 64 1.26 44.28 -18.33
CA SER U 64 1.08 45.47 -17.53
C SER U 64 1.07 45.15 -16.04
N THR U 65 0.34 44.08 -15.64
CA THR U 65 0.33 43.68 -14.24
C THR U 65 1.72 43.25 -13.77
N TRP U 66 2.41 42.43 -14.56
CA TRP U 66 3.73 41.97 -14.16
C TRP U 66 4.67 43.16 -14.03
N ASP U 67 4.62 44.09 -15.00
CA ASP U 67 5.47 45.30 -14.94
C ASP U 67 5.22 46.07 -13.65
N ASP U 68 3.95 46.35 -13.35
CA ASP U 68 3.58 47.03 -12.10
C ASP U 68 4.12 46.29 -10.90
N ARG U 69 3.99 44.95 -10.87
CA ARG U 69 4.50 44.28 -9.69
C ARG U 69 6.02 44.30 -9.61
N ARG U 70 6.74 44.23 -10.74
CA ARG U 70 8.19 44.41 -10.65
C ARG U 70 8.52 45.78 -10.05
N ALA U 71 7.79 46.82 -10.48
CA ALA U 71 8.04 48.16 -9.94
C ALA U 71 7.74 48.21 -8.45
N GLU U 72 6.67 47.53 -8.01
CA GLU U 72 6.22 47.47 -6.62
C GLU U 72 7.14 46.66 -5.72
N GLY U 73 7.94 45.72 -6.25
CA GLY U 73 8.70 44.80 -5.45
C GLY U 73 7.92 43.54 -5.09
N THR U 74 6.81 43.27 -5.76
CA THR U 74 5.96 42.12 -5.45
C THR U 74 5.92 41.08 -6.57
N PHE U 75 6.77 41.20 -7.57
CA PHE U 75 6.80 40.23 -8.66
C PHE U 75 7.31 38.91 -8.10
N PRO U 76 6.55 37.78 -8.23
CA PRO U 76 6.92 36.56 -7.49
C PRO U 76 7.94 35.67 -8.20
N GLY U 77 8.18 35.94 -9.50
CA GLY U 77 9.19 35.21 -10.23
C GLY U 77 10.58 35.78 -9.97
N LYS U 78 11.60 34.98 -10.21
CA LYS U 78 12.97 35.40 -9.91
C LYS U 78 13.59 36.04 -11.13
N ILE U 79 14.12 37.25 -10.97
CA ILE U 79 14.72 37.91 -12.12
C ILE U 79 16.16 38.25 -11.83
C1A SAC V 1 -57.59 -39.88 -52.28
C2A SAC V 1 -57.44 -41.24 -52.91
OAC SAC V 1 -57.13 -39.63 -51.19
N SAC V 1 -58.24 -38.97 -53.01
CA SAC V 1 -57.63 -37.74 -53.47
C SAC V 1 -56.15 -37.78 -53.30
O SAC V 1 -55.45 -38.57 -53.97
CB SAC V 1 -58.20 -36.53 -52.73
OG SAC V 1 -57.72 -36.46 -51.38
N THR V 2 -55.63 -36.93 -52.42
CA THR V 2 -54.25 -37.02 -52.02
C THR V 2 -54.12 -36.44 -50.63
N ALA V 3 -53.51 -37.22 -49.75
CA ALA V 3 -53.31 -36.80 -48.38
C ALA V 3 -52.45 -35.52 -48.35
N LEU V 4 -52.74 -34.65 -47.39
CA LEU V 4 -51.85 -33.50 -47.15
C LEU V 4 -50.46 -34.00 -46.77
N ALA V 5 -49.44 -33.33 -47.31
CA ALA V 5 -48.06 -33.65 -46.98
C ALA V 5 -47.63 -32.86 -45.74
N LYS V 6 -46.66 -33.40 -45.02
CA LYS V 6 -46.18 -32.87 -43.74
C LYS V 6 -45.51 -31.52 -43.97
N PRO V 7 -46.04 -30.40 -43.47
CA PRO V 7 -45.30 -29.14 -43.61
C PRO V 7 -44.19 -29.07 -42.59
N GLN V 8 -43.27 -28.11 -42.81
CA GLN V 8 -42.28 -27.78 -41.79
C GLN V 8 -42.96 -27.44 -40.47
N MET V 9 -42.57 -28.11 -39.40
CA MET V 9 -43.22 -27.87 -38.10
C MET V 9 -42.26 -27.39 -37.03
N ARG V 10 -40.97 -27.48 -37.27
CA ARG V 10 -39.97 -27.15 -36.27
C ARG V 10 -39.21 -25.87 -36.66
N GLY V 11 -38.84 -25.09 -35.64
CA GLY V 11 -38.01 -23.93 -35.87
C GLY V 11 -38.62 -22.81 -36.72
N LEU V 12 -39.94 -22.64 -36.69
CA LEU V 12 -40.55 -21.61 -37.54
C LEU V 12 -40.15 -20.21 -37.09
N LEU V 13 -39.99 -20.01 -35.78
CA LEU V 13 -39.62 -18.66 -35.33
C LEU V 13 -38.18 -18.37 -35.73
N ALA V 14 -37.30 -19.37 -35.56
CA ALA V 14 -35.90 -19.19 -35.92
C ALA V 14 -35.74 -18.98 -37.42
N ARG V 15 -36.50 -19.70 -38.22
CA ARG V 15 -36.47 -19.52 -39.68
C ARG V 15 -36.93 -18.12 -40.07
N ARG V 16 -38.01 -17.63 -39.45
CA ARG V 16 -38.45 -16.26 -39.71
C ARG V 16 -37.36 -15.26 -39.34
N LEU V 17 -36.69 -15.48 -38.22
CA LEU V 17 -35.67 -14.52 -37.79
C LEU V 17 -34.49 -14.52 -38.77
N ARG V 18 -33.98 -15.71 -39.10
CA ARG V 18 -32.88 -15.83 -40.05
C ARG V 18 -33.21 -15.05 -41.31
N PHE V 19 -34.39 -15.29 -41.86
CA PHE V 19 -34.75 -14.71 -43.15
C PHE V 19 -34.76 -13.19 -43.07
N HIS V 20 -35.30 -12.66 -41.99
CA HIS V 20 -35.39 -11.21 -41.92
C HIS V 20 -34.14 -10.54 -41.40
N ILE V 21 -33.28 -11.23 -40.67
CA ILE V 21 -31.99 -10.61 -40.36
C ILE V 21 -31.18 -10.48 -41.65
N VAL V 22 -31.27 -11.50 -42.51
CA VAL V 22 -30.65 -11.43 -43.83
C VAL V 22 -31.19 -10.25 -44.62
N GLY V 23 -32.51 -10.18 -44.79
CA GLY V 23 -33.14 -8.98 -45.34
C GLY V 23 -32.58 -7.68 -44.77
N ALA V 24 -32.55 -7.55 -43.45
CA ALA V 24 -32.09 -6.30 -42.83
C ALA V 24 -30.65 -5.98 -43.22
N PHE V 25 -29.79 -7.00 -43.26
CA PHE V 25 -28.43 -6.81 -43.75
C PHE V 25 -28.43 -6.27 -45.18
N MET V 26 -29.15 -6.94 -46.08
CA MET V 26 -29.26 -6.48 -47.47
C MET V 26 -29.71 -5.03 -47.57
N VAL V 27 -30.76 -4.67 -46.84
CA VAL V 27 -31.24 -3.30 -46.89
C VAL V 27 -30.19 -2.34 -46.34
N SER V 28 -29.50 -2.72 -45.27
CA SER V 28 -28.44 -1.89 -44.72
C SER V 28 -27.38 -1.59 -45.77
N LEU V 29 -26.89 -2.64 -46.44
CA LEU V 29 -26.01 -2.51 -47.60
C LEU V 29 -26.59 -1.58 -48.65
N GLY V 30 -27.83 -1.83 -49.07
CA GLY V 30 -28.48 -0.92 -49.98
C GLY V 30 -28.42 0.51 -49.47
N PHE V 31 -28.85 0.72 -48.23
CA PHE V 31 -28.87 2.07 -47.68
C PHE V 31 -27.45 2.65 -47.63
N ALA V 32 -26.46 1.85 -47.25
CA ALA V 32 -25.11 2.40 -47.19
C ALA V 32 -24.67 2.92 -48.55
N THR V 33 -25.12 2.26 -49.63
CA THR V 33 -24.78 2.70 -50.97
C THR V 33 -25.51 3.98 -51.36
N PHE V 34 -26.82 4.04 -51.11
CA PHE V 34 -27.58 5.27 -51.31
C PHE V 34 -26.96 6.45 -50.57
N TYR V 35 -26.51 6.22 -49.34
CA TYR V 35 -26.05 7.31 -48.51
C TYR V 35 -24.70 7.84 -48.98
N LYS V 36 -23.77 6.94 -49.32
CA LYS V 36 -22.51 7.41 -49.90
C LYS V 36 -22.77 8.21 -51.19
N PHE V 37 -23.66 7.72 -52.05
CA PHE V 37 -23.95 8.45 -53.29
C PHE V 37 -24.64 9.78 -52.99
N ALA V 38 -25.77 9.74 -52.26
CA ALA V 38 -26.62 10.90 -52.03
C ALA V 38 -26.09 11.90 -51.01
N VAL V 39 -25.16 11.52 -50.14
CA VAL V 39 -24.78 12.42 -49.05
C VAL V 39 -23.27 12.62 -49.06
N ALA V 40 -22.52 11.56 -48.83
CA ALA V 40 -21.09 11.73 -48.58
C ALA V 40 -20.33 12.07 -49.86
N GLU V 41 -20.57 11.33 -50.95
CA GLU V 41 -19.88 11.64 -52.21
C GLU V 41 -20.36 12.97 -52.78
N LYS V 42 -21.68 13.19 -52.75
CA LYS V 42 -22.22 14.49 -53.12
C LYS V 42 -21.46 15.60 -52.43
N ARG V 43 -21.23 15.47 -51.12
CA ARG V 43 -20.51 16.50 -50.39
C ARG V 43 -19.06 16.62 -50.88
N LYS V 44 -18.36 15.49 -51.04
CA LYS V 44 -16.95 15.57 -51.49
C LYS V 44 -16.84 16.28 -52.83
N LYS V 45 -17.75 15.97 -53.76
CA LYS V 45 -17.72 16.58 -55.09
C LYS V 45 -18.06 18.06 -55.03
N ALA V 46 -19.08 18.42 -54.26
CA ALA V 46 -19.48 19.84 -54.17
C ALA V 46 -18.29 20.71 -53.74
N TYR V 47 -17.58 20.30 -52.69
CA TYR V 47 -16.40 21.04 -52.25
C TYR V 47 -15.29 20.96 -53.29
N ALA V 48 -15.07 19.77 -53.87
CA ALA V 48 -14.02 19.66 -54.89
C ALA V 48 -14.34 20.54 -56.09
N ASP V 49 -15.57 20.45 -56.57
CA ASP V 49 -15.98 21.26 -57.73
C ASP V 49 -15.88 22.73 -57.41
N PHE V 50 -16.32 23.13 -56.23
CA PHE V 50 -16.26 24.53 -55.86
C PHE V 50 -14.84 25.07 -55.89
N TYR V 51 -13.92 24.37 -55.24
CA TYR V 51 -12.58 24.93 -55.19
C TYR V 51 -11.73 24.64 -56.43
N ARG V 52 -12.23 23.84 -57.38
CA ARG V 52 -11.37 23.40 -58.47
C ARG V 52 -10.88 24.59 -59.26
N ASN V 53 -11.78 25.52 -59.55
CA ASN V 53 -11.44 26.72 -60.30
C ASN V 53 -11.84 27.97 -59.53
N TYR V 54 -11.59 27.95 -58.23
CA TYR V 54 -12.00 29.04 -57.35
C TYR V 54 -10.95 30.14 -57.34
N ASP V 55 -11.40 31.38 -57.45
CA ASP V 55 -10.50 32.53 -57.55
C ASP V 55 -10.73 33.38 -56.31
N SER V 56 -9.90 33.21 -55.29
CA SER V 56 -10.16 33.87 -54.02
C SER V 56 -10.03 35.38 -54.13
N MET V 57 -9.12 35.85 -54.98
CA MET V 57 -9.03 37.29 -55.22
C MET V 57 -10.28 37.82 -55.91
N LYS V 58 -10.70 37.14 -56.97
CA LYS V 58 -11.94 37.53 -57.63
C LYS V 58 -13.13 37.51 -56.65
N ASP V 59 -13.22 36.48 -55.78
CA ASP V 59 -14.29 36.47 -54.80
C ASP V 59 -14.24 37.73 -53.90
N PHE V 60 -13.05 38.02 -53.36
CA PHE V 60 -12.89 39.17 -52.47
C PHE V 60 -13.25 40.46 -53.17
N GLU V 61 -12.88 40.57 -54.43
CA GLU V 61 -13.13 41.82 -55.15
C GLU V 61 -14.63 42.03 -55.33
N GLU V 62 -15.37 40.93 -55.57
CA GLU V 62 -16.82 41.04 -55.63
C GLU V 62 -17.41 41.44 -54.29
N MET V 63 -16.95 40.82 -53.20
CA MET V 63 -17.45 41.24 -51.90
C MET V 63 -17.08 42.69 -51.61
N ARG V 64 -15.83 43.09 -51.92
CA ARG V 64 -15.42 44.46 -51.68
C ARG V 64 -16.32 45.41 -52.42
N LYS V 65 -16.62 45.11 -53.69
CA LYS V 65 -17.44 46.02 -54.51
C LYS V 65 -18.85 46.15 -53.94
N ALA V 66 -19.41 45.05 -53.41
CA ALA V 66 -20.74 45.16 -52.85
C ALA V 66 -20.76 45.86 -51.50
N GLY V 67 -19.59 46.24 -50.95
CA GLY V 67 -19.54 47.01 -49.72
C GLY V 67 -19.54 46.19 -48.43
N ILE V 68 -19.17 44.93 -48.46
CA ILE V 68 -19.40 44.15 -47.22
C ILE V 68 -18.38 44.42 -46.13
N PHE V 69 -17.18 44.94 -46.47
CA PHE V 69 -16.06 44.99 -45.54
C PHE V 69 -15.93 46.32 -44.81
N GLN V 70 -15.56 46.23 -43.53
CA GLN V 70 -15.14 47.39 -42.76
C GLN V 70 -13.83 47.95 -43.25
N SER V 71 -12.85 47.07 -43.55
CA SER V 71 -11.44 47.43 -43.70
C SER V 71 -11.05 47.68 -45.15
N ALA V 72 -11.93 47.37 -46.11
CA ALA V 72 -11.61 47.51 -47.53
C ALA V 72 -12.89 47.99 -48.20
N LYS V 73 -12.99 49.29 -48.49
CA LYS V 73 -14.19 49.79 -49.13
C LYS V 73 -14.11 49.64 -50.64
N PHE W 1 -16.26 0.21 39.46
CA PHE W 1 -17.67 0.12 39.08
C PHE W 1 -18.14 -1.33 39.09
N GLU W 2 -19.47 -1.52 39.10
CA GLU W 2 -20.06 -2.84 39.03
C GLU W 2 -20.95 -2.96 37.79
N ASN W 3 -21.17 -4.20 37.40
CA ASN W 3 -21.82 -4.46 36.12
C ASN W 3 -23.32 -4.45 36.36
N ARG W 4 -23.98 -3.37 35.95
CA ARG W 4 -25.43 -3.21 36.09
C ARG W 4 -26.15 -3.37 34.74
N VAL W 5 -25.53 -4.06 33.78
CA VAL W 5 -26.21 -4.26 32.50
C VAL W 5 -27.53 -5.01 32.67
N ALA W 6 -27.62 -5.97 33.61
CA ALA W 6 -28.84 -6.76 33.75
C ALA W 6 -30.01 -5.88 34.15
N GLU W 7 -29.76 -4.87 35.00
CA GLU W 7 -30.86 -4.00 35.42
C GLU W 7 -31.37 -3.19 34.25
N LYS W 8 -30.46 -2.76 33.37
CA LYS W 8 -30.87 -1.99 32.20
C LYS W 8 -31.58 -2.87 31.20
N GLN W 9 -31.13 -4.12 31.08
CA GLN W 9 -31.84 -5.04 30.21
C GLN W 9 -33.26 -5.21 30.69
N LYS W 10 -33.46 -5.32 32.00
CA LYS W 10 -34.83 -5.48 32.50
C LYS W 10 -35.64 -4.23 32.24
N LEU W 11 -35.07 -3.07 32.55
CA LEU W 11 -35.72 -1.80 32.24
C LEU W 11 -36.15 -1.68 30.77
N PHE W 12 -35.24 -1.93 29.84
CA PHE W 12 -35.55 -1.68 28.44
C PHE W 12 -36.35 -2.80 27.78
N GLN W 13 -36.56 -3.93 28.45
CA GLN W 13 -37.41 -5.00 27.94
C GLN W 13 -38.75 -5.03 28.61
N GLU W 14 -39.02 -4.06 29.48
CA GLU W 14 -40.30 -4.06 30.18
C GLU W 14 -41.45 -3.91 29.18
N ASP W 15 -42.47 -4.75 29.29
CA ASP W 15 -43.55 -4.66 28.31
C ASP W 15 -44.50 -3.51 28.65
N ASN W 16 -44.10 -2.30 28.29
CA ASN W 16 -44.96 -1.14 28.54
C ASN W 16 -45.37 -0.43 27.26
N GLY W 17 -45.14 -1.03 26.10
CA GLY W 17 -45.52 -0.43 24.86
C GLY W 17 -44.76 0.82 24.45
N LEU W 18 -43.74 1.23 25.21
CA LEU W 18 -43.03 2.47 24.84
C LEU W 18 -42.04 2.18 23.71
N PRO W 19 -41.92 3.10 22.74
CA PRO W 19 -40.85 2.99 21.75
C PRO W 19 -39.48 3.23 22.41
N VAL W 20 -38.43 2.65 21.81
CA VAL W 20 -37.14 2.68 22.48
C VAL W 20 -36.68 4.09 22.84
N HIS W 21 -37.07 5.12 22.06
CA HIS W 21 -36.52 6.43 22.41
C HIS W 21 -37.18 7.06 23.63
N LEU W 22 -38.23 6.45 24.16
CA LEU W 22 -38.91 6.97 25.36
C LEU W 22 -38.83 6.00 26.52
N LYS W 23 -38.24 4.85 26.31
CA LYS W 23 -38.32 3.75 27.26
C LYS W 23 -37.47 3.98 28.49
N GLY W 24 -36.54 4.93 28.42
CA GLY W 24 -35.76 5.30 29.58
C GLY W 24 -36.56 5.98 30.69
N GLY W 25 -37.75 6.50 30.39
CA GLY W 25 -38.54 7.19 31.39
C GLY W 25 -38.66 8.67 31.08
N ALA W 26 -39.05 9.44 32.11
CA ALA W 26 -39.53 10.79 31.87
C ALA W 26 -38.46 11.70 31.29
N THR W 27 -37.18 11.43 31.57
CA THR W 27 -36.13 12.26 31.01
C THR W 27 -36.12 12.17 29.50
N ASP W 28 -36.44 11.00 28.96
CA ASP W 28 -36.48 10.87 27.50
C ASP W 28 -37.50 11.82 26.89
N ASN W 29 -38.69 11.96 27.51
CA ASN W 29 -39.71 12.85 26.95
C ASN W 29 -39.23 14.28 26.97
N ILE W 30 -38.60 14.67 28.07
CA ILE W 30 -38.05 16.00 28.19
C ILE W 30 -37.08 16.26 27.06
N LEU W 31 -36.09 15.38 26.91
CA LEU W 31 -35.03 15.60 25.93
C LEU W 31 -35.63 15.62 24.53
N TYR W 32 -36.58 14.72 24.28
CA TYR W 32 -37.28 14.70 23.01
C TYR W 32 -38.03 16.01 22.77
N ARG W 33 -38.74 16.54 23.77
CA ARG W 33 -39.52 17.75 23.51
C ARG W 33 -38.59 18.94 23.26
N VAL W 34 -37.48 19.02 23.98
CA VAL W 34 -36.48 20.03 23.73
C VAL W 34 -35.98 19.93 22.30
N THR W 35 -35.64 18.70 21.90
CA THR W 35 -35.06 18.52 20.58
C THR W 35 -36.07 18.90 19.51
N MET W 36 -37.27 18.37 19.63
CA MET W 36 -38.26 18.65 18.61
C MET W 36 -38.70 20.13 18.65
N THR W 37 -38.78 20.73 19.82
CA THR W 37 -39.14 22.15 19.88
C THR W 37 -38.10 23.02 19.20
N LEU W 38 -36.82 22.74 19.45
CA LEU W 38 -35.77 23.50 18.78
C LEU W 38 -35.77 23.27 17.28
N CYS W 39 -35.93 22.03 16.84
CA CYS W 39 -35.99 21.77 15.40
C CYS W 39 -37.16 22.48 14.74
N LEU W 40 -38.38 22.36 15.30
CA LEU W 40 -39.52 22.97 14.62
C LEU W 40 -39.47 24.49 14.75
N GLY W 41 -39.12 24.99 15.93
CA GLY W 41 -38.99 26.42 16.07
C GLY W 41 -37.87 26.98 15.22
N GLY W 42 -36.71 26.32 15.22
CA GLY W 42 -35.64 26.75 14.34
C GLY W 42 -36.05 26.74 12.88
N THR W 43 -36.83 25.73 12.47
CA THR W 43 -37.28 25.67 11.08
C THR W 43 -38.19 26.84 10.76
N LEU W 44 -39.13 27.13 11.66
CA LEU W 44 -39.99 28.28 11.44
C LEU W 44 -39.16 29.54 11.35
N TYR W 45 -38.21 29.68 12.28
CA TYR W 45 -37.29 30.81 12.24
C TYR W 45 -36.55 30.85 10.92
N SER W 46 -36.09 29.69 10.42
CA SER W 46 -35.37 29.74 9.15
C SER W 46 -36.31 30.17 8.02
N LEU W 47 -37.58 29.79 8.09
CA LEU W 47 -38.52 30.28 7.10
C LEU W 47 -38.67 31.80 7.21
N TYR W 48 -38.80 32.31 8.42
CA TYR W 48 -38.88 33.76 8.56
C TYR W 48 -37.66 34.43 7.93
N CYS W 49 -36.46 33.90 8.17
CA CYS W 49 -35.25 34.48 7.59
C CYS W 49 -35.29 34.47 6.06
N LEU W 50 -35.78 33.39 5.45
CA LEU W 50 -35.97 33.37 3.99
C LEU W 50 -36.86 34.52 3.56
N GLY W 51 -38.02 34.62 4.20
CA GLY W 51 -38.88 35.75 3.93
C GLY W 51 -38.14 37.07 3.95
N TRP W 52 -37.37 37.31 5.02
CA TRP W 52 -36.54 38.52 5.10
C TRP W 52 -35.58 38.61 3.93
N ALA W 53 -34.80 37.56 3.69
CA ALA W 53 -33.75 37.69 2.69
C ALA W 53 -34.27 37.75 1.26
N SER W 54 -35.54 37.44 1.02
CA SER W 54 -36.04 37.38 -0.36
C SER W 54 -36.34 38.74 -0.95
N PHE W 55 -36.29 39.79 -0.16
CA PHE W 55 -36.59 41.13 -0.65
C PHE W 55 -35.46 42.07 -0.32
N PRO W 56 -35.26 43.11 -1.13
CA PRO W 56 -34.23 44.11 -0.81
C PRO W 56 -34.52 44.80 0.51
N HIS W 57 -33.50 44.95 1.35
CA HIS W 57 -33.63 45.63 2.64
C HIS W 57 -32.73 46.85 2.67
N LYS W 58 -33.36 48.03 2.69
CA LYS W 58 -32.69 49.32 2.62
C LYS W 58 -31.92 49.63 3.90
N ALA X 1 -70.80 -8.71 -26.24
CA ALA X 1 -71.35 -7.43 -25.78
C ALA X 1 -70.44 -6.24 -26.12
N PRO X 2 -70.92 -5.30 -26.94
CA PRO X 2 -70.03 -4.26 -27.48
C PRO X 2 -69.53 -3.28 -26.42
N ASP X 3 -68.24 -2.95 -26.51
CA ASP X 3 -67.63 -2.16 -25.46
C ASP X 3 -67.60 -0.69 -25.88
N PHE X 4 -66.96 0.13 -25.05
CA PHE X 4 -66.81 1.55 -25.38
C PHE X 4 -66.21 1.74 -26.77
N HIS X 5 -65.20 0.93 -27.11
CA HIS X 5 -64.48 1.14 -28.36
C HIS X 5 -65.36 0.74 -29.54
N ASP X 6 -66.13 -0.33 -29.38
CA ASP X 6 -67.10 -0.68 -30.43
C ASP X 6 -68.13 0.42 -30.65
N LYS X 7 -68.64 1.02 -29.57
CA LYS X 7 -69.69 2.02 -29.72
C LYS X 7 -69.16 3.34 -30.26
N TYR X 8 -68.09 3.85 -29.65
CA TYR X 8 -67.63 5.19 -29.89
C TYR X 8 -66.29 5.29 -30.58
N GLY X 9 -65.56 4.18 -30.74
CA GLY X 9 -64.21 4.30 -31.32
C GLY X 9 -64.19 5.12 -32.60
N ASN X 10 -65.11 4.83 -33.50
CA ASN X 10 -65.08 5.46 -34.82
C ASN X 10 -65.27 6.98 -34.69
N ALA X 11 -66.21 7.38 -33.83
CA ALA X 11 -66.47 8.80 -33.67
C ALA X 11 -65.32 9.48 -32.98
N VAL X 12 -64.76 8.86 -31.91
CA VAL X 12 -63.57 9.41 -31.24
C VAL X 12 -62.44 9.63 -32.25
N LEU X 13 -62.17 8.62 -33.08
CA LEU X 13 -61.09 8.75 -34.05
C LEU X 13 -61.37 9.85 -35.05
N ALA X 14 -62.60 9.92 -35.53
CA ALA X 14 -62.97 10.88 -36.55
C ALA X 14 -62.94 12.30 -36.00
N SER X 15 -63.60 12.50 -34.86
CA SER X 15 -63.67 13.83 -34.29
C SER X 15 -62.30 14.31 -33.81
N GLY X 16 -61.55 13.44 -33.15
CA GLY X 16 -60.23 13.86 -32.67
C GLY X 16 -59.32 14.28 -33.81
N ALA X 17 -59.27 13.46 -34.87
CA ALA X 17 -58.39 13.77 -35.98
C ALA X 17 -58.81 15.07 -36.64
N THR X 18 -60.11 15.30 -36.70
CA THR X 18 -60.60 16.50 -37.36
C THR X 18 -60.30 17.75 -36.55
N PHE X 19 -60.59 17.70 -35.26
CA PHE X 19 -60.27 18.80 -34.36
C PHE X 19 -58.77 19.08 -34.37
N CYS X 20 -57.96 18.03 -34.23
CA CYS X 20 -56.51 18.23 -34.17
C CYS X 20 -56.00 18.94 -35.40
N VAL X 21 -56.39 18.48 -36.59
CA VAL X 21 -55.87 19.13 -37.80
C VAL X 21 -56.38 20.57 -37.89
N ALA X 22 -57.65 20.79 -37.58
CA ALA X 22 -58.19 22.13 -37.80
C ALA X 22 -57.52 23.13 -36.90
N VAL X 23 -57.34 22.78 -35.62
CA VAL X 23 -56.81 23.76 -34.68
C VAL X 23 -55.32 23.98 -34.93
N TRP X 24 -54.57 22.93 -35.27
CA TRP X 24 -53.15 23.15 -35.60
C TRP X 24 -53.01 23.99 -36.88
N VAL X 25 -53.78 23.70 -37.92
CA VAL X 25 -53.71 24.53 -39.14
C VAL X 25 -54.05 25.96 -38.79
N TYR X 26 -55.06 26.16 -37.96
CA TYR X 26 -55.41 27.51 -37.55
C TYR X 26 -54.25 28.16 -36.80
N MET X 27 -53.72 27.50 -35.77
CA MET X 27 -52.60 28.10 -35.03
C MET X 27 -51.44 28.41 -35.96
N ALA X 28 -51.19 27.56 -36.95
CA ALA X 28 -49.97 27.67 -37.75
C ALA X 28 -50.08 28.80 -38.78
N THR X 29 -51.28 29.12 -39.23
CA THR X 29 -51.45 29.97 -40.41
C THR X 29 -52.18 31.29 -40.17
N GLN X 30 -52.89 31.46 -39.06
CA GLN X 30 -53.85 32.55 -38.88
C GLN X 30 -53.58 33.46 -37.71
N ILE X 31 -52.52 33.26 -36.93
CA ILE X 31 -52.41 34.08 -35.73
C ILE X 31 -51.11 34.85 -35.69
N GLY X 32 -50.38 34.91 -36.80
CA GLY X 32 -49.21 35.76 -36.89
C GLY X 32 -47.93 35.13 -36.36
N ILE X 33 -47.91 33.82 -36.19
CA ILE X 33 -46.67 33.15 -35.86
C ILE X 33 -45.68 33.36 -36.98
N GLU X 34 -44.43 33.73 -36.63
CA GLU X 34 -43.36 33.90 -37.62
C GLU X 34 -42.53 32.62 -37.70
N TRP X 35 -42.70 31.89 -38.79
CA TRP X 35 -41.98 30.64 -38.96
C TRP X 35 -40.58 30.88 -39.47
N ASN X 36 -40.33 32.03 -40.08
CA ASN X 36 -39.03 32.33 -40.66
C ASN X 36 -38.51 31.19 -41.55
N PRO X 37 -39.20 30.87 -42.63
CA PRO X 37 -38.71 29.85 -43.56
C PRO X 37 -37.60 30.43 -44.43
N SER X 38 -36.95 29.53 -45.19
CA SER X 38 -35.81 29.92 -46.01
C SER X 38 -36.22 30.99 -47.01
N PRO X 39 -35.39 32.01 -47.24
CA PRO X 39 -35.65 32.93 -48.34
C PRO X 39 -35.42 32.31 -49.72
N VAL X 40 -34.81 31.12 -49.78
CA VAL X 40 -34.41 30.54 -51.06
C VAL X 40 -35.66 30.34 -51.91
N GLY X 41 -35.64 30.89 -53.11
CA GLY X 41 -36.76 30.75 -54.03
C GLY X 41 -38.01 31.48 -53.62
N ARG X 42 -37.92 32.41 -52.68
CA ARG X 42 -39.09 33.04 -52.09
C ARG X 42 -38.88 34.55 -51.97
N VAL X 43 -37.75 34.99 -51.49
CA VAL X 43 -37.50 36.40 -51.26
C VAL X 43 -36.78 36.99 -52.47
N THR X 44 -37.17 38.19 -52.88
CA THR X 44 -36.40 38.88 -53.89
C THR X 44 -35.37 39.75 -53.19
N PRO X 45 -34.07 39.50 -53.40
CA PRO X 45 -33.06 40.32 -52.69
C PRO X 45 -33.12 41.76 -53.14
N LYS X 46 -32.99 42.67 -52.15
CA LYS X 46 -33.20 44.11 -52.32
C LYS X 46 -31.97 44.85 -51.81
N GLU X 47 -31.59 45.94 -52.50
CA GLU X 47 -30.39 46.71 -52.17
C GLU X 47 -30.40 47.24 -50.74
N TRP X 48 -29.25 47.11 -50.07
CA TRP X 48 -29.16 47.45 -48.65
C TRP X 48 -28.08 48.48 -48.40
N ARG X 49 -27.06 48.52 -49.25
CA ARG X 49 -25.88 49.37 -49.02
C ARG X 49 -26.12 50.87 -49.29
N HIS Y 1 -51.15 -1.16 16.03
CA HIS Y 1 -50.77 -1.32 14.63
C HIS Y 1 -51.47 -0.32 13.68
N TYR Y 2 -51.11 -0.34 12.40
CA TYR Y 2 -51.60 0.60 11.40
C TYR Y 2 -52.63 -0.08 10.52
N GLU Y 3 -53.36 0.72 9.76
CA GLU Y 3 -54.33 0.20 8.80
C GLU Y 3 -53.63 -0.34 7.57
N GLU Y 4 -54.23 -1.35 6.97
CA GLU Y 4 -53.66 -2.06 5.83
C GLU Y 4 -54.66 -2.07 4.69
N GLY Y 5 -54.16 -2.21 3.47
CA GLY Y 5 -55.02 -2.52 2.37
C GLY Y 5 -55.17 -1.33 1.46
N PRO Y 6 -55.88 -1.53 0.37
CA PRO Y 6 -55.98 -0.48 -0.66
C PRO Y 6 -56.59 0.78 -0.04
N GLY Y 7 -55.95 1.91 -0.33
CA GLY Y 7 -56.36 3.19 0.23
C GLY Y 7 -55.99 3.43 1.68
N LYS Y 8 -55.37 2.46 2.35
CA LYS Y 8 -54.97 2.65 3.74
C LYS Y 8 -53.46 2.74 3.93
N ASN Y 9 -52.66 2.53 2.89
CA ASN Y 9 -51.20 2.53 3.00
C ASN Y 9 -50.60 3.81 2.43
N ILE Y 10 -51.28 4.93 2.62
CA ILE Y 10 -50.95 6.19 1.96
C ILE Y 10 -51.22 7.30 2.93
N PRO Y 11 -50.46 8.39 2.83
CA PRO Y 11 -50.62 9.47 3.80
C PRO Y 11 -51.76 10.42 3.42
N PHE Y 12 -52.57 10.08 2.45
CA PHE Y 12 -53.70 10.93 2.08
C PHE Y 12 -54.93 10.04 1.96
N SER Y 13 -56.12 10.61 2.06
CA SER Y 13 -57.35 9.83 2.06
C SER Y 13 -57.91 9.73 0.66
N VAL Y 14 -58.47 8.56 0.33
CA VAL Y 14 -59.21 8.32 -0.90
C VAL Y 14 -60.65 7.90 -0.58
N GLU Y 15 -61.10 8.25 0.60
CA GLU Y 15 -62.46 7.95 1.02
C GLU Y 15 -63.50 8.65 0.16
N ASN Y 16 -63.24 9.91 -0.19
CA ASN Y 16 -64.14 10.71 -1.03
C ASN Y 16 -63.37 11.22 -2.25
N LYS Y 17 -63.80 10.82 -3.43
CA LYS Y 17 -63.03 11.10 -4.64
C LYS Y 17 -62.96 12.58 -4.95
N TRP Y 18 -63.93 13.36 -4.46
CA TRP Y 18 -63.93 14.80 -4.76
C TRP Y 18 -63.03 15.53 -3.79
N ARG Y 19 -63.03 15.12 -2.51
CA ARG Y 19 -62.03 15.63 -1.59
C ARG Y 19 -60.65 15.31 -2.12
N LEU Y 20 -60.48 14.09 -2.65
CA LEU Y 20 -59.20 13.65 -3.22
C LEU Y 20 -58.79 14.55 -4.37
N LEU Y 21 -59.75 14.84 -5.26
CA LEU Y 21 -59.43 15.68 -6.42
C LEU Y 21 -58.93 17.04 -5.97
N ALA Y 22 -59.54 17.58 -4.91
CA ALA Y 22 -59.08 18.85 -4.37
C ALA Y 22 -57.65 18.75 -3.85
N MET Y 23 -57.39 17.73 -3.01
CA MET Y 23 -56.03 17.50 -2.50
C MET Y 23 -55.02 17.34 -3.62
N MET Y 24 -55.35 16.51 -4.64
CA MET Y 24 -54.32 16.25 -5.66
C MET Y 24 -54.07 17.52 -6.47
N THR Y 25 -55.11 18.32 -6.62
CA THR Y 25 -55.05 19.56 -7.37
C THR Y 25 -54.21 20.60 -6.63
N LEU Y 26 -54.40 20.72 -5.31
CA LEU Y 26 -53.51 21.58 -4.53
C LEU Y 26 -52.09 21.05 -4.52
N PHE Y 27 -51.95 19.73 -4.44
CA PHE Y 27 -50.60 19.14 -4.39
C PHE Y 27 -49.80 19.40 -5.67
N PHE Y 28 -50.24 18.80 -6.78
CA PHE Y 28 -49.52 18.95 -8.04
C PHE Y 28 -49.58 20.39 -8.54
N GLY Y 29 -50.69 21.08 -8.32
CA GLY Y 29 -50.75 22.46 -8.79
C GLY Y 29 -49.79 23.37 -8.07
N SER Y 30 -49.61 23.15 -6.77
CA SER Y 30 -48.71 24.03 -6.05
C SER Y 30 -47.29 23.83 -6.60
N GLY Y 31 -46.92 22.56 -6.90
CA GLY Y 31 -45.57 22.34 -7.43
C GLY Y 31 -45.42 22.96 -8.81
N PHE Y 32 -46.43 22.81 -9.66
CA PHE Y 32 -46.33 23.40 -10.99
C PHE Y 32 -46.37 24.94 -10.95
N ALA Y 33 -47.16 25.54 -10.03
CA ALA Y 33 -47.24 27.01 -9.97
C ALA Y 33 -45.97 27.69 -9.46
N ALA Y 34 -45.25 27.03 -8.54
CA ALA Y 34 -44.16 27.70 -7.83
C ALA Y 34 -43.17 28.40 -8.75
N PRO Y 35 -42.65 27.77 -9.81
CA PRO Y 35 -41.65 28.48 -10.64
C PRO Y 35 -42.20 29.74 -11.29
N PHE Y 36 -43.48 29.71 -11.72
CA PHE Y 36 -44.11 30.92 -12.24
C PHE Y 36 -44.12 32.02 -11.19
N PHE Y 37 -44.47 31.70 -9.95
CA PHE Y 37 -44.46 32.75 -8.95
C PHE Y 37 -43.06 33.17 -8.53
N ILE Y 38 -42.08 32.28 -8.61
CA ILE Y 38 -40.73 32.72 -8.31
C ILE Y 38 -40.23 33.67 -9.39
N VAL Y 39 -40.45 33.33 -10.65
CA VAL Y 39 -40.07 34.24 -11.72
C VAL Y 39 -40.75 35.59 -11.53
N ARG Y 40 -42.04 35.57 -11.18
CA ARG Y 40 -42.73 36.85 -10.93
C ARG Y 40 -42.04 37.64 -9.81
N HIS Y 41 -41.68 36.97 -8.74
CA HIS Y 41 -41.01 37.62 -7.61
C HIS Y 41 -39.71 38.28 -8.06
N GLN Y 42 -38.96 37.58 -8.89
CA GLN Y 42 -37.65 38.12 -9.28
C GLN Y 42 -37.83 39.30 -10.25
N LEU Y 43 -38.79 39.21 -11.16
CA LEU Y 43 -39.07 40.32 -12.06
C LEU Y 43 -39.60 41.52 -11.29
N LEU Y 44 -40.34 41.31 -10.20
CA LEU Y 44 -40.90 42.41 -9.45
C LEU Y 44 -39.91 43.07 -8.50
N LYS Y 45 -38.81 42.39 -8.17
CA LYS Y 45 -37.91 42.93 -7.15
C LYS Y 45 -37.25 44.20 -7.66
N LYS Y 46 -36.45 44.05 -8.71
CA LYS Y 46 -35.97 45.15 -9.52
C LYS Y 46 -35.81 44.60 -10.93
N ILE Z 1 -53.50 -8.47 -15.61
CA ILE Z 1 -53.97 -8.38 -14.23
C ILE Z 1 -55.50 -8.53 -14.19
N THR Z 2 -56.06 -9.03 -13.09
CA THR Z 2 -57.50 -8.98 -12.94
C THR Z 2 -57.85 -8.15 -11.73
N ALA Z 3 -59.03 -7.55 -11.78
CA ALA Z 3 -59.48 -6.69 -10.70
C ALA Z 3 -60.96 -6.93 -10.44
N LYS Z 4 -61.37 -6.64 -9.22
CA LYS Z 4 -62.80 -6.49 -8.90
C LYS Z 4 -63.40 -5.29 -9.64
N PRO Z 5 -64.73 -5.28 -9.84
CA PRO Z 5 -65.33 -4.08 -10.42
C PRO Z 5 -65.18 -2.90 -9.47
N ALA Z 6 -65.11 -1.72 -10.07
CA ALA Z 6 -64.92 -0.49 -9.33
C ALA Z 6 -65.86 -0.42 -8.14
N LYS Z 7 -65.31 -0.17 -6.97
CA LYS Z 7 -66.16 0.05 -5.80
C LYS Z 7 -66.98 1.33 -5.93
N THR Z 8 -66.40 2.35 -6.54
CA THR Z 8 -67.03 3.66 -6.68
C THR Z 8 -66.81 4.16 -8.09
N PRO Z 9 -67.49 3.55 -9.08
CA PRO Z 9 -67.17 3.80 -10.49
C PRO Z 9 -67.32 5.27 -10.86
N THR Z 10 -66.48 5.69 -11.79
CA THR Z 10 -66.33 7.10 -12.13
C THR Z 10 -66.87 7.22 -13.54
N SER Z 11 -68.10 7.75 -13.63
CA SER Z 11 -68.83 7.88 -14.88
C SER Z 11 -68.10 8.85 -15.82
N PRO Z 12 -68.42 8.79 -17.12
CA PRO Z 12 -67.84 9.77 -18.05
C PRO Z 12 -68.02 11.22 -17.63
N LYS Z 13 -69.17 11.54 -17.03
CA LYS Z 13 -69.40 12.90 -16.56
C LYS Z 13 -68.44 13.23 -15.42
N GLU Z 14 -68.27 12.29 -14.49
CA GLU Z 14 -67.34 12.48 -13.39
C GLU Z 14 -65.92 12.63 -13.90
N GLN Z 15 -65.57 11.93 -14.97
CA GLN Z 15 -64.22 11.99 -15.51
C GLN Z 15 -63.99 13.33 -16.16
N ALA Z 16 -65.00 13.81 -16.89
CA ALA Z 16 -64.85 15.12 -17.49
C ALA Z 16 -64.66 16.18 -16.42
N ILE Z 17 -65.33 16.04 -15.27
CA ILE Z 17 -65.13 16.98 -14.16
C ILE Z 17 -63.69 16.91 -13.62
N GLY Z 18 -63.24 15.71 -13.26
CA GLY Z 18 -61.90 15.58 -12.68
C GLY Z 18 -60.82 16.00 -13.66
N LEU Z 19 -61.01 15.68 -14.94
CA LEU Z 19 -60.05 16.08 -15.95
C LEU Z 19 -60.00 17.59 -16.12
N SER Z 20 -61.15 18.25 -16.23
CA SER Z 20 -61.19 19.70 -16.32
C SER Z 20 -60.59 20.36 -15.08
N VAL Z 21 -60.99 19.90 -13.89
CA VAL Z 21 -60.40 20.50 -12.68
C VAL Z 21 -58.90 20.31 -12.71
N THR Z 22 -58.46 19.10 -13.06
CA THR Z 22 -57.00 18.85 -13.07
C THR Z 22 -56.30 19.82 -14.00
N PHE Z 23 -56.77 19.91 -15.27
CA PHE Z 23 -56.13 20.79 -16.27
C PHE Z 23 -56.14 22.23 -15.79
N LEU Z 24 -57.27 22.67 -15.24
CA LEU Z 24 -57.38 24.04 -14.76
C LEU Z 24 -56.40 24.36 -13.62
N SER Z 25 -56.10 23.38 -12.75
CA SER Z 25 -55.26 23.67 -11.63
C SER Z 25 -53.82 23.91 -12.08
N PHE Z 26 -53.44 23.39 -13.26
CA PHE Z 26 -52.13 23.70 -13.86
C PHE Z 26 -52.17 25.00 -14.65
N LEU Z 27 -53.28 25.25 -15.37
CA LEU Z 27 -53.25 26.23 -16.44
C LEU Z 27 -53.55 27.62 -15.90
N LEU Z 28 -54.45 27.73 -14.92
CA LEU Z 28 -54.89 29.05 -14.48
C LEU Z 28 -53.79 29.84 -13.78
N PRO Z 29 -53.08 29.29 -12.76
CA PRO Z 29 -52.09 30.14 -12.06
C PRO Z 29 -50.95 30.54 -12.98
N ALA Z 30 -50.43 29.58 -13.75
CA ALA Z 30 -49.38 29.94 -14.73
C ALA Z 30 -49.92 30.95 -15.75
N GLY Z 31 -51.14 30.74 -16.27
CA GLY Z 31 -51.71 31.72 -17.19
C GLY Z 31 -51.79 33.09 -16.57
N TRP Z 32 -52.24 33.16 -15.32
CA TRP Z 32 -52.29 34.46 -14.65
C TRP Z 32 -50.93 35.14 -14.64
N VAL Z 33 -49.88 34.42 -14.25
CA VAL Z 33 -48.55 35.02 -14.21
C VAL Z 33 -48.12 35.46 -15.59
N LEU Z 34 -48.34 34.58 -16.59
CA LEU Z 34 -47.80 34.87 -17.92
C LEU Z 34 -48.55 36.04 -18.55
N TYR Z 35 -49.85 36.10 -18.29
CA TYR Z 35 -50.72 37.20 -18.80
C TYR Z 35 -50.23 38.55 -18.29
N HIS Z 36 -49.76 38.56 -17.05
CA HIS Z 36 -49.36 39.78 -16.36
C HIS Z 36 -47.85 40.04 -16.44
N LEU Z 37 -47.15 39.35 -17.36
CA LEU Z 37 -45.70 39.53 -17.48
C LEU Z 37 -45.34 40.98 -17.70
N ASP Z 38 -46.09 41.66 -18.55
CA ASP Z 38 -45.76 43.06 -18.81
C ASP Z 38 -45.88 43.89 -17.53
N ASN Z 39 -46.88 43.60 -16.70
CA ASN Z 39 -47.10 44.36 -15.48
C ASN Z 39 -46.03 44.11 -14.43
N TYR Z 40 -45.21 43.07 -14.57
CA TYR Z 40 -44.04 42.88 -13.71
C TYR Z 40 -42.80 43.56 -14.30
N LYS Z 41 -42.57 43.43 -15.62
CA LYS Z 41 -41.34 43.92 -16.23
C LYS Z 41 -41.15 45.43 -16.05
N LYS Z 42 -42.24 46.20 -16.00
CA LYS Z 42 -42.17 47.64 -15.70
C LYS Z 42 -42.41 47.86 -14.20
N SER Z 43 -41.41 47.49 -13.41
CA SER Z 43 -41.45 47.68 -11.95
C SER Z 43 -40.03 47.75 -11.37
FE HEA AA . 41.19 -8.10 13.15
CHA HEA AA . 41.46 -5.48 10.90
CHB HEA AA . 44.46 -7.58 14.10
CHC HEA AA . 40.92 -10.64 15.42
CHD HEA AA . 37.84 -8.51 12.27
NA HEA AA . 42.63 -6.83 12.60
C1A HEA AA . 42.52 -5.74 11.79
C2A HEA AA . 43.69 -4.99 11.81
C3A HEA AA . 44.51 -5.56 12.73
C4A HEA AA . 43.80 -6.69 13.22
CMA HEA AA . 45.83 -5.07 13.15
OMA HEA AA . 46.43 -5.33 14.19
CAA HEA AA . 43.91 -3.64 11.05
CBA HEA AA . 44.63 -3.93 9.74
CGA HEA AA . 44.80 -2.49 9.08
O1A HEA AA . 45.85 -2.37 8.32
O2A HEA AA . 44.05 -1.47 9.27
NB HEA AA . 42.48 -8.95 14.46
C1B HEA AA . 43.75 -8.69 14.74
C2B HEA AA . 44.38 -9.54 15.69
C3B HEA AA . 43.39 -10.39 16.09
C4B HEA AA . 42.21 -10.00 15.31
CMB HEA AA . 45.83 -9.51 16.23
NC HEA AA . 39.70 -9.31 13.74
C1C HEA AA . 39.75 -10.23 14.73
C2C HEA AA . 38.46 -10.87 14.89
C3C HEA AA . 37.64 -10.25 13.98
C4C HEA AA . 38.46 -9.25 13.28
CMC HEA AA . 38.18 -12.00 15.95
CAC HEA AA . 36.21 -10.40 13.67
CBC HEA AA . 35.48 -11.38 14.23
ND HEA AA . 39.96 -7.25 11.85
C1D HEA AA . 38.69 -7.52 11.58
C2D HEA AA . 38.08 -6.69 10.63
C3D HEA AA . 39.11 -5.83 10.19
C4D HEA AA . 40.22 -6.22 10.98
CMD HEA AA . 36.63 -6.68 10.15
CAD HEA AA . 39.03 -4.65 9.15
CBD HEA AA . 39.47 -5.29 7.81
CGD HEA AA . 39.63 -4.09 6.79
O1D HEA AA . 39.12 -4.25 5.65
O2D HEA AA . 40.18 -3.02 7.14
C11 HEA AA . 43.59 -11.47 17.15
C11 HEA AA . 43.19 -11.59 16.94
O11 HEA AA . 42.90 -10.96 18.33
O11 HEA AA . 44.31 -12.44 16.64
C12 HEA AA . 43.05 -12.80 16.68
C12 HEA AA . 42.82 -11.50 18.39
C13 HEA AA . 43.48 -13.88 17.80
C13 HEA AA . 42.79 -12.94 18.92
C14 HEA AA . 42.79 -15.20 17.71
C14 HEA AA . 41.51 -13.72 18.65
C15 HEA AA . 41.54 -15.50 18.03
C15 HEA AA . 41.46 -14.92 18.04
C16 HEA AA . 41.20 -16.95 17.86
C16 HEA AA . 40.16 -15.65 17.83
C17 HEA AA . 40.29 -17.05 16.70
C17 HEA AA . 40.20 -17.10 18.32
C18 HEA AA . 39.22 -18.08 16.91
C18 HEA AA . 38.98 -18.01 18.20
C19 HEA AA . 39.32 -19.40 16.89
C19 HEA AA . 39.08 -19.06 17.35
C20 HEA AA . 38.03 -20.13 17.06
C21 HEA AA . 38.07 -21.27 18.07
C22 HEA AA . 36.89 -22.11 17.62
C23 HEA AA . 36.06 -22.75 18.48
C24 HEA AA . 36.26 -22.63 19.96
C25 HEA AA . 34.88 -23.56 18.05
C26 HEA AA . 40.56 -14.47 18.51
C26 HEA AA . 42.73 -15.53 17.53
C27 HEA AA . 40.56 -20.23 16.66
C27 HEA AA . 40.36 -19.15 16.61
FE HEA BA . 30.73 -0.39 15.84
CHA HEA BA . 32.55 0.84 13.21
CHB HEA BA . 29.68 2.90 16.60
CHC HEA BA . 28.77 -1.68 18.23
CHD HEA BA . 31.78 -3.71 15.10
NA HEA BA . 31.01 1.43 15.08
C1A HEA BA . 31.75 1.72 13.95
C2A HEA BA . 31.69 3.04 13.58
C3A HEA BA . 30.89 3.61 14.51
C4A HEA BA . 30.47 2.58 15.44
CMA HEA BA . 30.51 5.00 14.52
OMA HEA BA . 29.52 5.42 15.10
CAA HEA BA . 32.31 3.78 12.38
CBA HEA BA . 33.57 4.54 12.86
CGA HEA BA . 34.37 4.97 11.60
O1A HEA BA . 34.83 6.12 11.54
O2A HEA BA . 34.58 4.13 10.68
NB HEA BA . 29.55 0.46 17.22
C1B HEA BA . 29.19 1.77 17.40
C2B HEA BA . 28.27 1.92 18.47
C3B HEA BA . 27.93 0.64 18.90
C4B HEA BA . 28.71 -0.24 18.12
CMB HEA BA . 27.67 3.21 19.01
NC HEA BA . 30.37 -2.26 16.60
C1C HEA BA . 29.49 -2.63 17.53
C2C HEA BA . 29.34 -3.99 17.83
C3C HEA BA . 30.25 -4.52 16.94
C4C HEA BA . 30.87 -3.44 16.16
CMC HEA BA . 28.39 -4.68 18.85
CAC HEA BA . 30.65 -5.93 16.65
CBC HEA BA . 30.42 -6.87 17.59
ND HEA BA . 31.96 -1.23 14.50
C1D HEA BA . 32.25 -2.56 14.27
C2D HEA BA . 33.09 -2.75 13.16
C3D HEA BA . 33.32 -1.47 12.66
C4D HEA BA . 32.62 -0.59 13.48
CMD HEA BA . 33.62 -4.06 12.63
CAD HEA BA . 34.23 -1.09 11.49
CBD HEA BA . 33.77 -1.57 10.14
CGD HEA BA . 34.90 -1.21 9.19
O1D HEA BA . 35.06 -0.01 8.85
O2D HEA BA . 35.60 -2.13 8.77
C11 HEA BA . 26.93 0.35 20.03
O11 HEA BA . 26.16 -0.80 19.62
C12 HEA BA . 27.61 0.09 21.36
C13 HEA BA . 26.63 0.31 22.55
C14 HEA BA . 27.30 -0.26 23.84
C15 HEA BA . 27.63 0.53 24.91
C16 HEA BA . 28.28 -0.26 26.08
C17 HEA BA . 27.25 -0.79 27.15
C18 HEA BA . 26.40 0.34 27.73
C19 HEA BA . 26.35 0.78 29.05
C20 HEA BA . 25.32 1.89 29.27
C21 HEA BA . 25.74 3.31 29.61
C22 HEA BA . 26.48 3.87 28.40
C23 HEA BA . 26.32 5.15 28.01
C24 HEA BA . 25.37 6.04 28.76
C25 HEA BA . 27.10 5.69 26.79
C26 HEA BA . 27.43 2.06 24.87
C27 HEA BA . 27.20 0.21 30.14
CU CU CA . 28.03 0.43 12.21
MG MG DA . 37.05 6.07 4.92
NA NA EA . 55.67 -2.62 7.96
O16 DMU FA . 62.59 -6.18 36.72
C18 DMU FA . 62.54 -5.89 35.33
C19 DMU FA . 61.10 -5.69 34.82
C22 DMU FA . 60.25 -6.96 34.68
C25 DMU FA . 59.01 -6.71 33.81
C28 DMU FA . 58.15 -7.95 33.56
C31 DMU FA . 57.66 -7.99 32.11
C34 DMU FA . 56.77 -9.21 31.78
C37 DMU FA . 55.88 -8.74 30.64
C40 DMU FA . 55.02 -9.82 29.98
C43 DMU FA . 54.03 -9.15 29.05
C57 DMU FA . 63.77 -5.62 39.40
O61 DMU FA . 64.17 -5.35 40.75
P PGV GA . 39.09 -33.29 38.28
C01 PGV GA . 44.16 -33.57 37.10
C02 PGV GA . 42.99 -32.76 37.65
C03 PGV GA . 41.69 -33.56 37.50
C04 PGV GA . 39.34 -35.95 38.80
C05 PGV GA . 38.14 -36.72 38.25
C06 PGV GA . 38.18 -36.37 36.76
O01 PGV GA . 42.94 -31.54 36.92
O02 PGV GA . 42.77 -29.43 38.18
O03 PGV GA . 44.66 -34.50 38.07
O04 PGV GA . 46.53 -35.40 39.17
O05 PGV GA . 36.96 -36.25 38.91
O06 PGV GA . 37.02 -36.70 35.96
O11 PGV GA . 40.68 -32.92 38.29
O12 PGV GA . 38.77 -34.67 39.06
O13 PGV GA . 38.65 -33.43 36.84
O14 PGV GA . 38.34 -32.29 39.13
C1 PGV GA . 43.45 -30.30 37.52
C2 PGV GA . 44.80 -29.81 37.06
C3 PGV GA . 45.84 -30.68 36.49
C4 PGV GA . 46.91 -29.63 36.24
C5 PGV GA . 46.76 -29.09 34.84
C6 PGV GA . 47.53 -27.82 34.55
C7 PGV GA . 48.99 -28.08 34.21
C8 PGV GA . 49.85 -26.88 34.26
C9 PGV GA . 51.32 -27.25 34.29
C10 PGV GA . 52.29 -26.08 34.18
C11 PGV GA . 52.62 -25.84 32.74
C12 PGV GA . 53.78 -25.26 32.40
C13 PGV GA . 54.60 -25.91 31.29
C14 PGV GA . 56.06 -26.00 31.75
C15 PGV GA . 56.90 -26.98 30.93
C16 PGV GA . 58.30 -27.27 31.49
C17 PGV GA . 59.05 -25.98 31.86
C18 PGV GA . 60.55 -26.17 31.91
C19 PGV GA . 46.11 -34.78 38.21
C20 PGV GA . 47.10 -34.23 37.20
C21 PGV GA . 47.30 -35.00 35.88
C22 PGV GA . 47.83 -33.95 34.90
C23 PGV GA . 48.93 -33.15 35.58
C24 PGV GA . 49.55 -31.90 34.91
C25 PGV GA . 50.31 -32.12 33.62
C26 PGV GA . 51.37 -31.08 33.35
C27 PGV GA . 51.82 -31.20 31.89
C28 PGV GA . 52.82 -30.15 31.51
C29 PGV GA . 53.14 -30.15 30.02
C30 PGV GA . 54.19 -29.06 29.69
C31 PGV GA . 54.99 -29.30 28.38
C32 PGV GA . 55.96 -28.17 27.96
C33 PGV GA . 56.91 -28.46 26.77
C34 PGV GA . 58.17 -29.26 27.11
P PGV HA . 13.66 -29.43 3.47
C01 PGV HA . 12.24 -25.42 3.00
C02 PGV HA . 12.19 -26.40 1.80
C03 PGV HA . 12.01 -27.83 2.35
C04 PGV HA . 11.49 -30.35 4.70
C05 PGV HA . 10.55 -31.54 4.51
C06 PGV HA . 9.76 -31.32 3.18
O01 PGV HA . 13.48 -26.18 1.24
O02 PGV HA . 12.57 -26.31 -0.86
O03 PGV HA . 12.51 -24.06 2.44
O04 PGV HA . 10.33 -24.01 2.23
O05 PGV HA . 9.61 -31.54 5.59
O06 PGV HA . 8.96 -32.49 2.78
O11 PGV HA . 12.99 -27.98 3.35
O12 PGV HA . 12.47 -30.49 3.67
O13 PGV HA . 14.58 -29.36 4.68
O14 PGV HA . 14.30 -29.87 2.19
C1 PGV HA . 13.59 -26.22 -0.18
C2 PGV HA . 14.99 -26.05 -0.70
C3 PGV HA . 15.09 -26.46 -2.20
C4 PGV HA . 16.58 -26.32 -2.65
C5 PGV HA . 16.70 -26.73 -4.13
C6 PGV HA . 18.16 -26.70 -4.63
C7 PGV HA . 18.69 -25.24 -4.75
C8 PGV HA . 20.17 -25.20 -5.18
C9 PGV HA . 20.67 -23.81 -4.81
C10 PGV HA . 22.14 -23.53 -5.09
C11 PGV HA . 22.34 -22.26 -4.31
C12 PGV HA . 23.13 -21.27 -4.61
C13 PGV HA . 22.98 -20.49 -5.89
C14 PGV HA . 24.06 -19.44 -5.81
C15 PGV HA . 24.22 -18.87 -7.20
C16 PGV HA . 25.14 -17.69 -7.12
C17 PGV HA . 25.45 -17.22 -8.50
C18 PGV HA . 26.17 -15.91 -8.29
C19 PGV HA . 11.33 -23.34 2.18
C20 PGV HA . 11.30 -21.86 1.66
C21 PGV HA . 12.63 -21.61 0.95
C22 PGV HA . 12.73 -22.19 -0.45
C23 PGV HA . 14.08 -21.81 -0.95
C24 PGV HA . 14.45 -22.38 -2.29
C25 PGV HA . 15.92 -22.19 -2.69
C26 PGV HA . 16.49 -20.83 -2.90
C27 PGV HA . 17.94 -20.92 -3.40
C28 PGV HA . 18.45 -19.50 -3.73
C29 PGV HA . 18.23 -18.62 -2.50
C30 PGV HA . 18.61 -17.14 -2.57
C31 PGV HA . 17.60 -16.37 -3.42
C32 PGV HA . 17.79 -14.87 -3.37
C33 PGV HA . 17.55 -14.22 -2.02
C34 PGV HA . 18.10 -12.81 -2.20
P PSC IA . 12.09 -8.86 51.17
N PSC IA . 12.05 -10.58 55.14
C01 PSC IA . 13.67 -7.65 48.05
C02 PSC IA . 14.91 -8.39 48.45
C03 PSC IA . 14.20 -9.29 49.46
C04 PSC IA . 13.11 -10.33 53.04
C05 PSC IA . 12.49 -11.36 53.96
C06 PSC IA . 10.89 -9.75 54.77
C07 PSC IA . 13.16 -9.77 55.66
C08 PSC IA . 11.57 -11.47 56.18
O01 PSC IA . 15.85 -7.52 49.08
O02 PSC IA . 17.80 -7.01 47.94
O03 PSC IA . 13.05 -8.46 47.07
O04 PSC IA . 10.75 -8.29 47.05
O11 PSC IA . 13.39 -8.44 50.28
O12 PSC IA . 12.50 -10.31 51.75
O13 PSC IA . 10.93 -9.04 50.21
O14 PSC IA . 11.89 -7.87 52.29
C1 PSC IA . 16.65 -6.69 48.17
C2 PSC IA . 16.10 -5.37 47.61
C3 PSC IA . 17.03 -4.19 47.87
C4 PSC IA . 18.17 -4.13 46.85
C5 PSC IA . 17.72 -3.23 45.68
C6 PSC IA . 18.88 -2.29 45.35
C7 PSC IA . 18.77 -1.47 44.07
C8 PSC IA . 20.04 -0.63 43.89
C9 PSC IA . 20.19 -0.29 42.43
C10 PSC IA . 21.26 0.32 41.91
C11 PSC IA . 21.53 0.16 40.42
C12 PSC IA . 22.51 1.23 39.94
C13 PSC IA . 22.73 1.16 38.42
C14 PSC IA . 23.53 2.33 37.86
C15 PSC IA . 24.18 1.95 36.53
C16 PSC IA . 24.94 0.64 36.78
C17 PSC IA . 25.38 -0.21 35.58
C18 PSC IA . 26.77 0.14 35.08
C19 PSC IA . 11.82 -7.91 46.57
C20 PSC IA . 11.94 -6.92 45.44
C21 PSC IA . 12.69 -7.52 44.26
C22 PSC IA . 14.11 -8.05 44.44
C23 PSC IA . 15.07 -7.00 44.97
C24 PSC IA . 16.49 -7.50 44.81
C25 PSC IA . 16.81 -7.35 43.34
C26 PSC IA . 17.19 -5.92 42.94
C27 PSC IA . 18.70 -5.98 42.82
C28 PSC IA . 19.31 -4.88 41.96
C29 PSC IA . 20.76 -5.30 41.83
C30 PSC IA . 21.61 -4.33 41.06
C31 PSC IA . 22.99 -4.94 40.95
C32 PSC IA . 23.99 -3.94 40.35
C33 PSC IA . 23.60 -3.49 38.95
C34 PSC IA . 24.22 -2.16 38.61
CA1 TGL JA . 45.81 7.71 29.45
CA2 TGL JA . 46.27 6.25 29.49
CA3 TGL JA . 45.57 5.29 30.45
CA4 TGL JA . 44.05 5.29 30.35
CA5 TGL JA . 43.38 4.05 30.95
CA6 TGL JA . 43.77 3.70 32.39
CA7 TGL JA . 43.65 2.20 32.65
CA8 TGL JA . 45.02 1.54 32.50
CA9 TGL JA . 45.37 1.28 31.04
OA1 TGL JA . 46.31 8.50 30.23
CB1 TGL JA . 42.97 7.91 25.62
CB2 TGL JA . 42.94 6.41 25.65
CB3 TGL JA . 41.49 6.02 25.37
CB4 TGL JA . 41.10 4.69 25.97
CB5 TGL JA . 39.58 4.54 26.01
CB6 TGL JA . 39.19 3.25 26.73
CB7 TGL JA . 38.89 3.50 28.22
CB8 TGL JA . 38.83 2.19 29.02
CB9 TGL JA . 39.27 2.43 30.46
C10 TGL JA . 39.14 1.24 31.40
C11 TGL JA . 39.51 1.77 32.78
C12 TGL JA . 38.80 1.06 33.93
C13 TGL JA . 39.88 0.69 34.96
C14 TGL JA . 41.06 -0.03 34.30
OB1 TGL JA . 41.89 8.42 25.34
OG1 TGL JA . 44.82 8.21 28.47
CG1 TGL JA . 44.81 9.58 28.07
CG2 TGL JA . 44.02 9.86 26.77
OG2 TGL JA . 44.18 8.74 25.85
CG3 TGL JA . 44.32 11.27 26.24
OG3 TGL JA . 45.58 11.79 26.65
CC1 TGL JA . 46.01 13.19 26.71
CC2 TGL JA . 46.76 13.60 27.93
CC3 TGL JA . 47.98 12.73 28.16
CC4 TGL JA . 48.42 12.80 29.62
CC5 TGL JA . 49.88 12.40 29.75
CC6 TGL JA . 50.29 12.17 31.22
CC7 TGL JA . 50.98 10.80 31.45
CC8 TGL JA . 50.01 9.61 31.59
CC9 TGL JA . 50.69 8.27 31.93
C15 TGL JA . 51.29 7.45 30.78
C16 TGL JA . 50.39 6.29 30.25
C17 TGL JA . 51.12 4.95 30.11
C18 TGL JA . 50.76 4.07 28.90
C19 TGL JA . 50.00 2.78 29.20
OC1 TGL JA . 45.70 14.01 25.88
C20 TGL JA . 46.81 0.80 30.82
C21 TGL JA . 47.05 -0.60 31.36
C22 TGL JA . 45.85 -1.51 31.16
C23 TGL JA . 45.76 -2.02 29.73
C24 TGL JA . 44.44 -2.73 29.49
C25 TGL JA . 43.32 -2.10 30.32
C26 TGL JA . 42.13 -3.02 30.15
C27 TGL JA . 41.25 -2.48 29.03
C28 TGL JA . 40.89 -1.05 29.45
C29 TGL JA . 41.62 -1.17 35.16
C30 TGL JA . 42.52 -2.09 34.34
C31 TGL JA . 42.38 -3.56 34.73
C32 TGL JA . 41.31 -4.31 33.95
C33 TGL JA . 50.25 1.61 28.21
C34 TGL JA . 49.23 0.46 28.28
C35 TGL JA . 49.56 -0.70 27.31
C36 TGL JA . 48.80 -2.01 27.50
C1 EDO KA . 25.12 -35.77 18.69
O1 EDO KA . 24.79 -36.55 19.89
C2 EDO KA . 25.03 -36.72 17.51
O2 EDO KA . 23.84 -36.51 16.76
C1 EDO LA . 28.41 -27.20 33.00
O1 EDO LA . 29.13 -26.45 34.00
C2 EDO LA . 29.56 -27.93 32.30
O2 EDO LA . 30.33 -26.96 31.52
C1 EDO MA . 19.58 -20.43 31.88
O1 EDO MA . 18.61 -20.87 32.86
C2 EDO MA . 18.93 -19.28 31.11
O2 EDO MA . 17.67 -19.76 30.52
C1 EDO NA . 12.09 -5.90 33.36
O1 EDO NA . 12.29 -7.18 32.76
C2 EDO NA . 10.79 -5.25 32.89
O2 EDO NA . 9.73 -6.20 32.98
C1 EDO OA . 58.08 11.68 14.50
O1 EDO OA . 59.19 11.44 15.36
C2 EDO OA . 58.37 10.77 13.32
O2 EDO OA . 57.12 10.28 12.80
C1 EDO PA . 13.64 -25.43 40.26
O1 EDO PA . 14.69 -26.37 40.54
C2 EDO PA . 13.79 -24.08 40.98
O2 EDO PA . 14.95 -23.35 40.58
C1 EDO QA . 40.33 -23.77 25.57
O1 EDO QA . 39.80 -23.91 26.88
C2 EDO QA . 39.79 -24.95 24.78
O2 EDO QA . 38.38 -25.04 25.00
C1 EDO RA . 20.55 -28.70 41.68
O1 EDO RA . 21.50 -28.77 40.59
C2 EDO RA . 19.63 -27.49 41.62
O2 EDO RA . 18.44 -27.71 40.82
C1 EDO SA . 35.81 -43.71 8.17
O1 EDO SA . 35.05 -44.71 7.50
C2 EDO SA . 36.56 -42.95 7.08
O2 EDO SA . 35.88 -43.16 5.83
CU1 CUA TA . 45.50 7.46 -1.58
CU2 CUA TA . 45.16 5.86 0.30
O16 DMU UA . 29.63 17.29 32.17
C18 DMU UA . 29.20 16.34 33.14
C19 DMU UA . 28.69 15.01 32.56
C22 DMU UA . 28.55 13.95 33.66
C25 DMU UA . 28.20 12.53 33.19
C28 DMU UA . 28.89 11.46 34.05
C31 DMU UA . 28.19 10.08 34.13
C34 DMU UA . 29.03 9.05 34.90
C37 DMU UA . 28.59 7.62 34.64
C40 DMU UA . 28.68 6.76 35.90
C43 DMU UA . 27.47 7.02 36.77
C1 EDO VA . 51.59 12.18 11.06
O1 EDO VA . 51.81 12.16 12.48
C2 EDO VA . 50.53 13.26 10.76
O2 EDO VA . 49.28 12.76 11.26
C1 EDO WA . 43.49 36.16 -0.74
O1 EDO WA . 43.36 37.52 -0.33
C2 EDO WA . 44.44 36.11 -1.94
O2 EDO WA . 44.91 34.76 -2.08
C1 EDO XA . 54.94 7.87 -3.65
O1 EDO XA . 55.10 6.73 -2.83
C2 EDO XA . 54.91 7.48 -5.12
O2 EDO XA . 54.13 6.30 -5.29
C1 EDO YA . 44.84 9.39 -12.86
O1 EDO YA . 44.92 9.81 -11.47
C2 EDO YA . 44.83 10.64 -13.76
O2 EDO YA . 45.76 11.67 -13.37
C1 EDO ZA . 60.01 3.37 3.61
O1 EDO ZA . 61.17 3.47 4.50
C2 EDO ZA . 60.24 2.94 2.15
O2 EDO ZA . 59.08 3.24 1.34
NA NA AB . -5.45 -22.79 -0.87
C1 DMU BB . 39.61 -27.00 -23.43
C2 DMU BB . 40.10 -25.69 -23.95
C3 DMU BB . 38.93 -24.71 -24.01
C4 DMU BB . 37.93 -24.80 -22.83
O5 DMU BB . 38.29 -25.68 -21.74
C6 DMU BB . 39.04 -26.85 -22.02
O7 DMU BB . 39.46 -23.39 -24.11
O16 DMU BB . 38.06 -27.84 -21.88
C18 DMU BB . 38.59 -29.04 -21.35
C19 DMU BB . 37.42 -29.97 -21.13
C22 DMU BB . 37.45 -30.45 -19.69
C25 DMU BB . 36.08 -30.90 -19.26
C28 DMU BB . 36.09 -31.44 -17.83
C31 DMU BB . 34.74 -32.04 -17.56
C34 DMU BB . 34.51 -32.43 -16.13
C37 DMU BB . 33.08 -32.95 -16.10
C40 DMU BB . 32.88 -33.81 -14.87
C43 DMU BB . 32.02 -35.03 -15.17
O49 DMU BB . 40.76 -27.85 -23.47
O55 DMU BB . 40.62 -26.00 -25.24
C57 DMU BB . 36.50 -25.08 -23.34
O61 DMU BB . 35.97 -26.38 -23.00
C5 DMU BB . 39.52 -21.32 -25.39
C7 DMU BB . 38.53 -20.22 -25.78
C8 DMU BB . 37.12 -20.62 -26.26
C9 DMU BB . 36.50 -21.83 -25.56
O1 DMU BB . 37.46 -22.82 -25.13
C10 DMU BB . 38.89 -22.71 -25.23
O2 DMU BB . 36.22 -19.52 -26.06
O3 DMU BB . 40.29 -20.93 -24.24
O4 DMU BB . 39.16 -19.58 -26.90
C11 DMU BB . 35.40 -22.51 -26.40
O6 DMU BB . 34.10 -21.92 -26.24
C1 DMU CB . 27.84 -17.64 -26.03
C2 DMU CB . 27.82 -17.02 -27.45
C3 DMU CB . 26.43 -16.87 -28.04
C4 DMU CB . 25.52 -16.24 -27.00
O5 DMU CB . 25.47 -17.16 -25.91
C6 DMU CB . 26.67 -17.12 -25.15
O7 DMU CB . 26.58 -16.03 -29.19
O16 DMU CB . 26.45 -17.82 -23.91
C18 DMU CB . 25.67 -17.04 -22.97
C19 DMU CB . 25.08 -17.85 -21.81
C22 DMU CB . 24.87 -16.98 -20.57
C25 DMU CB . 24.98 -17.79 -19.28
C28 DMU CB . 23.82 -17.52 -18.31
C31 DMU CB . 24.41 -17.18 -16.95
C34 DMU CB . 23.36 -17.09 -15.84
C37 DMU CB . 24.07 -17.50 -14.56
C40 DMU CB . 23.20 -17.40 -13.30
C43 DMU CB . 23.92 -18.00 -12.11
O49 DMU CB . 29.12 -17.36 -25.40
O55 DMU CB . 28.59 -17.74 -28.44
C57 DMU CB . 24.11 -15.88 -27.49
O61 DMU CB . 24.03 -14.47 -27.76
O16 DMU DB . 0.75 -3.03 -3.03
C18 DMU DB . 0.45 -2.50 -4.33
C19 DMU DB . 1.31 -1.27 -4.68
C22 DMU DB . 0.96 -0.64 -6.03
C25 DMU DB . 2.18 -0.10 -6.78
C28 DMU DB . 2.54 1.34 -6.41
C31 DMU DB . 3.97 1.71 -6.80
C34 DMU DB . 4.52 2.84 -5.93
C37 DMU DB . 5.68 3.62 -6.59
C40 DMU DB . 6.75 4.08 -5.59
C43 DMU DB . 7.08 5.54 -5.82
C1 CHD EB . 17.78 12.78 8.56
C2 CHD EB . 18.26 14.13 7.97
C3 CHD EB . 17.04 15.02 7.70
O3 CHD EB . 17.42 16.28 7.11
C4 CHD EB . 16.04 14.33 6.76
C5 CHD EB . 15.61 12.94 7.32
C6 CHD EB . 14.67 12.26 6.33
C7 CHD EB . 15.29 11.71 5.05
O7 CHD EB . 15.57 12.77 4.11
C8 CHD EB . 16.58 10.92 5.36
C9 CHD EB . 17.51 11.68 6.31
C10 CHD EB . 16.80 12.03 7.64
C11 CHD EB . 18.85 10.91 6.49
C12 CHD EB . 19.47 10.46 5.15
O12 CHD EB . 19.91 11.65 4.41
C13 CHD EB . 18.50 9.61 4.32
C14 CHD EB . 17.28 10.49 4.05
C15 CHD EB . 16.50 9.73 2.97
C16 CHD EB . 17.60 9.13 2.11
C17 CHD EB . 18.91 9.36 2.87
C18 CHD EB . 18.12 8.25 4.98
C19 CHD EB . 16.34 10.72 8.36
C20 CHD EB . 19.93 8.28 2.53
C21 CHD EB . 21.23 8.28 3.36
C22 CHD EB . 20.24 8.58 1.08
C23 CHD EB . 20.90 7.39 0.44
O25 CHD EB . 22.00 8.90 -1.12
C24 CHD EB . 21.32 7.84 -0.94
O26 CHD EB . 21.24 6.92 -1.77
C1 CHD FB . -5.05 -27.36 -23.59
C2 CHD FB . -6.16 -27.04 -24.60
C3 CHD FB . -6.58 -25.58 -24.52
O3 CHD FB . -7.55 -25.28 -25.54
C4 CHD FB . -7.16 -25.32 -23.12
C5 CHD FB . -6.17 -25.70 -22.01
C6 CHD FB . -6.90 -25.51 -20.67
C7 CHD FB . -7.74 -26.67 -20.22
O7 CHD FB . -8.96 -26.62 -20.97
C8 CHD FB . -6.97 -27.99 -20.35
C9 CHD FB . -6.42 -28.20 -21.75
C10 CHD FB . -5.49 -27.09 -22.16
C11 CHD FB . -5.71 -29.55 -21.91
C12 CHD FB . -6.59 -30.76 -21.58
O12 CHD FB . -7.57 -31.04 -22.60
C13 CHD FB . -7.23 -30.54 -20.22
C14 CHD FB . -7.90 -29.17 -20.15
C15 CHD FB . -8.79 -29.17 -18.92
C16 CHD FB . -9.30 -30.63 -18.93
C17 CHD FB . -8.42 -31.45 -19.88
C18 CHD FB . -6.11 -30.72 -19.21
C19 CHD FB . -4.25 -27.23 -21.29
C20 CHD FB . -8.07 -32.84 -19.34
C21 CHD FB . -7.72 -33.88 -20.39
C22 CHD FB . -9.23 -33.35 -18.50
C23 CHD FB . -8.73 -33.42 -17.07
O25 CHD FB . -7.87 -35.61 -16.98
C24 CHD FB . -8.83 -34.86 -16.67
O26 CHD FB . -10.00 -35.26 -16.45
C1 CDL GB . 7.24 -40.54 -8.62
O1 CDL GB . 8.25 -39.49 -8.20
CA2 CDL GB . 7.64 -41.23 -9.90
OA2 CDL GB . 9.03 -41.43 -9.84
PA1 CDL GB . 9.79 -40.45 -10.83
OA3 CDL GB . 9.55 -39.09 -10.22
OA4 CDL GB . 11.18 -40.99 -11.10
OA5 CDL GB . 8.88 -40.57 -12.16
CA3 CDL GB . 9.54 -40.47 -13.41
CA4 CDL GB . 9.21 -39.13 -14.04
OA6 CDL GB . 8.31 -39.18 -15.15
CA5 CDL GB . 6.93 -38.91 -14.80
OA7 CDL GB . 6.31 -39.63 -14.01
C11 CDL GB . 6.28 -37.72 -15.46
C12 CDL GB . 7.13 -36.49 -15.11
C13 CDL GB . 8.39 -36.30 -15.98
C14 CDL GB . 9.31 -35.18 -15.48
C15 CDL GB . 10.38 -34.66 -16.44
C16 CDL GB . 10.80 -33.30 -15.90
C17 CDL GB . 11.80 -32.56 -16.80
C18 CDL GB . 12.15 -31.21 -16.19
C19 CDL GB . 12.99 -30.44 -16.89
C20 CDL GB . 12.62 -29.05 -17.41
C21 CDL GB . 13.61 -28.67 -18.48
C22 CDL GB . 13.65 -27.48 -19.06
C23 CDL GB . 13.74 -27.33 -20.57
C24 CDL GB . 14.40 -25.98 -20.85
C25 CDL GB . 15.70 -25.95 -20.05
C26 CDL GB . 16.51 -24.68 -20.30
C27 CDL GB . 17.69 -24.63 -19.37
CA6 CDL GB . 10.54 -38.56 -14.53
OA8 CDL GB . 11.40 -39.51 -15.12
CA7 CDL GB . 12.63 -39.03 -15.73
OA9 CDL GB . 13.49 -39.85 -16.02
C31 CDL GB . 12.84 -37.55 -16.03
C32 CDL GB . 14.04 -37.05 -15.22
C33 CDL GB . 14.72 -35.87 -15.89
C34 CDL GB . 14.96 -34.75 -14.90
C35 CDL GB . 15.81 -33.66 -15.51
C36 CDL GB . 15.79 -32.41 -14.63
C37 CDL GB . 16.52 -31.27 -15.30
C38 CDL GB . 17.96 -31.63 -15.46
C39 CDL GB . 18.76 -30.82 -16.15
C40 CDL GB . 18.90 -31.07 -17.63
C41 CDL GB . 19.85 -30.09 -18.30
C42 CDL GB . 20.34 -30.48 -19.47
C43 CDL GB . 21.81 -30.79 -19.62
C44 CDL GB . 22.05 -31.68 -20.84
C45 CDL GB . 23.47 -31.54 -21.37
C46 CDL GB . 23.73 -30.14 -21.94
C47 CDL GB . 22.91 -29.87 -23.19
CB2 CDL GB . 5.72 -40.32 -8.92
OB2 CDL GB . 5.37 -39.48 -10.06
PB2 CDL GB . 3.95 -39.05 -10.80
OB3 CDL GB . 2.58 -38.74 -10.07
OB4 CDL GB . 3.91 -39.80 -12.13
OB5 CDL GB . 4.75 -37.71 -11.12
CB3 CDL GB . 4.40 -36.41 -10.70
CB4 CDL GB . 5.62 -35.60 -11.02
OB6 CDL GB . 6.63 -35.74 -10.04
CB5 CDL GB . 7.86 -35.92 -10.76
OB7 CDL GB . 8.11 -36.99 -11.26
C51 CDL GB . 8.82 -34.78 -10.88
C52 CDL GB . 8.79 -34.05 -9.57
C53 CDL GB . 9.77 -32.92 -9.79
C54 CDL GB . 9.07 -31.62 -9.41
C55 CDL GB . 10.04 -30.46 -9.25
C56 CDL GB . 10.49 -29.93 -10.58
C57 CDL GB . 11.03 -28.52 -10.45
C58 CDL GB . 12.16 -28.44 -11.41
C59 CDL GB . 12.60 -27.31 -11.90
C60 CDL GB . 13.95 -27.27 -12.58
C61 CDL GB . 13.62 -26.36 -13.74
C62 CDL GB . 14.30 -25.27 -14.10
C63 CDL GB . 13.88 -24.53 -15.36
C64 CDL GB . 14.19 -23.03 -15.25
C65 CDL GB . 14.33 -22.38 -16.62
C66 CDL GB . 13.31 -22.95 -17.60
C67 CDL GB . 13.43 -22.32 -18.97
CB6 CDL GB . 5.25 -34.17 -10.88
OB8 CDL GB . 5.02 -33.62 -12.20
CB7 CDL GB . 6.00 -32.58 -12.54
OB9 CDL GB . 6.95 -32.52 -11.78
C71 CDL GB . 5.93 -31.63 -13.72
C72 CDL GB . 7.31 -31.12 -14.15
C73 CDL GB . 7.38 -29.74 -14.86
C74 CDL GB . 8.87 -29.48 -15.05
C75 CDL GB . 9.30 -28.03 -15.15
C76 CDL GB . 8.94 -27.37 -16.47
C77 CDL GB . 9.87 -26.20 -16.70
C78 CDL GB . 9.43 -25.45 -17.93
C79 CDL GB . 10.03 -24.31 -18.22
C80 CDL GB . 9.42 -23.40 -19.23
C81 CDL GB . 9.70 -22.00 -18.74
C82 CDL GB . 9.27 -20.94 -19.41
C83 CDL GB . 8.39 -19.94 -18.72
C84 CDL GB . 8.35 -18.57 -19.41
C85 CDL GB . 8.16 -18.58 -20.94
C86 CDL GB . 9.43 -18.59 -21.81
C87 CDL GB . 9.14 -18.66 -23.30
P PEK HB . -1.93 -9.05 7.59
N PEK HB . 1.38 -6.57 7.51
C01 PEK HB . 1.69 -12.09 7.18
C02 PEK HB . 0.36 -12.00 6.38
C03 PEK HB . -0.88 -11.45 7.12
C04 PEK HB . -0.25 -7.63 6.09
C05 PEK HB . 0.66 -6.42 6.25
O01 PEK HB . -0.08 -13.24 5.76
O02 PEK HB . 1.51 -12.95 4.10
O03 PEK HB . 1.76 -12.84 8.42
O04 PEK HB . 2.95 -13.89 10.09
O11 PEK HB . -0.77 -10.18 7.79
O12 PEK HB . -1.04 -7.74 7.27
O13 PEK HB . -2.76 -9.35 6.35
O14 PEK HB . -2.59 -8.76 8.92
C1 PEK HB . 0.53 -13.61 4.47
C2 PEK HB . -0.01 -14.77 3.60
C3 PEK HB . 0.91 -15.03 2.39
C4 PEK HB . 0.98 -13.89 1.38
C5 PEK HB . 2.21 -13.85 0.49
C6 PEK HB . 2.19 -13.06 -0.62
C7 PEK HB . 2.37 -11.57 -0.53
C8 PEK HB . 2.48 -10.82 -1.87
C9 PEK HB . 2.91 -9.54 -1.81
C10 PEK HB . 4.24 -9.09 -2.37
C11 PEK HB . 4.81 -7.76 -1.84
C12 PEK HB . 5.85 -7.18 -2.49
C13 PEK HB . 6.43 -5.78 -2.26
C14 PEK HB . 7.38 -5.36 -3.40
C15 PEK HB . 8.15 -4.27 -3.41
C16 PEK HB . 9.36 -4.20 -4.34
C17 PEK HB . 10.49 -3.30 -3.82
C18 PEK HB . 10.08 -1.82 -3.78
C19 PEK HB . 11.02 -0.96 -2.96
C20 PEK HB . 10.62 0.50 -3.14
C21 PEK HB . 3.01 -13.36 9.00
C22 PEK HB . 4.39 -13.31 8.33
C23 PEK HB . 5.37 -14.26 9.06
C24 PEK HB . 6.25 -13.63 10.16
C25 PEK HB . 7.44 -12.83 9.60
C26 PEK HB . 8.36 -12.24 10.67
C27 PEK HB . 9.55 -11.44 10.08
C28 PEK HB . 10.08 -10.42 11.08
C29 PEK HB . 9.15 -9.23 11.34
C30 PEK HB . 9.17 -8.78 12.82
C31 PEK HB . 8.53 -7.41 13.12
C32 PEK HB . 8.40 -7.14 14.63
C33 PEK HB . 6.96 -6.80 15.03
C34 PEK HB . 6.49 -5.56 14.26
C35 PEK HB . 7.39 -4.34 14.50
C36 PEK HB . 7.20 -3.24 13.44
C37 PEK HB . 8.07 -1.98 13.65
C38 PEK HB . 8.05 -1.03 12.46
P PEK IB . 21.21 -5.20 -24.32
N PEK IB . 18.51 -4.07 -27.84
C01 PEK IB . 21.87 -7.55 -21.44
C02 PEK IB . 20.34 -7.61 -21.54
C03 PEK IB . 19.90 -6.33 -22.26
C04 PEK IB . 19.04 -4.40 -25.43
C05 PEK IB . 19.26 -3.50 -26.71
O01 PEK IB . 19.94 -7.46 -20.17
O02 PEK IB . 19.00 -9.50 -20.41
O03 PEK IB . 22.30 -8.87 -21.00
O04 PEK IB . 24.46 -8.26 -20.52
O11 PEK IB . 20.42 -6.48 -23.61
O12 PEK IB . 20.13 -4.12 -24.54
O13 PEK IB . 22.22 -4.70 -23.34
O14 PEK IB . 21.68 -5.89 -25.59
C1 PEK IB . 19.22 -8.58 -19.66
C2 PEK IB . 18.78 -8.46 -18.22
C3 PEK IB . 20.01 -8.03 -17.45
C4 PEK IB . 20.99 -9.17 -17.29
C5 PEK IB . 22.02 -8.65 -16.29
C6 PEK IB . 22.25 -9.42 -15.23
C7 PEK IB . 21.00 -9.97 -14.57
C8 PEK IB . 21.33 -11.18 -13.79
C9 PEK IB . 20.38 -12.11 -13.82
C10 PEK IB . 19.40 -12.07 -14.96
C11 PEK IB . 19.71 -13.41 -15.60
C12 PEK IB . 19.28 -13.66 -16.82
C13 PEK IB . 18.40 -12.62 -17.43
C14 PEK IB . 18.06 -13.08 -18.82
C15 PEK IB . 16.94 -12.57 -19.29
C16 PEK IB . 15.71 -12.59 -18.41
C17 PEK IB . 14.69 -11.66 -19.03
C18 PEK IB . 14.49 -11.90 -20.52
C19 PEK IB . 13.28 -11.10 -20.97
C20 PEK IB . 12.10 -11.44 -20.09
C21 PEK IB . 23.66 -9.16 -20.62
C22 PEK IB . 24.09 -10.59 -20.28
C23 PEK IB . 23.05 -11.37 -19.53
C24 PEK IB . 23.63 -12.78 -19.28
C25 PEK IB . 24.79 -12.81 -18.28
C26 PEK IB . 24.32 -12.79 -16.83
C27 PEK IB . 25.57 -12.78 -15.98
C28 PEK IB . 25.43 -13.42 -14.63
C29 PEK IB . 25.13 -12.46 -13.52
C30 PEK IB . 24.87 -13.25 -12.26
C31 PEK IB . 24.43 -12.36 -11.13
C32 PEK IB . 24.61 -13.07 -9.81
C33 PEK IB . 23.41 -13.84 -9.36
C34 PEK IB . 22.81 -13.19 -8.14
C35 PEK IB . 23.21 -13.83 -6.85
C36 PEK IB . 22.22 -13.39 -5.79
C37 PEK IB . 22.52 -14.26 -4.55
C38 PEK IB . 21.58 -14.04 -3.38
P PGV JB . 1.75 -29.96 -1.31
C01 PGV JB . 5.48 -28.33 -0.54
C02 PGV JB . 4.95 -28.95 -1.83
C03 PGV JB . 4.32 -30.33 -1.53
C04 PGV JB . 0.90 -32.37 -0.67
C05 PGV JB . -0.55 -32.79 -1.00
C06 PGV JB . -1.18 -33.68 0.11
O01 PGV JB . 6.11 -29.26 -2.62
O02 PGV JB . 5.37 -27.92 -4.28
O03 PGV JB . 5.84 -26.96 -0.92
O04 PGV JB . 7.95 -27.34 -0.51
O05 PGV JB . -0.47 -33.51 -2.24
O06 PGV JB . -2.55 -33.85 -0.29
O11 PGV JB . 3.19 -30.12 -0.70
O12 PGV JB . 1.32 -31.47 -1.73
O13 PGV JB . 1.80 -29.22 -2.63
O14 PGV JB . 0.79 -29.50 -0.26
C1 PGV JB . 6.23 -28.71 -3.89
C2 PGV JB . 7.40 -29.16 -4.69
C3 PGV JB . 7.45 -28.46 -6.04
C4 PGV JB . 8.24 -27.12 -5.95
C5 PGV JB . 8.58 -26.65 -7.36
C6 PGV JB . 9.37 -25.33 -7.25
C7 PGV JB . 9.70 -24.78 -8.66
C8 PGV JB . 10.53 -23.50 -8.67
C9 PGV JB . 10.95 -23.11 -10.12
C10 PGV JB . 12.48 -23.01 -10.15
C11 PGV JB . 12.96 -22.86 -11.57
C12 PGV JB . 14.19 -22.41 -11.83
C13 PGV JB . 15.06 -21.77 -10.76
C14 PGV JB . 16.18 -20.86 -11.29
C15 PGV JB . 17.20 -21.43 -12.28
C16 PGV JB . 16.77 -21.34 -13.75
C17 PGV JB . 16.51 -19.90 -14.22
C18 PGV JB . 16.26 -19.72 -15.72
C19 PGV JB . 7.16 -26.55 -0.89
C20 PGV JB . 7.51 -25.12 -1.35
C21 PGV JB . 8.86 -25.19 -2.06
C22 PGV JB . 9.05 -23.76 -2.62
C23 PGV JB . 10.22 -23.64 -3.56
C24 PGV JB . 10.30 -22.52 -4.62
C25 PGV JB . 10.43 -21.07 -4.31
C26 PGV JB . 11.00 -20.51 -5.61
C27 PGV JB . 12.54 -20.61 -5.54
C28 PGV JB . 13.23 -20.24 -6.82
C29 PGV JB . 14.68 -19.87 -6.68
C30 PGV JB . 14.76 -18.34 -6.80
C31 PGV JB . 16.15 -17.73 -6.79
C32 PGV JB . 16.17 -16.28 -7.29
C33 PGV JB . 17.52 -15.59 -7.11
C34 PGV JB . 17.62 -14.21 -7.74
C1 EDO KB . 10.79 -42.84 5.29
O1 EDO KB . 9.54 -42.84 6.03
C2 EDO KB . 10.59 -43.45 3.89
O2 EDO KB . 11.45 -42.91 2.82
C1 EDO LB . 34.53 10.90 -14.74
O1 EDO LB . 33.45 11.65 -15.41
C2 EDO LB . 34.81 11.45 -13.32
O2 EDO LB . 35.25 12.82 -13.38
C1 EDO MB . -16.04 -21.02 -11.78
O1 EDO MB . -15.09 -22.03 -12.09
C2 EDO MB . -17.36 -21.30 -12.49
O2 EDO MB . -17.61 -22.68 -12.27
C1 EDO NB . 32.48 15.38 -13.73
O1 EDO NB . 32.91 14.24 -12.98
C2 EDO NB . 33.58 15.52 -14.80
O2 EDO NB . 33.58 14.52 -15.86
C1 EDO OB . 4.49 -44.93 6.57
O1 EDO OB . 5.87 -44.52 6.68
C2 EDO OB . 3.72 -43.74 6.01
O2 EDO OB . 4.43 -43.18 4.90
C1 EDO PB . 6.23 -40.87 10.55
O1 EDO PB . 6.12 -41.61 11.80
C2 EDO PB . 6.20 -41.89 9.40
O2 EDO PB . 4.94 -41.99 8.68
C1 EDO QB . -4.86 -16.84 -3.39
O1 EDO QB . -6.29 -16.63 -3.46
C2 EDO QB . -4.23 -16.66 -4.77
O2 EDO QB . -4.82 -15.60 -5.57
C1 DMU RB . 69.40 -12.69 19.43
C2 DMU RB . 70.40 -11.69 18.88
C3 DMU RB . 71.63 -11.66 19.77
C4 DMU RB . 72.22 -13.08 19.89
O5 DMU RB . 71.21 -14.10 20.10
C6 DMU RB . 70.07 -14.04 19.19
O16 DMU RB . 69.15 -15.16 19.26
C18 DMU RB . 69.63 -16.38 18.65
C19 DMU RB . 68.48 -17.24 18.16
C22 DMU RB . 67.23 -16.97 18.97
C25 DMU RB . 66.29 -18.16 19.14
C28 DMU RB . 65.44 -18.02 20.40
C31 DMU RB . 64.65 -19.29 20.77
C34 DMU RB . 63.51 -19.63 19.80
C37 DMU RB . 62.58 -20.81 20.16
C40 DMU RB . 61.44 -20.99 19.12
C43 DMU RB . 60.79 -22.37 19.11
O49 DMU RB . 68.14 -12.51 18.76
O55 DMU RB . 69.80 -10.38 18.72
C57 DMU RB . 73.28 -13.06 21.00
O61 DMU RB . 74.04 -11.85 20.91
CA1 TGL SB . 38.99 -17.48 42.48
CA2 TGL SB . 39.76 -16.49 41.61
CA3 TGL SB . 38.96 -15.49 40.74
CA4 TGL SB . 39.70 -15.02 39.47
CA5 TGL SB . 38.92 -13.97 38.66
CA6 TGL SB . 39.16 -13.91 37.14
CA7 TGL SB . 38.00 -13.15 36.48
CA8 TGL SB . 38.28 -12.56 35.11
CA9 TGL SB . 37.16 -11.60 34.73
OA1 TGL SB . 38.47 -17.18 43.56
CB1 TGL SB . 41.78 -20.93 42.55
CB2 TGL SB . 42.39 -20.36 41.22
CB3 TGL SB . 41.66 -19.36 40.28
CB4 TGL SB . 42.68 -18.62 39.36
CB5 TGL SB . 42.21 -17.39 38.55
CB6 TGL SB . 43.31 -16.71 37.74
CB7 TGL SB . 42.81 -16.17 36.39
CB8 TGL SB . 43.23 -14.72 36.22
CB9 TGL SB . 42.96 -14.11 34.81
C10 TGL SB . 43.24 -12.62 34.57
C11 TGL SB . 44.60 -12.36 33.88
C12 TGL SB . 45.77 -12.88 34.72
C13 TGL SB . 47.16 -12.83 34.09
C14 TGL SB . 48.30 -13.47 34.89
OB1 TGL SB . 42.49 -21.24 43.64
OG1 TGL SB . 38.88 -18.86 42.02
CG1 TGL SB . 38.34 -19.84 42.88
CG2 TGL SB . 39.52 -20.58 43.51
OG2 TGL SB . 40.32 -21.18 42.48
CG3 TGL SB . 38.89 -21.59 44.43
OG3 TGL SB . 37.84 -20.96 45.17
CC1 TGL SB . 36.80 -21.79 45.79
CC2 TGL SB . 35.37 -21.36 46.16
CC3 TGL SB . 34.61 -20.40 45.22
CC4 TGL SB . 35.54 -19.20 44.92
CC5 TGL SB . 35.65 -18.15 46.04
CC6 TGL SB . 34.28 -17.51 46.22
CC7 TGL SB . 34.16 -16.62 47.47
CC8 TGL SB . 34.54 -15.16 47.23
CC9 TGL SB . 34.03 -14.24 48.37
C15 TGL SB . 35.11 -13.89 49.42
C16 TGL SB . 35.81 -12.54 49.17
C17 TGL SB . 35.90 -11.68 50.45
C18 TGL SB . 36.07 -10.16 50.25
C19 TGL SB . 34.95 -9.30 50.92
OC1 TGL SB . 37.12 -22.95 46.05
C20 TGL SB . 37.56 -10.58 33.68
C21 TGL SB . 37.66 -9.13 34.15
C22 TGL SB . 36.33 -8.53 34.57
C23 TGL SB . 36.37 -8.02 36.01
C24 TGL SB . 36.81 -9.07 37.03
C25 TGL SB . 37.10 -8.51 38.43
C26 TGL SB . 37.22 -9.70 39.39
C27 TGL SB . 37.29 -9.31 40.86
C28 TGL SB . 37.45 -10.52 41.77
C29 TGL SB . 49.63 -13.30 34.15
C30 TGL SB . 50.22 -11.90 33.99
C31 TGL SB . 51.55 -11.95 33.24
C32 TGL SB . 52.12 -10.57 32.90
C33 TGL SB . 34.80 -7.80 50.55
C34 TGL SB . 33.46 -7.16 50.99
C35 TGL SB . 33.50 -5.86 51.82
C36 TGL SB . 32.22 -5.70 52.63
C1 EDO TB . 18.87 -34.98 36.66
O1 EDO TB . 19.51 -36.00 37.48
C2 EDO TB . 17.82 -35.65 35.76
O2 EDO TB . 16.53 -35.75 36.41
C1 EDO UB . 24.28 -33.69 72.01
O1 EDO UB . 23.62 -34.94 71.82
C2 EDO UB . 23.30 -32.70 72.60
O2 EDO UB . 23.20 -32.97 74.00
C1 EDO VB . 66.14 23.93 19.98
O1 EDO VB . 67.37 23.39 19.46
C2 EDO VB . 65.74 25.22 19.26
O2 EDO VB . 65.74 24.98 17.85
C1 EDO WB . 72.14 11.75 9.82
O1 EDO WB . 72.39 11.32 8.46
C2 EDO WB . 73.47 12.27 10.33
O2 EDO WB . 73.87 13.43 9.60
C1 EDO XB . 29.60 -34.42 44.40
O1 EDO XB . 28.79 -35.52 43.93
C2 EDO XB . 29.50 -33.14 43.57
O2 EDO XB . 28.21 -32.52 43.66
C1 EDO YB . 4.59 -28.23 54.70
O1 EDO YB . 3.88 -27.72 55.83
C2 EDO YB . 3.81 -27.90 53.41
O2 EDO YB . 2.47 -28.36 53.48
C1 EDO ZB . 9.79 -33.02 68.39
O1 EDO ZB . 9.30 -31.72 68.72
C2 EDO ZB . 9.22 -33.41 67.03
O2 EDO ZB . 8.06 -32.63 66.73
C1 EDO AC . 11.78 -17.87 46.88
O1 EDO AC . 12.09 -18.76 45.80
C2 EDO AC . 10.34 -17.41 46.74
O2 EDO AC . 9.51 -18.56 46.92
ZN ZN BC . 6.04 -25.78 38.79
P PEK CC . -20.27 -22.05 -18.87
N PEK CC . -17.08 -24.57 -18.86
C01 PEK CC . -16.68 -18.43 -20.57
C02 PEK CC . -17.43 -19.78 -20.58
C03 PEK CC . -18.39 -20.00 -19.39
C04 PEK CC . -18.90 -24.06 -17.64
C05 PEK CC . -18.12 -25.26 -18.14
O01 PEK CC . -16.45 -20.84 -20.61
O02 PEK CC . -16.09 -20.52 -22.91
O03 PEK CC . -16.59 -18.11 -21.96
O04 PEK CC . -16.57 -16.52 -23.56
O11 PEK CC . -19.36 -21.01 -19.76
O12 PEK CC . -19.44 -23.46 -18.81
O13 PEK CC . -20.59 -21.58 -17.46
O14 PEK CC . -21.41 -22.32 -19.83
C1 PEK CC . -15.69 -21.01 -21.85
C2 PEK CC . -14.42 -21.86 -21.87
C3 PEK CC . -13.81 -21.87 -23.27
C4 PEK CC . -13.15 -20.55 -23.68
C5 PEK CC . -11.92 -20.30 -22.85
C6 PEK CC . -11.01 -19.38 -23.21
C7 PEK CC . -9.55 -19.60 -22.87
C8 PEK CC . -8.68 -18.47 -23.40
C9 PEK CC . -7.38 -18.39 -23.10
C10 PEK CC . -6.69 -17.04 -23.23
C11 PEK CC . -5.38 -16.99 -22.51
C12 PEK CC . -4.65 -15.88 -22.56
C13 PEK CC . -4.13 -15.47 -23.92
C14 PEK CC . -3.05 -14.42 -23.74
C15 PEK CC . -2.40 -13.89 -24.77
C16 PEK CC . -2.08 -14.68 -26.02
C17 PEK CC . -1.53 -13.77 -27.13
C18 PEK CC . -2.48 -12.63 -27.54
C19 PEK CC . -2.30 -12.23 -29.01
C20 PEK CC . -0.90 -11.78 -29.41
C21 PEK CC . -15.89 -17.04 -22.69
C22 PEK CC . -14.44 -16.60 -22.56
C23 PEK CC . -14.21 -15.34 -23.44
C24 PEK CC . -12.90 -14.56 -23.23
C25 PEK CC . -13.00 -13.13 -23.74
C26 PEK CC . -11.66 -12.44 -23.87
C27 PEK CC . -11.60 -11.01 -24.43
C28 PEK CC . -12.26 -10.69 -25.78
C29 PEK CC . -13.62 -10.01 -25.62
C30 PEK CC . -13.93 -8.84 -26.57
C31 PEK CC . -15.04 -8.03 -25.88
C32 PEK CC . -14.71 -6.56 -25.67
C33 PEK CC . -15.49 -5.94 -24.51
C34 PEK CC . -14.93 -4.56 -24.19
C35 PEK CC . -15.77 -3.92 -23.08
C36 PEK CC . -15.27 -4.40 -21.75
C37 PEK CC . -15.81 -3.60 -20.59
C38 PEK CC . -15.20 -4.22 -19.35
C1 EDO DC . 14.59 -22.12 31.85
O1 EDO DC . 14.05 -23.41 31.61
C2 EDO DC . 14.10 -21.21 30.70
O2 EDO DC . 12.64 -21.11 30.67
C1 EDO EC . 9.82 -15.88 36.45
O1 EDO EC . 9.49 -17.05 35.69
C2 EDO EC . 9.77 -14.64 35.59
O2 EDO EC . 8.44 -14.47 35.08
C1 EDO FC . -5.49 -32.24 6.86
O1 EDO FC . -4.12 -32.67 6.88
C2 EDO FC . -5.58 -30.79 6.33
O2 EDO FC . -5.22 -30.85 4.94
C1 EDO GC . -4.25 -33.31 32.60
O1 EDO GC . -4.41 -34.62 33.21
C2 EDO GC . -4.12 -33.47 31.06
O2 EDO GC . -2.98 -34.31 30.65
C1 EDO HC . 10.34 -34.93 40.25
O1 EDO HC . 10.77 -35.92 41.20
C2 EDO HC . 11.54 -34.05 39.83
O2 EDO HC . 12.65 -34.90 39.47
C1 EDO IC . -5.47 -32.96 17.83
O1 EDO IC . -6.28 -34.11 17.57
C2 EDO IC . -5.61 -31.95 16.70
O2 EDO IC . -5.01 -32.45 15.50
C1 EDO JC . 2.21 -38.95 24.21
O1 EDO JC . 3.59 -39.13 23.80
C2 EDO JC . 1.25 -39.54 23.18
O2 EDO JC . 1.05 -40.92 23.48
C1 EDO KC . 8.38 -37.88 44.53
O1 EDO KC . 7.42 -38.96 44.34
C2 EDO KC . 7.78 -36.50 44.31
O2 EDO KC . 8.68 -35.66 43.55
C1 CHD LC . -16.42 -11.84 -23.99
C2 CHD LC . -16.92 -12.89 -25.00
C3 CHD LC . -17.97 -12.25 -25.92
O3 CHD LC . -18.59 -13.27 -26.73
C4 CHD LC . -19.09 -11.67 -25.07
C5 CHD LC . -18.61 -10.64 -24.02
C6 CHD LC . -19.82 -10.10 -23.24
C7 CHD LC . -20.46 -11.08 -22.22
O7 CHD LC . -21.29 -12.11 -22.83
C8 CHD LC . -19.38 -11.75 -21.33
C9 CHD LC . -18.22 -12.33 -22.19
C10 CHD LC . -17.56 -11.26 -23.11
C11 CHD LC . -17.17 -13.04 -21.35
C12 CHD LC . -17.78 -14.00 -20.31
O12 CHD LC . -18.30 -15.17 -21.01
C13 CHD LC . -18.87 -13.37 -19.42
C14 CHD LC . -19.95 -12.79 -20.36
C15 CHD LC . -21.13 -12.39 -19.47
C16 CHD LC . -21.05 -13.46 -18.34
C17 CHD LC . -19.74 -14.27 -18.53
C18 CHD LC . -18.23 -12.24 -18.56
C19 CHD LC . -16.96 -10.12 -22.30
C20 CHD LC . -19.09 -14.69 -17.19
C21 CHD LC . -17.86 -15.58 -17.40
C22 CHD LC . -20.10 -15.41 -16.27
C23 CHD LC . -20.55 -16.79 -16.80
O25 CHD LC . -22.55 -17.82 -15.94
C24 CHD LC . -21.32 -17.55 -15.73
O26 CHD LC . -20.70 -17.95 -14.69
C1 CDL MC . 1.35 7.68 -26.98
O1 CDL MC . 2.10 7.99 -25.80
CA2 CDL MC . 2.05 8.39 -28.13
OA2 CDL MC . 1.06 8.23 -29.11
PA1 CDL MC . 0.88 9.03 -30.48
OA3 CDL MC . 0.86 10.51 -30.15
OA4 CDL MC . 1.90 8.52 -31.48
OA5 CDL MC . -0.61 8.47 -30.83
CA3 CDL MC . -1.16 8.31 -32.14
CA4 CDL MC . -2.70 8.16 -32.25
OA6 CDL MC . -3.31 6.97 -31.65
CA5 CDL MC . -3.72 6.92 -30.21
OA7 CDL MC . -3.38 7.82 -29.45
C11 CDL MC . -4.54 5.76 -29.64
C12 CDL MC . -5.89 6.21 -29.06
C13 CDL MC . -6.17 5.83 -27.61
C14 CDL MC . -6.68 4.40 -27.41
C15 CDL MC . -7.26 4.16 -26.00
C16 CDL MC . -7.77 2.73 -25.81
C17 CDL MC . -9.02 2.56 -24.91
C18 CDL MC . -8.82 3.08 -23.49
C19 CDL MC . -9.56 2.75 -22.41
C20 CDL MC . -9.36 1.44 -21.66
C21 CDL MC . -9.82 1.39 -20.20
C22 CDL MC . -9.96 0.23 -19.48
C23 CDL MC . -11.03 -0.79 -19.86
C24 CDL MC . -11.08 -2.09 -19.07
C25 CDL MC . -12.17 -3.03 -19.60
C26 CDL MC . -13.60 -2.54 -19.36
C27 CDL MC . -14.37 -3.43 -18.38
CA6 CDL MC . -3.06 8.24 -33.76
OA8 CDL MC . -2.10 8.95 -34.59
CA7 CDL MC . -2.41 9.55 -35.90
OA9 CDL MC . -1.53 10.03 -36.61
C31 CDL MC . -3.85 9.62 -36.37
C32 CDL MC . -4.14 8.63 -37.48
C33 CDL MC . -4.57 7.28 -36.90
C34 CDL MC . -5.86 7.40 -36.06
C35 CDL MC . -6.16 6.11 -35.26
C36 CDL MC . -4.99 5.47 -34.48
C37 CDL MC . -5.38 4.27 -33.62
C38 CDL MC . -6.17 4.68 -32.38
C39 CDL MC . -6.86 3.85 -31.58
C40 CDL MC . -8.35 3.64 -31.78
C41 CDL MC . -9.00 2.92 -30.61
C42 CDL MC . -10.30 2.62 -30.56
C43 CDL MC . -11.18 3.07 -29.42
C44 CDL MC . -12.52 2.35 -29.52
C45 CDL MC . -12.17 0.87 -29.49
C46 CDL MC . -13.33 -0.12 -29.41
C47 CDL MC . -12.78 -1.54 -29.31
CB2 CDL MC . -0.14 8.12 -26.92
OB2 CDL MC . -0.95 7.31 -26.04
PB2 CDL MC . -2.58 7.33 -25.86
OB3 CDL MC . -3.25 6.61 -26.99
OB4 CDL MC . -3.09 8.70 -25.48
OB5 CDL MC . -2.76 6.32 -24.61
CB3 CDL MC . -4.01 6.08 -23.98
CB4 CDL MC . -3.93 4.83 -23.11
OB6 CDL MC . -5.09 4.07 -23.42
CB5 CDL MC . -4.89 2.63 -23.38
OB7 CDL MC . -3.84 2.16 -23.79
C51 CDL MC . -6.00 1.75 -22.85
C52 CDL MC . -5.84 0.28 -23.22
C53 CDL MC . -6.72 -0.55 -22.31
C54 CDL MC . -6.34 -0.22 -20.87
C55 CDL MC . -7.04 -1.10 -19.85
C56 CDL MC . -6.44 -0.77 -18.50
C57 CDL MC . -5.58 -1.88 -17.92
C58 CDL MC . -4.28 -1.24 -17.53
C59 CDL MC . -3.69 -1.44 -16.36
C60 CDL MC . -3.79 -0.24 -15.45
C61 CDL MC . -3.00 -0.45 -14.19
C62 CDL MC . -2.52 0.61 -13.52
C63 CDL MC . -1.10 1.03 -13.79
C64 CDL MC . -0.66 2.24 -12.97
C65 CDL MC . -0.68 1.98 -11.47
C66 CDL MC . 0.16 0.75 -11.11
C67 CDL MC . 0.25 0.55 -9.61
CB6 CDL MC . -3.87 5.16 -21.60
OB8 CDL MC . -4.47 4.09 -20.83
CB7 CDL MC . -4.79 4.01 -19.40
OB9 CDL MC . -4.14 4.54 -18.51
C71 CDL MC . -6.00 3.17 -19.04
C72 CDL MC . -6.41 3.31 -17.59
C73 CDL MC . -7.78 2.67 -17.42
C74 CDL MC . -8.13 2.56 -15.94
C75 CDL MC . -7.52 1.34 -15.29
C76 CDL MC . -8.28 0.10 -15.77
C77 CDL MC . -7.62 -1.14 -15.17
C78 CDL MC . -8.17 -2.40 -15.81
C79 CDL MC . -7.48 -3.53 -15.67
C80 CDL MC . -7.95 -4.52 -14.65
C81 CDL MC . -7.16 -5.81 -14.66
C82 CDL MC . -7.46 -6.61 -13.63
C83 CDL MC . -7.80 -5.95 -12.29
C84 CDL MC . -8.90 -6.73 -11.51
C85 CDL MC . -9.51 -6.18 -10.19
C86 CDL MC . -10.74 -6.98 -9.71
C87 CDL MC . -11.21 -6.80 -8.26
C1 EDO NC . 21.72 8.92 -28.92
O1 EDO NC . 22.15 8.05 -27.82
C2 EDO NC . 22.97 9.49 -29.63
O2 EDO NC . 23.68 8.38 -30.20
P PO4 OC . 20.48 23.64 -15.64
O1 PO4 OC . 20.74 22.93 -16.94
O2 PO4 OC . 21.54 23.27 -14.63
O3 PO4 OC . 20.54 25.13 -15.84
O4 PO4 OC . 19.11 23.29 -15.12
C1 EDO PC . 27.03 12.95 -7.62
O1 EDO PC . 27.74 11.73 -7.49
C2 EDO PC . 27.80 14.01 -6.89
O2 EDO PC . 28.86 14.39 -7.78
C1 DMU QC . 41.46 -23.99 -18.44
C2 DMU QC . 42.66 -24.16 -19.38
C3 DMU QC . 42.76 -23.04 -20.40
C4 DMU QC . 42.73 -21.71 -19.67
O5 DMU QC . 41.55 -21.59 -18.86
C6 DMU QC . 41.39 -22.57 -17.82
O16 DMU QC . 40.14 -22.36 -17.09
C18 DMU QC . 40.13 -21.22 -16.20
C19 DMU QC . 38.81 -20.89 -15.45
C22 DMU QC . 39.21 -20.58 -13.99
C25 DMU QC . 38.35 -19.58 -13.22
C28 DMU QC . 38.83 -19.41 -11.77
C31 DMU QC . 38.65 -20.75 -11.05
C34 DMU QC . 38.37 -20.64 -9.55
C37 DMU QC . 38.66 -21.95 -8.89
C40 DMU QC . 37.53 -22.33 -7.98
C43 DMU QC . 37.95 -23.55 -7.23
O49 DMU QC . 41.52 -25.02 -17.43
O55 DMU QC . 42.56 -25.42 -20.06
C57 DMU QC . 42.82 -20.57 -20.68
O61 DMU QC . 41.56 -20.43 -21.34
C1 CHD RC . 33.94 -43.65 -11.11
C2 CHD RC . 33.75 -45.16 -11.29
C3 CHD RC . 33.18 -45.47 -12.68
O3 CHD RC . 32.22 -46.55 -12.57
C4 CHD RC . 32.56 -44.23 -13.33
C5 CHD RC . 31.78 -43.30 -12.40
C6 CHD RC . 30.41 -43.94 -12.12
C7 CHD RC . 29.58 -43.38 -10.96
O7 CHD RC . 28.88 -44.49 -10.32
C8 CHD RC . 30.41 -42.62 -9.92
C9 CHD RC . 31.82 -43.22 -9.86
C10 CHD RC . 32.58 -42.92 -11.14
C11 CHD RC . 32.60 -42.76 -8.62
C12 CHD RC . 31.82 -42.98 -7.32
O12 CHD RC . 31.57 -44.39 -7.18
C13 CHD RC . 30.52 -42.17 -7.35
C14 CHD RC . 29.72 -42.66 -8.55
C15 CHD RC . 28.36 -41.97 -8.40
C16 CHD RC . 28.14 -41.96 -6.88
C17 CHD RC . 29.45 -42.44 -6.26
C18 CHD RC . 30.87 -40.71 -7.58
C19 CHD RC . 32.86 -41.41 -11.19
C20 CHD RC . 29.62 -42.11 -4.74
C21 CHD RC . 28.53 -42.78 -3.89
C22 CHD RC . 29.78 -40.61 -4.40
C23 CHD RC . 30.20 -40.34 -2.94
O25 CHD RC . 31.50 -38.47 -2.15
C24 CHD RC . 30.37 -38.86 -2.58
O26 CHD RC . 29.35 -38.17 -2.33
C1 EDO SC . 47.65 -15.35 -12.81
O1 EDO SC . 47.29 -15.74 -11.46
C2 EDO SC . 48.70 -14.24 -12.83
O2 EDO SC . 49.59 -14.39 -11.72
O16 DMU TC . 65.35 -1.84 32.78
C18 DMU TC . 64.43 -2.93 32.67
C19 DMU TC . 63.50 -2.79 31.45
C22 DMU TC . 62.74 -4.09 31.20
C25 DMU TC . 61.31 -3.84 30.78
C28 DMU TC . 60.68 -5.07 30.16
C31 DMU TC . 59.25 -4.71 29.83
C34 DMU TC . 58.69 -5.44 28.60
C37 DMU TC . 57.47 -4.63 28.14
C40 DMU TC . 56.80 -5.17 26.87
C43 DMU TC . 55.33 -4.83 26.91
O5 DMU UC . 67.74 -0.97 26.40
C6 DMU UC . 66.78 -0.76 25.35
O16 DMU UC . 65.68 0.02 25.83
C18 DMU UC . 64.75 -0.78 26.57
C19 DMU UC . 63.73 0.07 27.31
C22 DMU UC . 62.30 -0.14 26.82
C25 DMU UC . 61.53 -1.12 27.70
C28 DMU UC . 60.21 -1.57 27.07
C31 DMU UC . 59.25 -0.42 26.89
C34 DMU UC . 57.84 -0.65 27.45
C37 DMU UC . 57.19 0.72 27.75
C40 DMU UC . 55.67 0.73 27.93
C43 DMU UC . 55.14 2.16 28.00
O49 DMU UC . 67.09 0.65 22.69
C1 DMU VC . 62.76 -21.89 40.32
C2 DMU VC . 62.15 -21.59 41.69
C3 DMU VC . 63.17 -20.69 42.39
C4 DMU VC . 63.23 -19.36 41.62
O5 DMU VC . 63.55 -19.57 40.22
C6 DMU VC . 62.82 -20.59 39.48
O7 DMU VC . 62.83 -20.59 43.78
O16 DMU VC . 63.39 -20.87 38.17
C18 DMU VC . 62.74 -20.30 37.00
C19 DMU VC . 63.32 -20.72 35.63
C22 DMU VC . 62.75 -22.03 35.07
C25 DMU VC . 63.36 -22.46 33.73
C28 DMU VC . 62.31 -22.89 32.69
C31 DMU VC . 62.86 -23.07 31.27
C34 DMU VC . 61.77 -23.21 30.20
C37 DMU VC . 62.29 -23.67 28.82
C40 DMU VC . 61.24 -23.66 27.70
C43 DMU VC . 61.66 -24.44 26.46
O49 DMU VC . 62.01 -22.93 39.70
O55 DMU VC . 61.84 -22.79 42.42
C57 DMU VC . 64.22 -18.36 42.24
O61 DMU VC . 63.63 -17.08 42.55
O16 DMU WC . 59.97 1.28 31.95
C18 DMU WC . 58.88 0.62 31.29
C19 DMU WC . 57.95 -0.10 32.26
C22 DMU WC . 57.03 -1.09 31.53
C25 DMU WC . 57.04 -2.48 32.16
C28 DMU WC . 56.00 -3.39 31.51
C31 DMU WC . 55.28 -4.28 32.51
C34 DMU WC . 53.86 -4.57 32.04
C37 DMU WC . 53.14 -5.58 32.93
C40 DMU WC . 52.13 -6.35 32.07
C43 DMU WC . 51.33 -7.33 32.88
C1 DMU XC . 54.21 -21.66 -5.21
C2 DMU XC . 55.24 -22.15 -6.21
C3 DMU XC . 56.28 -22.98 -5.44
C4 DMU XC . 55.54 -24.14 -4.78
O5 DMU XC . 54.39 -23.76 -4.01
C6 DMU XC . 53.45 -22.85 -4.63
O7 DMU XC . 57.36 -23.62 -6.17
O16 DMU XC . 52.57 -22.37 -3.61
C18 DMU XC . 51.46 -23.24 -3.36
C19 DMU XC . 50.54 -22.55 -2.37
C22 DMU XC . 49.24 -23.33 -2.16
C25 DMU XC . 48.56 -22.84 -0.90
C28 DMU XC . 47.11 -23.34 -0.88
C31 DMU XC . 46.47 -23.27 0.49
C34 DMU XC . 45.63 -24.54 0.73
C37 DMU XC . 45.09 -24.73 2.15
C40 DMU XC . 45.48 -26.08 2.78
C43 DMU XC . 46.90 -26.01 3.30
O49 DMU XC . 53.36 -20.72 -5.88
O55 DMU XC . 55.74 -20.97 -6.84
C57 DMU XC . 56.51 -24.94 -3.91
O61 DMU XC . 57.64 -25.38 -4.67
C5 DMU XC . 59.72 -22.85 -6.34
C7 DMU XC . 60.38 -21.48 -6.48
C8 DMU XC . 60.15 -20.95 -7.90
C9 DMU XC . 58.66 -20.65 -8.10
O1 DMU XC . 57.82 -21.75 -7.68
C10 DMU XC . 58.33 -22.94 -7.02
O2 DMU XC . 60.90 -19.75 -8.14
O3 DMU XC . 59.68 -23.29 -4.97
O4 DMU XC . 61.77 -21.59 -6.16
C11 DMU XC . 58.30 -20.16 -9.53
O6 DMU XC . 56.89 -20.01 -9.77
C1 CHD YC . 52.93 -43.58 24.97
C2 CHD YC . 52.79 -44.35 26.28
C3 CHD YC . 52.38 -45.81 26.07
O3 CHD YC . 51.30 -46.14 26.95
C4 CHD YC . 51.93 -46.03 24.63
C5 CHD YC . 53.03 -45.74 23.62
C6 CHD YC . 52.39 -45.97 22.24
C7 CHD YC . 53.12 -45.45 20.99
O7 CHD YC . 52.22 -45.52 19.87
C8 CHD YC . 53.76 -44.05 21.16
C9 CHD YC . 53.49 -43.45 22.58
C10 CHD YC . 53.63 -44.33 23.83
C11 CHD YC . 54.32 -42.17 22.78
C12 CHD YC . 54.10 -41.14 21.67
O12 CHD YC . 52.90 -40.43 21.95
C13 CHD YC . 54.14 -41.66 20.23
C14 CHD YC . 53.38 -42.98 20.10
C15 CHD YC . 53.44 -43.24 18.57
C16 CHD YC . 53.24 -41.84 17.98
C17 CHD YC . 53.39 -40.83 19.15
C18 CHD YC . 55.61 -41.90 19.83
C19 CHD YC . 55.09 -44.47 24.28
C20 CHD YC . 53.84 -39.44 18.61
C21 CHD YC . 54.65 -38.53 19.53
C22 CHD YC . 52.65 -38.61 18.15
C23 CHD YC . 53.12 -37.44 17.28
O25 CHD YC . 51.06 -37.92 16.31
C24 CHD YC . 52.06 -37.19 16.23
O26 CHD YC . 52.25 -36.36 15.31
CA1 TGL ZC . 39.66 -34.81 10.33
CA2 TGL ZC . 40.25 -34.37 11.65
CA3 TGL ZC . 39.28 -33.47 12.40
CA4 TGL ZC . 40.04 -32.91 13.58
CA5 TGL ZC . 39.32 -33.03 14.87
CA6 TGL ZC . 39.32 -31.68 15.51
CA7 TGL ZC . 38.68 -31.64 16.86
CA8 TGL ZC . 38.25 -30.23 17.10
CA9 TGL ZC . 37.18 -30.17 18.12
OA1 TGL ZC . 40.28 -35.61 9.63
CB1 TGL ZC . 34.28 -34.29 7.57
CB2 TGL ZC . 34.38 -32.79 7.32
CB3 TGL ZC . 34.59 -31.86 8.51
CB4 TGL ZC . 33.82 -30.55 8.33
CB5 TGL ZC . 34.44 -29.49 7.43
CB6 TGL ZC . 35.72 -29.08 8.11
CB7 TGL ZC . 36.15 -27.75 7.58
CB8 TGL ZC . 37.34 -27.80 6.64
CB9 TGL ZC . 37.25 -26.43 6.00
C10 TGL ZC . 38.06 -26.27 4.72
C11 TGL ZC . 37.20 -25.44 3.76
C12 TGL ZC . 37.74 -25.59 2.36
C13 TGL ZC . 38.50 -24.39 1.84
C14 TGL ZC . 39.81 -24.83 1.18
OB1 TGL ZC . 33.36 -34.82 6.92
OG1 TGL ZC . 38.39 -34.26 9.86
CG1 TGL ZC . 37.14 -34.98 9.97
CG2 TGL ZC . 36.59 -35.34 8.58
OG2 TGL ZC . 35.12 -35.12 8.52
CG3 TGL ZC . 37.02 -36.83 8.47
OG3 TGL ZC . 38.34 -37.16 8.98
CC1 TGL ZC . 38.51 -38.44 9.70
CC2 TGL ZC . 39.51 -38.72 10.88
CC3 TGL ZC . 39.45 -40.02 11.78
CC4 TGL ZC . 38.84 -41.01 10.86
CC5 TGL ZC . 40.02 -41.13 9.92
CC6 TGL ZC . 39.84 -41.52 8.45
CC7 TGL ZC . 41.14 -41.33 7.62
CC8 TGL ZC . 41.61 -39.87 7.49
CC9 TGL ZC . 42.91 -39.60 6.71
C15 TGL ZC . 43.56 -38.24 7.05
C16 TGL ZC . 42.59 -37.04 7.01
C17 TGL ZC . 43.07 -35.76 7.73
C18 TGL ZC . 42.62 -34.48 7.00
C19 TGL ZC . 42.89 -33.16 7.75
OC1 TGL ZC . 37.71 -39.26 9.24
C20 TGL ZC . 36.97 -28.67 18.13
C21 TGL ZC . 35.52 -28.49 18.49
C22 TGL ZC . 34.76 -29.38 17.53
C23 TGL ZC . 33.37 -29.63 18.08
C24 TGL ZC . 33.35 -29.78 19.57
C25 TGL ZC . 32.06 -30.55 19.77
C26 TGL ZC . 32.47 -31.88 19.17
C27 TGL ZC . 31.72 -32.92 19.93
C28 TGL ZC . 30.36 -33.11 19.25
C29 TGL ZC . 40.58 -25.84 2.04
C30 TGL ZC . 42.01 -26.14 1.58
C31 TGL ZC . 42.49 -27.59 1.80
C32 TGL ZC . 42.40 -28.13 3.22
C33 TGL ZC . 43.24 -32.00 6.77
C34 TGL ZC . 42.46 -30.67 6.89
C35 TGL ZC . 41.00 -30.65 6.41
C36 TGL ZC . 40.57 -29.29 5.85
C1 EDO AD . 33.74 -41.59 15.45
O1 EDO AD . 33.40 -42.97 15.69
C2 EDO AD . 34.59 -41.57 14.17
O2 EDO AD . 33.80 -41.69 12.98
C1 EDO BD . 49.65 -25.64 3.33
O1 EDO BD . 48.22 -25.69 3.54
C2 EDO BD . 49.95 -25.91 1.87
O2 EDO BD . 51.35 -25.77 1.58
C1 DMU CD . 61.64 -23.26 10.63
C2 DMU CD . 62.93 -23.76 9.99
C3 DMU CD . 64.08 -22.85 10.33
C4 DMU CD . 64.24 -22.68 11.83
O5 DMU CD . 62.99 -22.27 12.42
C6 DMU CD . 61.89 -23.13 12.11
O7 DMU CD . 65.24 -23.56 9.87
O16 DMU CD . 60.76 -22.51 12.69
C18 DMU CD . 60.87 -22.40 14.10
C19 DMU CD . 59.58 -21.72 14.48
C22 DMU CD . 60.02 -20.57 15.30
C25 DMU CD . 58.88 -19.68 15.70
C28 DMU CD . 57.95 -19.44 14.56
C31 DMU CD . 57.53 -17.99 14.76
C34 DMU CD . 56.02 -17.79 14.74
C37 DMU CD . 55.43 -17.71 13.35
C40 DMU CD . 53.98 -17.19 13.39
C43 DMU CD . 53.86 -15.69 13.07
O49 DMU CD . 60.68 -24.29 10.44
O55 DMU CD . 62.80 -23.89 8.57
C57 DMU CD . 65.36 -21.69 12.22
O61 DMU CD . 65.40 -21.51 13.64
C5 DMU CD . 66.44 -23.66 7.70
C7 DMU CD . 67.32 -24.85 8.13
C8 DMU CD . 68.51 -24.32 8.91
C9 DMU CD . 68.07 -23.38 10.03
O1 DMU CD . 67.19 -22.35 9.59
C10 DMU CD . 66.03 -22.83 8.91
O2 DMU CD . 69.11 -25.48 9.52
O3 DMU CD . 65.25 -24.07 7.05
O4 DMU CD . 67.72 -25.67 7.03
C11 DMU CD . 69.24 -22.72 10.77
O6 DMU CD . 69.78 -21.63 10.00
C1 EDO DD . 63.26 -10.00 4.76
O1 EDO DD . 62.72 -9.82 3.46
C2 EDO DD . 62.41 -9.27 5.79
O2 EDO DD . 62.44 -7.86 5.55
FE HEA ED . -34.22 19.73 -19.62
CHA HEA ED . -31.46 21.86 -20.10
CHB HEA ED . -36.03 21.52 -21.92
CHC HEA ED . -36.92 17.51 -19.21
CHD HEA ED . -32.34 17.84 -17.50
NA HEA ED . -33.81 21.37 -20.75
C1A HEA ED . -32.64 22.03 -20.92
C2A HEA ED . -32.74 23.01 -21.93
C3A HEA ED . -34.01 22.91 -22.42
C4A HEA ED . -34.65 21.90 -21.72
CMA HEA ED . -34.53 23.73 -23.54
OMA HEA ED . -35.49 23.33 -24.20
CAA HEA ED . -31.63 23.91 -22.43
CBA HEA ED . -31.61 25.22 -21.72
CGA HEA ED . -30.44 26.06 -22.35
O1A HEA ED . -30.65 27.34 -22.33
O2A HEA ED . -29.34 25.61 -22.87
NB HEA ED . -36.05 19.57 -20.37
C1B HEA ED . -36.66 20.43 -21.28
C2B HEA ED . -38.00 20.07 -21.57
C3B HEA ED . -38.18 18.95 -20.81
C4B HEA ED . -37.00 18.66 -20.10
CMB HEA ED . -38.92 20.79 -22.54
NC HEA ED . -34.54 18.01 -18.66
C1C HEA ED . -35.65 17.23 -18.56
C2C HEA ED . -35.44 16.07 -17.81
C3C HEA ED . -34.18 16.21 -17.32
C4C HEA ED . -33.67 17.39 -17.83
CMC HEA ED . -36.51 14.98 -17.49
CAC HEA ED . -33.43 15.31 -16.40
CBC HEA ED . -33.85 14.18 -15.81
ND HEA ED . -32.36 19.89 -18.90
C1D HEA ED . -31.73 19.03 -18.02
C2D HEA ED . -30.38 19.40 -17.72
C3D HEA ED . -30.18 20.53 -18.41
C4D HEA ED . -31.38 20.76 -19.15
CMD HEA ED . -29.41 18.64 -16.80
CAD HEA ED . -28.92 21.45 -18.60
CBD HEA ED . -28.97 22.53 -17.48
CGD HEA ED . -27.81 23.51 -17.71
O1D HEA ED . -27.14 23.88 -16.74
O2D HEA ED . -27.47 23.87 -18.85
C11 HEA ED . -39.48 18.20 -20.81
C11 HEA ED . -39.32 18.03 -20.51
O11 HEA ED . -39.30 17.05 -21.70
O11 HEA ED . -40.43 18.96 -20.23
C12 HEA ED . -40.07 17.84 -19.46
C12 HEA ED . -39.68 16.84 -21.38
C13 HEA ED . -41.48 17.24 -19.72
C13 HEA ED . -40.87 16.19 -20.68
C14 HEA ED . -42.07 16.51 -18.54
C14 HEA ED . -40.58 15.39 -19.43
C15 HEA ED . -41.66 15.34 -18.05
C15 HEA ED . -41.26 15.59 -18.28
C16 HEA ED . -42.39 14.74 -16.92
C16 HEA ED . -41.00 14.80 -17.01
C17 HEA ED . -41.85 15.29 -15.63
C17 HEA ED . -42.20 13.95 -16.62
C18 HEA ED . -41.83 14.11 -14.71
C18 HEA ED . -42.11 13.05 -15.40
C19 HEA ED . -42.79 13.75 -13.86
C19 HEA ED . -42.68 13.41 -14.22
C20 HEA ED . -42.64 12.56 -12.99
C21 HEA ED . -44.01 11.99 -12.64
C22 HEA ED . -43.95 11.15 -11.37
C23 HEA ED . -44.33 9.87 -11.25
C24 HEA ED . -44.86 9.04 -12.36
C25 HEA ED . -44.20 9.16 -9.94
C26 HEA ED . -40.54 14.52 -18.61
C26 HEA ED . -42.28 16.68 -18.27
C27 HEA ED . -44.05 14.55 -13.70
C27 HEA ED . -43.38 14.73 -14.15
FE HEA FD . -23.92 11.71 -22.18
CHA HEA FD . -23.01 15.10 -22.11
CHB HEA FD . -21.27 10.97 -24.35
CHC HEA FD . -24.69 8.37 -21.98
CHD HEA FD . -26.49 12.40 -19.97
NA HEA FD . -22.42 12.80 -23.06
C1A HEA FD . -22.21 14.12 -22.85
C2A HEA FD . -21.02 14.53 -23.47
C3A HEA FD . -20.53 13.39 -24.05
C4A HEA FD . -21.40 12.32 -23.80
CMA HEA FD . -19.29 13.40 -24.81
OMA HEA FD . -18.72 12.37 -25.01
CAA HEA FD . -20.32 15.92 -23.53
CBA HEA FD . -20.79 16.65 -24.80
CGA HEA FD . -20.35 18.09 -24.62
O1A HEA FD . -19.73 18.65 -25.52
O2A HEA FD . -20.65 18.76 -23.63
NB HEA FD . -23.23 10.04 -23.04
C1B HEA FD . -22.18 9.90 -23.91
C2B HEA FD . -22.00 8.57 -24.33
C3B HEA FD . -22.91 7.84 -23.60
C4B HEA FD . -23.66 8.77 -22.86
CMB HEA FD . -20.94 8.13 -25.33
NC HEA FD . -25.35 10.65 -21.23
C1C HEA FD . -25.47 9.28 -21.21
C2C HEA FD . -26.49 8.80 -20.39
C3C HEA FD . -27.02 9.95 -19.86
C4C HEA FD . -26.26 11.05 -20.37
CMC HEA FD . -26.85 7.30 -20.18
CAC HEA FD . -28.14 10.15 -18.91
CBC HEA FD . -29.07 9.18 -18.70
ND HEA FD . -24.63 13.35 -21.27
C1D HEA FD . -25.66 13.46 -20.37
C2D HEA FD . -25.81 14.76 -19.82
C3D HEA FD . -24.86 15.53 -20.49
C4D HEA FD . -24.16 14.64 -21.33
CMD HEA FD . -26.85 15.18 -18.80
CAD HEA FD . -24.57 17.06 -20.42
CBD HEA FD . -24.00 17.60 -19.12
CGD HEA FD . -24.05 19.14 -19.21
O1D HEA FD . -23.14 19.63 -19.88
O2D HEA FD . -24.93 19.74 -18.56
C11 HEA FD . -23.03 6.33 -23.78
O11 HEA FD . -23.15 5.81 -22.42
C12 HEA FD . -24.18 5.92 -24.71
C13 HEA FD . -23.96 4.40 -25.05
C14 HEA FD . -25.24 3.93 -25.79
C15 HEA FD . -25.22 3.59 -27.13
C16 HEA FD . -26.58 3.14 -27.67
C17 HEA FD . -26.87 1.62 -27.54
C18 HEA FD . -25.82 0.78 -28.31
C19 HEA FD . -26.04 -0.09 -29.36
C20 HEA FD . -24.82 -0.83 -29.88
C21 HEA FD . -24.23 -0.39 -31.21
C22 HEA FD . -23.64 1.01 -31.14
C23 HEA FD . -22.44 1.37 -31.61
C24 HEA FD . -21.50 0.39 -32.29
C25 HEA FD . -22.01 2.83 -31.49
C26 HEA FD . -24.02 3.68 -28.06
C27 HEA FD . -27.42 -0.32 -29.96
CU CU GD . -20.31 12.32 -19.39
MG MG HD . -18.27 24.72 -22.32
NA NA ID . -36.03 34.65 -26.08
P PGV JD . -62.14 -2.11 -18.05
C01 PGV JD . -64.90 1.91 -18.64
C02 PGV JD . -63.83 1.07 -19.33
C03 PGV JD . -63.37 0.19 -18.21
C04 PGV JD . -64.21 -2.72 -16.49
C05 PGV JD . -65.60 -3.28 -16.72
C06 PGV JD . -66.39 -3.09 -15.44
O01 PGV JD . -62.71 1.89 -19.65
O02 PGV JD . -61.70 0.74 -21.43
O03 PGV JD . -66.08 2.12 -19.44
O04 PGV JD . -68.24 2.96 -19.54
O05 PGV JD . -65.53 -4.67 -17.09
O06 PGV JD . -66.36 -1.68 -15.19
O11 PGV JD . -62.61 -0.81 -18.86
O12 PGV JD . -63.51 -2.90 -17.72
O13 PGV JD . -61.58 -1.68 -16.71
O14 PGV JD . -61.40 -2.91 -19.08
C1 PGV JD . -62.20 1.78 -21.01
C2 PGV JD . -62.30 2.97 -21.92
C3 PGV JD . -61.79 4.28 -21.39
C4 PGV JD . -61.76 5.14 -22.63
C5 PGV JD . -60.89 6.38 -22.41
C6 PGV JD . -61.58 7.70 -22.68
C7 PGV JD . -61.46 8.21 -24.10
C8 PGV JD . -62.03 9.62 -24.22
C9 PGV JD . -61.63 10.13 -25.59
C10 PGV JD . -62.03 11.56 -25.86
C11 PGV JD . -61.40 12.56 -24.90
C12 PGV JD . -61.79 13.84 -24.93
C13 PGV JD . -63.25 14.24 -25.10
C14 PGV JD . -63.43 15.77 -25.13
C15 PGV JD . -64.83 16.26 -25.53
C16 PGV JD . -64.94 17.80 -25.53
C17 PGV JD . -66.35 18.32 -25.88
C18 PGV JD . -66.55 19.81 -25.64
C19 PGV JD . -67.13 3.08 -19.04
C20 PGV JD . -66.88 4.23 -18.06
C21 PGV JD . -65.66 5.08 -18.48
C22 PGV JD . -65.43 5.11 -20.00
C23 PGV JD . -65.80 6.43 -20.66
C24 PGV JD . -64.88 7.57 -20.25
C25 PGV JD . -65.22 8.88 -20.92
C26 PGV JD . -64.27 9.98 -20.49
C27 PGV JD . -64.73 11.39 -20.76
C28 PGV JD . -63.62 12.45 -20.58
C29 PGV JD . -64.09 13.77 -21.19
C30 PGV JD . -63.10 14.94 -21.26
C31 PGV JD . -63.87 16.24 -21.54
C32 PGV JD . -63.15 17.53 -21.11
C33 PGV JD . -64.15 18.68 -21.00
C34 PGV JD . -64.42 19.33 -22.33
P PGV KD . -30.39 2.50 11.99
C01 PGV KD . -26.43 2.54 10.12
C02 PGV KD . -26.66 3.17 11.53
C03 PGV KD . -27.79 2.39 12.28
C04 PGV KD . -30.33 -0.11 12.69
C05 PGV KD . -30.58 -0.77 13.98
C06 PGV KD . -29.50 -0.28 15.02
O01 PGV KD . -27.04 4.51 11.20
O02 PGV KD . -25.74 5.18 12.89
O03 PGV KD . -25.42 3.28 9.34
O04 PGV KD . -24.07 1.94 10.49
O05 PGV KD . -30.54 -2.19 13.73
O06 PGV KD . -29.62 -0.98 16.32
O11 PGV KD . -28.87 2.41 11.34
O12 PGV KD . -30.51 1.27 12.97
O13 PGV KD . -31.26 2.52 10.72
O14 PGV KD . -30.49 3.85 12.68
C1 PGV KD . -26.46 5.55 12.01
C2 PGV KD . -26.85 6.96 11.71
C3 PGV KD . -26.69 7.96 12.88
C4 PGV KD . -27.05 9.38 12.40
C5 PGV KD . -26.95 10.43 13.58
C6 PGV KD . -27.47 11.82 13.16
C7 PGV KD . -26.71 12.33 11.94
C8 PGV KD . -27.18 13.76 11.70
C9 PGV KD . -26.84 14.13 10.28
C10 PGV KD . -27.27 15.48 9.73
C11 PGV KD . -26.83 15.29 8.29
C12 PGV KD . -26.32 16.28 7.53
C13 PGV KD . -25.29 17.13 8.18
C14 PGV KD . -25.09 18.41 7.41
C15 PGV KD . -24.35 18.15 6.12
C16 PGV KD . -23.99 19.45 5.48
C17 PGV KD . -23.37 20.46 6.43
C18 PGV KD . -22.67 21.46 5.52
C19 PGV KD . -24.11 2.79 9.65
C20 PGV KD . -22.82 3.38 9.03
C21 PGV KD . -22.96 4.88 8.63
C22 PGV KD . -23.04 5.89 9.79
C23 PGV KD . -23.32 7.32 9.33
C24 PGV KD . -23.31 8.37 10.43
C25 PGV KD . -23.70 9.83 10.07
C26 PGV KD . -22.92 10.54 9.00
C27 PGV KD . -23.68 11.79 8.58
C28 PGV KD . -22.83 12.62 7.63
C29 PGV KD . -22.08 11.73 6.64
C30 PGV KD . -21.60 12.55 5.46
C31 PGV KD . -20.82 11.81 4.38
C32 PGV KD . -19.33 11.88 4.67
C33 PGV KD . -18.43 11.73 3.43
C34 PGV KD . -18.49 12.93 2.51
CA1 TGL LD . -31.85 15.03 -42.51
CA2 TGL LD . -33.20 14.88 -41.81
CA3 TGL LD . -33.09 13.95 -40.60
CA4 TGL LD . -34.04 12.78 -40.77
CA5 TGL LD . -33.55 11.54 -40.04
CA6 TGL LD . -34.18 10.32 -40.68
CA7 TGL LD . -35.34 9.76 -39.86
CA8 TGL LD . -36.55 10.67 -39.91
CA9 TGL LD . -36.67 11.46 -38.62
OA1 TGL LD . -31.82 15.13 -43.73
CB1 TGL LD . -28.94 15.49 -38.72
CB2 TGL LD . -30.07 15.26 -37.73
CB3 TGL LD . -29.96 13.85 -37.13
CB4 TGL LD . -29.50 13.75 -35.67
CB5 TGL LD . -29.11 12.30 -35.35
CB6 TGL LD . -30.28 11.40 -34.94
CB7 TGL LD . -30.73 10.37 -35.99
CB8 TGL LD . -31.60 9.29 -35.35
CB9 TGL LD . -32.92 8.96 -36.04
C10 TGL LD . -32.79 7.90 -37.14
C11 TGL LD . -33.86 6.82 -37.06
C12 TGL LD . -35.22 7.36 -37.49
C13 TGL LD . -36.22 6.24 -37.79
C14 TGL LD . -37.59 6.73 -38.30
OB1 TGL LD . -27.91 14.87 -38.51
OG1 TGL LD . -30.61 15.07 -41.75
CG1 TGL LD . -29.56 15.92 -42.19
CG2 TGL LD . -28.46 16.09 -41.14
OG2 TGL LD . -29.03 16.45 -39.85
CG3 TGL LD . -27.53 17.11 -41.80
OG3 TGL LD . -27.60 16.86 -43.22
CC1 TGL LD . -27.33 17.90 -44.21
CC2 TGL LD . -28.41 18.39 -45.17
CC3 TGL LD . -28.25 17.82 -46.58
CC4 TGL LD . -29.61 17.41 -47.15
CC5 TGL LD . -30.62 18.54 -47.03
CC6 TGL LD . -31.72 18.41 -48.08
CC7 TGL LD . -32.79 19.49 -47.95
CC8 TGL LD . -34.20 18.90 -47.85
CC9 TGL LD . -34.31 17.59 -47.02
C15 TGL LD . -35.64 17.47 -46.27
C16 TGL LD . -35.50 17.01 -44.81
C17 TGL LD . -36.41 17.78 -43.83
C18 TGL LD . -36.44 17.24 -42.37
C19 TGL LD . -37.38 17.99 -41.39
OC1 TGL LD . -26.25 18.37 -44.21
C20 TGL LD . -38.02 11.14 -38.00
C21 TGL LD . -38.88 12.39 -37.98
C22 TGL LD . -38.49 13.26 -36.79
C23 TGL LD . -39.44 13.09 -35.60
C24 TGL LD . -39.42 11.70 -34.98
C25 TGL LD . -38.03 11.43 -34.43
C26 TGL LD . -37.97 10.09 -33.74
C27 TGL LD . -36.58 10.08 -33.17
C28 TGL LD . -35.64 9.90 -34.34
C29 TGL LD . -38.48 7.47 -37.27
C30 TGL LD . -39.39 6.56 -36.41
C31 TGL LD . -40.29 7.22 -35.35
C32 TGL LD . -41.01 6.21 -34.48
C33 TGL LD . -37.69 17.24 -40.07
C34 TGL LD . -38.54 18.00 -39.03
C35 TGL LD . -38.72 17.22 -37.70
C36 TGL LD . -39.78 17.79 -36.74
C1 EDO MD . -49.18 -6.30 -13.93
O1 EDO MD . -49.26 -6.21 -15.36
C2 EDO MD . -49.84 -5.00 -13.42
O2 EDO MD . -49.40 -3.77 -14.00
C1 EDO ND . -23.91 -15.46 -21.79
O1 EDO ND . -23.53 -16.15 -20.59
C2 EDO ND . -24.44 -14.09 -21.40
O2 EDO ND . -25.59 -14.19 -20.52
C1 EDO OD . -37.24 -10.37 -14.12
O1 EDO OD . -36.70 -11.06 -12.90
C2 EDO OD . -38.73 -10.66 -14.28
O2 EDO OD . -38.95 -12.09 -14.07
C1 EDO PD . -44.55 -14.38 3.75
O1 EDO PD . -43.95 -14.78 4.99
C2 EDO PD . -44.15 -13.00 3.30
O2 EDO PD . -45.00 -11.96 3.82
C1 EDO QD . -42.50 -21.54 -13.76
O1 EDO QD . -43.77 -20.96 -13.40
C2 EDO QD . -41.75 -20.60 -14.71
O2 EDO QD . -42.24 -20.66 -16.06
C1 EDO RD . -11.61 35.25 -9.37
O1 EDO RD . -11.59 33.94 -9.95
C2 EDO RD . -13.03 35.82 -9.42
O2 EDO RD . -13.92 35.01 -8.62
C1 EDO SD . -47.46 0.26 3.26
O1 EDO SD . -46.47 -0.28 4.17
C2 EDO SD . -47.77 -0.59 2.03
O2 EDO SD . -48.70 -1.66 2.34
C1 EDO TD . -50.58 -11.67 -6.62
O1 EDO TD . -51.54 -12.35 -7.46
C2 EDO TD . -51.02 -10.21 -6.46
O2 EDO TD . -52.37 -10.13 -5.92
C1 EDO UD . -34.64 -21.13 4.96
O1 EDO UD . -33.59 -20.44 5.64
C2 EDO UD . -34.65 -20.55 3.57
O2 EDO UD . -34.50 -19.13 3.68
C1 EDO VD . -33.60 -14.86 6.29
O1 EDO VD . -33.61 -16.26 5.93
C2 EDO VD . -34.18 -14.01 5.13
O2 EDO VD . -34.75 -12.73 5.52
C1 EDO WD . -40.91 -1.61 11.52
O1 EDO WD . -42.01 -1.76 12.43
C2 EDO WD . -41.40 -0.85 10.28
O2 EDO WD . -41.51 -1.78 9.19
C1 EDO XD . -52.42 4.42 10.53
O1 EDO XD . -52.21 3.84 9.22
C2 EDO XD . -51.80 5.83 10.69
O2 EDO XD . -52.57 6.86 10.05
C1 EDO YD . -38.76 -21.49 11.38
O1 EDO YD . -38.05 -21.89 10.21
C2 EDO YD . -40.13 -21.11 10.87
O2 EDO YD . -40.05 -19.91 10.05
C1 EDO ZD . -33.19 5.78 0.55
O1 EDO ZD . -32.53 4.66 1.21
C2 EDO ZD . -32.53 6.07 -0.84
O2 EDO ZD . -31.35 6.92 -1.06
C1 EDO AE . -25.10 38.84 -9.10
O1 EDO AE . -25.92 37.77 -8.58
C2 EDO AE . -24.64 38.72 -10.57
O2 EDO AE . -25.29 37.68 -11.33
CU1 CUA BE . -19.25 35.41 -22.63
CU2 CUA BE . -20.93 33.60 -22.64
O16 DMU CE . -16.59 3.22 -44.37
C18 DMU CE . -16.71 2.24 -43.33
C19 DMU CE . -17.99 2.50 -42.52
C22 DMU CE . -18.56 1.31 -41.74
C25 DMU CE . -20.07 1.47 -41.50
C28 DMU CE . -20.69 0.34 -40.65
C31 DMU CE . -22.19 0.49 -40.40
C34 DMU CE . -22.72 -0.61 -39.48
C37 DMU CE . -24.22 -0.53 -39.21
C40 DMU CE . -24.69 -1.74 -38.41
C43 DMU CE . -26.15 -1.99 -38.64
C1 EDO DE . -22.90 31.89 -36.34
O1 EDO DE . -22.78 30.59 -35.70
C2 EDO DE . -24.38 32.29 -36.19
O2 EDO DE . -25.24 31.49 -37.02
C1 EDO EE . -30.37 42.76 -25.68
O1 EDO EE . -31.41 42.32 -24.79
C2 EDO EE . -30.45 42.10 -27.06
O2 EDO EE . -31.67 42.37 -27.78
NA NA FE . -13.19 -7.25 18.04
O16 DMU GE . -15.93 34.55 17.25
C18 DMU GE . -16.52 33.25 17.34
C19 DMU GE . -16.69 32.65 15.95
C22 DMU GE . -17.39 31.27 15.99
C25 DMU GE . -17.32 30.59 14.63
C28 DMU GE . -17.85 29.14 14.66
C31 DMU GE . -17.92 28.47 13.28
C34 DMU GE . -18.60 27.08 13.32
C37 DMU GE . -18.66 26.36 11.97
C40 DMU GE . -19.26 24.96 12.08
C43 DMU GE . -19.52 24.20 10.79
C1 DMU HE . -32.97 39.87 16.29
C2 DMU HE . -31.92 40.68 15.48
C3 DMU HE . -30.60 39.94 15.30
C4 DMU HE . -30.94 38.51 14.91
O5 DMU HE . -31.49 37.93 16.07
C6 DMU HE . -32.84 38.34 16.16
O7 DMU HE . -29.82 40.53 14.27
O16 DMU HE . -33.36 37.65 17.28
C18 DMU HE . -34.33 36.68 16.89
C19 DMU HE . -34.10 35.38 17.63
C22 DMU HE . -35.13 34.37 17.16
C25 DMU HE . -34.61 32.97 17.40
C28 DMU HE . -35.81 32.04 17.36
C31 DMU HE . -35.41 30.69 17.89
C34 DMU HE . -36.47 29.60 17.77
C37 DMU HE . -35.78 28.37 18.34
C40 DMU HE . -36.81 27.42 18.90
C43 DMU HE . -37.77 28.16 19.79
O49 DMU HE . -34.29 40.26 15.88
O55 DMU HE . -31.66 41.96 16.08
C57 DMU HE . -29.79 37.65 14.49
O61 DMU HE . -30.27 36.30 14.60
C5 DMU HE . -28.41 42.51 14.29
C7 DMU HE . -27.01 42.88 13.84
C8 DMU HE . -25.88 41.99 14.37
C9 DMU HE . -26.18 40.48 14.42
O1 DMU HE . -27.54 40.12 14.75
C10 DMU HE . -28.62 41.08 14.81
O2 DMU HE . -24.81 42.10 13.42
O3 DMU HE . -29.38 42.86 13.27
O4 DMU HE . -26.77 44.21 14.32
C11 DMU HE . -25.04 39.64 15.10
O6 DMU HE . -24.94 39.51 16.54
C1 CHD IE . -4.17 9.47 -21.09
C2 CHD IE . -3.24 10.43 -21.85
C3 CHD IE . -1.84 9.82 -21.81
O3 CHD IE . -0.91 10.66 -22.51
C4 CHD IE . -1.38 9.62 -20.36
C5 CHD IE . -2.34 8.74 -19.56
C6 CHD IE . -1.82 8.63 -18.10
C7 CHD IE . -2.05 9.87 -17.22
O7 CHD IE . -1.05 10.82 -17.60
C8 CHD IE . -3.50 10.40 -17.37
C9 CHD IE . -3.92 10.58 -18.86
C10 CHD IE . -3.79 9.26 -19.63
C11 CHD IE . -5.32 11.25 -19.03
C12 CHD IE . -5.48 12.56 -18.25
O12 CHD IE . -4.52 13.55 -18.72
C13 CHD IE . -5.18 12.28 -16.76
C14 CHD IE . -3.74 11.73 -16.65
C15 CHD IE . -3.34 11.78 -15.18
C16 CHD IE . -4.06 13.04 -14.66
C17 CHD IE . -5.03 13.47 -15.78
C18 CHD IE . -6.19 11.28 -16.20
C19 CHD IE . -4.80 8.23 -19.12
C20 CHD IE . -6.25 14.19 -15.22
C21 CHD IE . -7.17 14.69 -16.34
C22 CHD IE . -5.60 15.40 -14.55
C23 CHD IE . -6.56 16.38 -13.95
O25 CHD IE . -5.43 18.47 -14.23
C24 CHD IE . -5.77 17.55 -13.42
O26 CHD IE . -6.08 17.84 -12.26
C1 CHD JE . -7.37 7.39 34.84
C2 CHD JE . -6.08 8.14 34.53
C3 CHD JE . -4.80 7.29 34.60
O3 CHD JE . -4.23 7.38 35.92
C4 CHD JE . -5.06 5.85 34.21
C5 CHD JE . -6.27 5.76 33.29
C6 CHD JE . -6.28 4.41 32.61
C7 CHD JE . -6.80 3.29 33.48
O7 CHD JE . -5.80 2.86 34.43
C8 CHD JE . -8.11 3.66 34.19
C9 CHD JE . -7.95 4.96 34.97
C10 CHD JE . -7.57 6.09 34.04
C11 CHD JE . -9.22 5.29 35.79
C12 CHD JE . -9.64 4.15 36.75
O12 CHD JE . -8.70 4.01 37.85
C13 CHD JE . -9.80 2.88 35.92
C14 CHD JE . -8.47 2.60 35.23
C15 CHD JE . -8.46 1.13 34.81
C16 CHD JE . -9.33 0.46 35.88
C17 CHD JE . -10.06 1.56 36.67
C18 CHD JE . -10.94 3.19 34.95
C19 CHD JE . -8.74 6.29 33.08
C20 CHD JE . -11.50 1.18 36.99
C21 CHD JE . -12.27 2.21 37.83
C22 CHD JE . -11.43 -0.16 37.73
C23 CHD JE . -12.13 -1.33 37.02
O25 CHD JE . -14.29 -0.46 37.59
C24 CHD JE . -13.51 -1.47 37.62
O26 CHD JE . -13.81 -2.52 38.26
C1 CDL KE . -29.52 3.92 28.94
O1 CDL KE . -29.85 4.76 27.78
CA2 CDL KE . -30.24 4.64 30.04
OA2 CDL KE . -29.63 5.89 29.87
PA1 CDL KE . -30.02 7.07 30.85
OA3 CDL KE . -31.22 7.74 30.22
OA4 CDL KE . -30.03 6.51 32.26
OA5 CDL KE . -28.71 7.97 30.63
CA3 CDL KE . -28.32 8.92 31.60
CA4 CDL KE . -27.12 9.63 31.01
OA6 CDL KE . -26.03 9.74 31.94
CA5 CDL KE . -25.18 8.55 32.01
OA7 CDL KE . -25.64 7.43 32.23
C11 CDL KE . -23.68 8.75 31.87
C12 CDL KE . -23.36 9.30 30.47
C13 CDL KE . -23.93 10.68 30.14
C14 CDL KE . -23.45 11.30 28.82
C15 CDL KE . -24.19 12.59 28.47
C16 CDL KE . -23.41 13.46 27.46
C17 CDL KE . -22.14 13.97 28.12
C18 CDL KE . -21.27 14.81 27.21
C19 CDL KE . -20.10 15.23 27.65
C20 CDL KE . -19.58 16.60 27.27
C21 CDL KE . -18.29 16.87 28.01
C22 CDL KE . -17.69 18.04 27.85
C23 CDL KE . -17.41 18.60 26.47
C24 CDL KE . -17.09 20.08 26.63
C25 CDL KE . -16.53 20.76 25.38
C26 CDL KE . -16.58 22.27 25.52
C27 CDL KE . -15.96 22.78 26.82
CA6 CDL KE . -27.54 10.98 30.41
OA8 CDL KE . -28.53 11.70 31.14
CA7 CDL KE . -28.89 13.07 30.77
OA9 CDL KE . -29.82 13.61 31.36
C31 CDL KE . -28.10 13.85 29.71
C32 CDL KE . -29.01 14.33 28.58
C33 CDL KE . -28.38 15.45 27.76
C34 CDL KE . -27.37 14.95 26.75
C35 CDL KE . -27.13 16.05 25.75
C36 CDL KE . -26.12 15.68 24.66
C37 CDL KE . -25.49 16.96 24.15
C38 CDL KE . -26.57 17.79 23.51
C39 CDL KE . -26.80 19.07 23.78
C40 CDL KE . -27.69 19.36 24.99
C41 CDL KE . -28.49 20.64 25.04
C42 CDL KE . -29.34 20.82 26.06
C43 CDL KE . -30.43 19.79 26.37
C44 CDL KE . -30.84 19.72 27.85
C45 CDL KE . -29.95 18.84 28.75
C46 CDL KE . -28.49 19.25 28.90
C47 CDL KE . -27.71 18.36 29.85
CB2 CDL KE . -28.03 3.87 29.38
OB2 CDL KE . -27.69 3.33 30.69
PB2 CDL KE . -26.12 3.27 31.20
OB3 CDL KE . -25.30 1.93 31.08
OB4 CDL KE . -26.00 4.11 32.46
OB5 CDL KE . -25.72 4.26 30.01
CB3 CDL KE . -24.45 4.33 29.39
CB4 CDL KE . -24.63 5.36 28.30
OB6 CDL KE . -25.64 5.00 27.38
CB5 CDL KE . -25.99 6.26 26.79
OB7 CDL KE . -26.24 7.24 27.48
C51 CDL KE . -26.01 6.41 25.33
C52 CDL KE . -25.19 7.69 25.33
C53 CDL KE . -24.98 8.23 23.95
C54 CDL KE . -23.85 7.50 23.28
C55 CDL KE . -23.50 8.21 22.00
C56 CDL KE . -23.19 9.67 22.25
C57 CDL KE . -22.34 10.29 21.13
C58 CDL KE . -22.69 11.73 21.02
C59 CDL KE . -22.12 12.63 20.21
C60 CDL KE . -22.57 14.06 20.48
C61 CDL KE . -21.32 14.93 20.51
C62 CDL KE . -21.18 15.97 21.35
C63 CDL KE . -20.28 15.82 22.57
C64 CDL KE . -20.16 17.10 23.42
C65 CDL KE . -19.50 18.23 22.64
C66 CDL KE . -19.38 19.55 23.40
C67 CDL KE . -18.76 20.62 22.53
CB6 CDL KE . -23.33 5.46 27.57
OB8 CDL KE . -22.66 6.61 28.05
CB7 CDL KE . -21.43 6.92 27.36
OB9 CDL KE . -21.04 6.01 26.66
C71 CDL KE . -20.65 8.21 27.48
C72 CDL KE . -20.91 9.32 26.46
C73 CDL KE . -19.70 10.27 26.31
C74 CDL KE . -20.09 11.39 25.35
C75 CDL KE . -19.00 11.96 24.46
C76 CDL KE . -18.13 13.00 25.11
C77 CDL KE . -17.47 13.84 24.03
C78 CDL KE . -16.59 14.88 24.68
C79 CDL KE . -15.78 15.62 23.93
C80 CDL KE . -14.34 15.23 23.64
C81 CDL KE . -13.98 15.99 22.37
C82 CDL KE . -12.80 15.98 21.72
C83 CDL KE . -11.63 15.10 22.01
C84 CDL KE . -10.47 15.51 21.09
C85 CDL KE . -10.19 17.01 21.17
C86 CDL KE . -9.83 17.51 22.57
C87 CDL KE . -9.25 18.92 22.49
P PEK LE . -17.23 -8.17 6.89
N PEK LE . -17.51 -12.52 4.24
C01 PEK LE . -13.31 -7.28 5.54
C02 PEK LE . -13.22 -7.58 7.06
C03 PEK LE . -14.46 -8.44 7.35
C04 PEK LE . -17.04 -10.47 5.49
C05 PEK LE . -17.48 -11.07 4.14
O01 PEK LE . -13.27 -6.40 7.89
O02 PEK LE . -11.04 -5.62 7.91
O03 PEK LE . -12.39 -6.31 5.01
O04 PEK LE . -11.85 -4.74 3.48
O11 PEK LE . -15.67 -7.70 7.01
O12 PEK LE . -17.36 -9.08 5.54
O13 PEK LE . -17.68 -9.01 8.08
O14 PEK LE . -17.99 -6.90 6.65
C1 PEK LE . -12.23 -5.36 7.83
C2 PEK LE . -12.67 -3.91 7.67
C3 PEK LE . -11.49 -3.03 7.85
C4 PEK LE . -11.67 -1.57 7.48
C5 PEK LE . -10.50 -1.03 8.29
C6 PEK LE . -10.01 0.19 8.14
C7 PEK LE . -8.57 0.38 7.69
C8 PEK LE . -8.62 1.74 7.09
C9 PEK LE . -7.73 2.24 6.22
C10 PEK LE . -8.24 3.31 5.29
C11 PEK LE . -7.17 3.94 4.44
C12 PEK LE . -7.31 5.19 4.01
C13 PEK LE . -6.69 5.72 2.73
C14 PEK LE . -6.80 7.23 2.69
C15 PEK LE . -6.30 7.89 1.63
C16 PEK LE . -6.74 9.30 1.28
C17 PEK LE . -6.62 9.54 -0.22
C18 PEK LE . -5.19 9.49 -0.73
C19 PEK LE . -5.06 9.87 -2.23
C20 PEK LE . -3.59 9.97 -2.58
C21 PEK LE . -12.57 -5.68 3.70
C22 PEK LE . -13.60 -6.12 2.64
C23 PEK LE . -14.97 -5.40 2.72
C24 PEK LE . -15.91 -5.58 1.52
C25 PEK LE . -17.09 -4.58 1.62
C26 PEK LE . -18.12 -4.58 0.49
C27 PEK LE . -17.70 -3.78 -0.74
C28 PEK LE . -18.83 -3.64 -1.77
C29 PEK LE . -18.39 -2.74 -2.93
C30 PEK LE . -17.81 -1.38 -2.53
C31 PEK LE . -17.08 -0.84 -3.75
C32 PEK LE . -15.81 -0.01 -3.50
C33 PEK LE . -14.92 0.01 -4.76
C34 PEK LE . -13.85 1.12 -4.83
C35 PEK LE . -12.91 1.15 -3.62
C36 PEK LE . -12.04 2.41 -3.60
C37 PEK LE . -11.39 2.47 -2.22
C38 PEK LE . -10.57 3.73 -2.14
P PEK ME . -5.55 30.69 9.88
N PEK ME . -1.79 31.40 12.34
C01 PEK ME . -8.91 28.90 9.22
C02 PEK ME . -7.99 27.90 9.97
C03 PEK ME . -6.53 28.28 9.73
C04 PEK ME . -3.28 30.11 10.86
C05 PEK ME . -2.27 31.34 10.94
O01 PEK ME . -8.16 26.62 9.35
O02 PEK ME . -9.09 25.90 11.26
O03 PEK ME . -10.25 28.70 9.75
O04 PEK ME . -11.16 29.97 8.18
O11 PEK ME . -6.27 29.42 10.58
O12 PEK ME . -4.02 30.32 9.66
O13 PEK ME . -6.15 30.92 8.51
O14 PEK ME . -5.72 31.79 10.90
C1 PEK ME . -8.82 25.67 10.11
C2 PEK ME . -9.13 24.35 9.43
C3 PEK ME . -9.68 24.70 8.05
C4 PEK ME . -11.09 25.26 8.22
C5 PEK ME . -11.47 25.75 6.86
C6 PEK ME . -12.62 25.29 6.48
C7 PEK ME . -12.64 23.82 6.48
C8 PEK ME . -14.01 23.46 6.90
C9 PEK ME . -14.06 22.29 7.46
C10 PEK ME . -12.96 22.04 8.44
C11 PEK ME . -13.83 21.79 9.63
C12 PEK ME . -13.48 22.31 10.80
C13 PEK ME . -12.01 22.51 11.02
C14 PEK ME . -11.78 23.27 12.31
C15 PEK ME . -10.68 22.96 12.99
C16 PEK ME . -10.26 21.50 12.97
C17 PEK ME . -9.19 21.20 14.00
C18 PEK ME . -7.84 21.81 13.68
C19 PEK ME . -6.86 21.49 14.81
C20 PEK ME . -6.80 19.99 14.98
C21 PEK ME . -11.38 29.32 9.15
C22 PEK ME . -12.78 29.25 9.74
C23 PEK ME . -13.30 27.86 9.99
C24 PEK ME . -14.69 28.00 10.62
C25 PEK ME . -15.77 28.11 9.56
C26 PEK ME . -15.96 26.80 8.79
C27 PEK ME . -17.14 26.99 7.85
C28 PEK ME . -17.18 26.03 6.68
C29 PEK ME . -18.00 24.77 6.89
C30 PEK ME . -18.17 24.07 5.55
C31 PEK ME . -18.59 22.65 5.83
C32 PEK ME . -18.86 21.78 4.61
C33 PEK ME . -19.21 20.38 5.09
C34 PEK ME . -19.52 19.47 3.91
C35 PEK ME . -19.95 18.09 4.31
C36 PEK ME . -20.58 17.38 3.11
C37 PEK ME . -20.62 15.85 3.29
C38 PEK ME . -21.11 15.07 2.08
P PGV NE . -22.21 -3.00 20.13
C01 PGV NE . -23.40 -0.47 17.07
C02 PGV NE . -22.99 -0.09 18.50
C03 PGV NE . -23.80 -0.98 19.42
C04 PGV NE . -23.72 -4.48 21.68
C05 PGV NE . -23.08 -5.32 22.78
C06 PGV NE . -23.84 -6.61 23.01
O01 PGV NE . -23.55 1.16 18.72
O02 PGV NE . -21.46 1.96 19.08
O03 PGV NE . -22.49 0.31 16.30
O04 PGV NE . -24.19 1.41 15.29
O05 PGV NE . -23.14 -4.47 23.94
O06 PGV NE . -23.09 -7.51 23.83
O11 PGV NE . -23.32 -2.31 19.28
O12 PGV NE . -22.90 -3.30 21.57
O13 PGV NE . -21.16 -1.95 20.39
O14 PGV NE . -21.79 -4.26 19.56
C1 PGV NE . -22.67 2.22 19.02
C2 PGV NE . -23.37 3.54 19.28
C3 PGV NE . -22.34 4.63 19.58
C4 PGV NE . -21.82 5.30 18.30
C5 PGV NE . -21.06 6.56 18.74
C6 PGV NE . -20.51 7.32 17.54
C7 PGV NE . -19.84 8.61 17.99
C8 PGV NE . -19.35 9.43 16.79
C9 PGV NE . -18.72 10.76 17.22
C10 PGV NE . -19.53 11.89 16.59
C11 PGV NE . -18.90 13.16 17.06
C12 PGV NE . -19.01 14.33 16.41
C13 PGV NE . -19.76 15.40 17.14
C14 PGV NE . -18.87 16.61 17.46
C15 PGV NE . -18.23 16.46 18.85
C16 PGV NE . -17.38 17.69 19.17
C17 PGV NE . -16.89 17.57 20.59
C18 PGV NE . -15.91 18.67 20.93
C19 PGV NE . -22.98 1.22 15.37
C20 PGV NE . -21.93 1.96 14.57
C21 PGV NE . -22.35 3.38 14.43
C22 PGV NE . -21.27 4.12 13.64
C23 PGV NE . -21.12 5.59 13.96
C24 PGV NE . -19.99 6.23 13.15
C25 PGV NE . -19.90 7.71 13.42
C26 PGV NE . -18.96 8.47 12.47
C27 PGV NE . -19.66 9.82 12.39
C28 PGV NE . -19.01 10.84 11.50
C29 PGV NE . -20.02 11.95 11.19
C30 PGV NE . -19.41 13.18 10.51
C31 PGV NE . -18.53 12.86 9.29
C32 PGV NE . -17.62 14.02 8.84
C33 PGV NE . -18.12 14.85 7.67
C34 PGV NE . -17.20 16.02 7.39
P PGV OE . -0.93 19.69 -16.32
C01 PGV OE . -2.58 17.90 -12.32
C02 PGV OE . -1.42 18.49 -13.14
C03 PGV OE . -1.70 19.89 -13.72
C04 PGV OE . -0.16 22.27 -16.77
C05 PGV OE . -0.05 23.17 -18.02
C06 PGV OE . 0.67 22.35 -19.09
O01 PGV OE . -1.16 17.64 -14.29
O02 PGV OE . 0.40 16.38 -13.14
O03 PGV OE . -2.24 16.56 -11.97
O04 PGV OE . -2.18 14.76 -10.57
O05 PGV OE . 0.65 24.38 -17.70
O06 PGV OE . 0.62 22.91 -20.42
O11 PGV OE . -2.01 19.63 -15.10
O12 PGV OE . -0.93 21.11 -17.12
O13 PGV OE . 0.45 19.42 -15.75
O14 PGV OE . -1.47 18.70 -17.34
C1 PGV OE . -0.27 16.49 -14.15
C2 PGV OE . -0.15 15.45 -15.26
C3 PGV OE . 1.03 14.49 -15.02
C4 PGV OE . 0.66 13.14 -14.41
C5 PGV OE . 0.28 13.21 -12.93
C6 PGV OE . -0.42 11.93 -12.51
C7 PGV OE . -0.92 12.04 -11.08
C8 PGV OE . -2.14 11.14 -10.87
C9 PGV OE . -1.75 9.68 -11.13
C10 PGV OE . -2.92 8.72 -10.99
C11 PGV OE . -3.91 8.99 -12.10
C12 PGV OE . -4.72 8.01 -12.52
C13 PGV OE . -4.42 7.32 -13.83
C14 PGV OE . -5.20 6.01 -13.91
C15 PGV OE . -4.65 5.03 -12.85
C16 PGV OE . -5.57 3.86 -12.52
C17 PGV OE . -4.92 2.93 -11.49
C18 PGV OE . -4.44 3.68 -10.26
C19 PGV OE . -2.82 15.73 -10.91
C20 PGV OE . -4.10 15.97 -10.17
C21 PGV OE . -4.50 14.68 -9.46
C22 PGV OE . -4.91 13.57 -10.44
C23 PGV OE . -6.23 12.87 -10.11
C24 PGV OE . -6.57 11.89 -11.24
C25 PGV OE . -7.96 11.22 -11.17
C26 PGV OE . -8.16 10.14 -10.09
C27 PGV OE . -8.44 10.65 -8.67
C28 PGV OE . -9.36 9.69 -7.90
C29 PGV OE . -8.84 8.25 -7.87
C30 PGV OE . -9.87 7.31 -7.22
C31 PGV OE . -9.67 7.04 -5.72
C32 PGV OE . -8.54 6.06 -5.42
C33 PGV OE . -8.54 5.59 -3.97
C34 PGV OE . -7.95 6.56 -2.98
C1 EDO PE . -5.20 36.82 -12.08
O1 EDO PE . -3.76 36.61 -11.92
C2 EDO PE . -5.64 36.19 -13.40
O2 EDO PE . -4.88 36.65 -14.52
C1 EDO QE . -1.41 -7.94 29.90
O1 EDO QE . -0.33 -8.82 29.64
C2 EDO QE . -1.38 -6.95 28.75
O2 EDO QE . -2.69 -6.56 28.40
C1 EDO RE . -36.07 -6.95 23.81
O1 EDO RE . -36.76 -8.17 24.19
C2 EDO RE . -37.01 -5.71 23.72
O2 EDO RE . -37.01 -5.04 22.42
C1 EDO SE . -1.51 35.94 -15.16
O1 EDO SE . -2.57 35.00 -14.83
C2 EDO SE . -1.87 37.40 -14.80
O2 EDO SE . -1.51 37.74 -13.41
C1 EDO TE . -43.03 1.30 18.87
O1 EDO TE . -43.42 0.42 19.98
C2 EDO TE . -44.30 2.07 18.40
O2 EDO TE . -44.18 3.53 18.26
C1 EDO UE . -17.24 -8.09 17.21
O1 EDO UE . -18.43 -7.55 17.85
C2 EDO UE . -17.01 -7.31 15.91
O2 EDO UE . -18.12 -7.36 14.97
C1 EDO VE . -4.26 -7.26 15.08
O1 EDO VE . -3.48 -8.47 15.10
C2 EDO VE . -5.79 -7.40 15.01
O2 EDO VE . -6.42 -6.23 15.58
C1 DMU WE . -55.10 35.37 -31.81
C2 DMU WE . -54.44 36.56 -32.49
C3 DMU WE . -55.21 36.73 -33.82
C4 DMU WE . -56.76 36.74 -33.61
O5 DMU WE . -57.28 36.07 -32.44
C6 DMU WE . -56.44 35.88 -31.30
O7 DMU WE . -54.78 37.89 -34.57
O16 DMU WE . -57.03 35.03 -30.29
C18 DMU WE . -58.06 35.62 -29.47
C19 DMU WE . -58.13 34.90 -28.11
C22 DMU WE . -58.08 33.37 -28.29
C25 DMU WE . -57.60 32.63 -27.03
C28 DMU WE . -57.33 31.13 -27.22
C31 DMU WE . -58.44 30.23 -26.66
C34 DMU WE . -57.97 28.90 -26.06
C37 DMU WE . -58.34 28.70 -24.57
C40 DMU WE . -57.28 27.82 -23.85
C43 DMU WE . -57.74 27.18 -22.54
O49 DMU WE . -54.22 34.80 -30.82
O55 DMU WE . -53.00 36.36 -32.59
C57 DMU WE . -57.48 36.04 -34.77
O61 DMU WE . -56.97 36.39 -36.06
C8 DMU WE . -53.22 37.36 -38.17
CA1 TGL XE . -51.43 -3.23 -31.59
CA2 TGL XE . -50.59 -2.05 -32.07
CA3 TGL XE . -50.11 -1.20 -30.90
CA4 TGL XE . -49.00 -0.18 -31.23
CA5 TGL XE . -48.22 0.11 -29.95
CA6 TGL XE . -46.99 0.98 -30.19
CA7 TGL XE . -45.94 0.65 -29.14
CA8 TGL XE . -44.95 1.79 -28.96
CA9 TGL XE . -43.65 1.54 -29.71
OA1 TGL XE . -51.51 -4.29 -32.21
CB1 TGL XE . -55.36 -1.78 -29.51
CB2 TGL XE . -55.05 -0.30 -29.21
CB3 TGL XE . -53.58 0.17 -29.02
CB4 TGL XE . -53.29 1.58 -29.59
CB5 TGL XE . -51.97 2.19 -29.13
CB6 TGL XE . -51.38 3.21 -30.10
CB7 TGL XE . -50.34 4.10 -29.39
CB8 TGL XE . -49.42 4.80 -30.38
CB9 TGL XE . -48.40 5.78 -29.75
C10 TGL XE . -47.31 6.22 -30.72
C11 TGL XE . -47.52 7.64 -31.28
C12 TGL XE . -48.97 7.88 -31.79
C13 TGL XE . -49.28 9.31 -32.29
C14 TGL XE . -50.76 9.70 -32.15
OB1 TGL XE . -56.37 -2.11 -30.22
OG1 TGL XE . -52.17 -3.10 -30.35
CG1 TGL XE . -52.80 -4.22 -29.72
CG2 TGL XE . -54.29 -3.91 -29.73
OG2 TGL XE . -54.50 -2.78 -28.88
CG3 TGL XE . -55.02 -5.18 -29.31
OG3 TGL XE . -54.48 -6.22 -30.10
CC1 TGL XE . -54.49 -7.59 -29.62
CC2 TGL XE . -53.24 -8.46 -29.74
CC3 TGL XE . -52.00 -7.61 -30.13
CC4 TGL XE . -51.57 -7.78 -31.58
CC5 TGL XE . -50.45 -8.80 -31.83
CC6 TGL XE . -49.86 -8.68 -33.24
CC7 TGL XE . -49.16 -9.94 -33.80
CC8 TGL XE . -49.33 -10.11 -35.34
CC9 TGL XE . -48.99 -8.86 -36.19
C15 TGL XE . -49.19 -9.06 -37.70
C16 TGL XE . -48.51 -7.96 -38.55
C17 TGL XE . -47.85 -8.53 -39.83
C18 TGL XE . -46.30 -8.60 -39.82
C19 TGL XE . -45.66 -9.50 -40.90
OC1 TGL XE . -55.52 -7.97 -29.09
C20 TGL XE . -42.65 2.68 -29.44
C21 TGL XE . -41.84 3.10 -30.67
C22 TGL XE . -40.56 2.29 -30.90
C23 TGL XE . -40.76 0.83 -31.32
C24 TGL XE . -41.61 0.61 -32.59
C25 TGL XE . -42.62 -0.53 -32.45
C26 TGL XE . -43.28 -0.93 -33.79
C27 TGL XE . -44.47 -1.85 -33.56
C28 TGL XE . -45.12 -2.29 -34.86
C29 TGL XE . -51.17 10.69 -33.25
C30 TGL XE . -50.14 11.79 -33.53
C31 TGL XE . -50.66 12.96 -34.40
C32 TGL XE . -49.66 14.09 -34.58
C33 TGL XE . -44.40 -10.30 -40.48
C34 TGL XE . -43.84 -11.19 -41.61
C35 TGL XE . -43.61 -12.65 -41.23
C36 TGL XE . -42.93 -13.43 -42.34
C1 EDO YE . -67.01 -36.72 -32.15
O1 EDO YE . -67.74 -37.18 -31.00
C2 EDO YE . -65.96 -37.76 -32.52
O2 EDO YE . -65.54 -37.60 -33.88
C1 EDO ZE . -49.29 -19.41 -4.86
O1 EDO ZE . -48.00 -19.09 -5.37
C2 EDO ZE . -50.32 -18.98 -5.88
O2 EDO ZE . -50.19 -17.56 -6.08
C1 EDO AF . -51.65 -26.23 -8.30
O1 EDO AF . -52.89 -26.40 -9.03
C2 EDO AF . -50.43 -25.92 -9.19
O2 EDO AF . -49.88 -24.58 -8.99
ZN ZN BF . -38.02 -25.93 -9.32
C1 EDO CF . -35.92 -13.97 -10.62
O1 EDO CF . -35.05 -14.96 -10.05
C2 EDO CF . -37.30 -14.63 -10.90
O2 EDO CF . -37.88 -14.92 -9.63
C1 EDO DF . -26.48 -22.36 13.47
O1 EDO DF . -27.30 -23.47 13.87
C2 EDO DF . -27.34 -21.09 13.39
O2 EDO DF . -28.58 -21.39 14.05
C1 EDO EF . -23.34 -14.04 19.37
O1 EDO EF . -24.30 -13.00 19.17
C2 EDO EF . -21.94 -13.51 18.95
O2 EDO EF . -21.60 -12.29 19.65
C1 EDO FF . -36.89 -14.13 25.11
O1 EDO FF . -36.07 -15.27 24.83
C2 EDO FF . -36.15 -12.88 24.68
O2 EDO FF . -36.86 -11.72 25.14
C1 EDO GF . -35.17 -30.67 3.70
O1 EDO GF . -36.37 -31.37 4.12
C2 EDO GF . -34.81 -29.58 4.73
O2 EDO GF . -35.86 -28.60 4.96
C1 CHD HF . 10.30 2.14 29.58
C2 CHD HF . 10.30 2.31 31.09
C3 CHD HF . 11.71 2.21 31.68
O3 CHD HF . 11.60 2.20 33.10
C4 CHD HF . 12.35 0.86 31.29
C5 CHD HF . 12.39 0.77 29.77
C6 CHD HF . 13.09 -0.54 29.41
C7 CHD HF . 12.32 -1.84 29.70
O7 CHD HF . 12.27 -2.23 31.14
C8 CHD HF . 10.90 -1.73 29.10
C9 CHD HF . 10.22 -0.43 29.60
C10 CHD HF . 10.98 0.82 29.16
C11 CHD HF . 8.74 -0.38 29.12
C12 CHD HF . 7.96 -1.67 29.35
O12 CHD HF . 7.74 -1.84 30.75
C13 CHD HF . 8.70 -2.90 28.82
C14 CHD HF . 10.06 -2.97 29.50
C15 CHD HF . 10.64 -4.34 29.17
C16 CHD HF . 9.38 -5.25 29.12
C17 CHD HF . 8.16 -4.27 29.21
C18 CHD HF . 8.83 -2.78 27.29
C19 CHD HF . 11.07 0.96 27.62
C20 CHD HF . 6.94 -4.84 28.42
C21 CHD HF . 5.69 -3.94 28.62
C22 CHD HF . 6.68 -6.31 28.76
C23 CHD HF . 6.05 -6.49 30.15
O25 CHD HF . 6.07 -8.75 31.12
C24 CHD HF . 5.51 -7.91 30.35
O26 CHD HF . 4.47 -8.24 29.69
C1 CDL IF . 15.86 20.08 12.41
O1 CDL IF . 14.53 19.53 12.49
CA2 CDL IF . 15.94 21.38 11.64
OA2 CDL IF . 17.10 21.90 12.24
PA1 CDL IF . 17.99 23.15 11.80
OA3 CDL IF . 18.76 22.75 10.56
OA4 CDL IF . 17.12 24.39 11.81
OA5 CDL IF . 18.90 23.05 13.14
CA3 CDL IF . 20.28 23.42 13.26
CA4 CDL IF . 20.89 22.71 14.49
OA6 CDL IF . 20.27 21.48 14.95
CA5 CDL IF . 19.98 20.36 14.03
OA7 CDL IF . 19.62 20.52 12.88
C11 CDL IF . 20.07 18.94 14.54
C12 CDL IF . 19.48 18.94 15.93
C13 CDL IF . 19.47 17.55 16.52
C14 CDL IF . 18.72 16.60 15.61
C15 CDL IF . 18.76 15.18 16.16
C16 CDL IF . 17.98 15.11 17.47
C17 CDL IF . 17.08 13.87 17.45
C18 CDL IF . 17.75 12.93 16.49
C19 CDL IF . 17.29 11.77 16.07
C20 CDL IF . 16.85 10.66 16.98
C21 CDL IF . 16.60 9.49 16.05
C22 CDL IF . 16.13 8.33 16.49
C23 CDL IF . 14.99 7.64 15.75
C24 CDL IF . 14.36 6.63 16.71
C25 CDL IF . 13.09 5.97 16.18
C26 CDL IF . 12.35 5.16 17.23
C27 CDL IF . 13.22 4.14 17.94
CA6 CDL IF . 20.85 23.63 15.69
OA8 CDL IF . 21.96 23.14 16.44
CA7 CDL IF . 22.18 23.29 17.85
OA9 CDL IF . 23.28 23.72 18.17
C31 CDL IF . 21.22 22.83 18.93
C32 CDL IF . 19.84 22.37 18.50
C33 CDL IF . 19.33 21.35 19.50
C34 CDL IF . 19.98 20.01 19.20
C35 CDL IF . 19.89 19.02 20.36
C36 CDL IF . 19.73 17.58 19.87
C37 CDL IF . 20.04 16.52 20.95
C38 CDL IF . 19.72 15.12 20.47
C39 CDL IF . 20.32 14.06 21.02
C40 CDL IF . 19.72 12.66 21.01
C41 CDL IF . 20.69 11.62 21.54
C42 CDL IF . 20.21 10.64 22.29
C43 CDL IF . 19.24 11.02 23.41
C44 CDL IF . 18.53 9.87 24.13
C45 CDL IF . 17.45 10.41 25.11
C46 CDL IF . 16.35 9.37 25.39
C47 CDL IF . 15.20 9.86 26.25
CB2 CDL IF . 16.89 19.13 11.82
OB2 CDL IF . 16.84 17.91 12.53
PB2 CDL IF . 17.58 16.61 11.95
OB3 CDL IF . 18.94 16.47 12.59
OB4 CDL IF . 17.52 16.67 10.43
OB5 CDL IF . 16.53 15.53 12.53
CB3 CDL IF . 16.27 14.28 11.90
CB4 CDL IF . 14.98 13.71 12.48
OB6 CDL IF . 15.21 13.24 13.80
CB5 CDL IF . 14.12 13.55 14.72
OB7 CDL IF . 13.46 14.56 14.51
C51 CDL IF . 13.83 12.67 15.91
C52 CDL IF . 13.07 11.45 15.40
C53 CDL IF . 12.79 10.40 16.47
C54 CDL IF . 11.72 9.40 16.04
C55 CDL IF . 10.31 9.99 16.10
C56 CDL IF . 9.35 8.87 15.69
C57 CDL IF . 9.45 8.56 14.20
C58 CDL IF . 8.16 7.89 13.81
C59 CDL IF . 7.72 8.19 12.60
C60 CDL IF . 7.66 7.25 11.42
C61 CDL IF . 7.50 8.21 10.26
C62 CDL IF . 7.26 7.85 8.99
C63 CDL IF . 7.23 8.93 7.92
C64 CDL IF . 6.59 8.34 6.67
C65 CDL IF . 5.14 7.99 6.98
C66 CDL IF . 4.52 6.98 6.01
C67 CDL IF . 5.17 5.60 6.13
CB6 CDL IF . 14.53 12.57 11.55
OB8 CDL IF . 13.84 11.50 12.21
CB7 CDL IF . 13.28 10.35 11.47
OB9 CDL IF . 12.87 10.50 10.32
C71 CDL IF . 13.19 9.00 12.16
C72 CDL IF . 13.61 7.95 11.13
C73 CDL IF . 13.97 6.60 11.75
C74 CDL IF . 12.80 5.63 11.94
C75 CDL IF . 11.87 5.96 13.10
C76 CDL IF . 10.69 5.00 13.19
C77 CDL IF . 9.85 5.15 14.47
C78 CDL IF . 8.46 4.58 14.24
C79 CDL IF . 7.50 4.76 15.15
C80 CDL IF . 6.95 3.56 15.86
C81 CDL IF . 5.61 3.88 16.48
C82 CDL IF . 4.77 2.87 16.32
C83 CDL IF . 4.97 2.19 14.94
C84 CDL IF . 4.12 0.97 14.54
C85 CDL IF . 4.63 -0.44 14.92
C86 CDL IF . 3.71 -1.55 14.38
C87 CDL IF . 4.11 -2.99 14.69
P PEK JF . 3.21 -5.43 34.63
N PEK JF . -0.68 -4.18 35.10
C01 PEK JF . 3.08 -0.63 32.74
C02 PEK JF . 2.44 -1.54 33.81
C03 PEK JF . 2.52 -3.04 33.45
C04 PEK JF . 0.54 -6.07 34.62
C05 PEK JF . -0.66 -5.59 35.42
O01 PEK JF . 1.08 -1.08 33.94
O02 PEK JF . 1.07 -0.25 36.10
O03 PEK JF . 4.50 -0.52 32.85
O04 PEK JF . 6.57 0.26 32.29
O11 PEK JF . 3.29 -3.81 34.37
O12 PEK JF . 1.74 -5.65 35.32
O13 PEK JF . 3.27 -6.23 33.35
O14 PEK JF . 4.36 -5.66 35.61
C1 PEK JF . 0.91 0.00 34.91
C2 PEK JF . 0.44 1.40 34.52
C3 PEK JF . 1.53 2.15 33.75
C4 PEK JF . 1.14 3.47 33.07
C5 PEK JF . 2.40 4.06 32.47
C6 PEK JF . 2.40 5.12 31.67
C7 PEK JF . 1.30 5.34 30.65
C8 PEK JF . 1.37 6.75 30.12
C9 PEK JF . 0.55 7.12 29.14
C10 PEK JF . 0.94 8.35 28.33
C11 PEK JF . 0.18 8.37 27.03
C12 PEK JF . 0.35 9.39 26.19
C13 PEK JF . 1.18 10.56 26.69
C14 PEK JF . 1.09 11.73 25.77
C15 PEK JF . 2.02 12.67 25.89
C16 PEK JF . 1.77 14.09 26.35
C17 PEK JF . 3.14 14.77 26.47
C18 PEK JF . 3.05 16.31 26.50
C19 PEK JF . 4.42 17.00 26.62
C20 PEK JF . 4.36 18.50 26.29
C21 PEK JF . 5.37 0.47 32.20
C22 PEK JF . 4.96 1.78 31.52
C23 PEK JF . 6.12 2.19 30.59
C24 PEK JF . 6.05 3.57 29.95
C25 PEK JF . 7.19 3.86 28.96
C26 PEK JF . 7.11 5.26 28.34
C27 PEK JF . 8.33 5.74 27.52
C28 PEK JF . 9.65 5.90 28.31
C29 PEK JF . 10.92 5.80 27.43
C30 PEK JF . 12.30 5.74 28.12
C31 PEK JF . 13.34 4.92 27.29
C32 PEK JF . 13.87 5.40 25.93
C33 PEK JF . 14.35 4.17 25.12
C34 PEK JF . 14.88 4.41 23.70
C35 PEK JF . 15.13 3.05 22.98
C36 PEK JF . 13.83 2.47 22.38
C37 PEK JF . 13.99 1.55 21.18
C38 PEK JF . 12.81 1.59 20.23
P PGV KF . 21.65 15.17 -2.93
C01 PGV KF . 20.08 10.47 -3.18
C02 PGV KF . 20.24 11.98 -3.45
C03 PGV KF . 21.65 12.48 -3.08
C04 PGV KF . 23.49 17.01 -3.72
C05 PGV KF . 23.90 18.22 -2.88
C06 PGV KF . 24.60 19.37 -3.62
O01 PGV KF . 19.35 12.75 -2.62
O02 PGV KF . 17.75 13.36 -4.22
O03 PGV KF . 18.66 10.28 -3.06
O04 PGV KF . 16.73 9.50 -2.20
O05 PGV KF . 24.72 17.77 -1.79
O06 PGV KF . 23.88 20.06 -4.66
O11 PGV KF . 21.84 13.77 -3.72
O12 PGV KF . 23.04 16.01 -2.79
O13 PGV KF . 20.72 16.05 -3.73
O14 PGV KF . 21.27 14.75 -1.52
C1 PGV KF . 18.00 13.15 -3.04
C2 PGV KF . 16.91 13.34 -1.99
C3 PGV KF . 15.61 13.91 -2.53
C4 PGV KF . 14.41 13.48 -1.67
C5 PGV KF . 14.14 12.00 -1.91
C6 PGV KF . 14.04 11.15 -0.64
C7 PGV KF . 13.56 9.76 -1.03
C8 PGV KF . 13.94 8.65 -0.06
C9 PGV KF . 13.33 8.85 1.33
C10 PGV KF . 13.35 7.58 2.17
C11 PGV KF . 12.99 7.98 3.58
C12 PGV KF . 12.65 7.08 4.51
C13 PGV KF . 12.04 7.50 5.84
C14 PGV KF . 11.45 6.29 6.58
C15 PGV KF . 10.04 5.89 6.11
C16 PGV KF . 9.55 4.49 6.50
C17 PGV KF . 10.01 3.33 5.59
C18 PGV KF . 9.39 1.98 5.92
C19 PGV KF . 17.82 9.17 -2.62
C20 PGV KF . 18.09 7.68 -2.69
C21 PGV KF . 16.75 7.03 -2.28
C22 PGV KF . 16.70 5.63 -1.68
C23 PGV KF . 17.29 5.65 -0.26
C24 PGV KF . 16.78 4.54 0.63
C25 PGV KF . 17.21 4.78 2.08
C26 PGV KF . 16.39 3.93 3.05
C27 PGV KF . 16.19 2.49 2.54
C28 PGV KF . 15.32 1.61 3.45
C29 PGV KF . 14.78 0.33 2.77
C30 PGV KF . 13.87 -0.55 3.66
C31 PGV KF . 13.07 -1.63 2.90
C32 PGV KF . 11.72 -1.24 2.28
C33 PGV KF . 10.90 -2.38 1.63
C34 PGV KF . 9.79 -2.93 2.50
C1 EDO LF . -19.27 39.13 6.43
O1 EDO LF . -19.86 38.03 7.13
C2 EDO LF . -18.85 38.74 5.01
O2 EDO LF . -19.38 39.71 4.09
C1 EDO MF . 6.27 36.63 2.88
O1 EDO MF . 4.89 36.21 2.98
C2 EDO MF . 6.31 38.11 2.40
O2 EDO MF . 5.41 38.74 3.36
P PO4 NF . 12.08 29.25 -14.79
O1 PO4 NF . 10.76 29.44 -15.48
O2 PO4 NF . 13.20 29.61 -15.73
O3 PO4 NF . 12.19 30.16 -13.59
O4 PO4 NF . 12.20 27.81 -14.34
C1 EDO OF . -3.49 26.49 -16.00
O1 EDO OF . -3.83 27.13 -14.75
C2 EDO OF . -2.32 27.16 -16.69
O2 EDO OF . -2.44 28.61 -16.62
P PSC PF . -33.18 -27.53 -33.07
N PSC PF . -36.39 -30.55 -31.95
C01 PSC PF . -32.07 -24.37 -28.93
C02 PSC PF . -32.65 -24.59 -30.35
C03 PSC PF . -32.10 -25.82 -31.11
C04 PSC PF . -34.93 -28.40 -31.35
C05 PSC PF . -36.24 -29.08 -31.78
C06 PSC PF . -35.14 -31.31 -31.72
C07 PSC PF . -37.17 -30.90 -33.20
C08 PSC PF . -37.35 -30.83 -30.92
O01 PSC PF . -32.70 -23.30 -31.02
O02 PSC PF . -32.14 -22.98 -33.26
O03 PSC PF . -32.39 -23.02 -28.68
O04 PSC PF . -31.40 -22.48 -26.58
O11 PSC PF . -33.05 -26.19 -32.14
O12 PSC PF . -33.72 -28.68 -32.07
O13 PSC PF . -31.83 -27.97 -33.61
O14 PSC PF . -34.30 -27.33 -34.07
C1 PSC PF . -31.79 -22.89 -32.10
C2 PSC PF . -30.47 -22.18 -31.81
C3 PSC PF . -30.49 -20.99 -32.77
C4 PSC PF . -29.49 -19.89 -32.41
C5 PSC PF . -29.24 -18.97 -33.60
C6 PSC PF . -29.07 -17.52 -33.18
C7 PSC PF . -28.79 -16.57 -34.35
C8 PSC PF . -29.27 -15.15 -34.00
C9 PSC PF . -28.69 -14.06 -34.86
C10 PSC PF . -29.03 -12.76 -34.73
C11 PSC PF . -28.02 -11.73 -34.26
C12 PSC PF . -28.29 -10.32 -34.79
C13 PSC PF . -27.13 -9.37 -34.45
C14 PSC PF . -27.22 -7.87 -34.82
C15 PSC PF . -26.02 -7.11 -34.23
C16 PSC PF . -25.91 -5.63 -34.64
C17 PSC PF . -24.64 -4.98 -34.05
C18 PSC PF . -24.50 -3.51 -34.42
C19 PSC PF . -31.75 -22.14 -27.70
C20 PSC PF . -31.63 -20.75 -28.23
C21 PSC PF . -32.87 -20.64 -29.10
C22 PSC PF . -32.80 -19.52 -30.12
C23 PSC PF . -32.35 -18.29 -29.38
C24 PSC PF . -30.96 -17.96 -29.90
C25 PSC PF . -30.69 -16.51 -29.62
C26 PSC PF . -31.95 -15.78 -30.02
C27 PSC PF . -31.48 -14.46 -30.59
C28 PSC PF . -32.67 -13.54 -30.81
C29 PSC PF . -32.16 -12.27 -31.41
C30 PSC PF . -33.22 -11.18 -31.55
C31 PSC PF . -32.63 -9.95 -32.24
C32 PSC PF . -31.40 -9.48 -31.48
C33 PSC PF . -30.84 -8.13 -31.90
C34 PSC PF . -30.21 -8.15 -33.25
C1 DMU QF . -32.74 38.23 10.43
C2 DMU QF . -33.07 39.70 10.68
C3 DMU QF . -31.86 40.60 10.43
C4 DMU QF . -31.22 40.25 9.08
O5 DMU QF . -31.05 38.84 8.88
C6 DMU QF . -32.23 38.03 8.99
O16 DMU QF . -31.98 36.64 8.67
C18 DMU QF . -30.68 36.32 8.12
C19 DMU QF . -30.35 34.86 7.71
C22 DMU QF . -31.08 34.50 6.40
C25 DMU QF . -30.23 33.58 5.52
C28 DMU QF . -31.02 32.84 4.44
C31 DMU QF . -31.72 31.62 5.05
C34 DMU QF . -32.30 30.67 4.00
C37 DMU QF . -33.31 29.86 4.73
C40 DMU QF . -34.02 28.94 3.77
C43 DMU QF . -34.59 27.93 4.72
O49 DMU QF . -33.92 37.48 10.73
O55 DMU QF . -33.53 39.79 12.04
C57 DMU QF . -29.89 40.98 8.86
O61 DMU QF . -28.92 40.64 9.84
C1 EDO RF . -31.87 40.15 -1.64
O1 EDO RF . -32.97 39.29 -2.00
C2 EDO RF . -32.01 41.47 -2.37
O2 EDO RF . -33.20 41.44 -3.16
O16 DMU SF . -54.46 20.38 -44.49
C18 DMU SF . -53.22 20.97 -44.06
C19 DMU SF . -52.19 19.98 -43.48
C22 DMU SF . -52.54 19.45 -42.07
C25 DMU SF . -51.35 19.30 -41.10
C28 DMU SF . -51.82 19.01 -39.68
C31 DMU SF . -50.71 18.60 -38.70
C34 DMU SF . -51.17 18.42 -37.26
C37 DMU SF . -49.96 18.32 -36.32
C40 DMU SF . -50.29 18.07 -34.84
C43 DMU SF . -49.00 18.10 -34.05
C1 DMU TF . -47.80 32.06 -42.97
C2 DMU TF . -49.00 33.00 -42.98
C3 DMU TF . -49.88 32.69 -44.20
C4 DMU TF . -50.23 31.20 -44.30
O5 DMU TF . -49.17 30.31 -43.91
C6 DMU TF . -48.36 30.66 -42.78
O16 DMU TF . -47.27 29.74 -42.69
C18 DMU TF . -47.70 28.42 -42.37
C19 DMU TF . -46.62 27.42 -42.73
C22 DMU TF . -45.94 26.87 -41.49
C25 DMU TF . -46.43 25.46 -41.19
C28 DMU TF . -45.40 24.73 -40.34
C31 DMU TF . -44.02 24.96 -40.95
C34 DMU TF . -42.97 24.00 -40.43
C37 DMU TF . -42.79 22.77 -41.31
C40 DMU TF . -41.38 22.19 -41.18
C43 DMU TF . -40.69 22.25 -42.52
O49 DMU TF . -46.87 32.33 -41.92
O55 DMU TF . -48.60 34.38 -42.99
C57 DMU TF . -50.62 30.81 -45.73
O61 DMU TF . -49.70 29.84 -46.26
O16 DMU UF . -55.24 26.80 -44.99
C18 DMU UF . -54.09 25.99 -44.70
C19 DMU UF . -53.34 25.55 -45.97
C22 DMU UF . -51.87 25.33 -45.67
C25 DMU UF . -51.59 24.17 -44.70
C28 DMU UF . -50.98 24.64 -43.37
C31 DMU UF . -49.93 23.72 -42.76
C34 DMU UF . -50.22 23.38 -41.29
C37 DMU UF . -49.06 22.66 -40.58
C40 DMU UF . -49.25 22.50 -39.07
C43 DMU UF . -47.95 22.25 -38.31
O16 DMU VF . -61.35 25.65 -39.82
C18 DMU VF . -61.44 26.84 -39.02
C19 DMU VF . -61.56 26.42 -37.56
C22 DMU VF . -60.68 27.22 -36.61
C25 DMU VF . -60.41 26.46 -35.31
C28 DMU VF . -59.55 27.25 -34.31
C31 DMU VF . -60.12 27.12 -32.90
C34 DMU VF . -59.50 28.12 -31.91
C37 DMU VF . -59.67 29.55 -32.38
C40 DMU VF . -59.74 30.53 -31.21
C43 DMU VF . -59.99 31.93 -31.71
O16 DMU WF . -47.67 25.40 -46.20
C18 DMU WF . -47.03 24.51 -45.27
C19 DMU WF . -46.03 23.55 -45.94
C22 DMU WF . -45.29 22.68 -44.92
C25 DMU WF . -46.21 21.67 -44.22
C28 DMU WF . -45.75 21.26 -42.81
C31 DMU WF . -46.04 19.79 -42.50
C34 DMU WF . -47.18 19.57 -41.51
C37 DMU WF . -47.14 18.16 -40.92
C40 DMU WF . -46.84 18.18 -39.43
C43 DMU WF . -47.03 16.82 -38.78
C1 DMU XF . -43.47 38.95 -4.75
C2 DMU XF . -43.87 40.39 -4.44
C3 DMU XF . -45.40 40.59 -4.43
C4 DMU XF . -46.13 39.48 -3.64
O5 DMU XF . -45.67 38.16 -4.04
C6 DMU XF . -44.27 37.95 -3.92
O7 DMU XF . -45.68 41.89 -3.88
O16 DMU XF . -43.93 36.66 -4.41
C18 DMU XF . -44.17 35.63 -3.47
C19 DMU XF . -43.55 34.43 -4.13
C22 DMU XF . -43.56 33.21 -3.24
C25 DMU XF . -43.23 32.06 -4.14
C28 DMU XF . -42.62 30.96 -3.31
C31 DMU XF . -42.71 29.62 -4.01
C34 DMU XF . -43.96 28.84 -3.62
C37 DMU XF . -45.06 29.09 -4.66
C40 DMU XF . -46.43 28.42 -4.48
C43 DMU XF . -47.45 29.29 -5.19
O49 DMU XF . -42.06 38.83 -4.48
O55 DMU XF . -43.18 41.25 -5.35
C57 DMU XF . -47.67 39.51 -3.77
O61 DMU XF . -48.32 40.08 -2.63
C5 DMU XF . -45.82 44.37 -4.46
C7 DMU XF . -46.68 44.93 -3.30
C8 DMU XF . -48.19 44.64 -3.54
C9 DMU XF . -48.39 43.14 -3.80
O1 DMU XF . -47.62 42.73 -4.95
C10 DMU XF . -46.19 42.90 -4.79
O2 DMU XF . -49.01 45.02 -2.43
O3 DMU XF . -44.39 44.56 -4.26
O4 DMU XF . -46.43 46.34 -3.09
C11 DMU XF . -49.87 42.65 -3.81
O6 DMU XF . -50.72 43.01 -4.91
C1 CHD YF . -72.38 14.41 -9.06
C2 CHD YF . -72.09 12.92 -9.14
C3 CHD YF . -72.96 12.20 -8.12
O3 CHD YF . -72.77 10.78 -8.26
C4 CHD YF . -72.54 12.65 -6.73
C5 CHD YF . -72.74 14.15 -6.49
C6 CHD YF . -71.94 14.43 -5.20
C7 CHD YF . -71.57 15.89 -4.89
O7 CHD YF . -70.82 15.93 -3.67
C8 CHD YF . -70.92 16.62 -6.11
C9 CHD YF . -70.99 15.75 -7.38
C10 CHD YF . -72.37 15.08 -7.67
C11 CHD YF . -70.49 16.53 -8.60
C12 CHD YF . -69.11 17.21 -8.43
O12 CHD YF . -68.06 16.25 -8.52
C13 CHD YF . -68.96 18.00 -7.13
C14 CHD YF . -69.47 17.16 -5.95
C15 CHD YF . -69.03 17.98 -4.72
C16 CHD YF . -67.67 18.56 -5.15
C17 CHD YF . -67.51 18.28 -6.66
C18 CHD YF . -69.72 19.34 -7.27
C19 CHD YF . -73.50 16.10 -7.83
C20 CHD YF . -66.56 19.31 -7.35
C21 CHD YF . -66.58 19.41 -8.87
C22 CHD YF . -65.11 19.05 -6.93
C23 CHD YF . -64.09 20.01 -7.54
O25 CHD YF . -62.77 19.21 -5.74
C24 CHD YF . -62.83 20.02 -6.70
O26 CHD YF . -61.94 20.90 -6.88
CA1 TGL ZF . -51.87 15.80 0.72
CA2 TGL ZF . -51.74 15.59 -0.77
CA3 TGL ZF . -51.59 14.11 -1.01
CA4 TGL ZF . -50.93 13.84 -2.34
CA5 TGL ZF . -51.97 13.40 -3.33
CA6 TGL ZF . -51.27 12.93 -4.58
CA7 TGL ZF . -51.53 11.46 -4.89
CA8 TGL ZF . -50.82 11.18 -6.19
CA9 TGL ZF . -49.89 10.01 -6.00
OA1 TGL ZF . -52.97 16.10 1.20
CB1 TGL ZF . -47.36 13.76 4.47
CB2 TGL ZF . -46.08 13.41 3.70
CB3 TGL ZF . -46.02 13.80 2.21
CB4 TGL ZF . -44.59 14.08 1.70
CB5 TGL ZF . -44.51 14.50 0.23
CB6 TGL ZF . -43.31 15.38 -0.09
CB7 TGL ZF . -43.55 16.88 0.03
CB8 TGL ZF . -43.20 17.56 -1.30
CB9 TGL ZF . -42.68 18.99 -1.18
C10 TGL ZF . -41.61 19.14 -0.13
C11 TGL ZF . -40.56 20.16 -0.57
C12 TGL ZF . -40.76 21.52 0.05
C13 TGL ZF . -39.96 22.58 -0.71
C14 TGL ZF . -40.45 23.94 -0.26
OB1 TGL ZF . -47.13 14.10 5.63
OG1 TGL ZF . -50.67 15.68 1.58
CG1 TGL ZF . -50.18 14.46 2.14
CG2 TGL ZF . -49.72 14.68 3.58
OG2 TGL ZF . -48.77 13.62 3.96
CG3 TGL ZF . -51.01 14.76 4.45
OG3 TGL ZF . -52.27 15.14 3.80
CC1 TGL ZF . -53.58 14.48 4.10
CC2 TGL ZF . -54.77 14.54 3.15
CC3 TGL ZF . -55.95 13.65 3.57
CC4 TGL ZF . -56.51 14.11 4.90
CC5 TGL ZF . -56.75 15.62 4.89
CC6 TGL ZF . -56.00 16.37 6.01
CC7 TGL ZF . -55.98 17.90 5.83
CC8 TGL ZF . -55.30 18.35 4.52
CC9 TGL ZF . -55.00 19.85 4.46
C15 TGL ZF . -54.60 20.36 3.07
C16 TGL ZF . -53.40 19.64 2.44
C17 TGL ZF . -52.96 20.24 1.08
C18 TGL ZF . -52.12 19.28 0.23
C19 TGL ZF . -51.22 20.00 -0.78
OC1 TGL ZF . -53.70 13.82 5.15
C20 TGL ZF . -48.87 10.03 -7.12
C21 TGL ZF . -47.80 9.00 -6.79
C22 TGL ZF . -48.52 7.80 -6.21
C23 TGL ZF . -47.62 7.21 -5.16
C24 TGL ZF . -47.37 5.75 -5.51
C25 TGL ZF . -47.64 4.90 -4.30
C26 TGL ZF . -49.11 5.16 -4.00
C27 TGL ZF . -49.65 3.91 -3.36
C28 TGL ZF . -48.67 3.49 -2.29
C29 TGL ZF . -41.65 24.35 -1.12
C30 TGL ZF . -42.77 25.04 -0.33
C31 TGL ZF . -42.31 26.29 0.40
C32 TGL ZF . -43.13 26.52 1.65
C33 TGL ZF . -49.91 20.45 -0.12
C34 TGL ZF . -48.73 20.73 -1.05
C35 TGL ZF . -47.47 20.10 -0.45
C36 TGL ZF . -46.24 20.96 -0.61
C1 EDO AG . -44.98 0.07 14.34
O1 EDO AG . -43.93 -0.86 14.00
C2 EDO AG . -46.22 -0.18 13.48
O2 EDO AG . -47.06 -1.22 14.01
C1 DMU BG . -55.57 33.36 -16.40
C2 DMU BG . -56.32 34.68 -16.19
C3 DMU BG . -56.52 35.48 -17.48
C4 DMU BG . -57.04 34.54 -18.57
O5 DMU BG . -56.14 33.45 -18.73
C6 DMU BG . -56.08 32.59 -17.61
O7 DMU BG . -57.43 36.55 -17.21
O16 DMU BG . -55.26 31.46 -17.94
C18 DMU BG . -55.98 30.38 -18.57
C19 DMU BG . -55.13 29.32 -19.28
C22 DMU BG . -54.17 29.92 -20.29
C25 DMU BG . -53.34 28.83 -20.95
C28 DMU BG . -52.28 28.34 -19.98
C31 DMU BG . -50.97 28.66 -20.66
C34 DMU BG . -49.94 27.56 -20.50
C37 DMU BG . -49.17 27.77 -19.22
C40 DMU BG . -47.96 26.84 -19.15
C43 DMU BG . -46.75 27.47 -19.83
O49 DMU BG . -55.78 32.59 -15.22
O55 DMU BG . -55.59 35.48 -15.24
C57 DMU BG . -57.15 35.24 -19.91
O61 DMU BG . -57.72 34.34 -20.90
C5 DMU BG . -57.36 38.86 -16.28
C7 DMU BG . -58.88 38.93 -16.23
C8 DMU BG . -59.43 39.36 -17.58
C9 DMU BG . -58.85 38.47 -18.70
O1 DMU BG . -57.42 38.43 -18.64
C10 DMU BG . -56.94 37.90 -17.40
O2 DMU BG . -60.86 39.19 -17.46
O3 DMU BG . -56.77 38.47 -15.04
O4 DMU BG . -59.35 39.80 -15.18
C11 DMU BG . -59.29 38.79 -20.14
O6 DMU BG . -58.56 39.88 -20.71
#